data_3H1J
#
_entry.id   3H1J
#
_cell.length_a   173.464
_cell.length_b   182.448
_cell.length_c   241.328
_cell.angle_alpha   90.00
_cell.angle_beta   90.00
_cell.angle_gamma   90.00
#
_symmetry.space_group_name_H-M   'P 21 21 21'
#
loop_
_entity.id
_entity.type
_entity.pdbx_description
1 polymer 'MITOCHONDRIAL UBIQUINOL-CYTOCHROME-C REDUCTASE COMPLEX CORE PROTEIN I'
2 polymer 'MITOCHONDRIAL UBIQUINOL-CYTOCHROME-C REDUCTASE COMPLEX CORE PROTEIN 2'
3 polymer 'Cytochrome b'
4 polymer 'MITOCHONDRIAL CYTOCHROME C1, HEME PROTEIN'
5 polymer 'Cytochrome b-c1 complex subunit Rieske, mitochondrial'
6 polymer 'MITOCHONDRIAL UBIQUINOL-CYTOCHROME C REDUCTASE 14 KDA PROTEIN'
7 polymer 'MITOCHONDRIAL UBIQUINOL-CYTOCHROME C REDUCTASE UBIQUINONE-BINDING PROTEIN QP-C'
8 polymer 'MITOCHONDRIAL UBIQUINOL-CYTOCHROME C REDUCTASE 11 KDA PROTEIN, COMPLEX III SUBUNIT VIII'
9 polymer 'Cytochrome b-c1 complex subunit Rieske, mitochondrial'
10 polymer 'MITOCHONDRIAL UBIQUINOL-CYTOCHROME C REDUCTASE 7.2 KDA PROTEIN'
11 non-polymer 'UNKNOWN LIGAND'
12 non-polymer 'PROTOPORPHYRIN IX CONTAINING FE'
13 non-polymer 'STIGMATELLIN A'
14 non-polymer 'Coenzyme Q10, (2Z,6E,10Z,14E,18E,22E,26Z)-isomer'
15 non-polymer 1,2-dioleoyl-sn-glycero-3-phosphoethanolamine
16 non-polymer GLYCEROL
17 non-polymer 'HEME C'
18 non-polymer CARDIOLIPIN
19 non-polymer 'FE2/S2 (INORGANIC) CLUSTER'
20 non-polymer 'DIUNDECYL PHOSPHATIDYL CHOLINE'
21 water water
#
loop_
_entity_poly.entity_id
_entity_poly.type
_entity_poly.pdbx_seq_one_letter_code
_entity_poly.pdbx_strand_id
1 'polypeptide(L)'
;AATYAQTLQNIPETNVTTLDNGLRVASEESSQPTCTVGVWIGAGSRYENEKNNGAGYFVEHLAFKGTKKRPCAAFEKEVE
SMGAHFNGYTSREQTAFYIKALSKDMPKVVELLADVVQNCALEESQIEKERGVILQELKEMDNDMTNVTFDYLHATAFQG
TALARTVEGTTENIKHLTRADLASYIDTHFKAPRMVLAAAGGISHKELVDAARQHFSGVSFTYKEDAVPILPRCRFTGSE
IRARDDALPVAHVALAVEGPGWADPDNVVLHVANAIIGRYDRTFGGGKHLSSRLAALAVEHKLCHSFQTFNTSYSDTGLF
GFHFVADPLSIDDMMFCAQGEWMRLCTSTTESEVKRAKNHLRSAMVAQLDGTTPVCETIGSHLLNYGRRISLEEWDSRIS
AVDARMVRDVCSKYIYDKCPALAAVGPIEQLLDYNRIRSGMYWIRF
;
A,N
2 'polypeptide(L)'
;SLKVAPKVAVSAAAERVKLCPGAEDLEITKLPNGLIIASLENFSPASRIGVFIKAGSRYETTANLGTAHLLRLASPLTTK
GASSFRITRGIEAVGGSLSVYSTREKMTYCVECLRDHVDTVMEYLLNVTTAPEFRPWEVTDLQPQLKVDKAVAFQSPQVG
VLENLHAAAYKTALANPLYCPDYRIGKITSEQLHHFVQNNFTSARMALVGIGVKHSDLKQVAEQFLNIRSGAGTSSAKAT
YWGGEIREQNGHSLVHAAVVTEGAAVGSAEANAFSVLQHVLGAGPLIKRGSSVTSKLYQGVAKATTQPFDASAFNVNYSD
SGLFGFYTISQAAHAGEVIRAAMNQLKAAAQGGVTEEDVTKAKNQLKATYLMSVETAQGLLNEIGSEALLSGTHTAPSVV
AQKIDSVTSADVVNAAKKFVSGKKSMAASGDLGSTPFLDEL
;
B,O
3 'polypeptide(L)'
;MAPNIRKSHPLLKMINNSLIDLPAPSNISAWWNFGSLLAVCLMTQILTGLLLAMHYTADTSLAFSSVAHTCRNVQYGWLI
RNLHANGASFFFICIFLHIGRGLYYGSYLYKETWNTGVILLLTLMATAFVGYVLPWGQMSFWGATVITNLFSAIPYIGHT
LVEWAWGGFSVDNPTLTRFFALHFLLPFAIAGITIIHLTFLHESGSNNPLGISSDSDKIPFHPYYSFKDILGLTLMLTPF
LTLALFSPNLLGDPENFTPANPLVTPPHIKPEWYFLFAYAILRSIPNKLGGVLALAASVLILFLIPFLHKSKQRTMTFRP
LSQTLFWLLVANLLILTWIGSQPVEHPFIIIGQMASLSYFTILLILFPTIGTLENKMLNY
;
C,P
4 'polypeptide(L)'
;GELELHPPAFPWSHGGPLSALDHSSVRRGFQVYKQVCSACHSMDYVAFRNLIGVTHTEAEAKALAEEVEVQDGPDENGEL
FMRPGKISDYFPKPYPNPEAARAANNGALPPDLSYIVNARHGGEDYVFSLLTGYCDPPAGVVVREGLHYNPYFPGQAIGM
APPIYNEILEYDDGTPATMSQIAKDVCTFLRWAAEPEHDQRKRMGLKMLLISALLTSLLYYMKRHKWSVLKSRKMAYRPP
K
;
D,Q
5 'polypeptide(L)'
;VHNDVTVPDFSAYRREDVMDATTSSQTSSEDRKGFSYLVTATACVATAYAAKNVVTQFISSLSASADVLALSKIEIKLSD
IPEGKNVAFKWRGKPLFVRHRTQAEINQEAEVDVSKLRDPQHDLDRVKKPEWVILVGVCTHLGCVPIANSGDFGGYYCPC
HGSHYDASGRIRKGPAPYNLEVPTYQFVGDDLVVVG
;
E,R
6 'polypeptide(L)'
;AARATVAGGGRLMDRIRKWYYNAAGFNKYGLMRDDTLYEDDDVKEALKRLPEDLYNERMFRIKRALDLSLKHRILPKEQW
VKYEEDKPYLEPYLKEVIRERLEREAWNKK
;
F,S
7 'polypeptide(L)'
;GIHFGNLARVRHIITYSLSPFEQRAIPNIFSDALPNVWRRFSSQVFKVAPPFLGAYLLYSWGTQEFERLKRKNPADYEND
Q
;
G,T
8 'polypeptide(L)' LRGSGEEEEEELVDPLTTIREHCEQTEKCVKARERLELCDARVSSRSHTEEQCTEELFDFLHARDHCVAHKLFNKLK H,U
9 'polypeptide(L)'
;(UNK)(UNK)(UNK)(UNK)(UNK)(UNK)(UNK)(UNK)(UNK)(UNK)(UNK)(UNK)(UNK)(UNK)(UNK)RPLLC
RESMSGRSARRDLVAGISLNAPASVRY
;
I,V
10 'polypeptide(L)' ALLRQAYSALFRRTSTFALTVVLGAVLFERAFDQGADAIFEHLNEGKLWKHIKHKYEASEE J,W
#
loop_
_chem_comp.id
_chem_comp.type
_chem_comp.name
_chem_comp.formula
CDL non-polymer CARDIOLIPIN 'C81 H156 O17 P2 -2'
FES non-polymer 'FE2/S2 (INORGANIC) CLUSTER' 'Fe2 S2'
GOL non-polymer GLYCEROL 'C3 H8 O3'
HEC non-polymer 'HEME C' 'C34 H34 Fe N4 O4'
HEM non-polymer 'PROTOPORPHYRIN IX CONTAINING FE' 'C34 H32 Fe N4 O4'
PEE non-polymer 1,2-dioleoyl-sn-glycero-3-phosphoethanolamine 'C41 H78 N O8 P'
PLC non-polymer 'DIUNDECYL PHOSPHATIDYL CHOLINE' 'C32 H65 N O8 P 1'
SMA non-polymer 'STIGMATELLIN A' 'C30 H42 O7'
UNL non-polymer 'UNKNOWN LIGAND' ?
UQ non-polymer 'Coenzyme Q10, (2Z,6E,10Z,14E,18E,22E,26Z)-isomer' 'C59 H90 O4'
#
# COMPACT_ATOMS: atom_id res chain seq x y z
N ALA A 2 15.73 30.67 54.56
CA ALA A 2 14.38 30.44 55.16
C ALA A 2 13.59 29.37 54.40
N THR A 3 14.13 28.15 54.31
CA THR A 3 13.51 27.04 53.58
C THR A 3 12.00 26.95 53.49
N TYR A 4 11.56 26.54 52.30
CA TYR A 4 10.16 26.34 51.94
C TYR A 4 9.34 25.79 53.11
N ALA A 5 9.75 24.63 53.61
CA ALA A 5 9.07 24.00 54.73
C ALA A 5 8.55 25.03 55.73
N GLN A 6 9.46 25.86 56.21
CA GLN A 6 9.14 26.88 57.19
C GLN A 6 8.15 27.93 56.73
N THR A 7 8.37 28.49 55.55
CA THR A 7 7.44 29.51 55.05
C THR A 7 6.03 28.99 55.11
N LEU A 8 5.89 27.67 55.02
CA LEU A 8 4.58 27.03 55.06
C LEU A 8 3.94 27.07 56.43
N GLN A 9 4.70 26.66 57.44
CA GLN A 9 4.18 26.66 58.79
C GLN A 9 4.07 28.06 59.38
N ASN A 10 4.39 29.07 58.57
CA ASN A 10 4.33 30.47 59.00
C ASN A 10 3.08 31.18 58.56
N ILE A 11 2.58 30.77 57.41
CA ILE A 11 1.38 31.38 56.89
C ILE A 11 0.36 31.37 58.02
N PRO A 12 -0.22 32.54 58.32
CA PRO A 12 -1.21 32.65 59.39
C PRO A 12 -2.34 31.64 59.26
N GLU A 13 -2.82 31.14 60.40
CA GLU A 13 -3.89 30.17 60.39
C GLU A 13 -5.20 30.80 59.92
N THR A 14 -6.06 29.98 59.32
CA THR A 14 -7.35 30.47 58.84
C THR A 14 -8.34 30.34 59.99
N ASN A 15 -8.95 31.45 60.37
CA ASN A 15 -9.90 31.44 61.48
C ASN A 15 -11.31 31.22 61.00
N VAL A 16 -12.07 30.50 61.81
CA VAL A 16 -13.44 30.18 61.50
C VAL A 16 -14.31 30.30 62.75
N THR A 17 -15.45 30.95 62.62
CA THR A 17 -16.38 31.10 63.74
C THR A 17 -17.79 30.95 63.17
N THR A 18 -18.65 30.20 63.86
CA THR A 18 -20.01 29.99 63.37
C THR A 18 -21.06 30.79 64.14
N LEU A 19 -22.08 31.27 63.44
CA LEU A 19 -23.13 32.04 64.10
C LEU A 19 -24.32 31.15 64.48
N ASP A 20 -25.21 31.68 65.32
CA ASP A 20 -26.39 30.93 65.78
C ASP A 20 -27.35 30.53 64.67
N ASN A 21 -27.26 31.23 63.54
CA ASN A 21 -28.12 30.96 62.40
C ASN A 21 -27.54 29.81 61.59
N GLY A 22 -26.24 29.59 61.72
CA GLY A 22 -25.56 28.53 60.98
C GLY A 22 -24.43 29.02 60.09
N LEU A 23 -24.51 30.30 59.72
CA LEU A 23 -23.51 30.90 58.87
C LEU A 23 -22.13 30.67 59.45
N ARG A 24 -21.19 30.36 58.57
CA ARG A 24 -19.82 30.12 59.00
C ARG A 24 -18.93 31.18 58.41
N VAL A 25 -18.28 31.93 59.29
CA VAL A 25 -17.40 33.00 58.87
C VAL A 25 -15.96 32.52 59.02
N ALA A 26 -15.16 32.73 57.98
CA ALA A 26 -13.76 32.32 58.01
C ALA A 26 -12.88 33.31 57.27
N SER A 27 -11.60 33.36 57.63
CA SER A 27 -10.70 34.29 56.99
C SER A 27 -9.24 34.03 57.27
N GLU A 28 -8.39 34.54 56.38
CA GLU A 28 -6.95 34.42 56.52
C GLU A 28 -6.45 35.83 56.44
N GLU A 29 -5.90 36.30 57.56
CA GLU A 29 -5.40 37.68 57.68
C GLU A 29 -4.00 37.93 57.14
N SER A 30 -3.91 38.89 56.22
CA SER A 30 -2.63 39.27 55.65
C SER A 30 -2.51 40.77 55.87
N SER A 31 -1.33 41.33 55.63
CA SER A 31 -1.10 42.76 55.81
C SER A 31 -1.65 43.56 54.64
N GLN A 32 -2.02 42.84 53.59
CA GLN A 32 -2.55 43.44 52.37
C GLN A 32 -3.50 44.62 52.64
N PRO A 33 -3.25 45.77 51.99
CA PRO A 33 -4.09 46.97 52.15
C PRO A 33 -5.41 46.78 51.44
N THR A 34 -5.38 45.91 50.43
CA THR A 34 -6.55 45.57 49.63
C THR A 34 -7.01 44.18 50.07
N CYS A 35 -8.21 43.78 49.68
CA CYS A 35 -8.70 42.45 50.07
C CYS A 35 -9.83 41.88 49.19
N THR A 36 -10.38 40.76 49.66
CA THR A 36 -11.48 40.08 48.99
C THR A 36 -12.34 39.39 50.04
N VAL A 37 -13.65 39.54 49.90
CA VAL A 37 -14.61 38.92 50.81
C VAL A 37 -15.81 38.49 50.00
N GLY A 38 -16.37 37.34 50.34
CA GLY A 38 -17.53 36.87 49.62
C GLY A 38 -18.23 35.73 50.32
N VAL A 39 -19.44 35.43 49.84
CA VAL A 39 -20.24 34.36 50.39
C VAL A 39 -20.28 33.16 49.42
N TRP A 40 -19.73 32.04 49.86
CA TRP A 40 -19.68 30.82 49.06
C TRP A 40 -20.82 29.88 49.46
N ILE A 41 -21.90 29.94 48.71
CA ILE A 41 -23.06 29.11 48.98
C ILE A 41 -22.87 27.69 48.46
N GLY A 42 -23.47 26.74 49.16
CA GLY A 42 -23.41 25.34 48.75
C GLY A 42 -24.65 25.03 47.95
N ALA A 43 -24.76 25.67 46.79
CA ALA A 43 -25.89 25.48 45.90
C ALA A 43 -25.39 25.52 44.45
N GLY A 44 -26.14 24.89 43.55
CA GLY A 44 -25.77 24.86 42.14
C GLY A 44 -26.86 24.23 41.31
N SER A 45 -26.54 23.86 40.07
CA SER A 45 -27.52 23.24 39.20
C SER A 45 -27.84 21.82 39.65
N ARG A 46 -26.98 21.25 40.49
CA ARG A 46 -27.26 19.90 40.96
C ARG A 46 -28.41 19.93 41.93
N TYR A 47 -28.61 21.08 42.57
CA TYR A 47 -29.70 21.22 43.53
C TYR A 47 -30.97 21.51 42.78
N GLU A 48 -30.84 22.00 41.55
CA GLU A 48 -32.02 22.31 40.78
C GLU A 48 -32.56 20.97 40.31
N ASN A 49 -33.84 20.93 40.01
CA ASN A 49 -34.46 19.72 39.51
C ASN A 49 -34.78 20.00 38.05
N GLU A 50 -35.59 19.16 37.41
CA GLU A 50 -35.92 19.35 36.00
C GLU A 50 -36.76 20.59 35.65
N LYS A 51 -37.65 20.99 36.55
CA LYS A 51 -38.50 22.15 36.29
C LYS A 51 -37.82 23.51 36.41
N ASN A 52 -36.81 23.60 37.26
CA ASN A 52 -36.11 24.86 37.45
C ASN A 52 -34.62 24.82 37.05
N ASN A 53 -34.21 23.86 36.23
CA ASN A 53 -32.83 23.81 35.79
C ASN A 53 -32.51 25.18 35.19
N GLY A 54 -31.54 25.88 35.76
CA GLY A 54 -31.18 27.19 35.24
C GLY A 54 -31.55 28.33 36.17
N ALA A 55 -32.15 28.02 37.32
CA ALA A 55 -32.52 29.05 38.28
C ALA A 55 -31.24 29.70 38.85
N GLY A 56 -30.42 28.92 39.53
CA GLY A 56 -29.20 29.47 40.09
C GLY A 56 -28.38 30.34 39.16
N TYR A 57 -28.58 30.16 37.85
CA TYR A 57 -27.85 30.94 36.86
C TYR A 57 -28.63 32.20 36.53
N PHE A 58 -29.94 32.07 36.49
CA PHE A 58 -30.81 33.20 36.19
C PHE A 58 -30.68 34.12 37.39
N VAL A 59 -30.63 33.52 38.57
CA VAL A 59 -30.49 34.27 39.82
C VAL A 59 -29.13 34.96 39.86
N GLU A 60 -28.11 34.29 39.32
CA GLU A 60 -26.76 34.87 39.30
C GLU A 60 -26.80 36.17 38.53
N HIS A 61 -27.62 36.20 37.48
CA HIS A 61 -27.77 37.38 36.63
C HIS A 61 -28.54 38.52 37.30
N LEU A 62 -29.07 38.29 38.49
CA LEU A 62 -29.82 39.35 39.14
C LEU A 62 -29.27 39.79 40.49
N ALA A 63 -28.39 38.98 41.07
CA ALA A 63 -27.80 39.32 42.36
C ALA A 63 -26.99 40.60 42.24
N PHE A 64 -26.89 41.13 41.02
CA PHE A 64 -26.12 42.34 40.80
C PHE A 64 -26.91 43.47 40.19
N LYS A 65 -28.16 43.22 39.81
CA LYS A 65 -28.97 44.28 39.23
C LYS A 65 -29.73 45.08 40.29
N GLY A 66 -29.37 44.87 41.55
CA GLY A 66 -29.99 45.60 42.64
C GLY A 66 -30.83 44.85 43.65
N THR A 67 -30.86 45.36 44.87
CA THR A 67 -31.62 44.79 45.98
C THR A 67 -32.85 45.66 46.29
N LYS A 68 -33.64 45.24 47.26
CA LYS A 68 -34.85 45.98 47.64
C LYS A 68 -34.46 47.35 48.17
N LYS A 69 -33.52 47.38 49.12
CA LYS A 69 -33.08 48.64 49.68
C LYS A 69 -32.44 49.56 48.64
N ARG A 70 -31.40 49.07 47.97
CA ARG A 70 -30.70 49.85 46.98
C ARG A 70 -30.83 49.37 45.54
N PRO A 71 -31.81 49.91 44.79
CA PRO A 71 -32.07 49.56 43.39
C PRO A 71 -30.82 49.57 42.49
N CYS A 72 -31.03 49.28 41.21
CA CYS A 72 -29.93 49.21 40.24
C CYS A 72 -28.83 50.25 40.42
N ALA A 73 -29.02 51.45 39.87
CA ALA A 73 -28.01 52.48 39.98
C ALA A 73 -27.49 52.63 41.42
N ALA A 74 -28.43 52.70 42.36
CA ALA A 74 -28.07 52.85 43.77
C ALA A 74 -26.99 51.85 44.17
N PHE A 75 -27.19 50.60 43.78
CA PHE A 75 -26.24 49.54 44.08
C PHE A 75 -24.95 49.76 43.32
N GLU A 76 -25.02 49.69 42.00
CA GLU A 76 -23.84 49.87 41.15
C GLU A 76 -23.05 51.12 41.52
N LYS A 77 -23.75 52.26 41.59
CA LYS A 77 -23.11 53.52 41.92
C LYS A 77 -22.33 53.38 43.22
N GLU A 78 -23.02 52.96 44.26
CA GLU A 78 -22.37 52.80 45.53
C GLU A 78 -21.14 51.91 45.45
N VAL A 79 -21.23 50.85 44.65
CA VAL A 79 -20.11 49.91 44.51
C VAL A 79 -19.02 50.35 43.55
N GLU A 80 -19.41 50.88 42.40
CA GLU A 80 -18.45 51.35 41.42
C GLU A 80 -17.61 52.48 42.02
N SER A 81 -18.31 53.39 42.70
CA SER A 81 -17.69 54.56 43.32
C SER A 81 -16.71 54.30 44.46
N MET A 82 -16.69 53.09 45.01
CA MET A 82 -15.74 52.81 46.08
C MET A 82 -14.58 51.97 45.56
N GLY A 83 -14.43 51.98 44.23
CA GLY A 83 -13.36 51.27 43.55
C GLY A 83 -13.34 49.77 43.84
N ALA A 84 -14.52 49.21 44.04
CA ALA A 84 -14.65 47.78 44.34
C ALA A 84 -15.13 47.00 43.15
N HIS A 85 -14.75 45.74 43.11
CA HIS A 85 -15.13 44.84 42.03
C HIS A 85 -16.00 43.74 42.57
N PHE A 86 -17.22 43.68 42.06
CA PHE A 86 -18.16 42.66 42.49
C PHE A 86 -18.33 41.71 41.33
N ASN A 87 -18.42 40.43 41.64
CA ASN A 87 -18.57 39.44 40.60
C ASN A 87 -18.72 38.07 41.27
N GLY A 88 -19.21 37.09 40.52
CA GLY A 88 -19.38 35.76 41.08
C GLY A 88 -19.50 34.67 40.03
N TYR A 89 -20.09 33.54 40.41
CA TYR A 89 -20.26 32.43 39.50
C TYR A 89 -21.22 31.39 40.06
N THR A 90 -21.53 30.37 39.26
CA THR A 90 -22.44 29.33 39.70
C THR A 90 -22.11 28.00 39.01
N SER A 91 -21.59 27.04 39.77
CA SER A 91 -21.22 25.75 39.21
C SER A 91 -22.35 24.76 39.35
N ARG A 92 -22.04 23.46 39.25
CA ARG A 92 -23.07 22.45 39.35
C ARG A 92 -23.49 22.29 40.80
N GLU A 93 -22.55 22.33 41.72
CA GLU A 93 -22.94 22.21 43.12
C GLU A 93 -22.31 23.21 44.08
N GLN A 94 -21.90 24.36 43.55
CA GLN A 94 -21.29 25.42 44.34
C GLN A 94 -21.53 26.76 43.65
N THR A 95 -22.04 27.73 44.39
CA THR A 95 -22.31 29.06 43.85
C THR A 95 -21.50 30.04 44.68
N ALA A 96 -21.08 31.16 44.08
CA ALA A 96 -20.31 32.15 44.84
C ALA A 96 -20.52 33.61 44.41
N PHE A 97 -20.46 34.52 45.38
CA PHE A 97 -20.57 35.96 45.15
C PHE A 97 -19.52 36.63 46.03
N TYR A 98 -18.61 37.39 45.42
CA TYR A 98 -17.55 38.03 46.20
C TYR A 98 -17.12 39.39 45.66
N ILE A 99 -16.54 40.21 46.55
CA ILE A 99 -16.07 41.54 46.19
C ILE A 99 -14.58 41.75 46.45
N LYS A 100 -13.97 42.62 45.65
CA LYS A 100 -12.56 42.97 45.79
C LYS A 100 -12.53 44.46 46.16
N ALA A 101 -12.30 44.71 47.45
CA ALA A 101 -12.28 46.08 47.97
C ALA A 101 -11.13 46.37 48.94
N LEU A 102 -10.96 47.66 49.26
CA LEU A 102 -9.92 48.12 50.16
C LEU A 102 -10.20 47.53 51.53
N SER A 103 -9.17 46.97 52.16
CA SER A 103 -9.34 46.36 53.48
C SER A 103 -10.14 47.32 54.38
N LYS A 104 -10.06 48.60 54.07
CA LYS A 104 -10.77 49.63 54.79
C LYS A 104 -12.27 49.34 54.76
N ASP A 105 -12.81 49.11 53.56
CA ASP A 105 -14.23 48.85 53.37
C ASP A 105 -14.73 47.47 53.78
N MET A 106 -13.83 46.65 54.34
CA MET A 106 -14.16 45.30 54.77
C MET A 106 -15.59 45.18 55.32
N PRO A 107 -15.97 46.01 56.31
CA PRO A 107 -17.30 45.97 56.90
C PRO A 107 -18.49 46.46 56.06
N LYS A 108 -18.27 47.42 55.16
CA LYS A 108 -19.39 47.91 54.35
C LYS A 108 -19.74 46.88 53.29
N VAL A 109 -18.70 46.17 52.85
CA VAL A 109 -18.85 45.14 51.83
C VAL A 109 -19.74 44.01 52.35
N VAL A 110 -19.43 43.51 53.54
CA VAL A 110 -20.21 42.45 54.16
C VAL A 110 -21.68 42.85 54.16
N GLU A 111 -21.95 44.11 54.46
CA GLU A 111 -23.31 44.62 54.47
C GLU A 111 -23.88 44.42 53.07
N LEU A 112 -23.10 44.84 52.07
CA LEU A 112 -23.51 44.72 50.67
C LEU A 112 -23.75 43.24 50.29
N LEU A 113 -22.80 42.36 50.66
CA LEU A 113 -22.93 40.93 50.37
C LEU A 113 -24.26 40.46 50.93
N ALA A 114 -24.45 40.70 52.22
CA ALA A 114 -25.68 40.30 52.89
C ALA A 114 -26.91 40.79 52.16
N ASP A 115 -26.88 42.05 51.72
CA ASP A 115 -28.04 42.65 51.03
C ASP A 115 -28.34 41.96 49.69
N VAL A 116 -27.34 41.31 49.11
CA VAL A 116 -27.51 40.62 47.83
C VAL A 116 -28.12 39.24 47.98
N VAL A 117 -27.50 38.40 48.81
CA VAL A 117 -27.98 37.03 49.05
C VAL A 117 -29.35 37.01 49.73
N GLN A 118 -29.69 38.09 50.42
CA GLN A 118 -30.96 38.17 51.13
C GLN A 118 -32.07 38.98 50.48
N ASN A 119 -31.78 40.22 50.10
CA ASN A 119 -32.81 41.08 49.53
C ASN A 119 -32.73 41.37 48.05
N CYS A 120 -32.53 40.35 47.22
CA CYS A 120 -32.46 40.61 45.80
C CYS A 120 -33.80 41.17 45.33
N ALA A 121 -33.75 42.30 44.66
CA ALA A 121 -34.95 42.96 44.16
C ALA A 121 -35.75 42.02 43.28
N LEU A 122 -35.07 41.40 42.31
CA LEU A 122 -35.72 40.48 41.37
C LEU A 122 -36.78 41.26 40.63
N GLU A 123 -36.43 42.48 40.26
CA GLU A 123 -37.36 43.33 39.53
C GLU A 123 -37.90 42.61 38.30
N GLU A 124 -39.18 42.25 38.34
CA GLU A 124 -39.82 41.54 37.25
C GLU A 124 -39.64 42.21 35.89
N SER A 125 -39.11 43.42 35.88
CA SER A 125 -38.89 44.13 34.64
C SER A 125 -37.56 43.67 34.09
N GLN A 126 -36.58 43.61 34.99
CA GLN A 126 -35.22 43.20 34.68
C GLN A 126 -35.23 41.73 34.27
N ILE A 127 -35.99 40.93 35.01
CA ILE A 127 -36.08 39.52 34.71
C ILE A 127 -36.28 39.27 33.22
N GLU A 128 -37.30 39.90 32.63
CA GLU A 128 -37.54 39.70 31.21
C GLU A 128 -36.37 40.11 30.34
N LYS A 129 -35.52 40.99 30.84
CA LYS A 129 -34.36 41.44 30.07
C LYS A 129 -33.27 40.37 30.15
N GLU A 130 -32.92 40.00 31.37
CA GLU A 130 -31.90 38.98 31.59
C GLU A 130 -32.29 37.69 30.87
N ARG A 131 -33.59 37.45 30.76
CA ARG A 131 -34.05 36.25 30.10
C ARG A 131 -33.46 36.25 28.71
N GLY A 132 -33.51 37.39 28.04
CA GLY A 132 -32.96 37.51 26.69
C GLY A 132 -31.45 37.48 26.68
N VAL A 133 -30.83 37.90 27.78
CA VAL A 133 -29.38 37.91 27.89
C VAL A 133 -28.83 36.49 28.03
N ILE A 134 -29.36 35.75 29.00
CA ILE A 134 -28.93 34.37 29.19
C ILE A 134 -29.10 33.64 27.87
N LEU A 135 -30.28 33.76 27.25
CA LEU A 135 -30.55 33.11 25.96
C LEU A 135 -29.47 33.45 24.97
N GLN A 136 -28.94 34.66 25.08
CA GLN A 136 -27.89 35.12 24.17
C GLN A 136 -26.54 34.51 24.53
N GLU A 137 -26.24 34.43 25.82
CA GLU A 137 -24.99 33.84 26.26
C GLU A 137 -24.96 32.37 25.89
N LEU A 138 -26.12 31.72 25.83
CA LEU A 138 -26.14 30.32 25.44
C LEU A 138 -25.69 30.21 23.99
N LYS A 139 -26.28 31.01 23.10
CA LYS A 139 -25.87 30.97 21.70
C LYS A 139 -24.35 31.02 21.63
N GLU A 140 -23.75 31.85 22.48
CA GLU A 140 -22.30 31.99 22.48
C GLU A 140 -21.60 30.78 23.07
N MET A 141 -21.90 30.45 24.31
CA MET A 141 -21.24 29.31 24.96
C MET A 141 -21.32 28.04 24.15
N ASP A 142 -22.32 27.97 23.28
CA ASP A 142 -22.52 26.79 22.45
C ASP A 142 -21.41 26.66 21.42
N ASN A 143 -20.69 27.75 21.18
CA ASN A 143 -19.57 27.72 20.24
C ASN A 143 -18.27 27.50 20.96
N ASP A 144 -18.35 27.05 22.20
CA ASP A 144 -17.14 26.76 22.94
C ASP A 144 -17.05 25.24 23.06
N MET A 145 -16.45 24.61 22.06
CA MET A 145 -16.28 23.16 22.02
C MET A 145 -15.93 22.57 23.36
N THR A 146 -14.95 23.18 24.04
CA THR A 146 -14.54 22.68 25.34
C THR A 146 -15.72 22.57 26.29
N ASN A 147 -16.56 23.61 26.32
CA ASN A 147 -17.72 23.59 27.21
C ASN A 147 -18.69 22.52 26.74
N VAL A 148 -19.13 22.65 25.49
CA VAL A 148 -20.06 21.68 24.92
C VAL A 148 -19.61 20.27 25.30
N THR A 149 -18.31 20.04 25.17
CA THR A 149 -17.73 18.73 25.46
C THR A 149 -17.77 18.26 26.88
N PHE A 150 -17.62 19.16 27.85
CA PHE A 150 -17.66 18.74 29.24
C PHE A 150 -19.09 18.58 29.70
N ASP A 151 -19.96 19.45 29.20
CA ASP A 151 -21.37 19.36 29.55
C ASP A 151 -21.81 17.96 29.10
N TYR A 152 -21.54 17.67 27.82
CA TYR A 152 -21.88 16.39 27.27
C TYR A 152 -21.26 15.29 28.10
N LEU A 153 -20.01 15.48 28.48
CA LEU A 153 -19.35 14.47 29.29
C LEU A 153 -20.22 14.16 30.51
N HIS A 154 -20.64 15.19 31.23
CA HIS A 154 -21.50 14.98 32.38
C HIS A 154 -22.85 14.40 31.92
N ALA A 155 -23.34 14.94 30.81
CA ALA A 155 -24.60 14.53 30.25
C ALA A 155 -24.72 13.01 30.07
N THR A 156 -23.60 12.35 29.75
CA THR A 156 -23.68 10.91 29.57
C THR A 156 -23.07 10.15 30.75
N ALA A 157 -21.97 10.66 31.31
CA ALA A 157 -21.33 9.98 32.44
C ALA A 157 -22.30 9.92 33.62
N PHE A 158 -23.10 10.96 33.80
CA PHE A 158 -24.08 11.03 34.88
C PHE A 158 -25.48 11.04 34.33
N GLN A 159 -25.65 10.50 33.13
CA GLN A 159 -26.96 10.45 32.50
C GLN A 159 -28.00 9.95 33.48
N GLY A 160 -29.20 10.54 33.42
CA GLY A 160 -30.29 10.12 34.28
C GLY A 160 -30.31 10.73 35.67
N THR A 161 -29.26 11.47 36.00
CA THR A 161 -29.17 12.09 37.31
C THR A 161 -29.14 13.60 37.16
N ALA A 162 -29.04 14.30 38.29
CA ALA A 162 -29.03 15.76 38.32
C ALA A 162 -27.70 16.33 37.86
N LEU A 163 -26.63 15.57 38.11
CA LEU A 163 -25.30 16.01 37.71
C LEU A 163 -25.11 16.01 36.19
N ALA A 164 -26.08 15.49 35.46
CA ALA A 164 -25.99 15.43 34.02
C ALA A 164 -26.63 16.65 33.41
N ARG A 165 -26.89 17.67 34.21
CA ARG A 165 -27.50 18.87 33.66
C ARG A 165 -26.46 19.95 33.56
N THR A 166 -26.71 20.92 32.69
CA THR A 166 -25.79 22.03 32.52
C THR A 166 -26.13 23.04 33.62
N VAL A 167 -25.20 23.94 33.92
CA VAL A 167 -25.44 24.96 34.94
C VAL A 167 -26.40 25.97 34.36
N GLU A 168 -26.14 26.39 33.13
CA GLU A 168 -26.98 27.37 32.47
C GLU A 168 -28.45 26.95 32.27
N GLY A 169 -28.73 25.64 32.30
CA GLY A 169 -30.10 25.17 32.13
C GLY A 169 -30.61 25.07 30.69
N THR A 170 -31.86 24.64 30.53
CA THR A 170 -32.49 24.46 29.22
C THR A 170 -32.98 25.74 28.56
N THR A 171 -33.12 25.73 27.24
CA THR A 171 -33.61 26.89 26.52
C THR A 171 -35.06 27.15 26.94
N GLU A 172 -35.77 26.09 27.32
CA GLU A 172 -37.17 26.25 27.74
C GLU A 172 -37.28 26.86 29.11
N ASN A 173 -36.50 26.36 30.05
CA ASN A 173 -36.55 26.89 31.39
C ASN A 173 -36.20 28.38 31.40
N ILE A 174 -35.21 28.76 30.61
CA ILE A 174 -34.83 30.16 30.58
C ILE A 174 -36.00 30.94 30.04
N LYS A 175 -36.62 30.44 28.98
CA LYS A 175 -37.76 31.11 28.37
C LYS A 175 -38.99 31.18 29.26
N HIS A 176 -39.08 30.32 30.26
CA HIS A 176 -40.28 30.29 31.09
C HIS A 176 -40.17 30.46 32.59
N LEU A 177 -38.95 30.40 33.14
CA LEU A 177 -38.82 30.55 34.59
C LEU A 177 -39.58 31.78 35.04
N THR A 178 -40.17 31.69 36.23
CA THR A 178 -40.96 32.78 36.79
C THR A 178 -40.28 33.47 37.96
N ARG A 179 -40.59 34.75 38.15
CA ARG A 179 -40.04 35.51 39.25
C ARG A 179 -40.15 34.65 40.49
N ALA A 180 -41.30 34.01 40.63
CA ALA A 180 -41.58 33.14 41.76
C ALA A 180 -40.54 32.02 41.88
N ASP A 181 -40.18 31.41 40.75
CA ASP A 181 -39.22 30.31 40.73
C ASP A 181 -37.89 30.82 41.25
N LEU A 182 -37.43 31.92 40.70
CA LEU A 182 -36.15 32.49 41.11
C LEU A 182 -36.26 32.80 42.60
N ALA A 183 -37.44 33.27 42.99
CA ALA A 183 -37.73 33.62 44.36
C ALA A 183 -37.46 32.45 45.30
N SER A 184 -38.24 31.38 45.13
CA SER A 184 -38.07 30.20 45.99
C SER A 184 -36.67 29.61 45.91
N TYR A 185 -36.07 29.61 44.72
CA TYR A 185 -34.74 29.07 44.57
C TYR A 185 -33.90 29.71 45.67
N ILE A 186 -33.93 31.05 45.69
CA ILE A 186 -33.18 31.82 46.66
C ILE A 186 -33.53 31.42 48.10
N ASP A 187 -34.83 31.34 48.39
CA ASP A 187 -35.29 31.01 49.73
C ASP A 187 -34.88 29.61 50.18
N THR A 188 -34.98 28.67 49.27
CA THR A 188 -34.67 27.28 49.58
C THR A 188 -33.18 26.96 49.74
N HIS A 189 -32.36 27.60 48.91
CA HIS A 189 -30.94 27.31 48.93
C HIS A 189 -30.03 28.30 49.63
N PHE A 190 -30.15 29.59 49.34
CA PHE A 190 -29.31 30.60 49.99
C PHE A 190 -29.65 30.68 51.47
N LYS A 191 -29.24 29.66 52.22
CA LYS A 191 -29.51 29.58 53.65
C LYS A 191 -28.25 29.45 54.52
N ALA A 192 -28.22 30.26 55.56
CA ALA A 192 -27.12 30.34 56.51
C ALA A 192 -26.23 29.10 56.72
N PRO A 193 -26.80 27.99 57.21
CA PRO A 193 -25.97 26.81 57.44
C PRO A 193 -25.27 26.27 56.19
N ARG A 194 -25.71 26.76 55.04
CA ARG A 194 -25.13 26.33 53.76
C ARG A 194 -24.25 27.38 53.11
N MET A 195 -24.21 28.59 53.68
CA MET A 195 -23.39 29.65 53.15
C MET A 195 -22.12 29.79 53.99
N VAL A 196 -21.11 30.45 53.42
CA VAL A 196 -19.84 30.65 54.12
C VAL A 196 -19.24 32.03 53.78
N LEU A 197 -19.18 32.91 54.78
CA LEU A 197 -18.62 34.24 54.57
C LEU A 197 -17.12 34.08 54.76
N ALA A 198 -16.38 34.24 53.68
CA ALA A 198 -14.92 34.10 53.74
C ALA A 198 -14.27 35.40 53.34
N ALA A 199 -13.07 35.63 53.85
CA ALA A 199 -12.34 36.85 53.54
C ALA A 199 -10.86 36.61 53.61
N ALA A 200 -10.11 37.43 52.87
CA ALA A 200 -8.66 37.33 52.84
C ALA A 200 -8.06 38.70 52.59
N GLY A 201 -6.97 38.99 53.30
CA GLY A 201 -6.30 40.27 53.16
C GLY A 201 -6.03 40.95 54.49
N GLY A 202 -5.97 42.28 54.45
CA GLY A 202 -5.73 43.04 55.66
C GLY A 202 -7.07 43.21 56.34
N ILE A 203 -7.50 42.18 57.06
CA ILE A 203 -8.78 42.22 57.73
C ILE A 203 -8.74 41.51 59.07
N SER A 204 -9.43 42.09 60.05
CA SER A 204 -9.50 41.51 61.39
C SER A 204 -10.60 40.48 61.36
N HIS A 205 -10.27 39.26 61.76
CA HIS A 205 -11.27 38.23 61.76
C HIS A 205 -12.42 38.67 62.65
N LYS A 206 -12.06 39.22 63.80
CA LYS A 206 -13.06 39.69 64.75
C LYS A 206 -13.93 40.74 64.08
N GLU A 207 -13.31 41.77 63.49
CA GLU A 207 -14.09 42.81 62.84
C GLU A 207 -15.00 42.18 61.82
N LEU A 208 -14.45 41.20 61.10
CA LEU A 208 -15.19 40.49 60.06
C LEU A 208 -16.45 39.82 60.60
N VAL A 209 -16.30 39.10 61.69
CA VAL A 209 -17.43 38.39 62.27
C VAL A 209 -18.48 39.30 62.94
N ASP A 210 -18.06 40.46 63.44
CA ASP A 210 -19.01 41.39 64.07
C ASP A 210 -19.93 41.90 62.97
N ALA A 211 -19.33 42.22 61.83
CA ALA A 211 -20.05 42.71 60.66
C ALA A 211 -21.01 41.63 60.20
N ALA A 212 -20.54 40.37 60.26
CA ALA A 212 -21.34 39.22 59.88
C ALA A 212 -22.58 39.17 60.77
N ARG A 213 -22.35 39.25 62.08
CA ARG A 213 -23.44 39.21 63.05
C ARG A 213 -24.48 40.27 62.71
N GLN A 214 -24.01 41.44 62.31
CA GLN A 214 -24.92 42.53 62.02
C GLN A 214 -25.90 42.38 60.86
N HIS A 215 -25.42 42.03 59.67
CA HIS A 215 -26.33 41.90 58.55
C HIS A 215 -26.71 40.46 58.22
N PHE A 216 -25.83 39.53 58.60
CA PHE A 216 -26.10 38.12 58.39
C PHE A 216 -26.75 37.63 59.69
N SER A 217 -27.91 38.21 59.97
CA SER A 217 -28.66 37.89 61.17
C SER A 217 -29.87 37.02 60.83
N GLY A 218 -29.61 35.87 60.22
CA GLY A 218 -30.71 34.98 59.90
C GLY A 218 -31.22 34.38 61.21
N VAL A 219 -32.49 33.99 61.22
CA VAL A 219 -33.08 33.40 62.42
C VAL A 219 -33.43 31.94 62.15
N SER A 220 -33.34 31.10 63.17
CA SER A 220 -33.67 29.70 62.99
C SER A 220 -34.52 29.19 64.16
N PHE A 221 -35.77 28.84 63.86
CA PHE A 221 -36.68 28.35 64.88
C PHE A 221 -36.73 26.83 64.91
N THR A 222 -37.17 26.21 63.82
CA THR A 222 -37.26 24.75 63.76
C THR A 222 -35.95 24.11 63.35
N TYR A 223 -35.81 22.83 63.69
CA TYR A 223 -34.63 22.05 63.38
C TYR A 223 -34.39 22.02 61.87
N LYS A 224 -35.48 21.84 61.11
CA LYS A 224 -35.43 21.78 59.67
C LYS A 224 -34.46 22.81 59.08
N GLU A 225 -34.61 24.05 59.50
CA GLU A 225 -33.79 25.15 59.03
C GLU A 225 -32.28 24.97 59.25
N ASP A 226 -31.90 24.42 60.40
CA ASP A 226 -30.50 24.21 60.74
C ASP A 226 -29.84 23.07 59.96
N ALA A 227 -30.67 22.20 59.38
CA ALA A 227 -30.20 21.04 58.63
C ALA A 227 -29.74 21.33 57.21
N VAL A 228 -28.69 20.62 56.81
CA VAL A 228 -28.11 20.71 55.48
C VAL A 228 -28.58 19.43 54.79
N PRO A 229 -29.37 19.55 53.71
CA PRO A 229 -29.86 18.37 53.00
C PRO A 229 -28.76 17.57 52.33
N ILE A 230 -28.99 16.27 52.21
CA ILE A 230 -28.01 15.41 51.55
C ILE A 230 -28.63 15.09 50.20
N LEU A 231 -27.89 15.41 49.14
CA LEU A 231 -28.35 15.17 47.79
C LEU A 231 -28.41 13.71 47.46
N PRO A 232 -29.29 13.36 46.51
CA PRO A 232 -29.44 11.97 46.10
C PRO A 232 -28.22 11.67 45.25
N ARG A 233 -27.70 10.47 45.41
CA ARG A 233 -26.51 10.01 44.71
C ARG A 233 -26.66 9.92 43.19
N CYS A 234 -25.66 10.39 42.46
CA CYS A 234 -25.68 10.37 41.00
C CYS A 234 -24.93 9.15 40.46
N ARG A 235 -25.63 8.38 39.63
CA ARG A 235 -25.10 7.16 39.07
C ARG A 235 -24.23 7.31 37.83
N PHE A 236 -22.96 6.92 37.96
CA PHE A 236 -22.02 6.99 36.84
C PHE A 236 -22.33 5.87 35.88
N THR A 237 -22.10 6.10 34.59
CA THR A 237 -22.40 5.09 33.59
C THR A 237 -21.39 5.01 32.45
N GLY A 238 -20.71 3.87 32.34
CA GLY A 238 -19.76 3.70 31.25
C GLY A 238 -20.61 3.85 30.01
N SER A 239 -20.46 4.96 29.31
CA SER A 239 -21.24 5.24 28.11
C SER A 239 -20.51 6.25 27.25
N GLU A 240 -21.12 6.63 26.12
CA GLU A 240 -20.52 7.62 25.25
C GLU A 240 -21.59 8.40 24.51
N ILE A 241 -21.26 9.63 24.15
CA ILE A 241 -22.16 10.47 23.37
C ILE A 241 -21.30 11.12 22.29
N ARG A 242 -21.62 10.81 21.05
CA ARG A 242 -20.87 11.32 19.92
C ARG A 242 -21.68 12.33 19.13
N ALA A 243 -21.34 13.60 19.31
CA ALA A 243 -22.02 14.67 18.58
C ALA A 243 -21.12 15.03 17.39
N ARG A 244 -21.44 14.48 16.22
CA ARG A 244 -20.63 14.71 15.07
C ARG A 244 -21.03 15.82 14.09
N ASP A 245 -20.03 16.61 13.73
CA ASP A 245 -20.19 17.70 12.76
C ASP A 245 -18.88 17.83 12.02
N ASP A 246 -18.77 17.17 10.86
CA ASP A 246 -17.55 17.24 10.06
C ASP A 246 -17.21 18.64 9.58
N ALA A 247 -18.02 19.62 9.95
CA ALA A 247 -17.77 20.98 9.52
C ALA A 247 -16.88 21.76 10.47
N LEU A 248 -16.71 21.29 11.69
CA LEU A 248 -15.85 22.02 12.62
C LEU A 248 -14.39 21.66 12.34
N PRO A 249 -13.50 22.65 12.44
CA PRO A 249 -12.07 22.51 12.20
C PRO A 249 -11.36 21.40 12.95
N VAL A 250 -11.49 21.40 14.27
CA VAL A 250 -10.85 20.39 15.10
C VAL A 250 -11.93 19.56 15.77
N ALA A 251 -11.50 18.51 16.46
CA ALA A 251 -12.43 17.64 17.15
C ALA A 251 -12.05 17.60 18.60
N HIS A 252 -13.05 17.58 19.47
CA HIS A 252 -12.78 17.51 20.89
C HIS A 252 -13.13 16.14 21.40
N VAL A 253 -12.32 15.64 22.34
CA VAL A 253 -12.55 14.33 22.93
C VAL A 253 -12.24 14.36 24.42
N ALA A 254 -13.17 13.85 25.22
CA ALA A 254 -12.97 13.80 26.65
C ALA A 254 -13.39 12.42 27.11
N LEU A 255 -12.56 11.80 27.93
CA LEU A 255 -12.81 10.47 28.46
C LEU A 255 -12.58 10.52 29.95
N ALA A 256 -13.42 9.86 30.72
CA ALA A 256 -13.24 9.87 32.17
C ALA A 256 -13.85 8.69 32.90
N VAL A 257 -13.46 8.54 34.16
CA VAL A 257 -13.96 7.49 35.02
C VAL A 257 -14.48 8.18 36.26
N GLU A 258 -15.40 7.54 36.97
CA GLU A 258 -15.97 8.14 38.18
C GLU A 258 -14.84 8.36 39.18
N GLY A 259 -14.81 9.56 39.76
CA GLY A 259 -13.80 9.90 40.75
C GLY A 259 -14.44 9.71 42.10
N PRO A 260 -13.66 9.65 43.19
CA PRO A 260 -14.21 9.45 44.54
C PRO A 260 -15.07 10.59 45.10
N GLY A 261 -14.49 11.77 45.31
CA GLY A 261 -15.25 12.85 45.87
C GLY A 261 -14.35 13.61 46.82
N TRP A 262 -14.63 14.90 47.02
CA TRP A 262 -13.79 15.72 47.88
C TRP A 262 -13.16 15.01 49.05
N ALA A 263 -14.00 14.50 49.96
CA ALA A 263 -13.55 13.84 51.17
C ALA A 263 -12.39 12.81 51.07
N ASP A 264 -12.43 11.98 50.03
CA ASP A 264 -11.44 10.92 49.83
C ASP A 264 -9.99 11.34 49.57
N PRO A 265 -9.09 10.90 50.45
CA PRO A 265 -7.64 11.14 50.45
C PRO A 265 -6.92 10.71 49.16
N ASP A 266 -7.47 9.72 48.46
CA ASP A 266 -6.87 9.26 47.21
C ASP A 266 -6.72 10.43 46.25
N ASN A 267 -7.69 11.37 46.29
CA ASN A 267 -7.67 12.53 45.41
C ASN A 267 -6.28 13.11 45.31
N VAL A 268 -5.57 13.15 46.43
CA VAL A 268 -4.21 13.68 46.46
C VAL A 268 -3.39 12.88 45.47
N VAL A 269 -3.45 11.56 45.61
CA VAL A 269 -2.73 10.64 44.74
C VAL A 269 -3.20 10.84 43.30
N LEU A 270 -4.50 11.00 43.11
CA LEU A 270 -5.01 11.19 41.75
C LEU A 270 -4.35 12.41 41.14
N HIS A 271 -4.28 13.50 41.90
CA HIS A 271 -3.65 14.72 41.40
C HIS A 271 -2.17 14.54 41.06
N VAL A 272 -1.46 13.80 41.89
CA VAL A 272 -0.05 13.55 41.65
C VAL A 272 0.05 12.79 40.32
N ALA A 273 -0.90 11.88 40.08
CA ALA A 273 -0.89 11.12 38.84
C ALA A 273 -1.17 12.03 37.66
N ASN A 274 -2.26 12.79 37.73
CA ASN A 274 -2.57 13.70 36.65
C ASN A 274 -1.39 14.63 36.44
N ALA A 275 -0.55 14.75 37.46
CA ALA A 275 0.62 15.61 37.41
C ALA A 275 1.72 15.06 36.51
N ILE A 276 1.74 13.73 36.39
CA ILE A 276 2.71 13.04 35.55
C ILE A 276 2.37 13.24 34.08
N ILE A 277 1.14 12.86 33.71
CA ILE A 277 0.67 13.00 32.33
C ILE A 277 0.56 14.48 31.98
N GLY A 278 0.32 15.30 33.00
CA GLY A 278 0.20 16.74 32.81
C GLY A 278 -0.75 17.21 31.73
N ARG A 279 -0.36 18.26 31.02
CA ARG A 279 -1.18 18.81 29.96
C ARG A 279 -0.25 19.44 28.94
N TYR A 280 -0.77 19.68 27.73
CA TYR A 280 0.04 20.24 26.66
C TYR A 280 -0.75 21.16 25.75
N ASP A 281 -0.02 21.88 24.91
CA ASP A 281 -0.64 22.79 23.97
C ASP A 281 0.44 23.30 23.02
N ARG A 282 0.06 23.47 21.76
CA ARG A 282 0.92 23.95 20.69
C ARG A 282 1.83 25.15 20.93
N THR A 283 1.68 25.84 22.07
CA THR A 283 2.55 26.98 22.34
C THR A 283 3.42 26.74 23.57
N PHE A 284 3.61 25.49 23.95
CA PHE A 284 4.46 25.16 25.08
C PHE A 284 5.89 25.12 24.59
N GLY A 285 6.67 26.14 24.92
CA GLY A 285 8.05 26.21 24.48
C GLY A 285 8.82 24.90 24.64
N GLY A 286 8.57 24.22 25.75
CA GLY A 286 9.26 22.97 26.01
C GLY A 286 9.59 22.18 24.77
N GLY A 287 8.55 21.80 24.03
CA GLY A 287 8.76 21.04 22.81
C GLY A 287 9.04 19.56 23.05
N LYS A 288 9.69 18.94 22.08
CA LYS A 288 10.05 17.53 22.13
C LYS A 288 10.69 17.07 23.44
N HIS A 289 11.16 18.02 24.24
CA HIS A 289 11.82 17.64 25.47
C HIS A 289 10.90 17.64 26.70
N LEU A 290 9.67 18.10 26.52
CA LEU A 290 8.71 18.14 27.61
C LEU A 290 8.77 16.81 28.34
N SER A 291 8.59 16.86 29.66
CA SER A 291 8.66 15.66 30.48
C SER A 291 7.52 14.67 30.30
N SER A 292 6.30 15.16 30.11
CA SER A 292 5.15 14.27 29.92
C SER A 292 5.23 13.50 28.61
N ARG A 293 5.38 12.19 28.72
CA ARG A 293 5.46 11.33 27.54
C ARG A 293 4.37 11.64 26.51
N LEU A 294 3.12 11.74 26.98
CA LEU A 294 2.00 12.05 26.11
C LEU A 294 2.29 13.36 25.38
N ALA A 295 2.67 14.38 26.15
CA ALA A 295 3.00 15.68 25.58
C ALA A 295 4.09 15.43 24.54
N ALA A 296 5.17 14.78 24.97
CA ALA A 296 6.30 14.48 24.10
C ALA A 296 5.85 13.76 22.84
N LEU A 297 5.02 12.73 23.01
CA LEU A 297 4.50 11.97 21.89
C LEU A 297 3.66 12.90 21.05
N ALA A 298 2.83 13.69 21.71
CA ALA A 298 1.97 14.60 20.99
C ALA A 298 2.82 15.45 20.07
N VAL A 299 3.93 15.95 20.60
CA VAL A 299 4.84 16.81 19.84
C VAL A 299 5.53 16.09 18.67
N GLU A 300 6.02 14.88 18.95
CA GLU A 300 6.71 14.08 17.96
C GLU A 300 5.81 13.62 16.82
N HIS A 301 4.52 13.49 17.11
CA HIS A 301 3.63 13.00 16.08
C HIS A 301 2.54 13.95 15.69
N LYS A 302 2.60 15.20 16.14
CA LYS A 302 1.56 16.16 15.78
C LYS A 302 0.20 15.49 16.04
N LEU A 303 0.04 15.05 17.29
CA LEU A 303 -1.15 14.35 17.71
C LEU A 303 -2.31 15.22 18.17
N CYS A 304 -2.04 16.44 18.60
CA CYS A 304 -3.13 17.29 19.07
C CYS A 304 -2.74 18.73 19.28
N HIS A 305 -3.70 19.63 19.13
CA HIS A 305 -3.45 21.04 19.33
C HIS A 305 -3.33 21.29 20.82
N SER A 306 -3.68 20.27 21.60
CA SER A 306 -3.63 20.36 23.06
C SER A 306 -4.36 19.20 23.72
N PHE A 307 -4.01 18.96 24.97
CA PHE A 307 -4.61 17.91 25.76
C PHE A 307 -4.47 18.34 27.22
N GLN A 308 -5.28 17.78 28.11
CA GLN A 308 -5.19 18.16 29.50
C GLN A 308 -5.86 17.12 30.35
N THR A 309 -5.25 16.79 31.49
CA THR A 309 -5.86 15.81 32.37
C THR A 309 -6.69 16.63 33.34
N PHE A 310 -7.56 15.96 34.10
CA PHE A 310 -8.40 16.63 35.06
C PHE A 310 -8.99 15.67 36.07
N ASN A 311 -9.25 16.17 37.29
CA ASN A 311 -9.85 15.39 38.38
C ASN A 311 -10.93 16.24 39.05
N THR A 312 -12.03 16.46 38.33
CA THR A 312 -13.14 17.26 38.82
C THR A 312 -13.88 16.56 39.97
N SER A 313 -13.66 17.05 41.19
CA SER A 313 -14.31 16.49 42.37
C SER A 313 -15.71 17.01 42.65
N TYR A 314 -16.47 16.23 43.40
CA TYR A 314 -17.83 16.59 43.80
C TYR A 314 -18.02 16.01 45.20
N SER A 315 -19.17 16.31 45.80
CA SER A 315 -19.45 15.82 47.13
C SER A 315 -19.30 14.32 47.30
N ASP A 316 -20.14 13.59 46.57
CA ASP A 316 -20.18 12.14 46.65
C ASP A 316 -19.54 11.42 45.46
N THR A 317 -19.32 12.14 44.36
CA THR A 317 -18.74 11.53 43.17
C THR A 317 -17.61 12.37 42.54
N GLY A 318 -17.47 12.31 41.21
CA GLY A 318 -16.42 13.07 40.54
C GLY A 318 -16.05 12.50 39.17
N LEU A 319 -15.28 13.26 38.40
CA LEU A 319 -14.84 12.82 37.09
C LEU A 319 -13.33 12.92 36.94
N PHE A 320 -12.68 11.78 36.72
CA PHE A 320 -11.23 11.72 36.54
C PHE A 320 -10.97 11.37 35.08
N GLY A 321 -10.42 12.30 34.31
CA GLY A 321 -10.19 11.98 32.92
C GLY A 321 -9.19 12.87 32.23
N PHE A 322 -9.43 13.11 30.94
CA PHE A 322 -8.59 13.95 30.12
C PHE A 322 -9.38 14.42 28.91
N HIS A 323 -8.91 15.49 28.30
CA HIS A 323 -9.57 16.10 27.16
C HIS A 323 -8.51 16.52 26.16
N PHE A 324 -8.78 16.34 24.88
CA PHE A 324 -7.83 16.73 23.86
C PHE A 324 -8.51 17.26 22.59
N VAL A 325 -7.84 18.18 21.93
CA VAL A 325 -8.39 18.75 20.71
C VAL A 325 -7.42 18.30 19.66
N ALA A 326 -7.93 17.79 18.55
CA ALA A 326 -7.05 17.30 17.50
C ALA A 326 -7.64 17.52 16.15
N ASP A 327 -6.89 17.10 15.14
CA ASP A 327 -7.36 17.21 13.77
C ASP A 327 -8.07 15.89 13.50
N PRO A 328 -9.07 15.94 12.63
CA PRO A 328 -9.81 14.73 12.31
C PRO A 328 -8.96 13.49 12.10
N LEU A 329 -7.78 13.67 11.51
CA LEU A 329 -6.96 12.51 11.20
C LEU A 329 -5.92 12.03 12.16
N SER A 330 -5.91 12.58 13.38
CA SER A 330 -4.95 12.10 14.35
C SER A 330 -5.63 11.81 15.67
N ILE A 331 -6.96 11.76 15.62
CA ILE A 331 -7.74 11.48 16.81
C ILE A 331 -7.43 10.11 17.35
N ASP A 332 -7.29 9.13 16.46
CA ASP A 332 -7.01 7.78 16.93
C ASP A 332 -5.63 7.62 17.57
N ASP A 333 -4.60 8.04 16.84
CA ASP A 333 -3.25 7.93 17.39
C ASP A 333 -3.19 8.61 18.75
N MET A 334 -3.81 9.78 18.84
CA MET A 334 -3.83 10.53 20.10
C MET A 334 -4.53 9.74 21.20
N MET A 335 -5.76 9.29 20.94
CA MET A 335 -6.53 8.53 21.92
C MET A 335 -5.72 7.31 22.36
N PHE A 336 -5.14 6.64 21.38
CA PHE A 336 -4.32 5.47 21.64
C PHE A 336 -3.24 5.77 22.67
N CYS A 337 -2.42 6.77 22.35
CA CYS A 337 -1.32 7.20 23.19
C CYS A 337 -1.80 7.62 24.55
N ALA A 338 -2.92 8.32 24.60
CA ALA A 338 -3.47 8.79 25.87
C ALA A 338 -3.78 7.61 26.80
N GLN A 339 -4.59 6.68 26.30
CA GLN A 339 -4.94 5.51 27.10
C GLN A 339 -3.65 4.79 27.41
N GLY A 340 -2.71 4.87 26.49
CA GLY A 340 -1.43 4.24 26.72
C GLY A 340 -0.85 4.70 28.04
N GLU A 341 -0.75 6.02 28.21
CA GLU A 341 -0.18 6.57 29.43
C GLU A 341 -1.02 6.23 30.64
N TRP A 342 -2.33 6.19 30.47
CA TRP A 342 -3.18 5.83 31.60
C TRP A 342 -2.79 4.40 32.03
N MET A 343 -2.74 3.49 31.07
CA MET A 343 -2.38 2.14 31.42
C MET A 343 -1.00 2.10 32.05
N ARG A 344 -0.12 2.99 31.60
CA ARG A 344 1.23 3.02 32.14
C ARG A 344 1.17 3.48 33.60
N LEU A 345 0.26 4.41 33.89
CA LEU A 345 0.08 4.92 35.25
C LEU A 345 -0.28 3.79 36.20
N CYS A 346 -1.16 2.91 35.76
CA CYS A 346 -1.60 1.80 36.59
C CYS A 346 -0.57 0.71 36.73
N THR A 347 0.25 0.52 35.69
CA THR A 347 1.21 -0.57 35.70
C THR A 347 2.68 -0.27 35.93
N SER A 348 3.16 0.86 35.43
CA SER A 348 4.59 1.13 35.58
C SER A 348 5.07 2.51 35.99
N THR A 349 4.33 3.21 36.85
CA THR A 349 4.75 4.55 37.27
C THR A 349 6.09 4.38 37.98
N THR A 350 7.03 5.29 37.70
CA THR A 350 8.37 5.25 38.30
C THR A 350 8.52 6.28 39.41
N GLU A 351 9.41 5.99 40.36
CA GLU A 351 9.61 6.92 41.46
C GLU A 351 10.00 8.30 40.91
N SER A 352 10.86 8.32 39.90
CA SER A 352 11.28 9.58 39.30
C SER A 352 10.11 10.40 38.81
N GLU A 353 9.10 9.72 38.27
CA GLU A 353 7.92 10.39 37.78
C GLU A 353 7.16 11.09 38.89
N VAL A 354 6.83 10.34 39.93
CA VAL A 354 6.09 10.88 41.06
C VAL A 354 6.86 12.01 41.74
N LYS A 355 8.19 11.93 41.71
CA LYS A 355 9.01 12.97 42.32
C LYS A 355 8.75 14.27 41.60
N ARG A 356 8.84 14.23 40.27
CA ARG A 356 8.59 15.42 39.46
C ARG A 356 7.15 15.86 39.65
N ALA A 357 6.25 14.89 39.55
CA ALA A 357 4.82 15.13 39.70
C ALA A 357 4.48 15.85 41.01
N LYS A 358 5.03 15.37 42.11
CA LYS A 358 4.79 15.98 43.41
C LYS A 358 5.26 17.42 43.41
N ASN A 359 6.46 17.68 42.90
CA ASN A 359 6.96 19.05 42.86
C ASN A 359 6.04 19.93 42.05
N HIS A 360 5.75 19.50 40.83
CA HIS A 360 4.87 20.25 39.97
C HIS A 360 3.56 20.55 40.70
N LEU A 361 3.01 19.52 41.37
CA LEU A 361 1.75 19.67 42.10
C LEU A 361 1.82 20.76 43.17
N ARG A 362 2.81 20.66 44.05
CA ARG A 362 2.99 21.64 45.11
C ARG A 362 2.97 23.04 44.52
N SER A 363 3.68 23.23 43.42
CA SER A 363 3.76 24.51 42.73
C SER A 363 2.41 25.04 42.29
N ALA A 364 1.57 24.13 41.82
CA ALA A 364 0.22 24.49 41.39
C ALA A 364 -0.59 24.81 42.63
N MET A 365 -0.39 24.00 43.66
CA MET A 365 -1.06 24.16 44.95
C MET A 365 -0.84 25.56 45.50
N VAL A 366 0.40 26.03 45.36
CA VAL A 366 0.76 27.36 45.82
C VAL A 366 0.11 28.42 44.94
N ALA A 367 0.11 28.21 43.63
CA ALA A 367 -0.50 29.20 42.74
C ALA A 367 -2.00 29.33 42.99
N GLN A 368 -2.56 28.38 43.74
CA GLN A 368 -3.98 28.40 44.04
C GLN A 368 -4.26 29.47 45.09
N LEU A 369 -3.19 29.99 45.67
CA LEU A 369 -3.31 31.01 46.70
C LEU A 369 -2.44 32.21 46.32
N ASP A 370 -2.65 32.71 45.11
CA ASP A 370 -1.88 33.83 44.60
C ASP A 370 -2.74 35.08 44.58
N GLY A 371 -3.15 35.52 45.76
CA GLY A 371 -3.96 36.72 45.86
C GLY A 371 -5.13 36.54 46.81
N THR A 372 -5.66 37.65 47.30
CA THR A 372 -6.77 37.56 48.22
C THR A 372 -7.93 36.77 47.62
N THR A 373 -8.29 37.09 46.37
CA THR A 373 -9.39 36.38 45.74
C THR A 373 -9.17 34.85 45.70
N PRO A 374 -8.09 34.37 45.07
CA PRO A 374 -7.89 32.92 45.05
C PRO A 374 -7.87 32.32 46.45
N VAL A 375 -7.16 32.97 47.37
CA VAL A 375 -7.08 32.46 48.73
C VAL A 375 -8.47 32.33 49.31
N CYS A 376 -9.24 33.39 49.13
CA CYS A 376 -10.61 33.45 49.61
C CYS A 376 -11.38 32.26 49.06
N GLU A 377 -11.31 32.10 47.74
CA GLU A 377 -11.95 31.01 47.01
C GLU A 377 -11.60 29.63 47.61
N THR A 378 -10.39 29.50 48.14
CA THR A 378 -9.97 28.24 48.72
C THR A 378 -10.65 28.01 50.06
N ILE A 379 -10.80 29.09 50.81
CA ILE A 379 -11.46 29.02 52.12
C ILE A 379 -12.92 28.65 51.91
N GLY A 380 -13.62 29.50 51.18
CA GLY A 380 -15.03 29.27 50.90
C GLY A 380 -15.29 27.84 50.48
N SER A 381 -14.43 27.35 49.60
CA SER A 381 -14.57 26.01 49.08
C SER A 381 -14.15 24.96 50.07
N HIS A 382 -13.01 25.16 50.73
CA HIS A 382 -12.60 24.16 51.68
C HIS A 382 -13.70 23.89 52.71
N LEU A 383 -14.11 24.94 53.43
CA LEU A 383 -15.15 24.78 54.43
C LEU A 383 -16.34 24.07 53.84
N LEU A 384 -16.78 24.60 52.71
CA LEU A 384 -17.93 24.08 51.99
C LEU A 384 -17.75 22.60 51.65
N ASN A 385 -16.59 22.25 51.09
CA ASN A 385 -16.29 20.87 50.67
C ASN A 385 -15.67 19.98 51.72
N TYR A 386 -14.48 20.33 52.17
CA TYR A 386 -13.76 19.55 53.17
C TYR A 386 -14.21 19.80 54.60
N GLY A 387 -15.15 20.73 54.80
CA GLY A 387 -15.62 21.01 56.15
C GLY A 387 -14.80 22.03 56.91
N ARG A 388 -13.48 21.89 56.85
CA ARG A 388 -12.57 22.81 57.53
C ARG A 388 -11.60 23.36 56.48
N ARG A 389 -10.51 23.97 56.92
CA ARG A 389 -9.52 24.51 56.01
C ARG A 389 -8.35 23.57 55.95
N ILE A 390 -7.73 23.48 54.78
CA ILE A 390 -6.60 22.59 54.63
C ILE A 390 -5.40 23.40 54.22
N SER A 391 -4.44 23.47 55.13
CA SER A 391 -3.22 24.24 54.95
C SER A 391 -2.25 23.58 53.99
N LEU A 392 -1.50 24.42 53.28
CA LEU A 392 -0.50 23.94 52.35
C LEU A 392 0.44 23.01 53.12
N GLU A 393 0.70 23.33 54.38
CA GLU A 393 1.57 22.49 55.19
C GLU A 393 0.99 21.09 55.28
N GLU A 394 -0.34 21.01 55.33
CA GLU A 394 -0.99 19.72 55.40
C GLU A 394 -0.94 19.07 54.02
N TRP A 395 -1.49 19.76 53.02
CA TRP A 395 -1.46 19.26 51.64
C TRP A 395 -0.07 18.76 51.35
N ASP A 396 0.92 19.63 51.53
CA ASP A 396 2.31 19.28 51.28
C ASP A 396 2.68 18.00 51.99
N SER A 397 2.19 17.85 53.21
CA SER A 397 2.48 16.64 53.97
C SER A 397 1.93 15.46 53.17
N ARG A 398 0.61 15.45 53.02
CA ARG A 398 -0.11 14.42 52.30
C ARG A 398 0.59 14.06 51.00
N ILE A 399 0.89 15.07 50.20
CA ILE A 399 1.56 14.88 48.91
C ILE A 399 2.87 14.11 49.03
N SER A 400 3.68 14.46 50.02
CA SER A 400 4.95 13.81 50.22
C SER A 400 4.81 12.30 50.47
N ALA A 401 3.69 11.92 51.10
CA ALA A 401 3.46 10.51 51.41
C ALA A 401 3.33 9.65 50.16
N VAL A 402 2.83 10.27 49.09
CA VAL A 402 2.62 9.60 47.80
C VAL A 402 3.89 9.10 47.15
N ASP A 403 3.82 7.88 46.60
CA ASP A 403 4.96 7.27 45.93
C ASP A 403 4.48 6.40 44.77
N ALA A 404 5.39 6.05 43.85
CA ALA A 404 5.04 5.22 42.71
C ALA A 404 4.00 4.17 43.07
N ARG A 405 4.37 3.23 43.94
CA ARG A 405 3.46 2.16 44.35
C ARG A 405 2.06 2.68 44.59
N MET A 406 1.95 3.72 45.42
CA MET A 406 0.67 4.33 45.76
C MET A 406 -0.07 4.83 44.51
N VAL A 407 0.64 5.53 43.62
CA VAL A 407 0.03 6.03 42.40
C VAL A 407 -0.55 4.86 41.61
N ARG A 408 0.25 3.81 41.39
CA ARG A 408 -0.21 2.64 40.67
C ARG A 408 -1.43 2.01 41.31
N ASP A 409 -1.35 1.71 42.61
CA ASP A 409 -2.50 1.13 43.28
C ASP A 409 -3.75 1.96 43.12
N VAL A 410 -3.66 3.25 43.46
CA VAL A 410 -4.81 4.14 43.36
C VAL A 410 -5.34 4.27 41.94
N CYS A 411 -4.44 4.47 40.98
CA CYS A 411 -4.85 4.58 39.58
C CYS A 411 -5.48 3.28 39.11
N SER A 412 -4.84 2.15 39.40
CA SER A 412 -5.41 0.89 39.01
C SER A 412 -6.83 0.89 39.55
N LYS A 413 -6.94 1.18 40.84
CA LYS A 413 -8.21 1.22 41.55
C LYS A 413 -9.34 1.95 40.83
N TYR A 414 -9.04 3.14 40.30
CA TYR A 414 -10.02 3.98 39.62
C TYR A 414 -10.05 3.90 38.09
N ILE A 415 -8.99 3.38 37.49
CA ILE A 415 -8.88 3.28 36.02
C ILE A 415 -8.96 1.88 35.40
N TYR A 416 -8.02 1.04 35.76
CA TYR A 416 -7.94 -0.29 35.19
C TYR A 416 -9.23 -1.07 35.09
N ASP A 417 -9.49 -1.54 33.88
CA ASP A 417 -10.67 -2.30 33.53
C ASP A 417 -11.95 -1.63 34.04
N LYS A 418 -12.12 -0.37 33.68
CA LYS A 418 -13.30 0.38 34.07
C LYS A 418 -14.02 0.79 32.80
N CYS A 419 -15.33 0.92 32.88
CA CYS A 419 -16.07 1.34 31.72
C CYS A 419 -16.04 2.85 31.80
N PRO A 420 -15.35 3.51 30.86
CA PRO A 420 -15.25 4.97 30.83
C PRO A 420 -16.46 5.70 30.25
N ALA A 421 -16.44 7.03 30.38
CA ALA A 421 -17.51 7.87 29.86
C ALA A 421 -16.82 8.65 28.75
N LEU A 422 -17.46 8.70 27.60
CA LEU A 422 -16.85 9.40 26.50
C LEU A 422 -17.76 10.43 25.91
N ALA A 423 -17.14 11.50 25.41
CA ALA A 423 -17.85 12.60 24.77
C ALA A 423 -16.92 13.01 23.64
N ALA A 424 -17.48 13.09 22.44
CA ALA A 424 -16.68 13.48 21.29
C ALA A 424 -17.49 14.46 20.46
N VAL A 425 -16.83 15.50 19.96
CA VAL A 425 -17.50 16.51 19.17
C VAL A 425 -16.70 16.90 17.94
N GLY A 426 -17.39 17.24 16.86
CA GLY A 426 -16.70 17.63 15.64
C GLY A 426 -16.57 16.55 14.59
N PRO A 427 -15.46 16.58 13.80
CA PRO A 427 -15.14 15.63 12.73
C PRO A 427 -14.51 14.38 13.33
N ILE A 428 -15.28 13.73 14.20
CA ILE A 428 -14.82 12.54 14.92
C ILE A 428 -14.92 11.15 14.26
N GLU A 429 -14.96 11.08 12.95
CA GLU A 429 -15.06 9.78 12.31
C GLU A 429 -13.90 8.86 12.59
N GLN A 430 -12.68 9.39 12.62
CA GLN A 430 -11.53 8.52 12.84
C GLN A 430 -11.55 7.82 14.20
N LEU A 431 -11.73 8.58 15.27
CA LEU A 431 -11.76 7.96 16.60
C LEU A 431 -12.97 7.10 16.54
N LEU A 432 -12.96 5.90 17.11
CA LEU A 432 -14.20 5.16 17.04
C LEU A 432 -14.31 3.91 17.88
N ASP A 433 -15.55 3.43 17.89
CA ASP A 433 -16.02 2.25 18.58
C ASP A 433 -15.73 2.22 20.07
N TYR A 434 -16.81 2.29 20.86
CA TYR A 434 -16.71 2.25 22.31
C TYR A 434 -15.91 1.05 22.74
N ASN A 435 -16.20 -0.10 22.14
CA ASN A 435 -15.50 -1.34 22.44
C ASN A 435 -14.01 -1.21 22.29
N ARG A 436 -13.56 -0.77 21.13
CA ARG A 436 -12.12 -0.59 20.92
C ARG A 436 -11.54 0.30 22.02
N ILE A 437 -12.30 1.30 22.44
CA ILE A 437 -11.84 2.19 23.48
C ILE A 437 -11.92 1.51 24.85
N ARG A 438 -12.94 0.67 25.04
CA ARG A 438 -13.10 0.00 26.31
C ARG A 438 -11.94 -0.94 26.57
N SER A 439 -11.41 -1.54 25.51
CA SER A 439 -10.30 -2.47 25.64
C SER A 439 -9.00 -1.75 25.90
N GLY A 440 -9.02 -0.43 25.70
CA GLY A 440 -7.84 0.36 25.94
C GLY A 440 -7.68 0.58 27.43
N MET A 441 -8.67 0.10 28.18
CA MET A 441 -8.70 0.22 29.62
C MET A 441 -7.95 -0.88 30.32
N TYR A 442 -7.32 -1.78 29.58
CA TYR A 442 -6.57 -2.83 30.25
C TYR A 442 -5.35 -3.38 29.54
N TRP A 443 -4.36 -3.76 30.37
CA TRP A 443 -3.07 -4.31 29.98
C TRP A 443 -2.17 -3.24 29.31
N ILE A 444 -1.15 -2.73 30.04
CA ILE A 444 -0.22 -1.71 29.54
N PRO B 21 8.18 35.17 60.26
CA PRO B 21 8.72 36.48 60.71
C PRO B 21 8.24 37.68 59.86
N GLY B 22 7.22 38.36 60.38
CA GLY B 22 6.62 39.52 59.74
C GLY B 22 7.05 40.01 58.37
N ALA B 23 7.11 41.33 58.24
CA ALA B 23 7.50 41.96 56.98
C ALA B 23 8.87 42.65 57.06
N GLU B 24 9.75 42.26 56.15
CA GLU B 24 11.10 42.80 56.06
C GLU B 24 11.09 44.10 55.28
N ASP B 25 12.08 44.23 54.39
CA ASP B 25 12.19 45.42 53.57
C ASP B 25 12.71 45.13 52.19
N LEU B 26 12.30 45.98 51.27
CA LEU B 26 12.65 45.89 49.86
C LEU B 26 13.98 46.56 49.53
N GLU B 27 15.06 45.78 49.49
CA GLU B 27 16.38 46.31 49.19
C GLU B 27 16.53 46.53 47.69
N ILE B 28 17.68 47.06 47.26
CA ILE B 28 17.87 47.32 45.84
C ILE B 28 19.27 47.85 45.52
N THR B 29 20.25 46.94 45.53
CA THR B 29 21.64 47.27 45.21
C THR B 29 21.73 47.73 43.76
N LYS B 30 22.75 48.53 43.43
CA LYS B 30 22.87 49.05 42.08
C LYS B 30 24.24 48.90 41.41
N LEU B 31 24.89 47.77 41.65
CA LEU B 31 26.21 47.44 41.08
C LEU B 31 26.85 48.39 40.03
N PRO B 32 28.20 48.42 39.99
CA PRO B 32 28.98 49.25 39.07
C PRO B 32 28.45 49.38 37.64
N ASN B 33 28.76 48.39 36.82
CA ASN B 33 28.36 48.36 35.40
C ASN B 33 26.97 48.92 35.09
N GLY B 34 26.07 48.85 36.06
CA GLY B 34 24.73 49.37 35.85
C GLY B 34 23.60 48.38 36.08
N LEU B 35 23.96 47.13 36.35
CA LEU B 35 22.96 46.10 36.58
C LEU B 35 22.23 46.34 37.90
N ILE B 36 20.93 46.55 37.83
CA ILE B 36 20.16 46.80 39.03
C ILE B 36 19.70 45.49 39.65
N ILE B 37 19.57 45.48 40.97
CA ILE B 37 19.15 44.29 41.71
C ILE B 37 18.16 44.69 42.79
N ALA B 38 16.92 44.27 42.67
CA ALA B 38 15.89 44.59 43.67
C ALA B 38 15.20 43.30 44.12
N SER B 39 15.25 43.01 45.43
CA SER B 39 14.62 41.80 45.97
C SER B 39 13.60 42.13 47.05
N LEU B 40 12.99 41.10 47.61
CA LEU B 40 12.00 41.30 48.66
C LEU B 40 11.52 40.00 49.22
N GLU B 41 12.02 39.63 50.38
CA GLU B 41 11.61 38.41 51.04
C GLU B 41 10.22 38.64 51.62
N ASN B 42 9.25 37.87 51.13
CA ASN B 42 7.87 37.99 51.62
C ASN B 42 7.50 36.64 52.20
N PHE B 43 8.53 35.84 52.41
CA PHE B 43 8.41 34.50 52.99
C PHE B 43 7.37 33.60 52.34
N SER B 44 6.91 34.01 51.15
CA SER B 44 5.95 33.20 50.41
C SER B 44 6.64 31.86 50.18
N PRO B 45 5.90 30.75 50.22
CA PRO B 45 6.55 29.47 50.00
C PRO B 45 7.13 29.31 48.60
N ALA B 46 6.93 30.32 47.76
CA ALA B 46 7.42 30.26 46.39
C ALA B 46 8.11 31.53 45.95
N SER B 47 9.23 31.34 45.26
CA SER B 47 10.02 32.46 44.77
C SER B 47 9.75 32.71 43.30
N ARG B 48 10.04 33.92 42.85
CA ARG B 48 9.82 34.27 41.45
C ARG B 48 10.84 35.31 41.01
N ILE B 49 11.94 34.82 40.44
CA ILE B 49 13.03 35.67 39.95
C ILE B 49 12.74 36.13 38.52
N GLY B 50 13.46 37.16 38.06
CA GLY B 50 13.22 37.66 36.71
C GLY B 50 14.13 38.77 36.22
N VAL B 51 14.69 38.57 35.03
CA VAL B 51 15.59 39.53 34.38
C VAL B 51 14.81 40.51 33.50
N PHE B 52 14.53 41.71 34.01
CA PHE B 52 13.81 42.70 33.21
C PHE B 52 14.81 43.39 32.31
N ILE B 53 14.50 43.50 31.03
CA ILE B 53 15.43 44.12 30.10
C ILE B 53 14.80 45.27 29.34
N LYS B 54 15.63 46.22 28.91
CA LYS B 54 15.15 47.38 28.16
C LYS B 54 15.19 47.02 26.67
N ALA B 55 14.72 45.82 26.34
CA ALA B 55 14.70 45.35 24.96
C ALA B 55 13.30 45.47 24.37
N GLY B 56 13.16 45.18 23.08
CA GLY B 56 11.85 45.28 22.46
C GLY B 56 11.79 45.52 20.97
N SER B 57 10.59 45.36 20.42
CA SER B 57 10.35 45.52 19.00
C SER B 57 10.64 46.92 18.46
N ARG B 58 10.72 47.92 19.33
CA ARG B 58 10.97 49.28 18.85
C ARG B 58 12.42 49.49 18.39
N TYR B 59 13.33 48.66 18.89
CA TYR B 59 14.73 48.76 18.54
C TYR B 59 14.97 48.08 17.19
N GLU B 60 13.93 47.48 16.65
CA GLU B 60 14.05 46.80 15.38
C GLU B 60 14.08 47.80 14.25
N THR B 61 14.61 47.36 13.12
CA THR B 61 14.68 48.17 11.91
C THR B 61 14.00 47.37 10.83
N THR B 62 13.72 48.03 9.71
CA THR B 62 13.11 47.35 8.60
C THR B 62 13.93 46.08 8.34
N ALA B 63 15.24 46.21 8.54
CA ALA B 63 16.19 45.13 8.34
C ALA B 63 16.00 43.84 9.14
N ASN B 64 15.70 43.94 10.43
CA ASN B 64 15.53 42.75 11.25
C ASN B 64 14.13 42.60 11.87
N LEU B 65 13.15 43.27 11.26
CA LEU B 65 11.76 43.21 11.73
C LEU B 65 11.37 41.82 12.24
N GLY B 66 10.81 41.79 13.46
CA GLY B 66 10.37 40.54 14.05
C GLY B 66 11.39 39.77 14.86
N THR B 67 12.68 40.04 14.66
CA THR B 67 13.71 39.33 15.40
C THR B 67 13.37 39.32 16.89
N ALA B 68 12.84 40.43 17.39
CA ALA B 68 12.47 40.55 18.80
C ALA B 68 11.47 39.46 19.22
N HIS B 69 10.49 39.23 18.35
CA HIS B 69 9.45 38.22 18.57
C HIS B 69 10.10 36.83 18.64
N LEU B 70 10.86 36.47 17.62
CA LEU B 70 11.53 35.18 17.54
C LEU B 70 12.49 34.96 18.68
N LEU B 71 13.05 36.04 19.21
CA LEU B 71 13.96 35.92 20.33
C LEU B 71 13.14 35.49 21.53
N ARG B 72 11.93 36.01 21.60
CA ARG B 72 11.00 35.69 22.69
C ARG B 72 10.68 34.20 22.77
N LEU B 73 10.60 33.56 21.61
CA LEU B 73 10.30 32.12 21.54
C LEU B 73 11.58 31.29 21.51
N ALA B 74 12.74 31.93 21.64
CA ALA B 74 14.00 31.20 21.61
C ALA B 74 14.40 30.75 22.99
N SER B 75 13.71 31.28 23.99
CA SER B 75 13.96 30.96 25.39
C SER B 75 14.31 29.51 25.67
N PRO B 76 13.70 28.56 24.96
CA PRO B 76 14.06 27.17 25.26
C PRO B 76 15.17 26.55 24.44
N LEU B 77 15.83 27.33 23.59
CA LEU B 77 16.93 26.81 22.76
C LEU B 77 18.20 26.70 23.60
N THR B 78 19.13 25.85 23.18
CA THR B 78 20.39 25.64 23.91
C THR B 78 21.17 26.92 24.19
N THR B 79 21.86 26.90 25.33
CA THR B 79 22.71 28.01 25.78
C THR B 79 24.10 27.44 26.01
N LYS B 80 25.10 28.31 26.12
CA LYS B 80 26.48 27.88 26.33
C LYS B 80 26.65 26.97 27.54
N GLY B 81 25.66 26.90 28.42
CA GLY B 81 25.81 26.06 29.59
C GLY B 81 24.69 25.07 29.86
N ALA B 82 23.61 25.19 29.11
CA ALA B 82 22.48 24.29 29.27
C ALA B 82 21.87 23.95 27.92
N SER B 83 21.71 22.66 27.66
CA SER B 83 21.13 22.23 26.40
C SER B 83 19.62 22.47 26.40
N SER B 84 19.08 22.58 25.20
CA SER B 84 17.66 22.79 24.99
C SER B 84 16.96 21.78 25.89
N PHE B 85 17.42 20.53 25.79
CA PHE B 85 16.92 19.41 26.57
C PHE B 85 16.95 19.66 28.08
N ARG B 86 18.15 19.86 28.60
CA ARG B 86 18.32 20.08 30.03
C ARG B 86 17.56 21.29 30.57
N ILE B 87 17.40 22.32 29.74
CA ILE B 87 16.68 23.50 30.20
C ILE B 87 15.26 23.12 30.58
N THR B 88 14.56 22.48 29.65
CA THR B 88 13.18 22.08 29.89
C THR B 88 13.11 20.94 30.91
N ARG B 89 13.96 19.93 30.78
CA ARG B 89 13.90 18.85 31.75
C ARG B 89 14.28 19.33 33.14
N GLY B 90 15.31 20.16 33.21
CA GLY B 90 15.79 20.70 34.48
C GLY B 90 14.73 21.44 35.27
N ILE B 91 14.09 22.41 34.62
CA ILE B 91 13.05 23.20 35.25
C ILE B 91 11.85 22.36 35.68
N GLU B 92 11.37 21.51 34.77
CA GLU B 92 10.23 20.65 35.04
C GLU B 92 10.51 19.67 36.16
N ALA B 93 11.78 19.31 36.31
CA ALA B 93 12.20 18.36 37.35
C ALA B 93 11.83 18.84 38.74
N VAL B 94 11.80 20.15 38.93
CA VAL B 94 11.49 20.75 40.23
C VAL B 94 10.12 21.41 40.28
N GLY B 95 9.36 21.31 39.20
CA GLY B 95 8.04 21.93 39.19
C GLY B 95 8.18 23.42 38.97
N GLY B 96 9.22 23.78 38.23
CA GLY B 96 9.46 25.19 37.95
C GLY B 96 8.88 25.61 36.63
N SER B 97 8.96 26.90 36.32
CA SER B 97 8.44 27.42 35.07
C SER B 97 9.36 28.48 34.51
N LEU B 98 9.24 28.73 33.21
CA LEU B 98 10.06 29.73 32.55
C LEU B 98 9.16 30.41 31.54
N SER B 99 9.10 31.73 31.61
CA SER B 99 8.26 32.48 30.70
C SER B 99 8.97 33.75 30.27
N VAL B 100 8.51 34.33 29.18
CA VAL B 100 9.07 35.55 28.66
C VAL B 100 7.91 36.44 28.22
N TYR B 101 7.76 37.61 28.83
CA TYR B 101 6.69 38.51 28.41
C TYR B 101 7.41 39.71 27.81
N SER B 102 6.79 40.38 26.86
CA SER B 102 7.41 41.54 26.26
C SER B 102 6.46 42.50 25.56
N THR B 103 6.67 43.79 25.82
CA THR B 103 5.87 44.86 25.23
C THR B 103 6.70 45.44 24.09
N ARG B 104 6.19 46.48 23.42
CA ARG B 104 6.94 47.05 22.32
C ARG B 104 8.34 47.51 22.73
N GLU B 105 8.55 47.73 24.03
CA GLU B 105 9.83 48.20 24.53
C GLU B 105 10.28 47.63 25.87
N LYS B 106 9.85 46.41 26.19
CA LYS B 106 10.23 45.84 27.48
C LYS B 106 10.17 44.33 27.42
N MET B 107 11.27 43.67 27.76
CA MET B 107 11.29 42.20 27.76
C MET B 107 11.54 41.69 29.14
N THR B 108 10.70 40.77 29.61
CA THR B 108 10.87 40.25 30.96
C THR B 108 10.98 38.73 31.01
N TYR B 109 12.22 38.24 31.15
CA TYR B 109 12.44 36.81 31.28
C TYR B 109 12.24 36.57 32.77
N CYS B 110 11.77 35.39 33.17
CA CYS B 110 11.58 35.12 34.60
C CYS B 110 11.07 33.73 34.91
N VAL B 111 11.71 33.10 35.89
CA VAL B 111 11.34 31.77 36.33
C VAL B 111 10.51 31.88 37.61
N GLU B 112 10.01 30.75 38.09
CA GLU B 112 9.20 30.75 39.29
C GLU B 112 9.17 29.31 39.77
N CYS B 113 9.38 29.12 41.07
CA CYS B 113 9.40 27.76 41.62
C CYS B 113 9.32 27.79 43.14
N LEU B 114 9.13 26.62 43.74
CA LEU B 114 9.10 26.58 45.19
C LEU B 114 10.45 27.11 45.63
N ARG B 115 10.48 27.76 46.79
CA ARG B 115 11.71 28.33 47.35
C ARG B 115 12.93 27.43 47.21
N ASP B 116 12.86 26.26 47.84
CA ASP B 116 13.95 25.31 47.84
C ASP B 116 14.60 24.95 46.50
N HIS B 117 14.23 25.62 45.42
CA HIS B 117 14.81 25.25 44.14
C HIS B 117 15.39 26.40 43.33
N VAL B 118 15.26 27.61 43.85
CA VAL B 118 15.71 28.81 43.16
C VAL B 118 17.10 28.72 42.53
N ASP B 119 18.01 27.95 43.13
CA ASP B 119 19.35 27.81 42.57
C ASP B 119 19.20 27.13 41.23
N THR B 120 18.64 25.94 41.29
CA THR B 120 18.40 25.12 40.13
C THR B 120 17.89 25.94 38.93
N VAL B 121 16.71 26.53 39.10
CA VAL B 121 16.09 27.34 38.04
C VAL B 121 16.87 28.58 37.65
N MET B 122 17.74 29.05 38.53
CA MET B 122 18.51 30.26 38.26
C MET B 122 19.48 30.09 37.10
N GLU B 123 20.22 28.98 37.12
CA GLU B 123 21.19 28.67 36.08
C GLU B 123 20.56 28.80 34.71
N TYR B 124 19.37 28.22 34.60
CA TYR B 124 18.63 28.24 33.35
C TYR B 124 18.20 29.66 33.01
N LEU B 125 17.64 30.37 33.99
CA LEU B 125 17.21 31.74 33.72
C LEU B 125 18.42 32.54 33.26
N LEU B 126 19.53 32.37 33.97
CA LEU B 126 20.76 33.06 33.63
C LEU B 126 21.25 32.65 32.23
N ASN B 127 21.54 31.36 32.08
CA ASN B 127 22.02 30.82 30.82
C ASN B 127 21.21 31.31 29.65
N VAL B 128 19.89 31.36 29.83
CA VAL B 128 18.98 31.79 28.79
C VAL B 128 19.15 33.26 28.37
N THR B 129 19.22 34.16 29.34
CA THR B 129 19.34 35.60 29.06
C THR B 129 20.75 36.09 28.74
N THR B 130 21.76 35.29 29.06
CA THR B 130 23.13 35.71 28.83
C THR B 130 23.98 34.74 28.04
N ALA B 131 23.60 33.47 28.01
CA ALA B 131 24.39 32.46 27.30
C ALA B 131 23.72 31.81 26.08
N PRO B 132 22.86 32.53 25.36
CA PRO B 132 22.26 31.88 24.20
C PRO B 132 23.27 31.52 23.12
N GLU B 133 22.99 30.47 22.34
CA GLU B 133 23.87 30.05 21.26
C GLU B 133 23.23 30.25 19.91
N PHE B 134 21.90 30.21 19.87
CA PHE B 134 21.18 30.40 18.61
C PHE B 134 21.76 29.55 17.48
N ARG B 135 21.82 28.24 17.70
CA ARG B 135 22.36 27.33 16.69
C ARG B 135 21.47 27.38 15.48
N PRO B 136 22.05 27.63 14.29
CA PRO B 136 21.35 27.73 13.00
C PRO B 136 20.16 26.79 12.84
N TRP B 137 20.41 25.50 13.03
CA TRP B 137 19.35 24.50 12.90
C TRP B 137 18.28 24.74 13.95
N GLU B 138 18.64 24.71 15.23
CA GLU B 138 17.66 24.94 16.29
C GLU B 138 16.81 26.18 15.97
N VAL B 139 17.43 27.18 15.35
CA VAL B 139 16.73 28.41 14.99
C VAL B 139 15.77 28.21 13.82
N THR B 140 16.30 27.89 12.65
CA THR B 140 15.44 27.70 11.51
C THR B 140 14.34 26.69 11.84
N ASP B 141 14.64 25.72 12.70
CA ASP B 141 13.62 24.74 13.09
C ASP B 141 12.49 25.42 13.84
N LEU B 142 12.83 26.47 14.58
CA LEU B 142 11.89 27.21 15.40
C LEU B 142 11.00 28.23 14.68
N GLN B 143 11.58 28.97 13.75
CA GLN B 143 10.83 30.00 13.07
C GLN B 143 9.41 29.67 12.62
N PRO B 144 9.11 28.40 12.39
CA PRO B 144 7.72 28.17 11.97
C PRO B 144 6.75 28.43 13.11
N GLN B 145 7.26 28.46 14.34
CA GLN B 145 6.44 28.70 15.50
C GLN B 145 5.87 30.11 15.46
N LEU B 146 6.57 31.00 14.77
CA LEU B 146 6.12 32.38 14.63
C LEU B 146 4.77 32.27 13.97
N LYS B 147 4.75 31.50 12.88
CA LYS B 147 3.54 31.27 12.11
C LYS B 147 2.39 31.00 13.10
N VAL B 148 2.56 29.93 13.89
CA VAL B 148 1.60 29.50 14.89
C VAL B 148 1.34 30.52 16.00
N ASP B 149 2.38 30.81 16.77
CA ASP B 149 2.25 31.76 17.86
C ASP B 149 1.42 32.98 17.49
N LYS B 150 1.66 33.49 16.28
CA LYS B 150 0.94 34.65 15.80
C LYS B 150 -0.54 34.35 15.57
N ALA B 151 -0.81 33.24 14.88
CA ALA B 151 -2.18 32.83 14.58
C ALA B 151 -3.08 32.78 15.80
N VAL B 152 -2.58 32.24 16.92
CA VAL B 152 -3.38 32.16 18.13
C VAL B 152 -3.60 33.54 18.72
N ALA B 153 -2.51 34.29 18.91
CA ALA B 153 -2.64 35.62 19.47
C ALA B 153 -3.70 36.39 18.70
N PHE B 154 -3.56 36.39 17.38
CA PHE B 154 -4.50 37.08 16.50
C PHE B 154 -5.94 36.61 16.53
N GLN B 155 -6.23 35.62 17.35
CA GLN B 155 -7.60 35.12 17.45
C GLN B 155 -8.52 36.19 18.05
N SER B 156 -7.94 37.09 18.83
CA SER B 156 -8.70 38.16 19.46
C SER B 156 -8.50 39.45 18.70
N PRO B 157 -9.55 39.95 18.02
CA PRO B 157 -9.47 41.20 17.25
C PRO B 157 -8.77 42.28 18.05
N GLN B 158 -9.00 42.23 19.35
CA GLN B 158 -8.40 43.14 20.30
C GLN B 158 -6.96 43.43 19.85
N VAL B 159 -6.17 42.38 19.63
CA VAL B 159 -4.76 42.49 19.22
C VAL B 159 -4.49 42.97 17.79
N GLY B 160 -5.28 42.51 16.83
CA GLY B 160 -5.06 42.93 15.46
C GLY B 160 -5.06 44.43 15.28
N VAL B 161 -6.12 45.08 15.77
CA VAL B 161 -6.26 46.52 15.64
C VAL B 161 -5.16 47.28 16.34
N LEU B 162 -4.81 46.85 17.55
CA LEU B 162 -3.74 47.54 18.29
C LEU B 162 -2.41 47.54 17.51
N GLU B 163 -2.14 46.48 16.77
CA GLU B 163 -0.92 46.40 15.98
C GLU B 163 -1.00 47.53 14.97
N ASN B 164 -2.13 47.60 14.28
CA ASN B 164 -2.37 48.63 13.28
C ASN B 164 -2.40 50.02 13.89
N LEU B 165 -2.97 50.14 15.09
CA LEU B 165 -3.01 51.45 15.73
C LEU B 165 -1.60 51.97 15.74
N HIS B 166 -0.74 51.32 16.51
CA HIS B 166 0.67 51.70 16.61
C HIS B 166 1.30 52.02 15.25
N ALA B 167 0.89 51.28 14.22
CA ALA B 167 1.41 51.51 12.88
C ALA B 167 1.00 52.88 12.36
N ALA B 168 -0.21 53.29 12.74
CA ALA B 168 -0.77 54.58 12.34
C ALA B 168 -0.36 55.71 13.28
N ALA B 169 -0.40 55.41 14.58
CA ALA B 169 -0.03 56.39 15.58
C ALA B 169 1.42 56.84 15.42
N TYR B 170 2.30 55.96 14.98
CA TYR B 170 3.70 56.32 14.82
C TYR B 170 4.29 56.16 13.44
N LYS B 171 5.55 56.57 13.30
CA LYS B 171 6.30 56.51 12.05
C LYS B 171 7.49 55.58 12.22
N THR B 172 7.88 55.34 13.46
CA THR B 172 9.04 54.50 13.74
C THR B 172 8.99 53.88 15.13
N ALA B 173 10.03 53.12 15.45
CA ALA B 173 10.22 52.44 16.75
C ALA B 173 8.97 51.79 17.36
N LEU B 174 8.05 52.61 17.84
CA LEU B 174 6.81 52.12 18.43
C LEU B 174 5.83 51.74 17.31
N ALA B 175 6.16 52.09 16.08
CA ALA B 175 5.29 51.75 14.96
C ALA B 175 5.56 50.30 14.55
N ASN B 176 6.61 49.72 15.07
CA ASN B 176 6.95 48.34 14.77
C ASN B 176 5.94 47.40 15.41
N PRO B 177 5.52 46.33 14.71
CA PRO B 177 4.56 45.34 15.23
C PRO B 177 5.19 44.51 16.35
N LEU B 178 4.36 44.02 17.26
CA LEU B 178 4.85 43.22 18.39
C LEU B 178 5.06 41.77 17.97
N TYR B 179 4.38 41.38 16.88
CA TYR B 179 4.48 40.02 16.31
C TYR B 179 5.17 40.10 14.95
N CYS B 180 6.20 39.28 14.78
CA CYS B 180 6.97 39.27 13.53
C CYS B 180 6.09 39.33 12.30
N PRO B 181 6.36 40.30 11.41
CA PRO B 181 5.54 40.41 10.19
C PRO B 181 5.67 39.10 9.41
N ASP B 182 4.60 38.76 8.69
CA ASP B 182 4.57 37.52 7.93
C ASP B 182 5.73 37.30 6.97
N TYR B 183 5.95 38.24 6.08
CA TYR B 183 7.02 38.12 5.09
C TYR B 183 8.37 37.80 5.71
N ARG B 184 8.51 38.08 6.99
CA ARG B 184 9.78 37.80 7.63
C ARG B 184 9.84 36.55 8.45
N ILE B 185 8.71 35.84 8.53
CA ILE B 185 8.72 34.57 9.27
C ILE B 185 9.69 33.70 8.47
N GLY B 186 10.73 33.21 9.14
CA GLY B 186 11.70 32.36 8.46
C GLY B 186 12.91 33.04 7.83
N LYS B 187 12.97 34.37 7.87
CA LYS B 187 14.12 35.08 7.30
C LYS B 187 14.99 35.73 8.38
N ILE B 188 14.67 35.44 9.64
CA ILE B 188 15.41 35.97 10.78
C ILE B 188 16.62 35.06 11.01
N THR B 189 17.82 35.59 10.81
CA THR B 189 19.07 34.81 10.97
C THR B 189 19.59 34.72 12.41
N SER B 190 20.56 33.84 12.64
CA SER B 190 21.15 33.69 13.97
C SER B 190 21.91 34.95 14.33
N GLU B 191 22.55 35.55 13.33
CA GLU B 191 23.30 36.77 13.51
C GLU B 191 22.37 37.81 14.09
N GLN B 192 21.25 38.01 13.41
CA GLN B 192 20.28 38.98 13.86
C GLN B 192 19.88 38.75 15.32
N LEU B 193 19.77 37.49 15.73
CA LEU B 193 19.41 37.20 17.11
C LEU B 193 20.54 37.62 18.04
N HIS B 194 21.76 37.19 17.71
CA HIS B 194 22.92 37.55 18.51
C HIS B 194 23.08 39.06 18.64
N HIS B 195 23.26 39.70 17.51
CA HIS B 195 23.44 41.14 17.50
C HIS B 195 22.35 41.82 18.30
N PHE B 196 21.12 41.31 18.22
CA PHE B 196 20.05 41.92 18.98
C PHE B 196 20.37 41.82 20.47
N VAL B 197 20.74 40.63 20.93
CA VAL B 197 21.09 40.43 22.34
C VAL B 197 22.30 41.27 22.77
N GLN B 198 23.37 41.18 21.98
CA GLN B 198 24.59 41.92 22.27
C GLN B 198 24.32 43.43 22.36
N ASN B 199 23.55 43.95 21.41
CA ASN B 199 23.26 45.38 21.37
C ASN B 199 22.15 45.88 22.29
N ASN B 200 21.46 44.97 22.98
CA ASN B 200 20.37 45.42 23.85
C ASN B 200 20.35 44.79 25.24
N PHE B 201 20.77 43.54 25.35
CA PHE B 201 20.79 42.88 26.65
C PHE B 201 22.08 43.25 27.38
N THR B 202 22.24 44.55 27.61
CA THR B 202 23.43 45.10 28.27
C THR B 202 23.19 45.36 29.77
N SER B 203 24.18 45.05 30.59
CA SER B 203 24.09 45.22 32.04
C SER B 203 23.44 46.52 32.50
N ALA B 204 23.60 47.58 31.73
CA ALA B 204 23.03 48.88 32.11
C ALA B 204 21.56 49.03 31.72
N ARG B 205 21.07 48.09 30.90
CA ARG B 205 19.68 48.10 30.45
C ARG B 205 18.94 46.95 31.12
N MET B 206 19.64 46.23 31.99
CA MET B 206 19.07 45.09 32.68
C MET B 206 18.83 45.30 34.17
N ALA B 207 17.89 44.53 34.70
CA ALA B 207 17.54 44.58 36.11
C ALA B 207 17.17 43.19 36.59
N LEU B 208 17.88 42.70 37.60
CA LEU B 208 17.59 41.38 38.14
C LEU B 208 16.71 41.49 39.38
N VAL B 209 15.39 41.44 39.16
CA VAL B 209 14.41 41.55 40.24
C VAL B 209 14.06 40.17 40.80
N GLY B 210 13.53 40.13 42.03
CA GLY B 210 13.18 38.85 42.62
C GLY B 210 12.22 38.95 43.80
N ILE B 211 11.56 37.85 44.13
CA ILE B 211 10.61 37.82 45.24
C ILE B 211 10.73 36.50 46.00
N GLY B 212 10.47 36.54 47.31
CA GLY B 212 10.59 35.34 48.11
C GLY B 212 12.06 34.96 48.21
N VAL B 213 12.92 35.97 48.19
CA VAL B 213 14.37 35.78 48.27
C VAL B 213 15.04 36.90 49.06
N LYS B 214 16.26 36.64 49.54
CA LYS B 214 17.00 37.65 50.29
C LYS B 214 17.96 38.35 49.32
N HIS B 215 18.03 39.68 49.44
CA HIS B 215 18.87 40.52 48.58
C HIS B 215 20.31 40.05 48.49
N SER B 216 20.84 39.56 49.60
CA SER B 216 22.22 39.08 49.67
C SER B 216 22.48 37.94 48.67
N ASP B 217 21.48 37.08 48.51
CA ASP B 217 21.57 35.94 47.61
C ASP B 217 21.42 36.40 46.16
N LEU B 218 20.31 37.10 45.89
CA LEU B 218 20.04 37.58 44.53
C LEU B 218 21.19 38.43 44.02
N LYS B 219 21.81 39.20 44.92
CA LYS B 219 22.93 40.04 44.55
C LYS B 219 24.11 39.15 44.18
N GLN B 220 24.47 38.26 45.09
CA GLN B 220 25.59 37.36 44.86
C GLN B 220 25.60 36.84 43.44
N VAL B 221 24.50 36.23 43.03
CA VAL B 221 24.39 35.65 41.69
C VAL B 221 24.65 36.69 40.60
N ALA B 222 23.93 37.80 40.68
CA ALA B 222 24.08 38.87 39.70
C ALA B 222 25.54 39.18 39.38
N GLU B 223 26.34 39.39 40.42
CA GLU B 223 27.75 39.73 40.22
C GLU B 223 28.67 38.54 39.97
N GLN B 224 28.33 37.40 40.56
CA GLN B 224 29.14 36.21 40.38
C GLN B 224 28.85 35.40 39.13
N PHE B 225 27.79 35.75 38.40
CA PHE B 225 27.45 35.01 37.19
C PHE B 225 27.20 35.82 35.92
N LEU B 226 26.85 37.10 36.08
CA LEU B 226 26.61 37.94 34.92
C LEU B 226 27.92 38.51 34.34
N ASN B 227 28.00 38.62 33.01
CA ASN B 227 29.19 39.12 32.31
C ASN B 227 28.98 40.22 31.25
N ILE B 228 27.93 40.09 30.43
CA ILE B 228 27.62 41.07 29.35
C ILE B 228 28.00 42.52 29.68
N ARG B 229 28.41 43.28 28.68
CA ARG B 229 28.80 44.67 28.91
C ARG B 229 27.57 45.51 29.21
N SER B 230 27.79 46.79 29.48
CA SER B 230 26.70 47.71 29.78
C SER B 230 26.56 48.71 28.65
N GLY B 231 25.82 49.79 28.90
CA GLY B 231 25.64 50.80 27.88
C GLY B 231 24.54 50.39 26.94
N ALA B 232 23.58 51.28 26.73
CA ALA B 232 22.43 51.04 25.86
C ALA B 232 22.79 50.48 24.49
N GLY B 233 24.02 49.99 24.31
CA GLY B 233 24.40 49.44 23.03
C GLY B 233 23.75 50.33 21.97
N THR B 234 22.82 49.77 21.21
CA THR B 234 22.12 50.56 20.20
C THR B 234 20.90 51.19 20.86
N SER B 235 20.73 52.48 20.66
CA SER B 235 19.61 53.20 21.24
C SER B 235 18.51 53.25 20.18
N SER B 236 17.28 53.53 20.59
CA SER B 236 16.16 53.59 19.66
C SER B 236 15.91 54.97 19.09
N ALA B 237 15.66 55.03 17.78
CA ALA B 237 15.39 56.28 17.09
C ALA B 237 14.03 56.83 17.52
N LYS B 238 14.03 57.65 18.57
CA LYS B 238 12.83 58.26 19.12
C LYS B 238 11.59 58.19 18.22
N ALA B 239 10.48 57.79 18.81
CA ALA B 239 9.22 57.64 18.09
C ALA B 239 8.66 58.94 17.54
N THR B 240 8.53 59.01 16.22
CA THR B 240 7.97 60.18 15.59
C THR B 240 6.49 59.91 15.49
N TYR B 241 5.65 60.92 15.71
CA TYR B 241 4.20 60.72 15.63
C TYR B 241 3.71 60.94 14.20
N TRP B 242 2.79 60.09 13.76
CA TRP B 242 2.24 60.18 12.41
C TRP B 242 0.79 60.63 12.41
N GLY B 243 -0.07 59.88 13.09
CA GLY B 243 -1.47 60.22 13.13
C GLY B 243 -2.15 59.55 11.94
N GLY B 244 -1.83 58.27 11.76
CA GLY B 244 -2.36 57.49 10.67
C GLY B 244 -3.81 57.07 10.83
N GLU B 245 -4.28 56.27 9.87
CA GLU B 245 -5.64 55.78 9.84
C GLU B 245 -5.66 54.46 9.07
N ILE B 246 -5.62 53.33 9.78
CA ILE B 246 -5.65 52.02 9.14
C ILE B 246 -7.01 51.32 9.29
N ARG B 247 -7.61 50.94 8.16
CA ARG B 247 -8.92 50.28 8.16
C ARG B 247 -8.84 48.87 7.57
N GLU B 248 -9.32 47.89 8.32
CA GLU B 248 -9.28 46.50 7.87
C GLU B 248 -10.65 45.88 7.67
N GLN B 249 -11.14 45.93 6.44
CA GLN B 249 -12.44 45.39 6.09
C GLN B 249 -12.29 43.88 6.09
N ASN B 250 -13.14 43.17 6.84
CA ASN B 250 -13.02 41.73 6.86
C ASN B 250 -14.31 40.95 7.06
N GLY B 251 -15.44 41.64 7.05
CA GLY B 251 -16.71 40.95 7.20
C GLY B 251 -17.16 40.70 8.63
N HIS B 252 -16.25 40.18 9.48
CA HIS B 252 -16.52 39.92 10.90
C HIS B 252 -17.57 40.92 11.44
N SER B 253 -18.75 40.43 11.80
CA SER B 253 -19.86 41.28 12.30
C SER B 253 -19.49 42.38 13.29
N LEU B 254 -18.74 42.05 14.33
CA LEU B 254 -18.38 43.06 15.31
C LEU B 254 -17.26 43.97 14.81
N VAL B 255 -17.47 45.28 14.94
CA VAL B 255 -16.50 46.27 14.53
C VAL B 255 -15.66 46.78 15.69
N HIS B 256 -14.36 46.51 15.66
CA HIS B 256 -13.47 47.00 16.70
C HIS B 256 -12.85 48.28 16.19
N ALA B 257 -12.78 49.28 17.08
CA ALA B 257 -12.23 50.58 16.71
C ALA B 257 -11.46 51.19 17.88
N ALA B 258 -10.46 51.99 17.56
CA ALA B 258 -9.69 52.63 18.60
C ALA B 258 -9.19 53.97 18.08
N VAL B 259 -9.61 55.05 18.73
CA VAL B 259 -9.19 56.39 18.35
C VAL B 259 -8.32 56.96 19.46
N VAL B 260 -7.13 57.44 19.09
CA VAL B 260 -6.21 57.98 20.08
C VAL B 260 -5.47 59.21 19.60
N THR B 261 -4.70 59.78 20.52
CA THR B 261 -3.87 60.95 20.28
C THR B 261 -2.59 60.70 21.07
N GLU B 262 -1.56 61.49 20.82
CA GLU B 262 -0.32 61.31 21.56
C GLU B 262 -0.68 61.57 23.01
N GLY B 263 -0.05 60.84 23.92
CA GLY B 263 -0.36 61.00 25.33
C GLY B 263 0.78 61.45 26.19
N ALA B 264 1.00 60.75 27.30
CA ALA B 264 2.06 61.10 28.24
C ALA B 264 3.10 60.01 28.34
N ALA B 265 4.36 60.41 28.50
CA ALA B 265 5.42 59.43 28.61
C ALA B 265 5.48 58.85 30.02
N VAL B 266 6.46 57.99 30.25
CA VAL B 266 6.66 57.38 31.55
C VAL B 266 7.07 58.48 32.52
N GLY B 267 6.86 58.26 33.82
CA GLY B 267 7.23 59.25 34.81
C GLY B 267 6.36 60.49 34.77
N SER B 268 6.33 61.17 33.62
CA SER B 268 5.54 62.38 33.42
C SER B 268 4.34 62.49 34.34
N ALA B 269 4.28 63.56 35.12
CA ALA B 269 3.17 63.75 36.02
C ALA B 269 1.91 63.89 35.18
N GLU B 270 2.05 64.49 34.00
CA GLU B 270 0.93 64.67 33.08
C GLU B 270 0.22 63.34 32.83
N ALA B 271 0.99 62.26 32.88
CA ALA B 271 0.46 60.92 32.67
C ALA B 271 -0.58 60.58 33.73
N ASN B 272 -0.33 61.05 34.95
CA ASN B 272 -1.23 60.81 36.07
C ASN B 272 -2.61 61.41 35.84
N ALA B 273 -2.65 62.48 35.05
CA ALA B 273 -3.92 63.13 34.73
C ALA B 273 -4.74 62.15 33.91
N PHE B 274 -4.14 61.68 32.82
CA PHE B 274 -4.78 60.73 31.93
C PHE B 274 -5.30 59.48 32.64
N SER B 275 -4.51 58.96 33.58
CA SER B 275 -4.89 57.77 34.34
C SER B 275 -6.22 58.09 35.03
N VAL B 276 -6.29 59.29 35.58
CA VAL B 276 -7.50 59.75 36.27
C VAL B 276 -8.62 59.98 35.24
N LEU B 277 -8.31 60.70 34.16
CA LEU B 277 -9.31 60.96 33.12
C LEU B 277 -9.82 59.62 32.61
N GLN B 278 -8.92 58.65 32.56
CA GLN B 278 -9.23 57.31 32.12
C GLN B 278 -10.38 56.80 32.96
N HIS B 279 -10.11 56.54 34.24
CA HIS B 279 -11.12 56.04 35.16
C HIS B 279 -12.35 56.93 35.26
N VAL B 280 -12.21 58.19 34.86
CA VAL B 280 -13.34 59.10 34.90
C VAL B 280 -14.29 58.74 33.79
N LEU B 281 -13.73 58.56 32.59
CA LEU B 281 -14.51 58.21 31.41
C LEU B 281 -15.03 56.77 31.50
N GLY B 282 -14.28 55.94 32.24
CA GLY B 282 -14.63 54.55 32.44
C GLY B 282 -13.65 53.59 31.79
N ALA B 283 -13.03 52.71 32.58
CA ALA B 283 -12.07 51.75 32.02
C ALA B 283 -12.50 50.29 32.24
N GLY B 284 -13.63 49.90 31.65
CA GLY B 284 -14.13 48.53 31.75
C GLY B 284 -14.80 48.13 33.07
N PRO B 285 -16.13 47.81 33.03
CA PRO B 285 -16.96 47.41 34.17
C PRO B 285 -16.27 46.79 35.40
N LEU B 286 -16.88 47.01 36.57
CA LEU B 286 -16.36 46.52 37.85
C LEU B 286 -17.32 45.53 38.50
N ILE B 287 -18.52 45.42 37.94
CA ILE B 287 -19.55 44.52 38.44
C ILE B 287 -19.92 43.53 37.33
N LYS B 288 -19.86 42.24 37.63
CA LYS B 288 -20.17 41.20 36.65
C LYS B 288 -21.44 41.48 35.85
N ARG B 289 -21.26 41.64 34.54
CA ARG B 289 -22.37 41.95 33.64
C ARG B 289 -23.00 43.26 34.09
N GLY B 290 -22.17 44.11 34.69
CA GLY B 290 -22.63 45.39 35.20
C GLY B 290 -23.22 46.37 34.21
N SER B 291 -23.27 47.65 34.60
CA SER B 291 -23.80 48.70 33.75
C SER B 291 -22.79 49.83 33.67
N SER B 292 -21.92 49.90 34.66
CA SER B 292 -20.90 50.94 34.67
C SER B 292 -21.51 52.34 34.62
N VAL B 293 -22.12 52.78 35.72
CA VAL B 293 -22.72 54.11 35.80
C VAL B 293 -21.60 55.13 36.04
N THR B 294 -20.63 54.71 36.85
CA THR B 294 -19.45 55.51 37.19
C THR B 294 -18.57 55.69 35.96
N SER B 295 -19.06 55.19 34.83
CA SER B 295 -18.32 55.29 33.59
C SER B 295 -19.02 56.26 32.65
N LYS B 296 -18.45 57.47 32.54
CA LYS B 296 -18.99 58.52 31.68
C LYS B 296 -19.16 58.03 30.26
N LEU B 297 -18.06 57.53 29.70
CA LEU B 297 -18.03 57.02 28.33
C LEU B 297 -19.09 55.95 28.07
N TYR B 298 -18.97 54.83 28.77
CA TYR B 298 -19.92 53.74 28.62
C TYR B 298 -21.31 54.34 28.58
N GLN B 299 -21.71 54.89 29.73
CA GLN B 299 -23.01 55.51 29.90
C GLN B 299 -23.40 56.38 28.72
N GLY B 300 -22.45 57.18 28.23
CA GLY B 300 -22.75 58.04 27.11
C GLY B 300 -23.14 57.28 25.85
N VAL B 301 -22.36 56.25 25.51
CA VAL B 301 -22.63 55.45 24.32
C VAL B 301 -23.96 54.69 24.37
N ALA B 302 -24.33 54.25 25.57
CA ALA B 302 -25.57 53.51 25.76
C ALA B 302 -26.71 54.40 25.35
N LYS B 303 -26.72 55.61 25.89
CA LYS B 303 -27.76 56.59 25.60
C LYS B 303 -27.74 56.94 24.11
N ALA B 304 -26.89 56.27 23.35
CA ALA B 304 -26.77 56.56 21.93
C ALA B 304 -27.16 55.41 21.01
N THR B 305 -26.83 54.19 21.42
CA THR B 305 -27.15 53.03 20.59
C THR B 305 -28.24 52.16 21.22
N THR B 306 -28.70 51.17 20.46
CA THR B 306 -29.76 50.28 20.92
C THR B 306 -29.22 48.88 21.25
N GLN B 307 -28.37 48.36 20.36
CA GLN B 307 -27.80 47.04 20.51
C GLN B 307 -26.61 46.95 21.46
N PRO B 308 -26.16 45.72 21.76
CA PRO B 308 -25.03 45.46 22.65
C PRO B 308 -23.75 46.09 22.15
N PHE B 309 -22.86 46.42 23.07
CA PHE B 309 -21.60 47.04 22.70
C PHE B 309 -20.68 47.13 23.91
N ASP B 310 -19.50 47.70 23.67
CA ASP B 310 -18.51 47.91 24.70
C ASP B 310 -17.60 49.02 24.23
N ALA B 311 -17.32 49.96 25.13
CA ALA B 311 -16.47 51.11 24.83
C ALA B 311 -15.69 51.49 26.09
N SER B 312 -14.38 51.69 25.95
CA SER B 312 -13.55 52.04 27.11
C SER B 312 -12.51 53.11 26.86
N ALA B 313 -11.84 53.52 27.93
CA ALA B 313 -10.82 54.54 27.84
C ALA B 313 -9.47 53.86 27.65
N PHE B 314 -8.87 54.11 26.51
CA PHE B 314 -7.58 53.53 26.17
C PHE B 314 -6.42 54.39 26.64
N ASN B 315 -5.40 53.77 27.21
CA ASN B 315 -4.27 54.54 27.71
C ASN B 315 -2.97 53.77 27.92
N VAL B 316 -1.95 54.14 27.16
CA VAL B 316 -0.63 53.53 27.26
C VAL B 316 0.39 54.61 27.49
N ASN B 317 1.41 54.29 28.27
CA ASN B 317 2.45 55.26 28.54
C ASN B 317 3.79 54.60 28.24
N TYR B 318 4.42 55.05 27.15
CA TYR B 318 5.73 54.52 26.73
C TYR B 318 6.85 55.50 27.10
N SER B 319 8.09 55.04 27.01
CA SER B 319 9.24 55.86 27.35
C SER B 319 9.26 57.29 26.78
N ASP B 320 9.35 57.42 25.46
CA ASP B 320 9.41 58.74 24.85
C ASP B 320 8.12 59.20 24.17
N SER B 321 6.99 58.71 24.67
CA SER B 321 5.69 59.08 24.12
C SER B 321 4.57 58.23 24.72
N GLY B 322 3.36 58.46 24.24
CA GLY B 322 2.22 57.69 24.73
C GLY B 322 1.02 57.83 23.83
N LEU B 323 -0.01 57.04 24.10
CA LEU B 323 -1.24 57.06 23.33
C LEU B 323 -2.44 57.09 24.28
N PHE B 324 -3.48 57.82 23.89
CA PHE B 324 -4.67 57.91 24.72
C PHE B 324 -5.89 58.17 23.86
N GLY B 325 -6.97 57.51 24.23
CA GLY B 325 -8.22 57.65 23.50
C GLY B 325 -9.20 56.60 23.97
N PHE B 326 -10.06 56.15 23.07
CA PHE B 326 -11.07 55.16 23.42
C PHE B 326 -11.13 54.03 22.41
N TYR B 327 -11.45 52.83 22.90
CA TYR B 327 -11.58 51.63 22.08
C TYR B 327 -13.02 51.16 22.19
N THR B 328 -13.65 50.92 21.06
CA THR B 328 -15.02 50.44 21.07
C THR B 328 -15.21 49.14 20.30
N ILE B 329 -16.26 48.41 20.67
CA ILE B 329 -16.64 47.16 20.03
C ILE B 329 -18.14 47.26 19.92
N SER B 330 -18.69 47.10 18.74
CA SER B 330 -20.13 47.20 18.57
C SER B 330 -20.59 46.50 17.30
N GLN B 331 -21.89 46.48 17.09
CA GLN B 331 -22.39 45.87 15.90
C GLN B 331 -21.95 46.75 14.75
N ALA B 332 -21.80 46.15 13.60
CA ALA B 332 -21.35 46.86 12.42
C ALA B 332 -22.20 48.10 12.11
N ALA B 333 -23.50 47.92 12.07
CA ALA B 333 -24.41 49.00 11.75
C ALA B 333 -24.35 50.18 12.73
N HIS B 334 -24.25 49.87 14.02
CA HIS B 334 -24.21 50.91 15.03
C HIS B 334 -22.81 51.40 15.28
N ALA B 335 -21.91 51.14 14.33
CA ALA B 335 -20.52 51.56 14.46
C ALA B 335 -20.43 53.08 14.45
N GLY B 336 -21.16 53.70 13.53
CA GLY B 336 -21.15 55.15 13.42
C GLY B 336 -21.58 55.82 14.71
N GLU B 337 -22.75 55.45 15.23
CA GLU B 337 -23.22 56.06 16.46
C GLU B 337 -22.32 55.77 17.66
N VAL B 338 -22.00 54.50 17.91
CA VAL B 338 -21.14 54.17 19.04
C VAL B 338 -19.82 54.97 19.02
N ILE B 339 -19.18 55.04 17.85
CA ILE B 339 -17.92 55.77 17.74
C ILE B 339 -18.06 57.28 17.97
N ARG B 340 -19.00 57.92 17.28
CA ARG B 340 -19.20 59.36 17.44
C ARG B 340 -19.68 59.69 18.86
N ALA B 341 -20.63 58.92 19.37
CA ALA B 341 -21.13 59.15 20.73
C ALA B 341 -19.97 59.10 21.72
N ALA B 342 -18.90 58.41 21.34
CA ALA B 342 -17.73 58.28 22.20
C ALA B 342 -16.84 59.51 22.07
N MET B 343 -16.97 60.21 20.94
CA MET B 343 -16.19 61.44 20.71
C MET B 343 -16.77 62.57 21.54
N ASN B 344 -18.07 62.81 21.32
CA ASN B 344 -18.80 63.87 22.03
C ASN B 344 -18.66 63.64 23.52
N GLN B 345 -18.67 62.37 23.90
CA GLN B 345 -18.53 62.03 25.30
C GLN B 345 -17.17 62.47 25.80
N LEU B 346 -16.20 62.58 24.89
CA LEU B 346 -14.86 62.99 25.28
C LEU B 346 -14.69 64.49 25.23
N LYS B 347 -15.48 65.14 24.38
CA LYS B 347 -15.42 66.59 24.26
C LYS B 347 -16.16 67.22 25.44
N ALA B 348 -17.33 66.66 25.77
CA ALA B 348 -18.13 67.16 26.87
C ALA B 348 -17.29 67.20 28.15
N ALA B 349 -16.31 66.32 28.24
CA ALA B 349 -15.44 66.26 29.41
C ALA B 349 -14.35 67.31 29.26
N ALA B 350 -14.03 67.63 28.01
CA ALA B 350 -13.02 68.63 27.69
C ALA B 350 -13.62 70.01 27.91
N GLN B 351 -14.96 70.06 27.95
CA GLN B 351 -15.69 71.30 28.17
C GLN B 351 -16.34 71.28 29.55
N GLY B 352 -15.49 71.22 30.57
CA GLY B 352 -15.93 71.22 31.96
C GLY B 352 -16.88 70.12 32.40
N GLY B 353 -17.05 69.09 31.58
CA GLY B 353 -17.96 68.01 31.95
C GLY B 353 -17.41 67.08 33.01
N VAL B 354 -16.60 67.60 33.93
CA VAL B 354 -16.01 66.81 34.98
C VAL B 354 -16.36 67.38 36.36
N THR B 355 -16.91 66.54 37.23
CA THR B 355 -17.25 66.96 38.58
C THR B 355 -16.08 66.70 39.49
N GLU B 356 -15.98 67.49 40.56
CA GLU B 356 -14.90 67.34 41.51
C GLU B 356 -15.12 65.99 42.20
N GLU B 357 -16.36 65.51 42.14
CA GLU B 357 -16.73 64.24 42.74
C GLU B 357 -16.34 63.10 41.80
N ASP B 358 -16.40 63.37 40.50
CA ASP B 358 -16.02 62.38 39.51
C ASP B 358 -14.53 62.15 39.71
N VAL B 359 -13.79 63.25 39.77
CA VAL B 359 -12.35 63.22 39.95
C VAL B 359 -11.94 62.51 41.24
N THR B 360 -12.78 62.56 42.27
CA THR B 360 -12.44 61.89 43.51
C THR B 360 -12.69 60.39 43.42
N LYS B 361 -13.77 59.97 42.77
CA LYS B 361 -14.08 58.55 42.61
C LYS B 361 -12.97 57.88 41.81
N ALA B 362 -12.68 58.43 40.64
CA ALA B 362 -11.65 57.90 39.76
C ALA B 362 -10.36 57.72 40.54
N LYS B 363 -10.07 58.68 41.42
CA LYS B 363 -8.87 58.60 42.24
C LYS B 363 -8.87 57.39 43.15
N ASN B 364 -10.05 56.87 43.45
CA ASN B 364 -10.14 55.67 44.30
C ASN B 364 -9.97 54.47 43.40
N GLN B 365 -10.81 54.38 42.38
CA GLN B 365 -10.73 53.29 41.43
C GLN B 365 -9.27 53.10 41.08
N LEU B 366 -8.60 54.21 40.78
CA LEU B 366 -7.19 54.18 40.42
C LEU B 366 -6.37 53.59 41.56
N LYS B 367 -6.55 54.11 42.77
CA LYS B 367 -5.83 53.63 43.94
C LYS B 367 -6.16 52.15 44.18
N ALA B 368 -7.41 51.78 43.93
CA ALA B 368 -7.87 50.40 44.11
C ALA B 368 -7.15 49.52 43.10
N THR B 369 -7.46 49.72 41.82
CA THR B 369 -6.85 48.97 40.73
C THR B 369 -5.38 48.72 41.03
N TYR B 370 -4.60 49.80 41.07
CA TYR B 370 -3.17 49.69 41.36
C TYR B 370 -2.93 48.72 42.52
N LEU B 371 -3.45 49.07 43.69
CA LEU B 371 -3.27 48.25 44.89
C LEU B 371 -3.59 46.78 44.73
N MET B 372 -4.65 46.49 43.99
CA MET B 372 -5.06 45.11 43.77
C MET B 372 -4.05 44.43 42.85
N SER B 373 -3.78 45.07 41.71
CA SER B 373 -2.85 44.54 40.69
C SER B 373 -1.56 43.95 41.23
N VAL B 374 -1.23 44.25 42.48
CA VAL B 374 0.00 43.73 43.04
C VAL B 374 -0.19 42.60 44.04
N GLU B 375 -1.38 42.00 44.06
CA GLU B 375 -1.63 40.89 44.98
C GLU B 375 -1.00 39.62 44.44
N THR B 376 -1.09 39.42 43.12
CA THR B 376 -0.52 38.23 42.48
C THR B 376 1.00 38.33 42.38
N ALA B 377 1.67 37.23 42.63
CA ALA B 377 3.13 37.17 42.57
C ALA B 377 3.72 37.91 41.36
N GLN B 378 3.09 37.74 40.20
CA GLN B 378 3.59 38.39 38.99
C GLN B 378 3.33 39.88 39.03
N GLY B 379 2.12 40.26 39.47
CA GLY B 379 1.77 41.67 39.54
C GLY B 379 2.77 42.47 40.37
N LEU B 380 3.09 41.95 41.55
CA LEU B 380 4.04 42.59 42.43
C LEU B 380 5.42 42.63 41.79
N LEU B 381 5.90 41.49 41.31
CA LEU B 381 7.22 41.41 40.69
C LEU B 381 7.36 42.28 39.47
N ASN B 382 6.25 42.57 38.80
CA ASN B 382 6.31 43.42 37.64
C ASN B 382 6.32 44.85 38.11
N GLU B 383 5.52 45.15 39.12
CA GLU B 383 5.46 46.50 39.69
C GLU B 383 6.86 46.92 40.16
N ILE B 384 7.50 46.04 40.92
CA ILE B 384 8.85 46.27 41.44
C ILE B 384 9.85 46.50 40.31
N GLY B 385 10.22 45.42 39.63
CA GLY B 385 11.18 45.50 38.54
C GLY B 385 10.93 46.54 37.45
N SER B 386 9.68 46.90 37.20
CA SER B 386 9.41 47.88 36.16
C SER B 386 10.10 49.19 36.51
N GLU B 387 9.95 49.58 37.76
CA GLU B 387 10.55 50.80 38.26
C GLU B 387 12.04 50.56 38.42
N ALA B 388 12.38 49.52 39.17
CA ALA B 388 13.77 49.17 39.41
C ALA B 388 14.58 49.13 38.12
N LEU B 389 13.90 49.16 36.98
CA LEU B 389 14.59 49.13 35.71
C LEU B 389 14.62 50.50 35.08
N LEU B 390 13.52 51.23 35.21
CA LEU B 390 13.44 52.56 34.63
C LEU B 390 14.22 53.62 35.38
N SER B 391 14.26 53.49 36.71
CA SER B 391 14.97 54.46 37.55
C SER B 391 15.61 53.86 38.80
N GLY B 392 16.05 52.61 38.73
CA GLY B 392 16.67 51.94 39.86
C GLY B 392 16.21 52.36 41.24
N THR B 393 14.96 52.79 41.36
CA THR B 393 14.40 53.25 42.64
C THR B 393 13.21 52.39 43.03
N HIS B 394 12.39 52.91 43.94
CA HIS B 394 11.17 52.23 44.37
C HIS B 394 10.20 53.09 45.17
N THR B 395 9.26 53.73 44.48
CA THR B 395 8.26 54.54 45.15
C THR B 395 7.49 53.61 46.09
N ALA B 396 7.09 54.12 47.25
CA ALA B 396 6.33 53.32 48.19
C ALA B 396 4.87 53.56 47.84
N PRO B 397 4.03 52.52 47.94
CA PRO B 397 2.61 52.69 47.61
C PRO B 397 2.00 53.93 48.25
N SER B 398 2.74 54.52 49.18
CA SER B 398 2.32 55.72 49.89
C SER B 398 2.48 56.94 48.97
N VAL B 399 3.68 57.09 48.42
CA VAL B 399 4.02 58.19 47.52
C VAL B 399 3.14 58.14 46.27
N VAL B 400 3.04 56.96 45.66
CA VAL B 400 2.25 56.79 44.45
C VAL B 400 0.85 57.32 44.70
N ALA B 401 0.30 57.02 45.87
CA ALA B 401 -1.03 57.46 46.25
C ALA B 401 -1.13 58.99 46.20
N GLN B 402 -0.05 59.67 46.58
CA GLN B 402 -0.04 61.13 46.57
C GLN B 402 -0.16 61.62 45.13
N LYS B 403 0.79 61.18 44.30
CA LYS B 403 0.83 61.58 42.90
C LYS B 403 -0.53 61.48 42.23
N ILE B 404 -1.38 60.60 42.75
CA ILE B 404 -2.70 60.43 42.19
C ILE B 404 -3.61 61.60 42.57
N ASP B 405 -3.95 61.70 43.86
CA ASP B 405 -4.84 62.77 44.32
C ASP B 405 -4.31 64.18 44.11
N SER B 406 -3.08 64.31 43.63
CA SER B 406 -2.52 65.62 43.36
C SER B 406 -3.09 66.11 42.03
N VAL B 407 -3.81 65.22 41.37
CA VAL B 407 -4.45 65.54 40.10
C VAL B 407 -5.64 66.42 40.43
N THR B 408 -5.74 67.54 39.73
CA THR B 408 -6.84 68.46 39.97
C THR B 408 -7.95 68.32 38.96
N SER B 409 -9.09 68.89 39.27
CA SER B 409 -10.24 68.84 38.37
C SER B 409 -9.80 69.38 37.01
N ALA B 410 -8.98 70.43 37.04
CA ALA B 410 -8.48 71.07 35.83
C ALA B 410 -7.64 70.11 35.01
N ASP B 411 -6.53 69.67 35.59
CA ASP B 411 -5.61 68.73 34.93
C ASP B 411 -6.38 67.76 34.02
N VAL B 412 -7.43 67.18 34.58
CA VAL B 412 -8.28 66.23 33.88
C VAL B 412 -8.93 66.83 32.63
N VAL B 413 -9.70 67.90 32.79
CA VAL B 413 -10.34 68.53 31.63
C VAL B 413 -9.26 68.99 30.67
N ASN B 414 -8.05 69.21 31.19
CA ASN B 414 -6.93 69.63 30.35
C ASN B 414 -6.60 68.48 29.40
N ALA B 415 -6.27 67.33 29.97
CA ALA B 415 -5.97 66.14 29.20
C ALA B 415 -7.10 65.99 28.19
N ALA B 416 -8.33 66.11 28.68
CA ALA B 416 -9.52 66.01 27.85
C ALA B 416 -9.41 66.90 26.60
N LYS B 417 -8.89 68.11 26.78
CA LYS B 417 -8.75 69.02 25.66
C LYS B 417 -7.61 68.58 24.77
N LYS B 418 -6.47 68.29 25.38
CA LYS B 418 -5.28 67.88 24.63
C LYS B 418 -5.63 66.80 23.63
N PHE B 419 -6.75 66.11 23.89
CA PHE B 419 -7.21 65.05 23.01
C PHE B 419 -8.00 65.64 21.86
N VAL B 420 -9.02 66.42 22.19
CA VAL B 420 -9.86 67.01 21.15
C VAL B 420 -9.08 67.90 20.19
N SER B 421 -7.95 68.40 20.66
CA SER B 421 -7.11 69.29 19.86
C SER B 421 -6.07 68.51 19.04
N GLY B 422 -5.21 67.76 19.74
CA GLY B 422 -4.17 66.99 19.08
C GLY B 422 -4.60 66.16 17.88
N LYS B 423 -3.62 65.82 17.04
CA LYS B 423 -3.87 65.02 15.85
C LYS B 423 -4.09 63.59 16.32
N LYS B 424 -5.10 62.96 15.74
CA LYS B 424 -5.46 61.61 16.12
C LYS B 424 -5.02 60.53 15.15
N SER B 425 -5.08 59.29 15.64
CA SER B 425 -4.75 58.10 14.87
C SER B 425 -5.98 57.20 15.05
N MET B 426 -6.23 56.29 14.12
CA MET B 426 -7.38 55.43 14.25
C MET B 426 -7.16 54.07 13.59
N ALA B 427 -7.62 53.03 14.27
CA ALA B 427 -7.50 51.68 13.76
C ALA B 427 -8.85 50.99 13.89
N ALA B 428 -9.26 50.25 12.87
CA ALA B 428 -10.54 49.55 12.90
C ALA B 428 -10.48 48.24 12.13
N SER B 429 -11.50 47.39 12.31
CA SER B 429 -11.58 46.12 11.61
C SER B 429 -12.95 45.51 11.74
N GLY B 430 -13.40 44.89 10.67
CA GLY B 430 -14.71 44.27 10.63
C GLY B 430 -15.43 44.75 9.39
N ASP B 431 -16.74 44.56 9.33
CA ASP B 431 -17.48 45.04 8.18
C ASP B 431 -17.58 46.53 8.47
N LEU B 432 -16.55 47.28 8.07
CA LEU B 432 -16.49 48.71 8.33
C LEU B 432 -17.53 49.55 7.58
N GLY B 433 -18.52 48.89 7.01
CA GLY B 433 -19.56 49.58 6.27
C GLY B 433 -20.07 50.88 6.84
N SER B 434 -20.44 50.88 8.11
CA SER B 434 -20.98 52.08 8.74
C SER B 434 -19.98 52.72 9.69
N THR B 435 -18.70 52.47 9.44
CA THR B 435 -17.65 53.04 10.28
C THR B 435 -17.11 54.35 9.69
N PRO B 436 -17.00 55.40 10.52
CA PRO B 436 -16.49 56.69 10.06
C PRO B 436 -14.97 56.79 9.97
N PHE B 437 -14.50 57.67 9.08
CA PHE B 437 -13.08 57.93 8.89
C PHE B 437 -12.65 59.00 9.90
N LEU B 438 -11.37 59.01 10.26
CA LEU B 438 -10.85 59.97 11.23
C LEU B 438 -11.38 61.37 10.92
N ASP B 439 -11.36 61.76 9.66
CA ASP B 439 -11.85 63.08 9.28
C ASP B 439 -13.36 63.15 9.19
N GLU B 440 -14.03 62.70 10.24
CA GLU B 440 -15.48 62.73 10.27
C GLU B 440 -15.91 62.74 11.74
N LEU B 441 -14.91 62.71 12.62
CA LEU B 441 -15.13 62.71 14.06
C LEU B 441 -14.90 64.10 14.63
N MET C 1 7.08 9.74 12.29
CA MET C 1 7.07 8.33 12.78
C MET C 1 5.67 7.83 13.15
N ALA C 2 5.53 6.51 13.30
CA ALA C 2 4.26 5.90 13.65
C ALA C 2 4.27 5.40 15.09
N PRO C 3 3.36 5.93 15.93
CA PRO C 3 3.29 5.55 17.34
C PRO C 3 3.18 4.05 17.60
N ASN C 4 2.01 3.45 17.38
CA ASN C 4 1.85 2.03 17.61
C ASN C 4 2.53 1.20 16.53
N ILE C 5 2.93 -0.01 16.89
CA ILE C 5 3.60 -0.91 15.97
C ILE C 5 2.59 -1.78 15.21
N ARG C 6 1.30 -1.44 15.35
CA ARG C 6 0.21 -2.17 14.70
C ARG C 6 -0.07 -1.58 13.31
N LYS C 7 0.17 -0.27 13.17
CA LYS C 7 -0.06 0.46 11.92
C LYS C 7 1.22 0.76 11.11
N SER C 8 2.39 0.55 11.74
CA SER C 8 3.67 0.81 11.10
C SER C 8 4.40 -0.42 10.51
N HIS C 9 4.51 -1.48 11.32
CA HIS C 9 5.19 -2.74 10.93
C HIS C 9 4.75 -3.24 9.54
N PRO C 10 5.71 -3.46 8.61
CA PRO C 10 5.40 -3.93 7.24
C PRO C 10 4.44 -5.12 7.15
N LEU C 11 4.45 -5.99 8.16
CA LEU C 11 3.57 -7.17 8.16
C LEU C 11 2.29 -6.96 8.97
N LEU C 12 2.43 -6.53 10.22
CA LEU C 12 1.24 -6.29 11.04
C LEU C 12 0.37 -5.26 10.37
N LYS C 13 0.99 -4.23 9.81
CA LYS C 13 0.27 -3.18 9.12
C LYS C 13 -0.75 -3.82 8.19
N MET C 14 -0.51 -5.08 7.82
CA MET C 14 -1.39 -5.81 6.93
C MET C 14 -2.49 -6.56 7.66
N ILE C 15 -2.14 -7.28 8.73
CA ILE C 15 -3.14 -8.00 9.50
C ILE C 15 -4.10 -6.98 10.08
N ASN C 16 -3.56 -5.86 10.52
CA ASN C 16 -4.35 -4.79 11.09
C ASN C 16 -5.17 -4.09 10.01
N ASN C 17 -4.57 -3.99 8.82
CA ASN C 17 -5.20 -3.33 7.68
C ASN C 17 -6.34 -4.11 7.03
N SER C 18 -6.44 -5.41 7.34
CA SER C 18 -7.48 -6.26 6.75
C SER C 18 -8.30 -7.11 7.73
N LEU C 19 -7.89 -7.18 8.98
CA LEU C 19 -8.62 -7.96 9.95
C LEU C 19 -8.79 -7.28 11.29
N ILE C 20 -8.56 -5.99 11.37
CA ILE C 20 -8.71 -5.37 12.66
C ILE C 20 -9.25 -3.98 12.55
N ASP C 21 -8.62 -3.16 11.73
CA ASP C 21 -9.06 -1.78 11.56
C ASP C 21 -9.84 -1.63 10.26
N LEU C 22 -10.04 -2.75 9.59
CA LEU C 22 -10.77 -2.74 8.34
C LEU C 22 -12.18 -2.22 8.60
N PRO C 23 -12.58 -1.16 7.88
CA PRO C 23 -13.91 -0.58 8.04
C PRO C 23 -14.94 -1.53 7.44
N ALA C 24 -15.99 -1.81 8.19
CA ALA C 24 -17.03 -2.72 7.68
C ALA C 24 -18.40 -2.15 7.93
N PRO C 25 -19.33 -2.36 7.00
CA PRO C 25 -20.70 -1.85 7.18
C PRO C 25 -21.20 -2.31 8.54
N SER C 26 -22.00 -1.49 9.20
CA SER C 26 -22.49 -1.89 10.51
C SER C 26 -23.58 -2.92 10.41
N ASN C 27 -24.16 -3.04 9.22
CA ASN C 27 -25.29 -3.93 9.05
C ASN C 27 -25.17 -5.25 8.29
N ILE C 28 -23.97 -5.66 7.89
CA ILE C 28 -23.86 -6.93 7.16
C ILE C 28 -24.39 -8.08 8.00
N SER C 29 -25.18 -8.94 7.37
CA SER C 29 -25.82 -10.08 8.05
C SER C 29 -25.06 -11.36 8.00
N ALA C 30 -25.73 -12.42 8.44
CA ALA C 30 -25.13 -13.76 8.47
C ALA C 30 -24.67 -14.16 7.07
N TRP C 31 -25.36 -13.67 6.05
CA TRP C 31 -25.00 -13.98 4.67
C TRP C 31 -23.62 -13.44 4.27
N TRP C 32 -22.92 -12.85 5.23
CA TRP C 32 -21.61 -12.31 4.98
C TRP C 32 -20.58 -13.14 5.74
N ASN C 33 -21.03 -14.20 6.37
CA ASN C 33 -20.13 -15.05 7.14
C ASN C 33 -19.44 -16.12 6.32
N PHE C 34 -19.99 -16.41 5.15
CA PHE C 34 -19.42 -17.45 4.31
C PHE C 34 -18.04 -17.14 3.72
N GLY C 35 -17.77 -15.87 3.49
CA GLY C 35 -16.46 -15.51 2.99
C GLY C 35 -15.37 -16.14 3.89
N SER C 36 -15.45 -15.92 5.20
CA SER C 36 -14.47 -16.48 6.09
C SER C 36 -14.61 -18.00 6.23
N LEU C 37 -15.84 -18.49 6.25
CA LEU C 37 -16.00 -19.93 6.38
C LEU C 37 -15.28 -20.53 5.18
N LEU C 38 -15.53 -19.95 4.01
CA LEU C 38 -14.90 -20.41 2.77
C LEU C 38 -13.39 -20.46 2.99
N ALA C 39 -12.86 -19.38 3.53
CA ALA C 39 -11.45 -19.31 3.81
C ALA C 39 -11.09 -20.41 4.81
N VAL C 40 -11.87 -20.58 5.88
CA VAL C 40 -11.54 -21.63 6.84
C VAL C 40 -11.62 -23.00 6.17
N CYS C 41 -12.59 -23.21 5.29
CA CYS C 41 -12.66 -24.48 4.57
C CYS C 41 -11.35 -24.69 3.81
N LEU C 42 -10.93 -23.68 3.05
CA LEU C 42 -9.69 -23.79 2.30
C LEU C 42 -8.58 -24.22 3.21
N MET C 43 -8.42 -23.54 4.33
CA MET C 43 -7.36 -23.91 5.26
C MET C 43 -7.52 -25.35 5.77
N THR C 44 -8.70 -25.68 6.24
CA THR C 44 -8.95 -27.03 6.73
C THR C 44 -8.67 -28.12 5.69
N GLN C 45 -9.08 -27.87 4.45
CA GLN C 45 -8.86 -28.86 3.41
C GLN C 45 -7.36 -29.06 3.21
N ILE C 46 -6.65 -27.97 2.97
CA ILE C 46 -5.21 -28.02 2.77
C ILE C 46 -4.52 -28.81 3.92
N LEU C 47 -4.87 -28.46 5.13
CA LEU C 47 -4.29 -29.11 6.27
C LEU C 47 -4.58 -30.62 6.31
N THR C 48 -5.86 -30.99 6.37
CA THR C 48 -6.20 -32.40 6.41
C THR C 48 -5.64 -33.10 5.19
N GLY C 49 -5.62 -32.36 4.09
CA GLY C 49 -5.10 -32.88 2.83
C GLY C 49 -3.64 -33.25 2.96
N LEU C 50 -2.80 -32.32 3.42
CA LEU C 50 -1.39 -32.65 3.59
C LEU C 50 -1.29 -33.89 4.46
N LEU C 51 -2.01 -33.90 5.58
CA LEU C 51 -2.01 -35.06 6.46
C LEU C 51 -2.32 -36.37 5.70
N LEU C 52 -3.32 -36.33 4.81
CA LEU C 52 -3.65 -37.53 4.04
C LEU C 52 -2.56 -37.83 3.00
N ALA C 53 -2.10 -36.81 2.29
CA ALA C 53 -1.06 -37.00 1.27
C ALA C 53 0.18 -37.69 1.84
N MET C 54 0.35 -37.61 3.16
CA MET C 54 1.51 -38.25 3.80
C MET C 54 1.40 -39.76 3.83
N HIS C 55 0.20 -40.28 3.58
CA HIS C 55 0.02 -41.71 3.59
C HIS C 55 -0.56 -42.26 2.29
N TYR C 56 -0.67 -41.41 1.28
CA TYR C 56 -1.23 -41.85 0.02
C TYR C 56 -0.14 -42.40 -0.89
N THR C 57 -0.54 -43.08 -1.96
CA THR C 57 0.41 -43.64 -2.93
C THR C 57 -0.22 -43.59 -4.31
N ALA C 58 0.18 -42.63 -5.14
CA ALA C 58 -0.38 -42.47 -6.47
C ALA C 58 0.02 -43.58 -7.41
N ASP C 59 -0.72 -44.67 -7.35
CA ASP C 59 -0.47 -45.78 -8.24
C ASP C 59 -1.72 -46.62 -8.27
N THR C 60 -2.19 -46.91 -9.47
CA THR C 60 -3.41 -47.69 -9.64
C THR C 60 -3.43 -48.92 -8.75
N SER C 61 -2.31 -49.62 -8.70
CA SER C 61 -2.23 -50.83 -7.90
C SER C 61 -2.16 -50.60 -6.40
N LEU C 62 -1.98 -49.36 -5.96
CA LEU C 62 -1.86 -49.12 -4.54
C LEU C 62 -2.74 -48.03 -3.96
N ALA C 63 -3.20 -47.14 -4.83
CA ALA C 63 -4.02 -46.03 -4.38
C ALA C 63 -5.17 -46.44 -3.46
N PHE C 64 -6.08 -47.27 -3.96
CA PHE C 64 -7.24 -47.68 -3.17
C PHE C 64 -6.83 -48.22 -1.82
N SER C 65 -5.91 -49.16 -1.80
CA SER C 65 -5.47 -49.74 -0.54
C SER C 65 -4.70 -48.78 0.40
N SER C 66 -3.96 -47.83 -0.16
CA SER C 66 -3.23 -46.90 0.68
C SER C 66 -4.21 -46.08 1.50
N VAL C 67 -5.30 -45.69 0.85
CA VAL C 67 -6.33 -44.94 1.51
C VAL C 67 -6.93 -45.83 2.61
N ALA C 68 -7.18 -47.09 2.28
CA ALA C 68 -7.73 -48.02 3.26
C ALA C 68 -6.76 -48.12 4.44
N HIS C 69 -5.47 -48.26 4.14
CA HIS C 69 -4.47 -48.35 5.19
C HIS C 69 -4.50 -47.05 6.03
N THR C 70 -4.60 -45.90 5.36
CA THR C 70 -4.64 -44.65 6.09
C THR C 70 -5.72 -44.72 7.14
N CYS C 71 -6.89 -45.17 6.72
CA CYS C 71 -8.04 -45.25 7.60
C CYS C 71 -7.96 -46.33 8.64
N ARG C 72 -7.42 -47.47 8.25
CA ARG C 72 -7.31 -48.61 9.15
C ARG C 72 -6.05 -48.72 10.04
N ASN C 73 -4.93 -48.16 9.60
CA ASN C 73 -3.70 -48.27 10.38
C ASN C 73 -3.16 -46.95 10.96
N VAL C 74 -3.20 -45.89 10.18
CA VAL C 74 -2.73 -44.59 10.64
C VAL C 74 -3.65 -44.06 11.75
N GLN C 75 -3.06 -43.73 12.89
CA GLN C 75 -3.79 -43.16 14.03
C GLN C 75 -4.70 -41.99 13.59
N TYR C 76 -5.99 -42.09 13.82
CA TYR C 76 -6.90 -41.01 13.42
C TYR C 76 -6.96 -40.77 11.91
N GLY C 77 -6.34 -41.68 11.16
CA GLY C 77 -6.40 -41.58 9.72
C GLY C 77 -7.86 -41.58 9.26
N TRP C 78 -8.70 -42.37 9.92
CA TRP C 78 -10.10 -42.41 9.55
C TRP C 78 -10.76 -41.04 9.72
N LEU C 79 -10.45 -40.38 10.82
CA LEU C 79 -11.04 -39.08 11.13
C LEU C 79 -10.63 -38.04 10.10
N ILE C 80 -9.32 -37.99 9.83
CA ILE C 80 -8.74 -37.06 8.89
C ILE C 80 -9.36 -37.25 7.50
N ARG C 81 -9.43 -38.49 7.06
CA ARG C 81 -10.02 -38.78 5.78
C ARG C 81 -11.48 -38.27 5.79
N ASN C 82 -12.23 -38.55 6.85
CA ASN C 82 -13.62 -38.09 6.92
C ASN C 82 -13.71 -36.58 6.83
N LEU C 83 -12.91 -35.89 7.64
CA LEU C 83 -12.93 -34.45 7.62
C LEU C 83 -12.56 -33.93 6.23
N HIS C 84 -11.68 -34.62 5.55
CA HIS C 84 -11.29 -34.17 4.24
C HIS C 84 -12.41 -34.40 3.27
N ALA C 85 -13.06 -35.54 3.36
CA ALA C 85 -14.16 -35.87 2.46
C ALA C 85 -15.37 -34.95 2.67
N ASN C 86 -15.76 -34.80 3.93
CA ASN C 86 -16.90 -33.96 4.25
C ASN C 86 -16.56 -32.48 4.15
N GLY C 87 -15.29 -32.16 4.36
CA GLY C 87 -14.87 -30.77 4.25
C GLY C 87 -15.17 -30.31 2.82
N ALA C 88 -14.82 -31.16 1.85
CA ALA C 88 -15.07 -30.87 0.47
C ALA C 88 -16.51 -30.39 0.30
N SER C 89 -17.46 -31.15 0.88
CA SER C 89 -18.88 -30.81 0.80
C SER C 89 -19.20 -29.48 1.48
N PHE C 90 -18.80 -29.31 2.73
CA PHE C 90 -19.08 -28.05 3.37
C PHE C 90 -18.41 -26.92 2.64
N PHE C 91 -17.43 -27.24 1.82
CA PHE C 91 -16.72 -26.23 1.05
C PHE C 91 -17.72 -25.79 -0.01
N PHE C 92 -18.39 -26.75 -0.65
CA PHE C 92 -19.39 -26.40 -1.69
C PHE C 92 -20.64 -25.82 -1.06
N ILE C 93 -21.04 -26.34 0.10
CA ILE C 93 -22.23 -25.81 0.72
C ILE C 93 -21.96 -24.33 0.87
N CYS C 94 -20.90 -24.02 1.60
CA CYS C 94 -20.57 -22.63 1.82
C CYS C 94 -20.39 -21.81 0.53
N ILE C 95 -19.67 -22.34 -0.45
CA ILE C 95 -19.45 -21.55 -1.68
C ILE C 95 -20.76 -21.24 -2.36
N PHE C 96 -21.66 -22.22 -2.38
CA PHE C 96 -22.95 -22.00 -3.00
C PHE C 96 -23.72 -20.88 -2.31
N LEU C 97 -23.81 -20.89 -0.97
CA LEU C 97 -24.52 -19.82 -0.27
C LEU C 97 -23.79 -18.48 -0.51
N HIS C 98 -22.45 -18.50 -0.53
CA HIS C 98 -21.64 -17.29 -0.78
C HIS C 98 -22.15 -16.73 -2.11
N ILE C 99 -22.16 -17.56 -3.15
CA ILE C 99 -22.61 -17.11 -4.48
C ILE C 99 -24.03 -16.56 -4.39
N GLY C 100 -24.91 -17.27 -3.70
CA GLY C 100 -26.29 -16.82 -3.56
C GLY C 100 -26.33 -15.39 -3.07
N ARG C 101 -25.83 -15.18 -1.85
CA ARG C 101 -25.77 -13.87 -1.23
C ARG C 101 -25.36 -12.84 -2.26
N GLY C 102 -24.24 -13.10 -2.94
CA GLY C 102 -23.76 -12.17 -3.95
C GLY C 102 -24.82 -11.76 -4.96
N LEU C 103 -25.55 -12.75 -5.48
CA LEU C 103 -26.59 -12.50 -6.46
C LEU C 103 -27.74 -11.72 -5.87
N TYR C 104 -28.20 -12.12 -4.71
CA TYR C 104 -29.31 -11.43 -4.08
C TYR C 104 -29.01 -9.99 -3.73
N TYR C 105 -27.82 -9.71 -3.19
CA TYR C 105 -27.49 -8.37 -2.80
C TYR C 105 -26.66 -7.56 -3.78
N GLY C 106 -26.60 -8.01 -5.03
CA GLY C 106 -25.85 -7.27 -6.03
C GLY C 106 -24.39 -7.02 -5.75
N SER C 107 -23.71 -8.00 -5.18
CA SER C 107 -22.31 -7.86 -4.87
C SER C 107 -21.54 -7.94 -6.16
N TYR C 108 -22.13 -8.56 -7.17
CA TYR C 108 -21.49 -8.72 -8.46
C TYR C 108 -21.15 -7.39 -9.10
N LEU C 109 -21.71 -6.31 -8.56
CA LEU C 109 -21.40 -5.00 -9.08
C LEU C 109 -19.93 -4.66 -8.79
N TYR C 110 -19.30 -5.46 -7.95
CA TYR C 110 -17.89 -5.30 -7.65
C TYR C 110 -17.28 -6.29 -8.65
N LYS C 111 -17.23 -5.91 -9.92
CA LYS C 111 -16.74 -6.80 -10.97
C LYS C 111 -15.50 -7.66 -10.77
N GLU C 112 -14.37 -7.09 -10.36
CA GLU C 112 -13.15 -7.89 -10.18
C GLU C 112 -13.29 -8.92 -9.04
N THR C 113 -13.92 -8.51 -7.96
CA THR C 113 -14.13 -9.41 -6.85
C THR C 113 -15.01 -10.56 -7.33
N TRP C 114 -16.10 -10.24 -8.03
CA TRP C 114 -16.99 -11.28 -8.53
C TRP C 114 -16.25 -12.19 -9.52
N ASN C 115 -15.68 -11.61 -10.57
CA ASN C 115 -14.95 -12.40 -11.55
C ASN C 115 -13.92 -13.33 -10.93
N THR C 116 -13.11 -12.84 -10.00
CA THR C 116 -12.13 -13.75 -9.40
C THR C 116 -12.89 -14.80 -8.62
N GLY C 117 -14.07 -14.42 -8.12
CA GLY C 117 -14.89 -15.36 -7.39
C GLY C 117 -15.26 -16.51 -8.32
N VAL C 118 -15.64 -16.19 -9.55
CA VAL C 118 -16.01 -17.22 -10.52
C VAL C 118 -14.81 -18.12 -10.81
N ILE C 119 -13.61 -17.55 -10.82
CA ILE C 119 -12.41 -18.33 -11.07
C ILE C 119 -12.24 -19.28 -9.87
N LEU C 120 -12.53 -18.77 -8.68
CA LEU C 120 -12.43 -19.60 -7.50
C LEU C 120 -13.38 -20.79 -7.64
N LEU C 121 -14.67 -20.53 -7.88
CA LEU C 121 -15.64 -21.62 -8.05
C LEU C 121 -15.13 -22.62 -9.07
N LEU C 122 -14.76 -22.14 -10.24
CA LEU C 122 -14.23 -23.03 -11.28
C LEU C 122 -13.01 -23.83 -10.81
N THR C 123 -12.09 -23.18 -10.11
CA THR C 123 -10.91 -23.89 -9.66
C THR C 123 -11.32 -24.87 -8.60
N LEU C 124 -12.20 -24.45 -7.70
CA LEU C 124 -12.63 -25.36 -6.65
C LEU C 124 -13.17 -26.62 -7.31
N MET C 125 -13.99 -26.42 -8.33
CA MET C 125 -14.58 -27.52 -9.05
C MET C 125 -13.52 -28.47 -9.59
N ALA C 126 -12.59 -27.97 -10.39
CA ALA C 126 -11.55 -28.86 -10.93
C ALA C 126 -10.79 -29.56 -9.81
N THR C 127 -10.46 -28.80 -8.76
CA THR C 127 -9.73 -29.34 -7.63
C THR C 127 -10.45 -30.53 -7.02
N ALA C 128 -11.72 -30.31 -6.64
CA ALA C 128 -12.54 -31.35 -6.03
C ALA C 128 -12.70 -32.54 -6.94
N PHE C 129 -12.59 -32.33 -8.24
CA PHE C 129 -12.73 -33.42 -9.17
C PHE C 129 -11.50 -34.32 -9.10
N VAL C 130 -10.34 -33.79 -9.45
CA VAL C 130 -9.15 -34.63 -9.42
C VAL C 130 -8.97 -35.29 -8.05
N GLY C 131 -9.35 -34.57 -7.02
CA GLY C 131 -9.22 -35.10 -5.68
C GLY C 131 -10.00 -36.38 -5.50
N TYR C 132 -11.25 -36.35 -5.94
CA TYR C 132 -12.13 -37.50 -5.81
C TYR C 132 -11.61 -38.71 -6.59
N VAL C 133 -10.81 -38.49 -7.62
CA VAL C 133 -10.28 -39.58 -8.43
C VAL C 133 -9.15 -40.34 -7.72
N LEU C 134 -8.67 -39.78 -6.62
CA LEU C 134 -7.54 -40.38 -5.91
C LEU C 134 -7.79 -41.68 -5.14
N PRO C 135 -8.99 -41.89 -4.59
CA PRO C 135 -9.10 -43.17 -3.87
C PRO C 135 -9.16 -44.30 -4.87
N TRP C 136 -9.40 -43.92 -6.11
CA TRP C 136 -9.46 -44.87 -7.20
C TRP C 136 -10.49 -45.99 -7.04
N GLY C 137 -11.72 -45.59 -6.75
CA GLY C 137 -12.81 -46.55 -6.63
C GLY C 137 -13.55 -46.50 -7.96
N GLN C 138 -14.67 -47.21 -8.06
CA GLN C 138 -15.44 -47.23 -9.29
C GLN C 138 -15.85 -45.83 -9.75
N MET C 139 -16.37 -45.03 -8.81
CA MET C 139 -16.78 -43.67 -9.14
C MET C 139 -15.57 -42.85 -9.61
N SER C 140 -14.48 -42.89 -8.84
CA SER C 140 -13.25 -42.18 -9.18
C SER C 140 -12.89 -42.43 -10.65
N PHE C 141 -12.73 -43.71 -10.99
CA PHE C 141 -12.33 -44.07 -12.33
C PHE C 141 -13.25 -43.55 -13.39
N TRP C 142 -14.53 -43.87 -13.26
CA TRP C 142 -15.46 -43.46 -14.28
C TRP C 142 -15.72 -41.97 -14.28
N GLY C 143 -15.58 -41.33 -13.14
CA GLY C 143 -15.76 -39.90 -13.12
C GLY C 143 -14.63 -39.33 -13.96
N ALA C 144 -13.41 -39.75 -13.63
CA ALA C 144 -12.21 -39.33 -14.36
C ALA C 144 -12.44 -39.54 -15.85
N THR C 145 -12.85 -40.74 -16.23
CA THR C 145 -13.10 -41.05 -17.64
C THR C 145 -14.06 -40.06 -18.30
N VAL C 146 -15.17 -39.75 -17.65
CA VAL C 146 -16.19 -38.87 -18.20
C VAL C 146 -15.83 -37.40 -18.26
N ILE C 147 -15.39 -36.86 -17.14
CA ILE C 147 -15.07 -35.45 -17.08
C ILE C 147 -13.95 -35.07 -18.04
N THR C 148 -12.83 -35.79 -17.99
CA THR C 148 -11.74 -35.46 -18.91
C THR C 148 -12.26 -35.58 -20.33
N ASN C 149 -13.07 -36.61 -20.59
CA ASN C 149 -13.63 -36.81 -21.92
C ASN C 149 -14.46 -35.64 -22.41
N LEU C 150 -14.95 -34.84 -21.47
CA LEU C 150 -15.74 -33.68 -21.86
C LEU C 150 -14.99 -32.86 -22.89
N PHE C 151 -13.67 -32.80 -22.79
CA PHE C 151 -12.91 -31.97 -23.73
C PHE C 151 -12.87 -32.48 -25.14
N SER C 152 -13.15 -33.76 -25.32
CA SER C 152 -13.16 -34.34 -26.65
C SER C 152 -14.16 -33.57 -27.49
N ALA C 153 -15.08 -32.85 -26.86
CA ALA C 153 -16.09 -32.10 -27.59
C ALA C 153 -15.51 -30.90 -28.37
N ILE C 154 -14.32 -30.46 -28.00
CA ILE C 154 -13.67 -29.35 -28.68
C ILE C 154 -13.05 -29.95 -29.92
N PRO C 155 -13.32 -29.37 -31.09
CA PRO C 155 -12.77 -29.89 -32.35
C PRO C 155 -11.29 -29.64 -32.54
N TYR C 156 -10.63 -30.58 -33.23
CA TYR C 156 -9.19 -30.50 -33.48
C TYR C 156 -8.40 -30.84 -32.23
N ILE C 157 -8.15 -29.83 -31.39
CA ILE C 157 -7.41 -29.96 -30.14
C ILE C 157 -8.07 -30.84 -29.06
N GLY C 158 -9.30 -31.23 -29.30
CA GLY C 158 -10.06 -32.03 -28.34
C GLY C 158 -9.42 -33.31 -27.90
N HIS C 159 -9.36 -34.26 -28.83
CA HIS C 159 -8.79 -35.57 -28.56
C HIS C 159 -7.35 -35.49 -28.08
N THR C 160 -6.65 -34.48 -28.58
CA THR C 160 -5.27 -34.26 -28.22
C THR C 160 -5.13 -33.67 -26.81
N LEU C 161 -6.18 -33.02 -26.31
CA LEU C 161 -6.14 -32.45 -24.97
C LEU C 161 -6.43 -33.57 -24.00
N VAL C 162 -7.25 -34.52 -24.43
CA VAL C 162 -7.59 -35.66 -23.59
C VAL C 162 -6.32 -36.43 -23.34
N GLU C 163 -5.57 -36.72 -24.40
CA GLU C 163 -4.30 -37.43 -24.28
C GLU C 163 -3.51 -36.84 -23.10
N TRP C 164 -3.29 -35.53 -23.11
CA TRP C 164 -2.56 -34.91 -22.01
C TRP C 164 -3.23 -35.28 -20.71
N ALA C 165 -4.50 -34.94 -20.58
CA ALA C 165 -5.21 -35.24 -19.35
C ALA C 165 -4.91 -36.63 -18.80
N TRP C 166 -4.77 -37.62 -19.67
CA TRP C 166 -4.51 -38.99 -19.26
C TRP C 166 -3.07 -39.42 -19.33
N GLY C 167 -2.28 -38.72 -20.13
CA GLY C 167 -0.89 -39.10 -20.27
C GLY C 167 -0.86 -40.44 -20.98
N GLY C 168 -1.95 -40.72 -21.68
CA GLY C 168 -2.05 -41.97 -22.40
C GLY C 168 -3.24 -41.95 -23.34
N PHE C 169 -3.73 -43.15 -23.68
CA PHE C 169 -4.86 -43.29 -24.57
C PHE C 169 -6.03 -43.90 -23.86
N SER C 170 -6.00 -43.79 -22.54
CA SER C 170 -7.05 -44.29 -21.69
C SER C 170 -6.65 -43.91 -20.27
N VAL C 171 -7.63 -43.79 -19.40
CA VAL C 171 -7.34 -43.47 -18.01
C VAL C 171 -6.46 -44.59 -17.46
N ASP C 172 -5.35 -44.24 -16.83
CA ASP C 172 -4.46 -45.25 -16.26
C ASP C 172 -3.52 -44.59 -15.27
N ASN C 173 -2.50 -45.33 -14.81
CA ASN C 173 -1.58 -44.80 -13.81
C ASN C 173 -1.01 -43.44 -14.14
N PRO C 174 -0.55 -43.25 -15.38
CA PRO C 174 -0.01 -41.93 -15.72
C PRO C 174 -0.99 -40.80 -15.38
N THR C 175 -2.28 -41.10 -15.41
CA THR C 175 -3.33 -40.14 -15.11
C THR C 175 -3.41 -39.98 -13.60
N LEU C 176 -3.45 -41.11 -12.90
CA LEU C 176 -3.54 -41.04 -11.47
C LEU C 176 -2.44 -40.20 -10.89
N THR C 177 -1.19 -40.47 -11.26
CA THR C 177 -0.08 -39.70 -10.70
C THR C 177 -0.09 -38.23 -11.09
N ARG C 178 -0.55 -37.89 -12.30
CA ARG C 178 -0.54 -36.46 -12.62
C ARG C 178 -1.67 -35.81 -11.90
N PHE C 179 -2.74 -36.56 -11.67
CA PHE C 179 -3.90 -36.05 -10.94
C PHE C 179 -3.57 -35.78 -9.48
N PHE C 180 -2.82 -36.66 -8.85
CA PHE C 180 -2.45 -36.42 -7.48
C PHE C 180 -1.64 -35.13 -7.39
N ALA C 181 -0.76 -34.92 -8.37
CA ALA C 181 0.05 -33.72 -8.38
C ALA C 181 -0.84 -32.49 -8.50
N LEU C 182 -1.69 -32.53 -9.52
CA LEU C 182 -2.62 -31.46 -9.79
C LEU C 182 -3.48 -31.11 -8.58
N HIS C 183 -3.96 -32.14 -7.88
CA HIS C 183 -4.80 -31.96 -6.69
C HIS C 183 -3.99 -31.35 -5.57
N PHE C 184 -2.72 -31.72 -5.47
CA PHE C 184 -1.84 -31.21 -4.42
C PHE C 184 -1.61 -29.70 -4.68
N LEU C 185 -1.48 -29.35 -5.96
CA LEU C 185 -1.19 -27.99 -6.35
C LEU C 185 -2.31 -26.97 -6.27
N LEU C 186 -3.43 -27.25 -6.95
CA LEU C 186 -4.57 -26.32 -7.03
C LEU C 186 -5.02 -25.61 -5.75
N PRO C 187 -5.10 -26.34 -4.62
CA PRO C 187 -5.51 -25.73 -3.35
C PRO C 187 -4.75 -24.43 -3.11
N PHE C 188 -3.45 -24.47 -3.35
CA PHE C 188 -2.65 -23.29 -3.17
C PHE C 188 -3.00 -22.23 -4.25
N ALA C 189 -3.22 -22.64 -5.48
CA ALA C 189 -3.61 -21.63 -6.45
C ALA C 189 -4.93 -21.01 -5.95
N ILE C 190 -5.73 -21.81 -5.24
CA ILE C 190 -6.99 -21.27 -4.74
C ILE C 190 -6.66 -20.24 -3.68
N ALA C 191 -5.86 -20.64 -2.69
CA ALA C 191 -5.46 -19.72 -1.63
C ALA C 191 -4.84 -18.47 -2.25
N GLY C 192 -4.01 -18.64 -3.26
CA GLY C 192 -3.42 -17.47 -3.88
C GLY C 192 -4.46 -16.50 -4.41
N ILE C 193 -5.33 -17.00 -5.29
CA ILE C 193 -6.38 -16.18 -5.87
C ILE C 193 -7.33 -15.60 -4.79
N THR C 194 -7.50 -16.32 -3.68
CA THR C 194 -8.35 -15.79 -2.62
C THR C 194 -7.74 -14.46 -2.15
N ILE C 195 -6.41 -14.37 -2.14
CA ILE C 195 -5.75 -13.12 -1.75
C ILE C 195 -6.13 -12.01 -2.75
N ILE C 196 -6.07 -12.33 -4.04
CA ILE C 196 -6.45 -11.35 -5.06
C ILE C 196 -7.92 -10.95 -4.86
N HIS C 197 -8.77 -11.94 -4.53
CA HIS C 197 -10.20 -11.72 -4.29
C HIS C 197 -10.33 -10.65 -3.20
N LEU C 198 -9.90 -10.96 -2.00
CA LEU C 198 -9.98 -10.01 -0.90
C LEU C 198 -9.32 -8.65 -1.20
N THR C 199 -8.29 -8.66 -2.04
CA THR C 199 -7.60 -7.42 -2.38
C THR C 199 -8.48 -6.50 -3.20
N PHE C 200 -9.14 -7.04 -4.20
CA PHE C 200 -10.05 -6.24 -5.01
C PHE C 200 -11.20 -5.83 -4.09
N LEU C 201 -11.71 -6.78 -3.31
CA LEU C 201 -12.82 -6.46 -2.40
C LEU C 201 -12.50 -5.28 -1.52
N HIS C 202 -11.34 -5.31 -0.87
CA HIS C 202 -10.93 -4.23 0.01
C HIS C 202 -10.88 -2.86 -0.66
N GLU C 203 -10.75 -2.84 -1.98
CA GLU C 203 -10.69 -1.58 -2.72
C GLU C 203 -11.96 -0.80 -2.48
N SER C 204 -13.06 -1.55 -2.35
CA SER C 204 -14.42 -1.01 -2.15
C SER C 204 -15.00 -1.22 -0.78
N GLY C 205 -14.58 -2.29 -0.11
CA GLY C 205 -15.10 -2.60 1.19
C GLY C 205 -16.38 -3.41 1.00
N SER C 206 -16.82 -4.11 2.03
CA SER C 206 -18.03 -4.91 1.92
C SER C 206 -19.24 -4.08 1.50
N ASN C 207 -20.17 -4.74 0.84
CA ASN C 207 -21.42 -4.17 0.42
C ASN C 207 -22.33 -4.53 1.60
N ASN C 208 -23.60 -4.15 1.59
CA ASN C 208 -24.49 -4.49 2.71
C ASN C 208 -25.93 -4.69 2.28
N PRO C 209 -26.73 -5.38 3.11
CA PRO C 209 -28.14 -5.66 2.83
C PRO C 209 -28.96 -4.54 2.19
N LEU C 210 -28.86 -3.31 2.69
CA LEU C 210 -29.63 -2.22 2.13
C LEU C 210 -29.19 -1.76 0.76
N GLY C 211 -27.95 -2.10 0.40
CA GLY C 211 -27.44 -1.72 -0.92
C GLY C 211 -27.30 -0.24 -1.13
N ILE C 212 -26.99 0.46 -0.05
CA ILE C 212 -26.78 1.91 -0.09
C ILE C 212 -25.50 2.17 0.69
N SER C 213 -24.81 3.26 0.38
CA SER C 213 -23.55 3.56 1.04
C SER C 213 -23.59 3.43 2.55
N SER C 214 -22.56 2.81 3.12
CA SER C 214 -22.49 2.63 4.56
C SER C 214 -21.41 3.49 5.24
N ASP C 215 -20.85 4.43 4.47
CA ASP C 215 -19.80 5.32 4.97
C ASP C 215 -20.22 6.12 6.19
N SER C 216 -21.53 6.30 6.33
CA SER C 216 -22.10 7.04 7.45
C SER C 216 -22.16 6.16 8.70
N ASP C 217 -21.68 4.93 8.56
CA ASP C 217 -21.73 4.01 9.68
C ASP C 217 -20.85 2.76 9.49
N LYS C 218 -19.55 2.91 9.67
CA LYS C 218 -18.65 1.77 9.51
C LYS C 218 -18.14 1.34 10.89
N ILE C 219 -17.63 0.13 11.00
CA ILE C 219 -17.11 -0.31 12.28
C ILE C 219 -15.88 -1.16 12.09
N PRO C 220 -14.96 -1.10 13.05
CA PRO C 220 -13.74 -1.90 12.91
C PRO C 220 -14.11 -3.38 12.83
N PHE C 221 -13.49 -4.10 11.90
CA PHE C 221 -13.74 -5.52 11.74
C PHE C 221 -13.63 -6.18 13.10
N HIS C 222 -12.61 -5.80 13.85
CA HIS C 222 -12.43 -6.33 15.20
C HIS C 222 -12.95 -5.29 16.16
N PRO C 223 -13.74 -5.70 17.17
CA PRO C 223 -14.18 -7.07 17.47
C PRO C 223 -15.52 -7.45 16.86
N TYR C 224 -16.19 -6.52 16.19
CA TYR C 224 -17.49 -6.82 15.63
C TYR C 224 -17.61 -8.05 14.73
N TYR C 225 -16.83 -8.13 13.66
CA TYR C 225 -16.95 -9.27 12.80
C TYR C 225 -16.01 -10.41 13.10
N SER C 226 -14.94 -10.15 13.84
CA SER C 226 -14.06 -11.25 14.17
C SER C 226 -14.91 -12.13 15.10
N PHE C 227 -15.60 -11.49 16.04
CA PHE C 227 -16.48 -12.20 16.97
C PHE C 227 -17.66 -12.83 16.24
N LYS C 228 -18.26 -12.11 15.31
CA LYS C 228 -19.39 -12.64 14.59
C LYS C 228 -18.92 -13.85 13.81
N ASP C 229 -17.82 -13.70 13.09
CA ASP C 229 -17.28 -14.81 12.31
C ASP C 229 -16.99 -16.06 13.14
N ILE C 230 -16.32 -15.90 14.27
CA ILE C 230 -16.03 -17.06 15.13
C ILE C 230 -17.33 -17.77 15.46
N LEU C 231 -18.35 -17.00 15.81
CA LEU C 231 -19.65 -17.57 16.15
C LEU C 231 -20.17 -18.37 14.95
N GLY C 232 -20.08 -17.73 13.78
CA GLY C 232 -20.52 -18.37 12.56
C GLY C 232 -19.82 -19.69 12.35
N LEU C 233 -18.48 -19.68 12.45
CA LEU C 233 -17.68 -20.88 12.28
C LEU C 233 -18.22 -22.00 13.16
N THR C 234 -18.40 -21.73 14.45
CA THR C 234 -18.92 -22.74 15.39
C THR C 234 -20.30 -23.26 15.03
N LEU C 235 -21.10 -22.45 14.34
CA LEU C 235 -22.41 -22.92 13.93
C LEU C 235 -22.25 -23.88 12.75
N MET C 236 -21.42 -23.54 11.77
CA MET C 236 -21.20 -24.44 10.65
C MET C 236 -20.53 -25.73 11.15
N LEU C 237 -19.63 -25.58 12.11
CA LEU C 237 -18.89 -26.72 12.61
C LEU C 237 -19.74 -27.84 13.16
N THR C 238 -20.82 -27.52 13.84
CA THR C 238 -21.64 -28.58 14.40
C THR C 238 -22.15 -29.57 13.35
N PRO C 239 -22.98 -29.11 12.39
CA PRO C 239 -23.48 -30.05 11.38
C PRO C 239 -22.35 -30.80 10.68
N PHE C 240 -21.31 -30.07 10.29
CA PHE C 240 -20.15 -30.65 9.62
C PHE C 240 -19.55 -31.79 10.46
N LEU C 241 -19.39 -31.56 11.76
CA LEU C 241 -18.83 -32.61 12.60
C LEU C 241 -19.85 -33.69 12.92
N THR C 242 -21.10 -33.29 13.10
CA THR C 242 -22.16 -34.26 13.39
C THR C 242 -22.17 -35.25 12.25
N LEU C 243 -22.21 -34.72 11.04
CA LEU C 243 -22.19 -35.51 9.83
C LEU C 243 -20.91 -36.35 9.81
N ALA C 244 -19.77 -35.71 9.93
CA ALA C 244 -18.50 -36.41 9.90
C ALA C 244 -18.38 -37.52 10.92
N LEU C 245 -18.74 -37.23 12.17
CA LEU C 245 -18.61 -38.23 13.21
C LEU C 245 -19.74 -39.23 13.32
N PHE C 246 -20.96 -38.80 13.03
CA PHE C 246 -22.09 -39.71 13.14
C PHE C 246 -22.53 -40.41 11.84
N SER C 247 -22.64 -39.67 10.75
CA SER C 247 -23.05 -40.26 9.46
C SER C 247 -21.99 -39.93 8.43
N PRO C 248 -20.81 -40.56 8.55
CA PRO C 248 -19.65 -40.36 7.68
C PRO C 248 -19.84 -40.42 6.19
N ASN C 249 -20.53 -41.44 5.69
CA ASN C 249 -20.70 -41.55 4.26
C ASN C 249 -22.05 -41.06 3.77
N LEU C 250 -22.76 -40.32 4.62
CA LEU C 250 -24.07 -39.83 4.23
C LEU C 250 -24.05 -39.16 2.88
N LEU C 251 -23.18 -38.17 2.74
CA LEU C 251 -23.08 -37.42 1.49
C LEU C 251 -22.27 -38.12 0.39
N GLY C 252 -21.78 -39.31 0.69
CA GLY C 252 -20.99 -40.03 -0.28
C GLY C 252 -21.59 -41.27 -0.89
N ASP C 253 -21.16 -41.55 -2.11
CA ASP C 253 -21.65 -42.71 -2.85
C ASP C 253 -20.98 -43.98 -2.34
N PRO C 254 -21.75 -45.04 -2.12
CA PRO C 254 -21.19 -46.30 -1.63
C PRO C 254 -20.61 -47.09 -2.77
N GLU C 255 -20.89 -46.65 -3.97
CA GLU C 255 -20.40 -47.33 -5.14
C GLU C 255 -18.88 -47.20 -5.25
N ASN C 256 -18.33 -46.20 -4.56
CA ASN C 256 -16.90 -45.94 -4.60
C ASN C 256 -16.09 -46.72 -3.57
N PHE C 257 -16.66 -47.82 -3.09
CA PHE C 257 -15.95 -48.69 -2.14
C PHE C 257 -15.53 -49.93 -2.95
N THR C 258 -15.76 -49.85 -4.26
CA THR C 258 -15.42 -50.91 -5.17
C THR C 258 -14.30 -50.38 -6.04
N PRO C 259 -13.12 -50.98 -5.92
CA PRO C 259 -11.98 -50.54 -6.72
C PRO C 259 -12.29 -50.43 -8.21
N ALA C 260 -11.80 -49.36 -8.79
CA ALA C 260 -12.00 -49.11 -10.21
C ALA C 260 -11.83 -50.37 -11.05
N ASN C 261 -12.81 -50.63 -11.89
CA ASN C 261 -12.81 -51.76 -12.80
C ASN C 261 -12.94 -51.12 -14.18
N PRO C 262 -11.83 -51.01 -14.91
CA PRO C 262 -11.75 -50.42 -16.25
C PRO C 262 -12.69 -51.04 -17.25
N LEU C 263 -13.21 -52.21 -16.92
CA LEU C 263 -14.09 -52.91 -17.83
C LEU C 263 -15.55 -52.86 -17.48
N VAL C 264 -15.90 -52.21 -16.38
CA VAL C 264 -17.30 -52.22 -16.00
C VAL C 264 -17.77 -50.93 -15.39
N THR C 265 -18.70 -50.28 -16.05
CA THR C 265 -19.23 -49.05 -15.49
C THR C 265 -20.43 -49.46 -14.68
N PRO C 266 -20.49 -49.03 -13.42
CA PRO C 266 -21.63 -49.39 -12.57
C PRO C 266 -22.91 -48.97 -13.23
N PRO C 267 -23.94 -49.80 -13.09
CA PRO C 267 -25.23 -49.52 -13.69
C PRO C 267 -25.80 -48.23 -13.13
N HIS C 268 -25.52 -47.94 -11.87
CA HIS C 268 -26.04 -46.73 -11.25
C HIS C 268 -24.84 -45.89 -10.95
N ILE C 269 -24.61 -44.87 -11.76
CA ILE C 269 -23.45 -44.01 -11.58
C ILE C 269 -23.83 -42.56 -11.57
N LYS C 270 -23.76 -41.93 -10.40
CA LYS C 270 -24.11 -40.54 -10.32
C LYS C 270 -22.98 -39.67 -9.80
N PRO C 271 -22.93 -38.42 -10.28
CA PRO C 271 -21.90 -37.45 -9.88
C PRO C 271 -22.05 -37.01 -8.41
N GLU C 272 -20.96 -36.49 -7.83
CA GLU C 272 -21.00 -36.03 -6.45
C GLU C 272 -22.13 -34.98 -6.34
N TRP C 273 -22.89 -35.00 -5.25
CA TRP C 273 -24.03 -34.09 -5.13
C TRP C 273 -23.80 -32.67 -5.58
N TYR C 274 -22.64 -32.08 -5.25
CA TYR C 274 -22.35 -30.71 -5.67
C TYR C 274 -22.20 -30.52 -7.19
N PHE C 275 -22.23 -31.61 -7.95
CA PHE C 275 -22.11 -31.53 -9.40
C PHE C 275 -23.42 -31.87 -10.09
N LEU C 276 -24.34 -32.46 -9.34
CA LEU C 276 -25.64 -32.87 -9.87
C LEU C 276 -26.36 -31.86 -10.73
N PHE C 277 -26.50 -30.63 -10.25
CA PHE C 277 -27.23 -29.63 -11.04
C PHE C 277 -26.64 -29.47 -12.43
N ALA C 278 -25.32 -29.34 -12.54
CA ALA C 278 -24.70 -29.20 -13.84
C ALA C 278 -24.89 -30.48 -14.64
N TYR C 279 -24.59 -31.61 -14.01
CA TYR C 279 -24.76 -32.92 -14.63
C TYR C 279 -26.14 -33.00 -15.25
N ALA C 280 -27.15 -32.57 -14.51
CA ALA C 280 -28.53 -32.61 -15.01
C ALA C 280 -28.69 -31.77 -16.28
N ILE C 281 -28.17 -30.56 -16.25
CA ILE C 281 -28.28 -29.69 -17.42
C ILE C 281 -27.63 -30.32 -18.64
N LEU C 282 -26.49 -30.99 -18.45
CA LEU C 282 -25.80 -31.62 -19.58
C LEU C 282 -26.53 -32.85 -20.11
N ARG C 283 -27.20 -33.56 -19.21
CA ARG C 283 -27.95 -34.73 -19.57
C ARG C 283 -29.20 -34.34 -20.35
N SER C 284 -29.61 -33.08 -20.27
CA SER C 284 -30.81 -32.67 -21.01
C SER C 284 -30.61 -32.58 -22.51
N ILE C 285 -29.55 -31.92 -22.96
CA ILE C 285 -29.31 -31.84 -24.38
C ILE C 285 -28.88 -33.23 -24.85
N PRO C 286 -29.66 -33.85 -25.76
CA PRO C 286 -29.40 -35.18 -26.31
C PRO C 286 -28.41 -35.08 -27.47
N ASN C 287 -27.33 -34.36 -27.22
CA ASN C 287 -26.31 -34.15 -28.22
C ASN C 287 -25.01 -33.97 -27.46
N LYS C 288 -23.92 -34.50 -27.99
CA LYS C 288 -22.64 -34.38 -27.27
C LYS C 288 -22.20 -32.94 -27.05
N LEU C 289 -21.95 -32.21 -28.13
CA LEU C 289 -21.49 -30.82 -28.02
C LEU C 289 -22.45 -29.85 -27.32
N GLY C 290 -23.72 -29.90 -27.67
CA GLY C 290 -24.68 -29.02 -27.02
C GLY C 290 -24.61 -29.22 -25.52
N GLY C 291 -24.74 -30.47 -25.09
CA GLY C 291 -24.68 -30.80 -23.68
C GLY C 291 -23.43 -30.24 -23.02
N VAL C 292 -22.30 -30.35 -23.69
CA VAL C 292 -21.06 -29.84 -23.13
C VAL C 292 -21.15 -28.31 -23.05
N LEU C 293 -21.56 -27.68 -24.14
CA LEU C 293 -21.73 -26.24 -24.19
C LEU C 293 -22.67 -25.80 -23.08
N ALA C 294 -23.80 -26.50 -22.94
CA ALA C 294 -24.77 -26.18 -21.89
C ALA C 294 -24.06 -26.29 -20.52
N LEU C 295 -23.29 -27.36 -20.33
CA LEU C 295 -22.56 -27.53 -19.09
C LEU C 295 -21.68 -26.32 -18.87
N ALA C 296 -20.83 -26.04 -19.83
CA ALA C 296 -19.94 -24.90 -19.71
C ALA C 296 -20.74 -23.65 -19.35
N ALA C 297 -21.78 -23.39 -20.14
CA ALA C 297 -22.61 -22.21 -19.91
C ALA C 297 -23.22 -22.14 -18.52
N SER C 298 -23.70 -23.28 -18.03
CA SER C 298 -24.33 -23.32 -16.71
C SER C 298 -23.48 -22.72 -15.61
N VAL C 299 -22.17 -22.70 -15.79
CA VAL C 299 -21.29 -22.13 -14.77
C VAL C 299 -20.71 -20.80 -15.27
N LEU C 300 -20.18 -20.83 -16.49
CA LEU C 300 -19.63 -19.62 -17.08
C LEU C 300 -20.62 -18.46 -17.07
N ILE C 301 -21.92 -18.74 -17.19
CA ILE C 301 -22.91 -17.68 -17.20
C ILE C 301 -22.76 -16.70 -16.02
N LEU C 302 -22.11 -17.14 -14.95
CA LEU C 302 -21.91 -16.26 -13.80
C LEU C 302 -21.16 -14.99 -14.24
N PHE C 303 -20.32 -15.11 -15.25
CA PHE C 303 -19.60 -13.96 -15.73
C PHE C 303 -20.55 -12.89 -16.28
N LEU C 304 -21.71 -13.28 -16.78
CA LEU C 304 -22.64 -12.32 -17.34
C LEU C 304 -23.50 -11.55 -16.33
N ILE C 305 -23.82 -12.17 -15.21
CA ILE C 305 -24.66 -11.55 -14.19
C ILE C 305 -24.48 -10.03 -14.04
N PRO C 306 -23.23 -9.56 -13.94
CA PRO C 306 -22.92 -8.13 -13.79
C PRO C 306 -23.49 -7.26 -14.89
N PHE C 307 -23.49 -7.77 -16.12
CA PHE C 307 -24.00 -7.04 -17.27
C PHE C 307 -25.49 -7.22 -17.43
N LEU C 308 -26.12 -7.97 -16.53
CA LEU C 308 -27.54 -8.20 -16.61
C LEU C 308 -28.28 -7.43 -15.55
N HIS C 309 -27.55 -6.60 -14.81
CA HIS C 309 -28.15 -5.80 -13.75
C HIS C 309 -28.82 -4.58 -14.37
N LYS C 310 -30.15 -4.52 -14.29
CA LYS C 310 -30.90 -3.41 -14.85
C LYS C 310 -31.55 -2.60 -13.73
N SER C 311 -31.62 -3.20 -12.56
CA SER C 311 -32.24 -2.50 -11.47
C SER C 311 -31.54 -1.18 -11.17
N LYS C 312 -32.30 -0.20 -10.70
CA LYS C 312 -31.75 1.12 -10.34
C LYS C 312 -31.33 1.07 -8.89
N GLN C 313 -31.68 -0.04 -8.25
CA GLN C 313 -31.37 -0.31 -6.86
C GLN C 313 -30.37 -1.47 -6.89
N ARG C 314 -29.47 -1.53 -5.91
CA ARG C 314 -28.45 -2.57 -5.90
C ARG C 314 -28.83 -3.94 -5.37
N THR C 315 -29.69 -4.00 -4.36
CA THR C 315 -30.07 -5.29 -3.83
C THR C 315 -31.53 -5.54 -4.08
N MET C 316 -31.95 -6.75 -3.75
CA MET C 316 -33.32 -7.19 -3.90
C MET C 316 -34.13 -6.96 -2.61
N THR C 317 -33.52 -6.33 -1.62
CA THR C 317 -34.20 -6.08 -0.37
C THR C 317 -35.52 -5.35 -0.60
N PHE C 318 -35.52 -4.41 -1.53
CA PHE C 318 -36.70 -3.63 -1.81
C PHE C 318 -37.33 -3.93 -3.16
N ARG C 319 -37.06 -5.11 -3.70
CA ARG C 319 -37.61 -5.52 -4.98
C ARG C 319 -38.31 -6.85 -4.82
N PRO C 320 -39.59 -6.84 -4.40
CA PRO C 320 -40.40 -8.03 -4.18
C PRO C 320 -40.48 -8.95 -5.36
N LEU C 321 -40.58 -8.40 -6.56
CA LEU C 321 -40.65 -9.24 -7.74
C LEU C 321 -39.32 -9.95 -7.92
N SER C 322 -38.23 -9.20 -7.90
CA SER C 322 -36.92 -9.79 -8.02
C SER C 322 -36.70 -10.88 -6.96
N GLN C 323 -37.22 -10.66 -5.75
CA GLN C 323 -37.08 -11.63 -4.69
C GLN C 323 -37.74 -12.97 -5.04
N THR C 324 -38.92 -12.92 -5.65
CA THR C 324 -39.59 -14.16 -6.02
C THR C 324 -38.83 -14.87 -7.12
N LEU C 325 -38.46 -14.12 -8.14
CA LEU C 325 -37.72 -14.67 -9.23
C LEU C 325 -36.47 -15.36 -8.65
N PHE C 326 -35.85 -14.73 -7.65
CA PHE C 326 -34.66 -15.28 -7.03
C PHE C 326 -34.91 -16.65 -6.40
N TRP C 327 -35.89 -16.73 -5.50
CA TRP C 327 -36.19 -17.98 -4.82
C TRP C 327 -36.67 -19.04 -5.80
N LEU C 328 -37.18 -18.59 -6.92
CA LEU C 328 -37.66 -19.50 -7.93
C LEU C 328 -36.42 -20.19 -8.47
N LEU C 329 -35.42 -19.36 -8.79
CA LEU C 329 -34.15 -19.86 -9.31
C LEU C 329 -33.55 -20.84 -8.31
N VAL C 330 -33.58 -20.51 -7.02
CA VAL C 330 -33.01 -21.43 -6.05
C VAL C 330 -33.68 -22.79 -6.11
N ALA C 331 -35.01 -22.79 -6.11
CA ALA C 331 -35.78 -24.05 -6.19
C ALA C 331 -35.52 -24.72 -7.55
N ASN C 332 -35.33 -23.90 -8.58
CA ASN C 332 -35.03 -24.39 -9.93
C ASN C 332 -33.78 -25.30 -9.85
N LEU C 333 -32.76 -24.82 -9.13
CA LEU C 333 -31.51 -25.58 -8.96
C LEU C 333 -31.73 -26.80 -8.11
N LEU C 334 -32.52 -26.62 -7.06
CA LEU C 334 -32.87 -27.70 -6.15
C LEU C 334 -33.48 -28.81 -7.00
N ILE C 335 -34.30 -28.40 -7.96
CA ILE C 335 -34.94 -29.33 -8.87
C ILE C 335 -33.87 -29.99 -9.73
N LEU C 336 -33.05 -29.20 -10.39
CA LEU C 336 -32.01 -29.77 -11.24
C LEU C 336 -31.18 -30.78 -10.44
N THR C 337 -30.87 -30.47 -9.18
CA THR C 337 -30.10 -31.41 -8.36
C THR C 337 -30.86 -32.72 -8.19
N TRP C 338 -32.15 -32.61 -7.84
CA TRP C 338 -33.00 -33.78 -7.69
C TRP C 338 -32.92 -34.60 -8.97
N ILE C 339 -33.19 -33.94 -10.09
CA ILE C 339 -33.13 -34.62 -11.38
C ILE C 339 -31.82 -35.37 -11.60
N GLY C 340 -30.70 -34.70 -11.35
CA GLY C 340 -29.40 -35.32 -11.53
C GLY C 340 -29.25 -36.68 -10.88
N SER C 341 -29.92 -36.88 -9.73
CA SER C 341 -29.89 -38.14 -8.98
C SER C 341 -30.84 -39.22 -9.55
N GLN C 342 -31.70 -38.83 -10.48
CA GLN C 342 -32.60 -39.77 -11.08
C GLN C 342 -32.11 -40.28 -12.42
N PRO C 343 -32.55 -41.49 -12.82
CA PRO C 343 -32.20 -42.14 -14.08
C PRO C 343 -32.78 -41.42 -15.28
N VAL C 344 -32.12 -41.58 -16.43
CA VAL C 344 -32.58 -40.91 -17.64
C VAL C 344 -33.82 -41.66 -18.13
N GLU C 345 -34.96 -41.24 -17.59
CA GLU C 345 -36.25 -41.82 -17.93
C GLU C 345 -37.35 -40.81 -17.68
N HIS C 346 -38.53 -41.10 -18.22
CA HIS C 346 -39.69 -40.24 -18.03
C HIS C 346 -40.21 -40.42 -16.59
N PRO C 347 -40.76 -39.38 -15.96
CA PRO C 347 -40.96 -38.00 -16.43
C PRO C 347 -39.71 -37.15 -16.19
N PHE C 348 -38.75 -37.74 -15.50
CA PHE C 348 -37.52 -37.08 -15.16
C PHE C 348 -36.91 -36.32 -16.33
N ILE C 349 -36.68 -37.01 -17.44
CA ILE C 349 -36.08 -36.38 -18.59
C ILE C 349 -36.71 -35.05 -18.93
N ILE C 350 -38.00 -35.06 -19.26
CA ILE C 350 -38.68 -33.83 -19.61
C ILE C 350 -38.56 -32.77 -18.52
N ILE C 351 -38.86 -33.14 -17.27
CA ILE C 351 -38.76 -32.19 -16.15
C ILE C 351 -37.38 -31.53 -16.16
N GLY C 352 -36.34 -32.37 -16.27
CA GLY C 352 -34.97 -31.90 -16.32
C GLY C 352 -34.81 -30.85 -17.41
N GLN C 353 -35.20 -31.21 -18.62
CA GLN C 353 -35.11 -30.29 -19.76
C GLN C 353 -35.80 -28.98 -19.49
N MET C 354 -36.96 -29.05 -18.85
CA MET C 354 -37.67 -27.83 -18.51
C MET C 354 -36.79 -27.03 -17.55
N ALA C 355 -36.48 -27.62 -16.39
CA ALA C 355 -35.68 -26.95 -15.38
C ALA C 355 -34.47 -26.27 -16.01
N SER C 356 -33.79 -26.99 -16.89
CA SER C 356 -32.64 -26.46 -17.58
C SER C 356 -33.05 -25.24 -18.36
N LEU C 357 -34.00 -25.41 -19.27
CA LEU C 357 -34.47 -24.29 -20.05
C LEU C 357 -34.83 -23.16 -19.07
N SER C 358 -35.57 -23.53 -18.04
CA SER C 358 -35.99 -22.61 -17.00
C SER C 358 -34.81 -21.82 -16.44
N TYR C 359 -33.80 -22.54 -15.95
CA TYR C 359 -32.59 -21.95 -15.39
C TYR C 359 -32.01 -20.82 -16.22
N PHE C 360 -31.62 -21.11 -17.46
CA PHE C 360 -31.02 -20.08 -18.32
C PHE C 360 -31.94 -18.93 -18.63
N THR C 361 -33.23 -19.16 -18.51
CA THR C 361 -34.17 -18.10 -18.80
C THR C 361 -34.27 -17.12 -17.64
N ILE C 362 -34.38 -17.64 -16.42
CA ILE C 362 -34.48 -16.73 -15.30
C ILE C 362 -33.25 -15.83 -15.26
N LEU C 363 -32.08 -16.36 -15.60
CA LEU C 363 -30.83 -15.57 -15.58
C LEU C 363 -30.60 -14.63 -16.76
N LEU C 364 -30.92 -15.07 -17.98
CA LEU C 364 -30.71 -14.25 -19.16
C LEU C 364 -31.88 -13.34 -19.52
N ILE C 365 -33.11 -13.72 -19.19
CA ILE C 365 -34.25 -12.91 -19.58
C ILE C 365 -35.14 -12.34 -18.50
N LEU C 366 -35.62 -13.18 -17.60
CA LEU C 366 -36.52 -12.66 -16.60
C LEU C 366 -35.90 -11.60 -15.70
N PHE C 367 -34.76 -11.92 -15.08
CA PHE C 367 -34.12 -10.97 -14.19
C PHE C 367 -33.94 -9.58 -14.76
N PRO C 368 -33.23 -9.45 -15.89
CA PRO C 368 -33.09 -8.10 -16.42
C PRO C 368 -34.47 -7.50 -16.69
N THR C 369 -35.36 -8.29 -17.27
CA THR C 369 -36.67 -7.78 -17.56
C THR C 369 -37.39 -7.28 -16.31
N ILE C 370 -37.55 -8.13 -15.31
CA ILE C 370 -38.25 -7.69 -14.11
C ILE C 370 -37.60 -6.45 -13.50
N GLY C 371 -36.27 -6.35 -13.63
CA GLY C 371 -35.57 -5.20 -13.06
C GLY C 371 -36.01 -3.90 -13.70
N THR C 372 -36.09 -3.93 -15.02
CA THR C 372 -36.54 -2.80 -15.83
C THR C 372 -37.98 -2.46 -15.45
N LEU C 373 -38.83 -3.49 -15.43
CA LEU C 373 -40.23 -3.33 -15.07
C LEU C 373 -40.32 -2.63 -13.69
N GLU C 374 -39.58 -3.15 -12.73
CA GLU C 374 -39.56 -2.59 -11.37
C GLU C 374 -39.14 -1.12 -11.38
N ASN C 375 -38.19 -0.75 -12.24
CA ASN C 375 -37.75 0.63 -12.29
C ASN C 375 -38.91 1.51 -12.70
N LYS C 376 -39.69 1.03 -13.67
CA LYS C 376 -40.81 1.82 -14.13
C LYS C 376 -41.84 1.93 -13.03
N MET C 377 -42.00 0.86 -12.26
CA MET C 377 -42.96 0.94 -11.19
C MET C 377 -42.52 1.91 -10.11
N LEU C 378 -41.23 2.23 -10.07
CA LEU C 378 -40.75 3.20 -9.08
C LEU C 378 -40.90 4.60 -9.64
N ASN C 379 -41.33 4.67 -10.89
CA ASN C 379 -41.54 5.91 -11.63
C ASN C 379 -40.19 6.53 -12.04
N TYR C 380 -39.24 5.64 -12.33
CA TYR C 380 -37.86 5.95 -12.77
C TYR C 380 -37.71 5.54 -14.22
N GLY D 1 -38.85 -55.31 -14.90
CA GLY D 1 -37.48 -54.89 -15.34
C GLY D 1 -36.77 -53.99 -14.34
N GLU D 2 -37.29 -52.79 -14.16
CA GLU D 2 -36.74 -51.81 -13.22
C GLU D 2 -37.25 -52.11 -11.81
N LEU D 3 -37.79 -53.31 -11.61
CA LEU D 3 -38.32 -53.67 -10.30
C LEU D 3 -37.31 -54.30 -9.40
N GLU D 4 -37.30 -53.83 -8.16
CA GLU D 4 -36.39 -54.34 -7.13
C GLU D 4 -36.98 -54.17 -5.75
N LEU D 5 -36.72 -55.14 -4.90
CA LEU D 5 -37.24 -55.12 -3.54
C LEU D 5 -36.22 -54.56 -2.55
N HIS D 6 -36.48 -53.39 -1.99
CA HIS D 6 -35.53 -52.83 -1.03
C HIS D 6 -35.73 -53.48 0.33
N PRO D 7 -34.64 -53.71 1.06
CA PRO D 7 -34.78 -54.35 2.37
C PRO D 7 -35.35 -53.47 3.46
N PRO D 8 -35.91 -54.10 4.51
CA PRO D 8 -36.50 -53.37 5.65
C PRO D 8 -35.37 -52.86 6.57
N ALA D 9 -35.74 -52.23 7.68
CA ALA D 9 -34.76 -51.69 8.61
C ALA D 9 -34.74 -52.36 9.96
N PHE D 10 -33.80 -53.27 10.16
CA PHE D 10 -33.72 -53.97 11.43
C PHE D 10 -33.10 -53.05 12.45
N PRO D 11 -33.55 -53.16 13.71
CA PRO D 11 -33.07 -52.38 14.85
C PRO D 11 -31.75 -52.87 15.43
N TRP D 12 -30.68 -52.78 14.65
CA TRP D 12 -29.36 -53.22 15.09
C TRP D 12 -28.98 -52.51 16.38
N SER D 13 -28.40 -53.24 17.33
CA SER D 13 -28.04 -52.63 18.59
C SER D 13 -27.05 -51.49 18.43
N HIS D 14 -26.45 -51.36 17.25
CA HIS D 14 -25.48 -50.30 17.02
C HIS D 14 -25.99 -49.25 16.07
N GLY D 15 -27.28 -49.32 15.77
CA GLY D 15 -27.86 -48.34 14.86
C GLY D 15 -27.84 -46.91 15.37
N GLY D 16 -28.10 -46.73 16.65
CA GLY D 16 -28.13 -45.39 17.23
C GLY D 16 -26.83 -44.61 17.27
N PRO D 17 -26.89 -43.29 17.04
CA PRO D 17 -25.72 -42.41 17.04
C PRO D 17 -24.84 -42.54 18.27
N LEU D 18 -25.38 -43.05 19.37
CA LEU D 18 -24.57 -43.23 20.56
C LEU D 18 -24.42 -44.72 20.88
N SER D 19 -24.98 -45.55 20.01
CA SER D 19 -24.96 -47.01 20.15
C SER D 19 -23.75 -47.75 19.58
N ALA D 20 -22.94 -48.30 20.48
CA ALA D 20 -21.74 -49.05 20.13
C ALA D 20 -22.15 -50.37 19.52
N LEU D 21 -21.17 -51.09 18.98
CA LEU D 21 -21.45 -52.40 18.39
C LEU D 21 -21.56 -53.37 19.56
N ASP D 22 -22.27 -54.48 19.38
CA ASP D 22 -22.36 -55.50 20.45
C ASP D 22 -21.17 -56.43 20.18
N HIS D 23 -20.07 -56.22 20.90
CA HIS D 23 -18.89 -57.02 20.64
C HIS D 23 -19.06 -58.53 20.73
N SER D 24 -19.98 -58.98 21.57
CA SER D 24 -20.24 -60.40 21.70
C SER D 24 -20.72 -60.89 20.33
N SER D 25 -21.69 -60.17 19.76
CA SER D 25 -22.23 -60.52 18.46
C SER D 25 -21.18 -60.39 17.37
N VAL D 26 -20.25 -59.46 17.56
CA VAL D 26 -19.17 -59.27 16.58
C VAL D 26 -18.21 -60.44 16.64
N ARG D 27 -18.00 -60.95 17.85
CA ARG D 27 -17.13 -62.10 18.09
C ARG D 27 -17.75 -63.27 17.33
N ARG D 28 -19.03 -63.49 17.57
CA ARG D 28 -19.78 -64.55 16.92
C ARG D 28 -19.67 -64.44 15.41
N GLY D 29 -20.00 -63.26 14.88
CA GLY D 29 -19.95 -63.05 13.45
C GLY D 29 -18.63 -63.52 12.85
N PHE D 30 -17.55 -63.18 13.55
CA PHE D 30 -16.22 -63.58 13.11
C PHE D 30 -16.22 -65.06 12.79
N GLN D 31 -16.66 -65.86 13.75
CA GLN D 31 -16.72 -67.30 13.60
C GLN D 31 -17.42 -67.63 12.29
N VAL D 32 -18.61 -67.05 12.10
CA VAL D 32 -19.39 -67.30 10.91
C VAL D 32 -18.56 -67.00 9.68
N TYR D 33 -17.83 -65.89 9.71
CA TYR D 33 -17.00 -65.53 8.59
C TYR D 33 -15.87 -66.55 8.42
N LYS D 34 -15.16 -66.77 9.51
CA LYS D 34 -14.07 -67.72 9.50
C LYS D 34 -14.50 -69.11 9.07
N GLN D 35 -15.45 -69.71 9.79
CA GLN D 35 -15.89 -71.08 9.48
C GLN D 35 -16.85 -71.30 8.32
N VAL D 36 -17.39 -70.23 7.73
CA VAL D 36 -18.34 -70.39 6.63
C VAL D 36 -18.03 -69.56 5.39
N CYS D 37 -18.05 -68.25 5.55
CA CYS D 37 -17.83 -67.31 4.46
C CYS D 37 -16.43 -67.30 3.85
N SER D 38 -15.44 -67.37 4.71
CA SER D 38 -14.04 -67.32 4.29
C SER D 38 -13.67 -68.31 3.21
N ALA D 39 -14.48 -69.35 3.06
CA ALA D 39 -14.23 -70.37 2.06
C ALA D 39 -14.30 -69.78 0.66
N CYS D 40 -15.01 -68.67 0.48
CA CYS D 40 -15.14 -68.05 -0.83
C CYS D 40 -14.90 -66.56 -0.82
N HIS D 41 -15.02 -65.95 0.36
CA HIS D 41 -14.83 -64.53 0.44
C HIS D 41 -13.55 -64.16 1.16
N SER D 42 -12.80 -63.22 0.56
CA SER D 42 -11.56 -62.73 1.14
C SER D 42 -11.92 -61.51 1.95
N MET D 43 -11.16 -61.22 2.99
CA MET D 43 -11.42 -60.04 3.80
C MET D 43 -10.03 -59.42 3.92
N ASP D 44 -9.53 -58.96 2.78
CA ASP D 44 -8.18 -58.41 2.68
C ASP D 44 -7.69 -57.32 3.63
N TYR D 45 -8.55 -56.47 4.14
CA TYR D 45 -8.08 -55.42 4.99
C TYR D 45 -8.13 -55.65 6.48
N VAL D 46 -8.36 -56.89 6.90
CA VAL D 46 -8.42 -57.17 8.33
C VAL D 46 -7.40 -58.23 8.67
N ALA D 47 -6.76 -58.04 9.83
CA ALA D 47 -5.75 -58.97 10.29
C ALA D 47 -6.10 -59.43 11.68
N PHE D 48 -5.57 -60.60 12.03
CA PHE D 48 -5.84 -61.19 13.33
C PHE D 48 -5.56 -60.24 14.46
N ARG D 49 -4.60 -59.35 14.29
CA ARG D 49 -4.30 -58.41 15.37
C ARG D 49 -5.50 -57.50 15.60
N ASN D 50 -6.25 -57.20 14.54
CA ASN D 50 -7.41 -56.34 14.66
C ASN D 50 -8.46 -56.89 15.62
N LEU D 51 -8.47 -58.21 15.78
CA LEU D 51 -9.43 -58.85 16.68
C LEU D 51 -9.12 -58.55 18.12
N ILE D 52 -7.82 -58.59 18.43
CA ILE D 52 -7.32 -58.35 19.77
C ILE D 52 -7.90 -57.13 20.44
N GLY D 53 -8.45 -57.31 21.64
CA GLY D 53 -9.00 -56.20 22.39
C GLY D 53 -10.31 -55.67 21.88
N VAL D 54 -10.88 -56.37 20.90
CA VAL D 54 -12.16 -55.99 20.30
C VAL D 54 -13.11 -57.14 20.55
N THR D 55 -12.75 -58.28 19.96
CA THR D 55 -13.53 -59.50 20.08
C THR D 55 -12.77 -60.64 20.77
N HIS D 56 -11.45 -60.67 20.62
CA HIS D 56 -10.64 -61.73 21.21
C HIS D 56 -9.49 -61.24 22.07
N THR D 57 -8.96 -62.15 22.90
CA THR D 57 -7.81 -61.84 23.75
C THR D 57 -6.60 -62.03 22.85
N GLU D 58 -5.48 -61.42 23.22
CA GLU D 58 -4.29 -61.52 22.38
C GLU D 58 -3.95 -62.99 22.08
N ALA D 59 -4.03 -63.83 23.10
CA ALA D 59 -3.74 -65.25 22.93
C ALA D 59 -4.64 -65.86 21.86
N GLU D 60 -5.96 -65.70 22.06
CA GLU D 60 -6.94 -66.21 21.13
C GLU D 60 -6.62 -65.83 19.70
N ALA D 61 -6.24 -64.57 19.52
CA ALA D 61 -5.91 -64.05 18.19
C ALA D 61 -4.68 -64.74 17.62
N LYS D 62 -3.65 -64.86 18.45
CA LYS D 62 -2.42 -65.49 18.03
C LYS D 62 -2.78 -66.89 17.55
N ALA D 63 -3.57 -67.59 18.38
CA ALA D 63 -4.04 -68.94 18.07
C ALA D 63 -4.69 -68.98 16.69
N LEU D 64 -5.78 -68.24 16.54
CA LEU D 64 -6.50 -68.16 15.28
C LEU D 64 -5.53 -67.96 14.13
N ALA D 65 -4.54 -67.10 14.37
CA ALA D 65 -3.54 -66.79 13.37
C ALA D 65 -2.76 -68.00 12.90
N GLU D 66 -2.15 -68.70 13.85
CA GLU D 66 -1.33 -69.86 13.55
C GLU D 66 -2.06 -70.99 12.83
N GLU D 67 -3.39 -71.04 12.97
CA GLU D 67 -4.18 -72.07 12.30
C GLU D 67 -4.02 -72.00 10.79
N VAL D 68 -3.40 -70.93 10.30
CA VAL D 68 -3.23 -70.79 8.88
C VAL D 68 -1.78 -70.85 8.44
N GLU D 69 -1.55 -71.56 7.36
CA GLU D 69 -0.21 -71.68 6.79
C GLU D 69 -0.10 -70.46 5.89
N VAL D 70 1.03 -69.76 5.97
CA VAL D 70 1.22 -68.58 5.16
C VAL D 70 2.45 -68.79 4.29
N GLN D 71 2.43 -68.27 3.07
CA GLN D 71 3.58 -68.41 2.20
C GLN D 71 4.49 -67.23 2.39
N ASP D 72 5.76 -67.52 2.65
CA ASP D 72 6.75 -66.49 2.86
C ASP D 72 7.97 -66.76 1.98
N GLY D 73 9.03 -66.01 2.24
CA GLY D 73 10.24 -66.18 1.47
C GLY D 73 10.54 -64.94 0.64
N PRO D 74 11.52 -65.03 -0.28
CA PRO D 74 12.29 -66.25 -0.52
C PRO D 74 13.21 -66.55 0.66
N ASP D 75 13.78 -67.74 0.69
CA ASP D 75 14.68 -68.13 1.76
C ASP D 75 16.13 -67.95 1.33
N GLU D 76 17.01 -68.76 1.91
CA GLU D 76 18.42 -68.70 1.59
C GLU D 76 18.75 -69.15 0.16
N ASN D 77 17.87 -69.95 -0.45
CA ASN D 77 18.10 -70.39 -1.82
C ASN D 77 17.15 -69.67 -2.75
N GLY D 78 16.44 -68.70 -2.20
CA GLY D 78 15.49 -67.95 -3.00
C GLY D 78 14.24 -68.78 -3.21
N GLU D 79 13.90 -69.55 -2.19
CA GLU D 79 12.71 -70.41 -2.24
C GLU D 79 11.57 -69.86 -1.40
N LEU D 80 10.34 -70.07 -1.88
CA LEU D 80 9.19 -69.65 -1.12
C LEU D 80 8.96 -70.80 -0.17
N PHE D 81 8.09 -70.64 0.80
CA PHE D 81 7.86 -71.71 1.75
C PHE D 81 6.72 -71.36 2.66
N MET D 82 6.15 -72.35 3.33
CA MET D 82 5.05 -72.06 4.24
C MET D 82 5.55 -71.77 5.64
N ARG D 83 4.67 -71.23 6.46
CA ARG D 83 4.98 -70.89 7.83
C ARG D 83 3.67 -70.63 8.55
N PRO D 84 3.67 -70.75 9.88
CA PRO D 84 2.44 -70.52 10.65
C PRO D 84 2.03 -69.06 10.50
N GLY D 85 0.82 -68.73 10.94
CA GLY D 85 0.36 -67.36 10.85
C GLY D 85 0.81 -66.50 12.01
N LYS D 86 0.95 -65.20 11.77
CA LYS D 86 1.35 -64.26 12.82
C LYS D 86 0.15 -63.36 13.01
N ILE D 87 0.02 -62.71 14.16
CA ILE D 87 -1.13 -61.85 14.33
C ILE D 87 -1.06 -60.72 13.33
N SER D 88 0.11 -60.52 12.75
CA SER D 88 0.33 -59.46 11.80
C SER D 88 -0.21 -59.80 10.42
N ASP D 89 -0.50 -61.07 10.17
CA ASP D 89 -1.02 -61.46 8.85
C ASP D 89 -2.48 -61.07 8.68
N TYR D 90 -2.91 -60.93 7.44
CA TYR D 90 -4.31 -60.58 7.19
C TYR D 90 -5.12 -61.85 6.94
N PHE D 91 -6.44 -61.77 6.97
CA PHE D 91 -7.24 -62.96 6.76
C PHE D 91 -6.96 -63.50 5.35
N PRO D 92 -6.71 -64.81 5.26
CA PRO D 92 -6.39 -65.64 4.09
C PRO D 92 -7.31 -65.57 2.90
N LYS D 93 -6.76 -65.26 1.74
CA LYS D 93 -7.56 -65.18 0.53
C LYS D 93 -7.85 -66.62 0.13
N PRO D 94 -9.12 -66.94 -0.12
CA PRO D 94 -9.48 -68.31 -0.51
C PRO D 94 -8.98 -68.65 -1.92
N TYR D 95 -8.65 -67.62 -2.70
CA TYR D 95 -8.14 -67.87 -4.04
C TYR D 95 -7.03 -66.88 -4.29
N PRO D 96 -6.06 -67.27 -5.14
CA PRO D 96 -4.89 -66.49 -5.53
C PRO D 96 -5.18 -65.38 -6.54
N ASN D 97 -6.40 -65.32 -7.04
CA ASN D 97 -6.77 -64.28 -8.01
C ASN D 97 -8.21 -64.52 -8.44
N PRO D 98 -8.93 -63.45 -8.83
CA PRO D 98 -10.33 -63.56 -9.27
C PRO D 98 -10.60 -64.68 -10.28
N GLU D 99 -9.73 -64.79 -11.27
CA GLU D 99 -9.87 -65.82 -12.30
C GLU D 99 -10.09 -67.18 -11.65
N ALA D 100 -9.27 -67.47 -10.65
CA ALA D 100 -9.34 -68.74 -9.93
C ALA D 100 -10.64 -68.83 -9.13
N ALA D 101 -10.96 -67.75 -8.45
CA ALA D 101 -12.17 -67.70 -7.64
C ALA D 101 -13.38 -67.94 -8.56
N ARG D 102 -13.48 -67.14 -9.62
CA ARG D 102 -14.59 -67.30 -10.56
C ARG D 102 -14.63 -68.73 -11.02
N ALA D 103 -13.48 -69.25 -11.39
CA ALA D 103 -13.36 -70.64 -11.84
C ALA D 103 -14.05 -71.59 -10.86
N ALA D 104 -13.89 -71.34 -9.57
CA ALA D 104 -14.48 -72.18 -8.53
C ALA D 104 -15.88 -71.76 -8.08
N ASN D 105 -16.55 -70.91 -8.86
CA ASN D 105 -17.88 -70.43 -8.47
C ASN D 105 -18.81 -70.17 -9.65
N ASN D 106 -18.67 -70.97 -10.68
CA ASN D 106 -19.51 -70.85 -11.88
C ASN D 106 -19.21 -69.60 -12.67
N GLY D 107 -18.03 -69.06 -12.47
CA GLY D 107 -17.63 -67.86 -13.19
C GLY D 107 -18.07 -66.67 -12.40
N ALA D 108 -18.84 -66.95 -11.33
CA ALA D 108 -19.33 -65.91 -10.45
C ALA D 108 -18.16 -65.53 -9.58
N LEU D 109 -18.04 -64.24 -9.29
CA LEU D 109 -16.94 -63.80 -8.48
C LEU D 109 -17.36 -63.29 -7.11
N PRO D 110 -17.08 -64.06 -6.06
CA PRO D 110 -17.46 -63.60 -4.72
C PRO D 110 -16.65 -62.36 -4.38
N PRO D 111 -17.32 -61.27 -3.98
CA PRO D 111 -16.57 -60.06 -3.64
C PRO D 111 -15.92 -60.12 -2.26
N ASP D 112 -14.88 -59.31 -2.09
CA ASP D 112 -14.18 -59.26 -0.82
C ASP D 112 -15.11 -58.58 0.16
N LEU D 113 -15.27 -59.15 1.35
CA LEU D 113 -16.18 -58.58 2.32
C LEU D 113 -15.68 -57.45 3.23
N SER D 114 -14.39 -57.13 3.15
CA SER D 114 -13.81 -56.08 3.97
C SER D 114 -14.72 -54.85 4.11
N TYR D 115 -15.07 -54.23 2.99
CA TYR D 115 -15.92 -53.04 3.01
C TYR D 115 -17.34 -53.33 2.46
N ILE D 116 -17.84 -54.55 2.61
CA ILE D 116 -19.14 -54.88 2.02
C ILE D 116 -20.35 -54.07 2.44
N VAL D 117 -20.58 -53.88 3.74
CA VAL D 117 -21.77 -53.13 4.11
C VAL D 117 -21.79 -51.73 3.55
N ASN D 118 -20.60 -51.13 3.33
CA ASN D 118 -20.54 -49.77 2.78
C ASN D 118 -20.47 -49.77 1.25
N ALA D 119 -20.32 -50.94 0.63
CA ALA D 119 -20.24 -51.01 -0.82
C ALA D 119 -21.62 -51.32 -1.38
N ARG D 120 -22.60 -51.41 -0.49
CA ARG D 120 -23.96 -51.73 -0.91
C ARG D 120 -25.00 -50.90 -0.18
N HIS D 121 -25.94 -50.35 -0.93
CA HIS D 121 -26.99 -49.58 -0.30
C HIS D 121 -27.77 -50.51 0.60
N GLY D 122 -27.97 -50.11 1.84
CA GLY D 122 -28.70 -50.93 2.77
C GLY D 122 -27.78 -51.50 3.82
N GLY D 123 -26.51 -51.66 3.50
CA GLY D 123 -25.59 -52.21 4.47
C GLY D 123 -26.07 -53.52 5.09
N GLU D 124 -25.96 -53.62 6.40
CA GLU D 124 -26.37 -54.85 7.04
C GLU D 124 -27.85 -55.14 6.81
N ASP D 125 -28.66 -54.10 6.67
CA ASP D 125 -30.07 -54.35 6.41
C ASP D 125 -30.15 -55.11 5.09
N TYR D 126 -29.33 -54.73 4.11
CA TYR D 126 -29.38 -55.42 2.83
C TYR D 126 -28.73 -56.78 2.93
N VAL D 127 -27.52 -56.84 3.44
CA VAL D 127 -26.84 -58.12 3.55
C VAL D 127 -27.67 -59.14 4.32
N PHE D 128 -28.29 -58.69 5.41
CA PHE D 128 -29.10 -59.58 6.23
C PHE D 128 -30.28 -60.09 5.44
N SER D 129 -31.04 -59.17 4.86
CA SER D 129 -32.20 -59.52 4.07
C SER D 129 -31.86 -60.50 2.95
N LEU D 130 -30.67 -60.36 2.37
CA LEU D 130 -30.24 -61.25 1.29
C LEU D 130 -29.93 -62.64 1.81
N LEU D 131 -29.10 -62.73 2.84
CA LEU D 131 -28.73 -64.01 3.40
C LEU D 131 -29.94 -64.85 3.76
N THR D 132 -30.96 -64.20 4.31
CA THR D 132 -32.17 -64.93 4.72
C THR D 132 -33.29 -64.92 3.69
N GLY D 133 -33.26 -63.94 2.80
CA GLY D 133 -34.33 -63.84 1.81
C GLY D 133 -34.39 -64.79 0.63
N TYR D 134 -33.63 -65.89 0.69
CA TYR D 134 -33.68 -66.85 -0.42
C TYR D 134 -35.04 -67.51 -0.53
N CYS D 135 -35.48 -67.75 -1.77
CA CYS D 135 -36.79 -68.38 -1.98
C CYS D 135 -36.96 -68.73 -3.45
N ASP D 136 -38.06 -69.42 -3.75
CA ASP D 136 -38.36 -69.84 -5.13
C ASP D 136 -38.84 -68.69 -6.00
N PRO D 137 -38.47 -68.71 -7.28
CA PRO D 137 -38.87 -67.68 -8.22
C PRO D 137 -40.38 -67.63 -8.42
N PRO D 138 -40.92 -66.43 -8.62
CA PRO D 138 -42.37 -66.30 -8.82
C PRO D 138 -42.75 -66.77 -10.21
N ALA D 139 -44.05 -66.93 -10.43
CA ALA D 139 -44.56 -67.40 -11.71
C ALA D 139 -44.05 -66.57 -12.89
N GLY D 140 -43.53 -67.24 -13.92
CA GLY D 140 -43.05 -66.55 -15.09
C GLY D 140 -41.58 -66.24 -15.10
N VAL D 141 -40.92 -66.48 -13.96
CA VAL D 141 -39.50 -66.21 -13.79
C VAL D 141 -38.64 -67.47 -13.80
N VAL D 142 -37.75 -67.59 -14.78
CA VAL D 142 -36.89 -68.76 -14.83
C VAL D 142 -35.47 -68.40 -14.46
N VAL D 143 -34.95 -68.99 -13.40
CA VAL D 143 -33.61 -68.70 -12.95
C VAL D 143 -32.56 -69.55 -13.67
N ARG D 144 -31.74 -68.91 -14.49
CA ARG D 144 -30.69 -69.61 -15.25
C ARG D 144 -29.94 -70.64 -14.41
N GLU D 145 -29.62 -71.75 -15.03
CA GLU D 145 -28.93 -72.84 -14.35
C GLU D 145 -27.62 -72.39 -13.71
N GLY D 146 -27.52 -72.57 -12.40
CA GLY D 146 -26.31 -72.17 -11.72
C GLY D 146 -26.61 -71.05 -10.74
N LEU D 147 -27.51 -70.17 -11.15
CA LEU D 147 -27.91 -69.02 -10.34
C LEU D 147 -29.07 -69.43 -9.45
N HIS D 148 -29.17 -68.83 -8.26
CA HIS D 148 -30.27 -69.14 -7.35
C HIS D 148 -31.20 -67.95 -7.22
N TYR D 149 -32.45 -68.18 -6.86
CA TYR D 149 -33.35 -67.05 -6.72
C TYR D 149 -33.18 -66.37 -5.38
N ASN D 150 -33.24 -65.05 -5.42
CA ASN D 150 -33.16 -64.23 -4.22
C ASN D 150 -33.76 -62.91 -4.68
N PRO D 151 -34.95 -62.57 -4.17
CA PRO D 151 -35.63 -61.33 -4.54
C PRO D 151 -34.91 -60.03 -4.16
N TYR D 152 -34.07 -60.10 -3.13
CA TYR D 152 -33.36 -58.90 -2.68
C TYR D 152 -32.14 -58.56 -3.52
N PHE D 153 -31.58 -59.55 -4.19
CA PHE D 153 -30.42 -59.30 -5.03
C PHE D 153 -30.88 -58.71 -6.34
N PRO D 154 -30.26 -57.61 -6.78
CA PRO D 154 -30.63 -56.97 -8.04
C PRO D 154 -30.58 -57.94 -9.20
N GLY D 155 -31.74 -58.21 -9.77
CA GLY D 155 -31.84 -59.14 -10.89
C GLY D 155 -32.48 -60.42 -10.41
N GLN D 156 -32.49 -60.57 -9.09
CA GLN D 156 -33.07 -61.72 -8.41
C GLN D 156 -32.38 -63.08 -8.64
N ALA D 157 -31.44 -63.15 -9.58
CA ALA D 157 -30.70 -64.40 -9.82
C ALA D 157 -29.24 -64.21 -9.41
N ILE D 158 -28.93 -64.58 -8.18
CA ILE D 158 -27.58 -64.44 -7.66
C ILE D 158 -26.75 -65.68 -7.93
N GLY D 159 -25.44 -65.56 -7.83
CA GLY D 159 -24.62 -66.71 -8.08
C GLY D 159 -24.23 -67.44 -6.82
N MET D 160 -24.59 -66.90 -5.66
CA MET D 160 -24.25 -67.54 -4.39
C MET D 160 -25.40 -68.38 -3.80
N ALA D 161 -25.10 -69.64 -3.46
CA ALA D 161 -26.13 -70.49 -2.88
C ALA D 161 -26.26 -70.10 -1.44
N PRO D 162 -27.44 -70.32 -0.85
CA PRO D 162 -27.67 -69.98 0.55
C PRO D 162 -26.52 -70.50 1.40
N PRO D 163 -25.66 -69.60 1.85
CA PRO D 163 -24.50 -69.94 2.68
C PRO D 163 -24.83 -70.48 4.06
N ILE D 164 -25.94 -70.04 4.62
CA ILE D 164 -26.24 -70.50 5.94
C ILE D 164 -27.60 -71.15 6.16
N TYR D 165 -27.63 -72.05 7.14
CA TYR D 165 -28.81 -72.79 7.54
C TYR D 165 -28.65 -73.17 9.00
N ASN D 166 -29.73 -73.49 9.71
CA ASN D 166 -29.65 -73.86 11.12
C ASN D 166 -28.52 -74.82 11.45
N GLU D 167 -27.82 -74.53 12.54
CA GLU D 167 -26.71 -75.37 13.02
C GLU D 167 -25.62 -75.66 11.98
N ILE D 168 -25.34 -74.73 11.08
CA ILE D 168 -24.31 -74.97 10.09
C ILE D 168 -22.97 -74.90 10.82
N LEU D 169 -23.03 -74.45 12.07
CA LEU D 169 -21.85 -74.32 12.91
C LEU D 169 -22.32 -74.29 14.36
N GLU D 170 -21.38 -74.22 15.31
CA GLU D 170 -21.69 -74.20 16.74
C GLU D 170 -21.02 -73.05 17.47
N TYR D 171 -21.78 -72.03 17.82
CA TYR D 171 -21.23 -70.89 18.55
C TYR D 171 -20.69 -71.41 19.87
N ASP D 172 -19.39 -71.31 20.06
CA ASP D 172 -18.84 -71.81 21.31
C ASP D 172 -19.27 -71.03 22.54
N ASP D 173 -20.22 -70.14 22.38
CA ASP D 173 -20.68 -69.36 23.52
C ASP D 173 -22.04 -69.90 23.92
N GLY D 174 -22.50 -70.90 23.18
CA GLY D 174 -23.79 -71.51 23.46
C GLY D 174 -25.01 -70.83 22.88
N THR D 175 -24.80 -69.94 21.91
CA THR D 175 -25.92 -69.26 21.29
C THR D 175 -26.57 -70.19 20.29
N PRO D 176 -27.90 -70.30 20.33
CA PRO D 176 -28.62 -71.16 19.39
C PRO D 176 -28.34 -70.75 17.92
N ALA D 177 -27.60 -71.60 17.21
CA ALA D 177 -27.22 -71.36 15.83
C ALA D 177 -28.35 -71.39 14.80
N THR D 178 -29.40 -70.62 15.03
CA THR D 178 -30.49 -70.56 14.06
C THR D 178 -29.99 -69.72 12.85
N MET D 179 -30.44 -70.03 11.65
CA MET D 179 -29.98 -69.30 10.48
C MET D 179 -30.03 -67.78 10.59
N SER D 180 -31.15 -67.23 11.05
CA SER D 180 -31.22 -65.79 11.14
C SER D 180 -30.28 -65.30 12.23
N GLN D 181 -30.23 -66.00 13.36
CA GLN D 181 -29.30 -65.59 14.41
C GLN D 181 -27.91 -65.42 13.82
N ILE D 182 -27.50 -66.39 13.00
CA ILE D 182 -26.20 -66.37 12.34
C ILE D 182 -26.08 -65.13 11.46
N ALA D 183 -27.04 -64.94 10.56
CA ALA D 183 -27.04 -63.78 9.69
C ALA D 183 -26.86 -62.49 10.51
N LYS D 184 -27.62 -62.38 11.58
CA LYS D 184 -27.55 -61.20 12.45
C LYS D 184 -26.14 -61.01 13.02
N ASP D 185 -25.47 -62.09 13.40
CA ASP D 185 -24.13 -61.95 13.92
C ASP D 185 -23.11 -61.60 12.83
N VAL D 186 -23.12 -62.32 11.71
CA VAL D 186 -22.16 -62.05 10.66
C VAL D 186 -22.33 -60.64 10.09
N CYS D 187 -23.57 -60.18 10.02
CA CYS D 187 -23.79 -58.83 9.52
C CYS D 187 -23.18 -57.85 10.53
N THR D 188 -23.43 -58.06 11.82
CA THR D 188 -22.87 -57.21 12.85
C THR D 188 -21.34 -57.22 12.72
N PHE D 189 -20.79 -58.37 12.33
CA PHE D 189 -19.37 -58.50 12.13
C PHE D 189 -18.94 -57.67 10.89
N LEU D 190 -19.67 -57.83 9.78
CA LEU D 190 -19.33 -57.10 8.56
C LEU D 190 -19.36 -55.57 8.71
N ARG D 191 -20.02 -55.09 9.76
CA ARG D 191 -20.08 -53.66 10.01
C ARG D 191 -18.76 -53.29 10.67
N TRP D 192 -18.41 -54.01 11.74
CA TRP D 192 -17.15 -53.75 12.42
C TRP D 192 -16.00 -53.84 11.41
N ALA D 193 -16.01 -54.88 10.58
CA ALA D 193 -14.96 -55.08 9.59
C ALA D 193 -14.80 -53.87 8.69
N ALA D 194 -15.93 -53.32 8.27
CA ALA D 194 -15.90 -52.16 7.38
C ALA D 194 -15.47 -50.86 8.08
N GLU D 195 -15.60 -50.80 9.39
CA GLU D 195 -15.21 -49.60 10.12
C GLU D 195 -15.01 -49.79 11.62
N PRO D 196 -13.87 -50.34 11.99
CA PRO D 196 -13.55 -50.55 13.39
C PRO D 196 -13.71 -49.28 14.21
N GLU D 197 -13.28 -48.15 13.66
CA GLU D 197 -13.41 -46.90 14.40
C GLU D 197 -14.84 -46.71 14.85
N HIS D 198 -15.78 -47.42 14.22
CA HIS D 198 -17.20 -47.30 14.51
C HIS D 198 -17.54 -46.82 15.92
N ASP D 199 -17.08 -47.55 16.92
CA ASP D 199 -17.36 -47.22 18.31
C ASP D 199 -16.71 -45.92 18.78
N GLN D 200 -15.42 -45.77 18.55
CA GLN D 200 -14.73 -44.55 18.97
C GLN D 200 -15.29 -43.33 18.25
N ARG D 201 -15.59 -43.53 16.97
CA ARG D 201 -16.16 -42.50 16.11
C ARG D 201 -17.39 -41.91 16.79
N LYS D 202 -18.22 -42.78 17.35
CA LYS D 202 -19.43 -42.36 18.04
C LYS D 202 -19.14 -41.77 19.41
N ARG D 203 -18.20 -42.35 20.14
CA ARG D 203 -17.90 -41.81 21.46
C ARG D 203 -17.42 -40.37 21.28
N MET D 204 -16.67 -40.13 20.21
CA MET D 204 -16.20 -38.80 19.92
C MET D 204 -17.39 -37.90 19.61
N GLY D 205 -18.30 -38.40 18.78
CA GLY D 205 -19.48 -37.64 18.43
C GLY D 205 -20.15 -37.10 19.69
N LEU D 206 -20.23 -37.93 20.71
CA LEU D 206 -20.84 -37.55 21.98
C LEU D 206 -20.11 -36.39 22.60
N LYS D 207 -18.80 -36.53 22.74
CA LYS D 207 -18.02 -35.46 23.33
C LYS D 207 -18.16 -34.21 22.48
N MET D 208 -18.07 -34.37 21.16
CA MET D 208 -18.21 -33.26 20.23
C MET D 208 -19.51 -32.47 20.48
N LEU D 209 -20.66 -33.13 20.46
CA LEU D 209 -21.91 -32.44 20.70
C LEU D 209 -21.89 -31.64 21.98
N LEU D 210 -21.46 -32.25 23.08
CA LEU D 210 -21.43 -31.56 24.35
C LEU D 210 -20.61 -30.27 24.27
N ILE D 211 -19.33 -30.41 23.91
CA ILE D 211 -18.46 -29.24 23.77
C ILE D 211 -19.10 -28.23 22.81
N SER D 212 -19.51 -28.69 21.64
CA SER D 212 -20.15 -27.81 20.66
C SER D 212 -21.30 -26.99 21.27
N ALA D 213 -22.08 -27.59 22.15
CA ALA D 213 -23.20 -26.88 22.78
C ALA D 213 -22.64 -25.83 23.72
N LEU D 214 -21.88 -26.30 24.71
CA LEU D 214 -21.28 -25.39 25.68
C LEU D 214 -20.59 -24.24 24.95
N LEU D 215 -19.74 -24.58 23.97
CA LEU D 215 -19.01 -23.55 23.23
C LEU D 215 -19.84 -22.62 22.35
N THR D 216 -20.78 -23.16 21.59
CA THR D 216 -21.58 -22.28 20.73
C THR D 216 -22.32 -21.31 21.62
N SER D 217 -22.75 -21.77 22.78
CA SER D 217 -23.48 -20.92 23.71
C SER D 217 -22.59 -19.79 24.21
N LEU D 218 -21.49 -20.15 24.86
CA LEU D 218 -20.58 -19.16 25.40
C LEU D 218 -20.18 -18.14 24.31
N LEU D 219 -20.09 -18.59 23.06
CA LEU D 219 -19.72 -17.68 21.97
C LEU D 219 -20.92 -16.85 21.49
N TYR D 220 -22.13 -17.32 21.72
CA TYR D 220 -23.27 -16.52 21.32
C TYR D 220 -23.35 -15.38 22.32
N TYR D 221 -23.12 -15.69 23.59
CA TYR D 221 -23.15 -14.67 24.61
C TYR D 221 -22.08 -13.63 24.30
N MET D 222 -20.88 -14.11 24.01
CA MET D 222 -19.77 -13.21 23.71
C MET D 222 -20.06 -12.30 22.50
N LYS D 223 -20.60 -12.86 21.43
CA LYS D 223 -20.88 -12.06 20.26
C LYS D 223 -21.87 -10.97 20.62
N ARG D 224 -22.91 -11.36 21.36
CA ARG D 224 -23.96 -10.44 21.77
C ARG D 224 -23.41 -9.32 22.61
N HIS D 225 -22.67 -9.69 23.66
CA HIS D 225 -22.03 -8.74 24.58
C HIS D 225 -21.42 -7.56 23.83
N LYS D 226 -20.38 -7.86 23.06
CA LYS D 226 -19.72 -6.83 22.29
C LYS D 226 -20.72 -6.04 21.42
N TRP D 227 -21.59 -6.75 20.72
CA TRP D 227 -22.56 -6.09 19.86
C TRP D 227 -23.64 -5.22 20.52
N SER D 228 -23.92 -5.45 21.81
CA SER D 228 -24.92 -4.64 22.51
C SER D 228 -24.65 -3.12 22.31
N VAL D 229 -23.38 -2.75 22.34
CA VAL D 229 -22.99 -1.37 22.15
C VAL D 229 -23.77 -0.81 20.94
N LEU D 230 -23.89 -1.62 19.90
CA LEU D 230 -24.58 -1.24 18.67
C LEU D 230 -26.06 -1.50 18.65
N LYS D 231 -26.47 -2.61 19.25
CA LYS D 231 -27.87 -2.96 19.29
C LYS D 231 -28.76 -1.93 19.96
N SER D 232 -28.37 -1.46 21.14
CA SER D 232 -29.14 -0.46 21.88
C SER D 232 -28.79 0.98 21.49
N ARG D 233 -27.77 1.14 20.64
CA ARG D 233 -27.34 2.46 20.24
C ARG D 233 -28.47 3.35 19.76
N LYS D 234 -28.61 4.52 20.36
CA LYS D 234 -29.63 5.48 19.96
C LYS D 234 -28.98 6.69 19.26
N MET D 235 -29.67 7.28 18.29
CA MET D 235 -29.10 8.45 17.62
C MET D 235 -30.18 9.47 17.34
N ALA D 236 -29.80 10.69 16.96
CA ALA D 236 -30.75 11.75 16.68
C ALA D 236 -30.17 12.78 15.74
N TYR D 237 -31.01 13.38 14.90
CA TYR D 237 -30.54 14.42 13.98
C TYR D 237 -30.89 15.80 14.53
N ARG D 238 -29.91 16.49 15.12
CA ARG D 238 -30.14 17.82 15.69
C ARG D 238 -29.51 18.91 14.84
N PRO D 239 -30.11 19.21 13.69
CA PRO D 239 -29.53 20.25 12.83
C PRO D 239 -29.51 21.57 13.59
N PRO D 240 -28.62 22.49 13.21
CA PRO D 240 -28.56 23.78 13.90
C PRO D 240 -29.70 24.66 13.39
N LYS D 241 -29.93 25.77 14.08
CA LYS D 241 -30.98 26.68 13.67
C LYS D 241 -30.53 28.11 13.98
N VAL E 1 -29.30 24.48 21.10
CA VAL E 1 -28.03 24.65 21.89
C VAL E 1 -27.72 23.37 22.64
N HIS E 2 -26.43 23.08 22.85
CA HIS E 2 -26.06 21.84 23.51
C HIS E 2 -26.65 21.61 24.89
N ASN E 3 -27.36 22.60 25.43
CA ASN E 3 -27.95 22.43 26.73
C ASN E 3 -29.25 21.66 26.63
N ASP E 4 -29.84 21.70 25.44
CA ASP E 4 -31.10 21.01 25.17
C ASP E 4 -30.87 19.54 24.78
N VAL E 5 -29.65 19.07 24.96
CA VAL E 5 -29.36 17.69 24.60
C VAL E 5 -29.33 16.82 25.84
N THR E 6 -30.07 15.72 25.80
CA THR E 6 -30.12 14.77 26.92
C THR E 6 -29.81 13.38 26.41
N VAL E 7 -29.14 12.59 27.22
CA VAL E 7 -28.88 11.24 26.79
C VAL E 7 -30.22 10.58 26.99
N PRO E 8 -30.65 9.73 26.04
CA PRO E 8 -31.94 9.05 26.19
C PRO E 8 -31.94 8.10 27.38
N ASP E 9 -33.08 7.44 27.57
CA ASP E 9 -33.23 6.48 28.64
C ASP E 9 -32.82 5.08 28.16
N PHE E 10 -32.00 4.39 28.94
CA PHE E 10 -31.57 3.04 28.57
C PHE E 10 -32.02 1.98 29.57
N SER E 11 -33.24 2.11 30.07
CA SER E 11 -33.74 1.15 31.04
C SER E 11 -34.14 -0.15 30.39
N ALA E 12 -34.62 -0.05 29.17
CA ALA E 12 -35.04 -1.23 28.46
C ALA E 12 -33.86 -2.15 28.23
N TYR E 13 -32.65 -1.61 28.37
CA TYR E 13 -31.44 -2.38 28.14
C TYR E 13 -30.52 -2.53 29.34
N ARG E 14 -30.56 -1.57 30.26
CA ARG E 14 -29.72 -1.63 31.46
C ARG E 14 -29.79 -2.94 32.24
N ARG E 15 -28.68 -3.32 32.84
CA ARG E 15 -28.66 -4.52 33.66
C ARG E 15 -29.36 -4.18 34.95
N GLU E 16 -30.25 -5.06 35.38
CA GLU E 16 -31.01 -4.88 36.62
C GLU E 16 -30.24 -4.20 37.76
N ASP E 17 -28.96 -4.51 37.89
CA ASP E 17 -28.19 -3.92 38.97
C ASP E 17 -27.73 -2.49 38.78
N VAL E 18 -28.03 -1.88 37.64
CA VAL E 18 -27.63 -0.48 37.41
C VAL E 18 -28.82 0.29 36.82
N MET E 19 -30.01 -0.16 37.18
CA MET E 19 -31.22 0.45 36.68
C MET E 19 -31.59 1.69 37.47
N ASP E 20 -31.30 1.66 38.77
CA ASP E 20 -31.62 2.78 39.67
C ASP E 20 -30.60 3.92 39.60
N ALA E 21 -31.05 5.02 39.02
CA ALA E 21 -30.21 6.21 38.81
C ALA E 21 -29.68 6.84 40.07
N THR E 22 -30.01 6.28 41.22
CA THR E 22 -29.54 6.87 42.46
C THR E 22 -28.67 5.94 43.28
N THR E 23 -28.17 4.88 42.65
CA THR E 23 -27.29 3.90 43.32
C THR E 23 -25.96 3.81 42.60
N SER E 24 -24.87 3.89 43.36
CA SER E 24 -23.54 3.82 42.76
C SER E 24 -23.45 2.57 41.92
N SER E 25 -23.32 2.74 40.61
CA SER E 25 -23.24 1.58 39.72
C SER E 25 -22.01 0.77 40.07
N GLN E 26 -21.04 1.43 40.67
CA GLN E 26 -19.78 0.78 41.02
C GLN E 26 -19.89 -0.51 41.85
N THR E 27 -20.76 -0.54 42.84
CA THR E 27 -20.86 -1.72 43.68
C THR E 27 -21.17 -3.01 42.91
N SER E 28 -21.96 -2.89 41.85
CA SER E 28 -22.34 -4.04 41.03
C SER E 28 -21.36 -4.29 39.87
N SER E 29 -20.44 -3.36 39.67
CA SER E 29 -19.47 -3.47 38.59
C SER E 29 -18.67 -4.78 38.58
N GLU E 30 -18.04 -5.12 39.71
CA GLU E 30 -17.25 -6.34 39.81
C GLU E 30 -18.00 -7.60 39.40
N ASP E 31 -19.32 -7.58 39.56
CA ASP E 31 -20.14 -8.73 39.20
C ASP E 31 -20.45 -8.68 37.71
N ARG E 32 -20.90 -7.52 37.26
CA ARG E 32 -21.23 -7.35 35.86
C ARG E 32 -20.01 -7.75 35.03
N LYS E 33 -18.85 -7.28 35.43
CA LYS E 33 -17.62 -7.63 34.73
C LYS E 33 -17.22 -9.06 35.05
N GLY E 34 -17.37 -9.44 36.32
CA GLY E 34 -17.01 -10.80 36.70
C GLY E 34 -17.77 -11.84 35.91
N PHE E 35 -19.06 -11.60 35.71
CA PHE E 35 -19.88 -12.55 34.98
C PHE E 35 -19.49 -12.71 33.54
N SER E 36 -19.43 -11.59 32.82
CA SER E 36 -19.07 -11.59 31.41
C SER E 36 -17.71 -12.20 31.16
N TYR E 37 -16.74 -11.83 31.98
CA TYR E 37 -15.40 -12.37 31.81
C TYR E 37 -15.39 -13.87 32.09
N LEU E 38 -16.33 -14.33 32.93
CA LEU E 38 -16.42 -15.74 33.26
C LEU E 38 -16.82 -16.50 32.00
N VAL E 39 -17.85 -16.00 31.31
CA VAL E 39 -18.33 -16.62 30.07
C VAL E 39 -17.13 -16.82 29.14
N THR E 40 -16.42 -15.72 28.91
CA THR E 40 -15.23 -15.70 28.08
C THR E 40 -14.19 -16.72 28.54
N ALA E 41 -13.88 -16.68 29.83
CA ALA E 41 -12.90 -17.59 30.41
C ALA E 41 -13.32 -19.03 30.13
N THR E 42 -14.62 -19.30 30.27
CA THR E 42 -15.14 -20.65 30.01
C THR E 42 -14.98 -21.00 28.55
N ALA E 43 -15.38 -20.08 27.67
CA ALA E 43 -15.23 -20.30 26.25
C ALA E 43 -13.76 -20.68 25.96
N CYS E 44 -12.81 -19.95 26.55
CA CYS E 44 -11.41 -20.25 26.34
C CYS E 44 -11.11 -21.68 26.81
N VAL E 45 -11.64 -22.05 27.96
CA VAL E 45 -11.40 -23.39 28.49
C VAL E 45 -11.86 -24.44 27.47
N ALA E 46 -13.08 -24.27 26.97
CA ALA E 46 -13.65 -25.19 26.00
C ALA E 46 -12.74 -25.29 24.76
N THR E 47 -12.46 -24.14 24.16
CA THR E 47 -11.61 -24.11 22.97
C THR E 47 -10.28 -24.77 23.29
N ALA E 48 -9.75 -24.43 24.45
CA ALA E 48 -8.49 -25.01 24.86
C ALA E 48 -8.60 -26.52 24.81
N TYR E 49 -9.70 -27.05 25.34
CA TYR E 49 -9.94 -28.49 25.36
C TYR E 49 -10.00 -29.04 23.94
N ALA E 50 -10.88 -28.45 23.13
CA ALA E 50 -11.03 -28.88 21.74
C ALA E 50 -9.69 -28.86 21.01
N ALA E 51 -8.98 -27.75 21.18
CA ALA E 51 -7.70 -27.56 20.53
C ALA E 51 -6.70 -28.66 20.91
N LYS E 52 -6.52 -28.85 22.22
CA LYS E 52 -5.58 -29.83 22.74
C LYS E 52 -5.85 -31.22 22.14
N ASN E 53 -7.12 -31.58 22.06
CA ASN E 53 -7.47 -32.86 21.48
C ASN E 53 -7.22 -32.93 19.98
N VAL E 54 -7.60 -31.91 19.23
CA VAL E 54 -7.34 -31.96 17.79
C VAL E 54 -5.84 -32.00 17.52
N VAL E 55 -5.06 -31.23 18.26
CA VAL E 55 -3.62 -31.25 18.05
C VAL E 55 -3.09 -32.62 18.38
N THR E 56 -3.51 -33.14 19.53
CA THR E 56 -3.11 -34.46 20.00
C THR E 56 -3.30 -35.49 18.87
N GLN E 57 -4.53 -35.59 18.40
CA GLN E 57 -4.88 -36.54 17.35
C GLN E 57 -4.03 -36.34 16.12
N PHE E 58 -4.05 -35.13 15.58
CA PHE E 58 -3.27 -34.85 14.38
C PHE E 58 -1.78 -35.13 14.61
N ILE E 59 -1.23 -34.69 15.73
CA ILE E 59 0.18 -34.96 16.02
C ILE E 59 0.46 -36.47 15.98
N SER E 60 -0.44 -37.28 16.54
CA SER E 60 -0.22 -38.72 16.55
C SER E 60 -0.50 -39.42 15.23
N SER E 61 -0.99 -38.68 14.24
CA SER E 61 -1.27 -39.28 12.94
C SER E 61 0.07 -39.45 12.26
N LEU E 62 1.09 -38.88 12.88
CA LEU E 62 2.44 -38.92 12.35
C LEU E 62 3.22 -40.10 12.89
N SER E 63 2.96 -40.46 14.13
CA SER E 63 3.63 -41.57 14.79
C SER E 63 3.41 -42.88 14.07
N ALA E 64 4.16 -43.90 14.47
CA ALA E 64 4.04 -45.22 13.83
C ALA E 64 2.60 -45.72 13.81
N SER E 65 2.20 -46.34 12.68
CA SER E 65 0.85 -46.87 12.54
C SER E 65 0.71 -48.25 13.15
N ALA E 66 -0.49 -48.80 13.14
CA ALA E 66 -0.74 -50.11 13.73
C ALA E 66 -0.20 -51.27 12.89
N ASP E 67 -0.08 -51.09 11.57
CA ASP E 67 0.44 -52.17 10.75
C ASP E 67 1.90 -52.40 11.12
N VAL E 68 2.48 -51.48 11.91
CA VAL E 68 3.86 -51.61 12.36
C VAL E 68 3.87 -52.65 13.50
N LEU E 69 3.91 -53.92 13.10
CA LEU E 69 3.91 -55.12 13.95
C LEU E 69 4.77 -55.11 15.22
N ALA E 70 5.55 -56.18 15.36
CA ALA E 70 6.46 -56.43 16.49
C ALA E 70 6.77 -57.92 16.40
N LEU E 71 7.69 -58.28 15.51
CA LEU E 71 8.02 -59.68 15.28
C LEU E 71 9.04 -60.36 16.19
N SER E 72 9.09 -61.69 16.07
CA SER E 72 9.93 -62.55 16.87
C SER E 72 11.43 -62.67 16.58
N LYS E 73 11.95 -63.84 16.97
CA LYS E 73 13.35 -64.23 16.87
C LYS E 73 13.92 -64.51 15.48
N ILE E 74 14.89 -65.40 15.48
CA ILE E 74 15.60 -65.87 14.29
C ILE E 74 16.66 -66.86 14.75
N GLU E 75 16.66 -68.05 14.16
CA GLU E 75 17.64 -69.06 14.52
C GLU E 75 18.83 -68.95 13.57
N ILE E 76 20.01 -69.29 14.08
CA ILE E 76 21.21 -69.20 13.27
C ILE E 76 22.21 -70.31 13.61
N LYS E 77 22.56 -71.11 12.61
CA LYS E 77 23.50 -72.21 12.81
C LYS E 77 24.93 -71.69 12.92
N LEU E 78 25.47 -71.75 14.13
CA LEU E 78 26.83 -71.30 14.42
C LEU E 78 27.91 -71.95 13.55
N SER E 79 27.49 -72.81 12.62
CA SER E 79 28.41 -73.50 11.73
C SER E 79 28.59 -72.74 10.42
N ASP E 80 27.60 -71.93 10.09
CA ASP E 80 27.63 -71.12 8.88
C ASP E 80 28.59 -69.97 9.13
N ILE E 81 28.88 -69.74 10.41
CA ILE E 81 29.77 -68.67 10.80
C ILE E 81 31.07 -69.23 11.36
N PRO E 82 32.02 -69.55 10.46
CA PRO E 82 33.32 -70.09 10.85
C PRO E 82 34.10 -69.10 11.71
N GLU E 83 35.09 -69.57 12.44
CA GLU E 83 35.87 -68.70 13.30
C GLU E 83 36.55 -67.58 12.52
N GLY E 84 36.67 -66.41 13.15
CA GLY E 84 37.32 -65.27 12.51
C GLY E 84 36.44 -64.53 11.51
N LYS E 85 35.14 -64.80 11.54
CA LYS E 85 34.23 -64.14 10.61
C LYS E 85 32.97 -63.56 11.27
N ASN E 86 32.45 -62.51 10.65
CA ASN E 86 31.23 -61.82 11.08
C ASN E 86 30.24 -61.93 9.94
N VAL E 87 28.96 -62.07 10.26
CA VAL E 87 27.94 -62.16 9.23
C VAL E 87 26.69 -61.38 9.62
N ALA E 88 26.10 -60.69 8.65
CA ALA E 88 24.91 -59.89 8.90
C ALA E 88 23.65 -60.59 8.43
N PHE E 89 22.59 -60.42 9.20
CA PHE E 89 21.31 -61.03 8.89
C PHE E 89 20.21 -59.98 8.99
N LYS E 90 19.28 -59.99 8.04
CA LYS E 90 18.17 -59.05 8.06
C LYS E 90 17.45 -59.37 9.35
N TRP E 91 16.89 -58.36 10.02
CA TRP E 91 16.19 -58.63 11.25
C TRP E 91 15.58 -57.38 11.86
N ARG E 92 14.33 -57.51 12.28
CA ARG E 92 13.60 -56.40 12.90
C ARG E 92 13.92 -55.08 12.21
N GLY E 93 14.21 -55.15 10.92
CA GLY E 93 14.52 -53.95 10.16
C GLY E 93 16.00 -53.83 9.89
N LYS E 94 16.69 -53.15 10.79
CA LYS E 94 18.12 -52.93 10.66
C LYS E 94 18.91 -54.24 10.89
N PRO E 95 20.16 -54.30 10.41
CA PRO E 95 21.02 -55.48 10.54
C PRO E 95 21.06 -56.16 11.92
N LEU E 96 21.83 -57.23 11.99
CA LEU E 96 22.04 -58.02 13.20
C LEU E 96 23.33 -58.77 12.99
N PHE E 97 24.31 -58.53 13.86
CA PHE E 97 25.58 -59.19 13.72
C PHE E 97 25.69 -60.45 14.60
N VAL E 98 26.50 -61.39 14.12
CA VAL E 98 26.77 -62.65 14.80
C VAL E 98 28.20 -62.95 14.34
N ARG E 99 29.16 -62.70 15.23
CA ARG E 99 30.56 -62.88 14.89
C ARG E 99 31.30 -63.96 15.67
N HIS E 100 31.98 -64.84 14.95
CA HIS E 100 32.75 -65.92 15.58
C HIS E 100 34.15 -65.37 15.84
N ARG E 101 34.43 -65.08 17.12
CA ARG E 101 35.71 -64.53 17.51
C ARG E 101 36.77 -65.59 17.83
N THR E 102 37.95 -65.42 17.24
CA THR E 102 39.05 -66.32 17.50
C THR E 102 39.55 -65.81 18.84
N GLN E 103 40.22 -66.65 19.62
CA GLN E 103 40.71 -66.18 20.91
C GLN E 103 41.84 -65.17 20.71
N ALA E 104 42.27 -65.00 19.47
CA ALA E 104 43.33 -64.03 19.15
C ALA E 104 42.79 -62.65 19.46
N GLU E 105 41.48 -62.50 19.30
CA GLU E 105 40.76 -61.25 19.56
C GLU E 105 40.18 -61.29 20.98
N ILE E 106 39.50 -62.39 21.29
CA ILE E 106 38.85 -62.62 22.59
C ILE E 106 39.69 -62.08 23.75
N ASN E 107 41.00 -62.08 23.57
CA ASN E 107 41.91 -61.59 24.60
C ASN E 107 41.80 -60.07 24.66
N GLN E 108 42.24 -59.43 23.58
CA GLN E 108 42.20 -57.97 23.48
C GLN E 108 40.92 -57.40 24.05
N GLU E 109 39.78 -57.96 23.64
CA GLU E 109 38.46 -57.51 24.07
C GLU E 109 38.17 -57.66 25.56
N ALA E 110 38.99 -58.46 26.25
CA ALA E 110 38.82 -58.66 27.68
C ALA E 110 40.00 -58.02 28.38
N GLU E 111 40.94 -57.50 27.59
CA GLU E 111 42.14 -56.88 28.13
C GLU E 111 42.30 -55.40 27.82
N VAL E 112 41.27 -54.61 28.10
CA VAL E 112 41.38 -53.18 27.85
C VAL E 112 40.81 -52.36 28.98
N ASP E 113 41.38 -51.18 29.21
CA ASP E 113 40.94 -50.29 30.27
C ASP E 113 39.44 -50.11 30.21
N VAL E 114 38.72 -50.89 31.02
CA VAL E 114 37.27 -50.81 31.06
C VAL E 114 36.84 -49.53 31.80
N SER E 115 37.83 -48.79 32.29
CA SER E 115 37.57 -47.54 33.00
C SER E 115 37.68 -46.39 32.00
N LYS E 116 38.41 -46.63 30.91
CA LYS E 116 38.62 -45.63 29.87
C LYS E 116 37.64 -45.80 28.70
N LEU E 117 36.46 -46.32 29.00
CA LEU E 117 35.44 -46.55 27.97
C LEU E 117 34.30 -45.51 28.05
N ARG E 118 33.87 -45.04 26.90
CA ARG E 118 32.79 -44.06 26.83
C ARG E 118 31.59 -44.68 27.55
N ASP E 119 31.21 -45.87 27.12
CA ASP E 119 30.12 -46.63 27.72
C ASP E 119 30.87 -47.81 28.34
N PRO E 120 31.27 -47.67 29.61
CA PRO E 120 32.01 -48.71 30.36
C PRO E 120 31.28 -50.03 30.58
N GLN E 121 31.86 -51.10 30.06
CA GLN E 121 31.31 -52.45 30.16
C GLN E 121 32.44 -53.42 29.92
N HIS E 122 32.31 -54.63 30.45
CA HIS E 122 33.34 -55.63 30.24
C HIS E 122 32.88 -56.61 29.17
N ASP E 123 33.73 -56.85 28.18
CA ASP E 123 33.41 -57.78 27.10
C ASP E 123 32.63 -59.02 27.57
N LEU E 124 32.89 -59.42 28.81
CA LEU E 124 32.24 -60.59 29.40
C LEU E 124 30.74 -60.39 29.63
N ASP E 125 30.38 -59.34 30.36
CA ASP E 125 28.98 -59.06 30.65
C ASP E 125 28.22 -58.52 29.44
N ARG E 126 28.85 -58.54 28.27
CA ARG E 126 28.21 -58.08 27.04
C ARG E 126 27.66 -59.27 26.27
N VAL E 127 28.49 -60.31 26.12
CA VAL E 127 28.10 -61.51 25.40
C VAL E 127 27.95 -62.71 26.34
N LYS E 128 27.80 -63.90 25.77
CA LYS E 128 27.67 -65.13 26.55
C LYS E 128 28.77 -66.13 26.22
N LYS E 129 28.93 -66.49 24.95
CA LYS E 129 30.00 -67.40 24.56
C LYS E 129 31.13 -66.61 23.92
N PRO E 130 32.27 -66.48 24.62
CA PRO E 130 33.49 -65.76 24.22
C PRO E 130 33.98 -65.92 22.79
N GLU E 131 33.43 -66.89 22.07
CA GLU E 131 33.83 -67.10 20.69
C GLU E 131 32.77 -66.49 19.77
N TRP E 132 31.66 -66.06 20.37
CA TRP E 132 30.59 -65.45 19.62
C TRP E 132 30.21 -64.10 20.23
N VAL E 133 29.99 -63.12 19.36
CA VAL E 133 29.58 -61.79 19.79
C VAL E 133 28.36 -61.41 18.96
N ILE E 134 27.27 -61.04 19.63
CA ILE E 134 26.06 -60.68 18.93
C ILE E 134 25.53 -59.31 19.33
N LEU E 135 25.34 -58.46 18.31
CA LEU E 135 24.87 -57.10 18.50
C LEU E 135 24.07 -56.57 17.30
N VAL E 136 23.36 -55.47 17.49
CA VAL E 136 22.56 -54.85 16.43
C VAL E 136 23.44 -53.89 15.63
N GLY E 137 23.78 -54.29 14.40
CA GLY E 137 24.64 -53.47 13.55
C GLY E 137 24.18 -52.08 13.15
N VAL E 138 24.07 -51.19 14.14
CA VAL E 138 23.65 -49.83 13.88
C VAL E 138 24.46 -48.86 14.73
N CYS E 139 25.21 -48.00 14.07
CA CYS E 139 26.04 -47.03 14.78
C CYS E 139 25.15 -46.23 15.72
N THR E 140 25.57 -46.09 16.98
CA THR E 140 24.76 -45.35 17.93
C THR E 140 24.84 -43.84 17.68
N HIS E 141 25.71 -43.43 16.77
CA HIS E 141 25.87 -42.01 16.46
C HIS E 141 24.60 -41.50 15.79
N LEU E 142 24.54 -41.71 14.48
CA LEU E 142 23.40 -41.28 13.69
C LEU E 142 22.87 -42.39 12.80
N GLY E 143 22.98 -43.62 13.29
CA GLY E 143 22.42 -44.76 12.57
C GLY E 143 23.00 -45.52 11.39
N CYS E 144 24.18 -45.18 10.88
CA CYS E 144 24.70 -45.95 9.75
C CYS E 144 25.10 -47.36 10.19
N VAL E 145 25.31 -48.25 9.21
CA VAL E 145 25.71 -49.62 9.51
C VAL E 145 27.22 -49.69 9.64
N PRO E 146 27.72 -50.08 10.82
CA PRO E 146 29.17 -50.19 11.05
C PRO E 146 29.74 -51.28 10.16
N ILE E 147 30.90 -51.02 9.56
CA ILE E 147 31.54 -52.01 8.68
C ILE E 147 32.39 -52.98 9.51
N ALA E 148 32.15 -54.28 9.33
CA ALA E 148 32.88 -55.31 10.07
C ALA E 148 34.28 -55.50 9.53
N ASN E 149 35.24 -55.66 10.44
CA ASN E 149 36.64 -55.86 10.06
C ASN E 149 37.25 -54.60 9.49
N SER E 150 37.11 -53.51 10.20
CA SER E 150 37.70 -52.25 9.75
C SER E 150 37.86 -51.36 10.95
N GLY E 151 38.72 -50.36 10.82
CA GLY E 151 38.98 -49.47 11.93
C GLY E 151 40.31 -49.84 12.56
N ASP E 152 40.54 -49.38 13.78
CA ASP E 152 41.80 -49.68 14.44
C ASP E 152 41.58 -50.52 15.69
N PHE E 153 40.42 -51.14 15.80
CA PHE E 153 40.13 -51.96 16.98
C PHE E 153 39.57 -53.33 16.64
N GLY E 154 40.03 -53.87 15.51
CA GLY E 154 39.60 -55.18 15.06
C GLY E 154 38.12 -55.46 15.23
N GLY E 155 37.32 -54.40 15.30
CA GLY E 155 35.89 -54.58 15.44
C GLY E 155 35.19 -54.08 14.19
N TYR E 156 34.64 -52.88 14.27
CA TYR E 156 33.95 -52.30 13.14
C TYR E 156 34.28 -50.82 13.00
N TYR E 157 33.89 -50.28 11.84
CA TYR E 157 34.11 -48.87 11.52
C TYR E 157 32.88 -48.31 10.83
N CYS E 158 32.34 -47.22 11.35
CA CYS E 158 31.19 -46.60 10.72
C CYS E 158 31.72 -45.56 9.74
N PRO E 159 31.46 -45.76 8.45
CA PRO E 159 31.91 -44.89 7.37
C PRO E 159 31.24 -43.52 7.29
N CYS E 160 30.33 -43.25 8.21
CA CYS E 160 29.62 -41.97 8.18
C CYS E 160 30.33 -40.81 8.85
N HIS E 161 30.88 -41.04 10.04
CA HIS E 161 31.61 -39.98 10.76
C HIS E 161 32.82 -40.52 11.56
N GLY E 162 33.29 -41.70 11.19
CA GLY E 162 34.46 -42.29 11.83
C GLY E 162 34.36 -42.81 13.26
N SER E 163 33.42 -43.70 13.52
CA SER E 163 33.30 -44.27 14.86
C SER E 163 33.96 -45.65 14.79
N HIS E 164 34.90 -45.89 15.71
CA HIS E 164 35.62 -47.16 15.77
C HIS E 164 35.08 -48.04 16.89
N TYR E 165 34.63 -49.24 16.51
CA TYR E 165 34.12 -50.19 17.49
C TYR E 165 35.08 -51.39 17.54
N ASP E 166 35.20 -51.99 18.72
CA ASP E 166 36.07 -53.13 18.87
C ASP E 166 35.34 -54.43 18.51
N ALA E 167 35.98 -55.56 18.79
CA ALA E 167 35.39 -56.87 18.49
C ALA E 167 34.23 -57.21 19.42
N SER E 168 34.02 -56.34 20.40
CA SER E 168 32.93 -56.50 21.35
C SER E 168 31.81 -55.55 20.95
N GLY E 169 32.08 -54.74 19.92
CA GLY E 169 31.10 -53.79 19.44
C GLY E 169 31.01 -52.56 20.33
N ARG E 170 32.07 -52.31 21.10
CA ARG E 170 32.07 -51.16 21.98
C ARG E 170 32.68 -49.97 21.28
N ILE E 171 32.21 -48.78 21.63
CA ILE E 171 32.70 -47.55 21.03
C ILE E 171 34.06 -47.22 21.66
N ARG E 172 35.07 -47.18 20.80
CA ARG E 172 36.44 -46.93 21.25
C ARG E 172 36.95 -45.58 20.80
N LYS E 173 36.53 -45.16 19.62
CA LYS E 173 36.99 -43.90 19.06
C LYS E 173 35.88 -43.36 18.16
N GLY E 174 35.84 -42.05 17.96
CA GLY E 174 34.81 -41.46 17.12
C GLY E 174 33.75 -40.65 17.86
N PRO E 175 32.71 -40.17 17.17
CA PRO E 175 31.66 -39.39 17.82
C PRO E 175 30.54 -40.20 18.49
N ALA E 176 30.41 -41.48 18.12
CA ALA E 176 29.37 -42.34 18.68
C ALA E 176 29.34 -42.26 20.20
N PRO E 177 28.14 -42.16 20.80
CA PRO E 177 28.04 -42.07 22.26
C PRO E 177 28.06 -43.39 23.02
N TYR E 178 27.43 -44.44 22.50
CA TYR E 178 27.41 -45.73 23.19
C TYR E 178 27.90 -46.91 22.39
N ASN E 179 27.97 -48.08 23.03
CA ASN E 179 28.44 -49.28 22.37
C ASN E 179 27.28 -49.92 21.60
N LEU E 180 27.58 -50.53 20.46
CA LEU E 180 26.57 -51.19 19.65
C LEU E 180 25.62 -51.98 20.55
N GLU E 181 24.32 -51.90 20.27
CA GLU E 181 23.31 -52.59 21.06
C GLU E 181 23.41 -54.10 21.09
N VAL E 182 23.12 -54.68 22.25
CA VAL E 182 23.15 -56.12 22.40
C VAL E 182 21.71 -56.60 22.53
N PRO E 183 21.33 -57.58 21.70
CA PRO E 183 19.99 -58.15 21.71
C PRO E 183 19.86 -59.29 22.72
N THR E 184 18.62 -59.71 22.97
CA THR E 184 18.37 -60.81 23.90
C THR E 184 18.39 -62.11 23.11
N TYR E 185 19.36 -62.97 23.41
CA TYR E 185 19.48 -64.24 22.72
C TYR E 185 19.74 -65.42 23.66
N GLN E 186 19.87 -66.62 23.11
CA GLN E 186 20.10 -67.82 23.91
C GLN E 186 20.66 -68.97 23.07
N PHE E 187 21.84 -69.46 23.45
CA PHE E 187 22.48 -70.58 22.75
C PHE E 187 21.74 -71.91 23.00
N VAL E 188 20.63 -72.12 22.30
CA VAL E 188 19.80 -73.33 22.47
C VAL E 188 20.24 -74.56 21.69
N GLY E 189 21.43 -74.53 21.09
CA GLY E 189 21.88 -75.69 20.34
C GLY E 189 23.35 -75.98 20.53
N ASP E 190 23.85 -76.96 19.77
CA ASP E 190 25.26 -77.34 19.81
C ASP E 190 26.00 -76.34 18.93
N ASP E 191 25.41 -76.10 17.76
CA ASP E 191 25.93 -75.15 16.79
C ASP E 191 24.72 -74.49 16.13
N LEU E 192 23.78 -74.07 16.97
CA LEU E 192 22.56 -73.41 16.53
C LEU E 192 22.09 -72.48 17.64
N VAL E 193 22.29 -71.18 17.43
CA VAL E 193 21.89 -70.16 18.40
C VAL E 193 20.66 -69.39 17.94
N VAL E 194 19.88 -68.91 18.90
CA VAL E 194 18.66 -68.17 18.60
C VAL E 194 18.66 -66.81 19.27
N VAL E 195 18.39 -65.77 18.49
CA VAL E 195 18.34 -64.41 18.99
C VAL E 195 16.90 -63.91 18.99
N GLY E 196 16.65 -62.79 19.66
CA GLY E 196 15.31 -62.24 19.68
C GLY E 196 14.55 -62.61 20.95
N GLY F 10 -57.81 6.30 -16.60
CA GLY F 10 -58.12 5.75 -15.24
C GLY F 10 -56.88 5.66 -14.36
N ARG F 11 -57.07 5.68 -13.04
CA ARG F 11 -55.93 5.64 -12.12
C ARG F 11 -55.24 4.30 -11.93
N LEU F 12 -55.03 3.54 -13.00
CA LEU F 12 -54.39 2.23 -12.86
C LEU F 12 -52.93 2.34 -12.46
N MET F 13 -52.16 3.10 -13.23
CA MET F 13 -50.75 3.29 -12.95
C MET F 13 -50.60 3.84 -11.55
N ASP F 14 -51.43 4.83 -11.22
CA ASP F 14 -51.33 5.38 -9.88
C ASP F 14 -51.46 4.21 -8.91
N ARG F 15 -52.56 3.48 -9.02
CA ARG F 15 -52.82 2.34 -8.16
C ARG F 15 -51.63 1.38 -8.10
N ILE F 16 -51.08 1.04 -9.26
CA ILE F 16 -49.95 0.14 -9.32
C ILE F 16 -48.75 0.72 -8.61
N ARG F 17 -48.31 1.91 -9.02
CA ARG F 17 -47.16 2.54 -8.37
C ARG F 17 -47.25 2.62 -6.85
N LYS F 18 -48.41 3.00 -6.33
CA LYS F 18 -48.57 3.09 -4.90
C LYS F 18 -48.43 1.67 -4.29
N TRP F 19 -48.96 0.67 -5.00
CA TRP F 19 -48.87 -0.69 -4.52
C TRP F 19 -47.43 -1.11 -4.35
N TYR F 20 -46.68 -1.00 -5.46
CA TYR F 20 -45.27 -1.34 -5.51
C TYR F 20 -44.50 -0.58 -4.42
N TYR F 21 -44.79 0.71 -4.32
CA TYR F 21 -44.13 1.54 -3.33
C TYR F 21 -44.28 0.94 -1.94
N ASN F 22 -45.44 0.39 -1.66
CA ASN F 22 -45.65 -0.21 -0.36
C ASN F 22 -45.06 -1.57 -0.30
N ALA F 23 -45.06 -2.24 -1.45
CA ALA F 23 -44.50 -3.57 -1.55
C ALA F 23 -42.99 -3.52 -1.35
N ALA F 24 -42.32 -2.58 -2.04
CA ALA F 24 -40.86 -2.45 -1.93
C ALA F 24 -40.48 -2.32 -0.46
N GLY F 25 -41.19 -1.49 0.26
CA GLY F 25 -40.95 -1.34 1.68
C GLY F 25 -39.81 -0.51 2.21
N PHE F 26 -39.06 0.16 1.34
CA PHE F 26 -37.92 0.96 1.82
C PHE F 26 -38.37 2.06 2.77
N ASN F 27 -39.68 2.35 2.77
CA ASN F 27 -40.22 3.38 3.64
C ASN F 27 -40.34 2.91 5.10
N LYS F 28 -40.39 1.60 5.33
CA LYS F 28 -40.48 1.14 6.71
C LYS F 28 -39.17 1.47 7.42
N TYR F 29 -38.17 1.91 6.64
CA TYR F 29 -36.86 2.27 7.17
C TYR F 29 -36.76 3.77 7.26
N GLY F 30 -37.69 4.45 6.63
CA GLY F 30 -37.66 5.90 6.67
C GLY F 30 -36.97 6.52 5.47
N LEU F 31 -36.67 5.70 4.47
CA LEU F 31 -36.00 6.19 3.28
C LEU F 31 -36.98 6.64 2.22
N MET F 32 -36.52 7.54 1.35
CA MET F 32 -37.34 8.01 0.24
C MET F 32 -36.86 7.16 -0.92
N ARG F 33 -37.64 7.11 -1.98
CA ARG F 33 -37.26 6.36 -3.16
C ARG F 33 -35.81 6.73 -3.51
N ASP F 34 -35.53 8.03 -3.61
CA ASP F 34 -34.20 8.47 -3.96
C ASP F 34 -33.05 8.05 -3.04
N ASP F 35 -33.31 7.77 -1.77
CA ASP F 35 -32.22 7.36 -0.88
C ASP F 35 -31.69 5.99 -1.32
N THR F 36 -32.62 5.15 -1.73
CA THR F 36 -32.30 3.79 -2.12
C THR F 36 -31.60 3.67 -3.47
N LEU F 37 -31.45 4.77 -4.21
CA LEU F 37 -30.79 4.69 -5.51
C LEU F 37 -29.35 4.19 -5.35
N TYR F 38 -28.94 3.34 -6.28
CA TYR F 38 -27.58 2.80 -6.25
C TYR F 38 -26.67 3.90 -6.72
N GLU F 39 -25.60 4.14 -6.00
CA GLU F 39 -24.69 5.22 -6.37
C GLU F 39 -23.71 4.99 -7.52
N ASP F 40 -24.20 5.00 -8.74
CA ASP F 40 -23.28 4.86 -9.87
C ASP F 40 -22.70 6.26 -10.14
N ASP F 41 -21.95 6.42 -11.23
CA ASP F 41 -21.35 7.72 -11.54
C ASP F 41 -22.34 8.88 -11.53
N ASP F 42 -23.39 8.75 -12.33
CA ASP F 42 -24.41 9.80 -12.44
C ASP F 42 -24.97 10.22 -11.09
N VAL F 43 -25.34 9.24 -10.27
CA VAL F 43 -25.92 9.54 -8.97
C VAL F 43 -24.90 10.20 -8.03
N LYS F 44 -23.64 9.77 -8.09
CA LYS F 44 -22.63 10.36 -7.23
C LYS F 44 -22.47 11.80 -7.57
N GLU F 45 -22.59 12.11 -8.86
CA GLU F 45 -22.46 13.47 -9.32
C GLU F 45 -23.64 14.32 -8.88
N ALA F 46 -24.83 13.72 -8.85
CA ALA F 46 -26.03 14.44 -8.44
C ALA F 46 -25.94 14.71 -6.94
N LEU F 47 -25.63 13.66 -6.19
CA LEU F 47 -25.47 13.80 -4.75
C LEU F 47 -24.58 15.00 -4.42
N LYS F 48 -23.60 15.26 -5.27
CA LYS F 48 -22.69 16.39 -5.07
C LYS F 48 -23.38 17.74 -5.18
N ARG F 49 -24.33 17.86 -6.09
CA ARG F 49 -25.02 19.14 -6.29
C ARG F 49 -26.07 19.45 -5.24
N LEU F 50 -26.47 18.46 -4.47
CA LEU F 50 -27.49 18.67 -3.45
C LEU F 50 -27.16 19.77 -2.46
N PRO F 51 -28.13 20.63 -2.17
CA PRO F 51 -27.99 21.74 -1.22
C PRO F 51 -27.57 21.04 0.07
N GLU F 52 -26.94 21.74 0.99
CA GLU F 52 -26.52 21.02 2.18
C GLU F 52 -27.60 20.43 3.05
N ASP F 53 -28.62 21.19 3.39
CA ASP F 53 -29.66 20.62 4.23
C ASP F 53 -30.14 19.29 3.64
N LEU F 54 -30.48 19.28 2.35
CA LEU F 54 -30.95 18.08 1.69
C LEU F 54 -29.97 16.94 1.78
N TYR F 55 -28.69 17.26 1.68
CA TYR F 55 -27.66 16.25 1.75
C TYR F 55 -27.53 15.73 3.17
N ASN F 56 -27.49 16.63 4.13
CA ASN F 56 -27.35 16.21 5.51
C ASN F 56 -28.52 15.35 5.96
N GLU F 57 -29.70 15.71 5.45
CA GLU F 57 -30.92 14.98 5.78
C GLU F 57 -30.88 13.56 5.23
N ARG F 58 -30.53 13.44 3.96
CA ARG F 58 -30.43 12.17 3.29
C ARG F 58 -29.47 11.30 4.10
N MET F 59 -28.35 11.88 4.50
CA MET F 59 -27.37 11.11 5.25
C MET F 59 -27.98 10.54 6.49
N PHE F 60 -28.58 11.39 7.31
CA PHE F 60 -29.21 10.90 8.52
C PHE F 60 -30.21 9.79 8.25
N ARG F 61 -31.08 10.00 7.27
CA ARG F 61 -32.09 9.01 6.93
C ARG F 61 -31.38 7.67 6.70
N ILE F 62 -30.31 7.71 5.91
CA ILE F 62 -29.52 6.53 5.60
C ILE F 62 -28.84 5.95 6.84
N LYS F 63 -28.11 6.78 7.56
CA LYS F 63 -27.46 6.26 8.74
C LYS F 63 -28.46 5.62 9.70
N ARG F 64 -29.69 6.14 9.74
CA ARG F 64 -30.73 5.62 10.64
C ARG F 64 -31.20 4.27 10.15
N ALA F 65 -31.31 4.13 8.83
CA ALA F 65 -31.73 2.88 8.19
C ALA F 65 -30.67 1.81 8.40
N LEU F 66 -29.41 2.17 8.30
CA LEU F 66 -28.35 1.19 8.52
C LEU F 66 -28.45 0.70 9.97
N ASP F 67 -28.71 1.62 10.88
CA ASP F 67 -28.82 1.25 12.28
C ASP F 67 -30.01 0.28 12.44
N LEU F 68 -31.12 0.61 11.79
CA LEU F 68 -32.30 -0.23 11.85
C LEU F 68 -31.96 -1.62 11.33
N SER F 69 -31.26 -1.69 10.20
CA SER F 69 -30.89 -2.96 9.62
C SER F 69 -30.03 -3.81 10.57
N LEU F 70 -28.95 -3.23 11.10
CA LEU F 70 -28.09 -3.98 12.01
C LEU F 70 -28.92 -4.48 13.19
N LYS F 71 -29.92 -3.67 13.55
CA LYS F 71 -30.81 -3.99 14.65
C LYS F 71 -31.86 -5.04 14.30
N HIS F 72 -32.16 -5.19 13.01
CA HIS F 72 -33.19 -6.14 12.56
C HIS F 72 -34.53 -5.65 13.01
N ARG F 73 -34.74 -4.34 12.84
CA ARG F 73 -35.96 -3.63 13.22
C ARG F 73 -36.38 -2.70 12.08
N ILE F 74 -37.54 -2.07 12.22
CA ILE F 74 -38.02 -1.08 11.26
C ILE F 74 -38.73 0.05 12.02
N LEU F 75 -39.05 1.15 11.38
CA LEU F 75 -39.72 2.21 12.12
C LEU F 75 -41.14 1.79 12.49
N PRO F 76 -41.75 2.51 13.45
CA PRO F 76 -43.12 2.17 13.84
C PRO F 76 -43.95 2.60 12.64
N LYS F 77 -44.93 1.78 12.27
CA LYS F 77 -45.80 2.08 11.14
C LYS F 77 -46.13 3.57 11.00
N GLU F 78 -46.26 4.25 12.15
CA GLU F 78 -46.59 5.67 12.17
C GLU F 78 -45.51 6.59 11.57
N GLN F 79 -44.29 6.09 11.40
CA GLN F 79 -43.21 6.91 10.85
C GLN F 79 -42.81 6.52 9.43
N TRP F 80 -43.45 5.49 8.90
CA TRP F 80 -43.12 5.06 7.54
C TRP F 80 -43.48 6.19 6.58
N VAL F 81 -42.69 6.38 5.54
CA VAL F 81 -42.98 7.43 4.59
C VAL F 81 -44.20 7.03 3.75
N LYS F 82 -45.09 7.99 3.52
CA LYS F 82 -46.29 7.71 2.74
C LYS F 82 -46.03 7.96 1.27
N TYR F 83 -46.46 7.02 0.43
CA TYR F 83 -46.26 7.13 -1.00
C TYR F 83 -46.33 8.55 -1.56
N GLU F 84 -47.35 9.29 -1.18
CA GLU F 84 -47.52 10.64 -1.70
C GLU F 84 -46.67 11.70 -1.02
N GLU F 85 -45.99 11.33 0.05
CA GLU F 85 -45.15 12.28 0.73
C GLU F 85 -43.68 11.99 0.46
N ASP F 86 -43.40 11.15 -0.52
CA ASP F 86 -42.01 10.83 -0.84
C ASP F 86 -41.46 11.99 -1.65
N LYS F 87 -40.37 12.59 -1.19
CA LYS F 87 -39.81 13.71 -1.92
C LYS F 87 -38.65 13.23 -2.82
N PRO F 88 -38.78 13.37 -4.16
CA PRO F 88 -37.75 12.95 -5.11
C PRO F 88 -36.66 14.02 -5.19
N TYR F 89 -36.10 14.32 -4.02
CA TYR F 89 -35.10 15.35 -3.90
C TYR F 89 -33.94 15.31 -4.88
N LEU F 90 -33.59 14.12 -5.38
CA LEU F 90 -32.46 13.97 -6.30
C LEU F 90 -32.86 13.81 -7.76
N GLU F 91 -33.98 13.14 -8.00
CA GLU F 91 -34.48 12.86 -9.35
C GLU F 91 -34.12 13.94 -10.39
N PRO F 92 -34.55 15.19 -10.16
CA PRO F 92 -34.25 16.26 -11.11
C PRO F 92 -32.76 16.54 -11.36
N TYR F 93 -31.97 16.58 -10.29
CA TYR F 93 -30.53 16.82 -10.40
C TYR F 93 -29.99 15.70 -11.26
N LEU F 94 -30.42 14.48 -10.94
CA LEU F 94 -29.98 13.31 -11.67
C LEU F 94 -30.24 13.43 -13.17
N LYS F 95 -31.47 13.81 -13.53
CA LYS F 95 -31.81 13.93 -14.95
C LYS F 95 -30.90 14.91 -15.67
N GLU F 96 -30.58 16.04 -15.03
CA GLU F 96 -29.70 17.04 -15.64
C GLU F 96 -28.29 16.45 -15.83
N VAL F 97 -27.78 15.83 -14.77
CA VAL F 97 -26.48 15.22 -14.81
C VAL F 97 -26.43 14.28 -16.00
N ILE F 98 -27.46 13.47 -16.16
CA ILE F 98 -27.47 12.52 -17.26
C ILE F 98 -27.65 13.20 -18.59
N ARG F 99 -28.38 14.30 -18.57
CA ARG F 99 -28.65 15.09 -19.76
C ARG F 99 -27.33 15.71 -20.19
N GLU F 100 -26.64 16.30 -19.22
CA GLU F 100 -25.35 16.93 -19.45
C GLU F 100 -24.37 15.92 -20.08
N ARG F 101 -24.29 14.74 -19.50
CA ARG F 101 -23.37 13.72 -19.97
C ARG F 101 -23.66 13.29 -21.40
N LEU F 102 -24.94 13.05 -21.68
CA LEU F 102 -25.33 12.63 -23.01
C LEU F 102 -24.83 13.62 -24.05
N GLU F 103 -25.01 14.90 -23.77
CA GLU F 103 -24.56 15.93 -24.67
C GLU F 103 -23.08 15.77 -24.96
N ARG F 104 -22.27 15.81 -23.91
CA ARG F 104 -20.84 15.67 -24.08
C ARG F 104 -20.62 14.50 -24.99
N GLU F 105 -21.21 13.37 -24.62
CA GLU F 105 -21.06 12.15 -25.37
C GLU F 105 -21.34 12.27 -26.85
N ALA F 106 -22.49 12.81 -27.20
CA ALA F 106 -22.87 12.95 -28.60
C ALA F 106 -21.90 13.88 -29.29
N TRP F 107 -21.51 14.91 -28.57
CA TRP F 107 -20.59 15.90 -29.09
C TRP F 107 -19.19 15.34 -29.39
N ASN F 108 -18.67 14.51 -28.51
CA ASN F 108 -17.35 13.90 -28.68
C ASN F 108 -17.25 12.88 -29.82
N LYS F 109 -18.38 12.49 -30.40
CA LYS F 109 -18.38 11.55 -31.51
C LYS F 109 -18.22 12.43 -32.75
N LYS F 110 -19.17 13.33 -32.93
CA LYS F 110 -19.20 14.30 -34.04
C LYS F 110 -17.84 14.52 -34.69
N GLY G 1 -4.93 1.11 2.52
CA GLY G 1 -4.41 1.25 3.92
C GLY G 1 -5.45 1.76 4.92
N ILE G 2 -5.26 3.00 5.36
CA ILE G 2 -6.16 3.63 6.33
C ILE G 2 -7.44 4.22 5.68
N HIS G 3 -8.58 3.66 6.04
CA HIS G 3 -9.85 4.13 5.51
C HIS G 3 -10.64 4.97 6.51
N PHE G 4 -10.57 4.63 7.80
CA PHE G 4 -11.29 5.39 8.82
C PHE G 4 -10.79 6.82 9.01
N GLY G 5 -11.55 7.77 8.45
CA GLY G 5 -11.20 9.18 8.54
C GLY G 5 -11.54 9.92 7.25
N ASN G 6 -11.68 9.19 6.15
CA ASN G 6 -12.02 9.75 4.83
C ASN G 6 -13.47 9.47 4.52
N LEU G 7 -13.81 8.18 4.53
CA LEU G 7 -15.17 7.68 4.28
C LEU G 7 -16.22 8.66 3.75
N ALA G 8 -16.83 9.47 4.62
CA ALA G 8 -17.85 10.43 4.16
C ALA G 8 -17.98 11.67 5.04
N ARG G 9 -18.72 12.66 4.55
CA ARG G 9 -18.94 13.92 5.29
C ARG G 9 -20.30 13.87 5.96
N VAL G 10 -20.30 13.97 7.28
CA VAL G 10 -21.52 13.89 8.06
C VAL G 10 -21.61 15.05 9.03
N ARG G 11 -22.83 15.55 9.21
CA ARG G 11 -23.06 16.67 10.12
C ARG G 11 -24.34 16.55 10.94
N HIS G 12 -24.26 16.98 12.18
CA HIS G 12 -25.42 17.01 13.05
C HIS G 12 -26.06 15.71 13.46
N ILE G 13 -25.27 14.69 13.69
CA ILE G 13 -25.84 13.43 14.10
C ILE G 13 -25.20 13.03 15.41
N ILE G 14 -26.02 12.95 16.45
CA ILE G 14 -25.54 12.56 17.78
C ILE G 14 -25.92 11.13 18.00
N THR G 15 -25.09 10.38 18.70
CA THR G 15 -25.39 8.98 18.99
C THR G 15 -25.07 8.70 20.45
N TYR G 16 -25.80 7.79 21.06
CA TYR G 16 -25.57 7.47 22.46
C TYR G 16 -25.44 5.97 22.58
N SER G 17 -24.45 5.51 23.33
CA SER G 17 -24.26 4.08 23.49
C SER G 17 -23.76 3.80 24.91
N LEU G 18 -23.97 2.57 25.39
CA LEU G 18 -23.53 2.19 26.72
C LEU G 18 -22.56 1.04 26.68
N SER G 19 -21.65 1.02 27.64
CA SER G 19 -20.67 -0.04 27.76
C SER G 19 -21.44 -1.34 27.78
N PRO G 20 -20.81 -2.41 27.26
CA PRO G 20 -21.48 -3.73 27.22
C PRO G 20 -21.79 -4.20 28.62
N PHE G 21 -21.00 -3.73 29.59
CA PHE G 21 -21.16 -4.09 30.98
C PHE G 21 -22.29 -3.37 31.73
N GLU G 22 -22.84 -2.31 31.14
CA GLU G 22 -23.92 -1.60 31.81
C GLU G 22 -25.25 -2.18 31.33
N GLN G 23 -25.23 -2.90 30.22
CA GLN G 23 -26.46 -3.47 29.66
C GLN G 23 -26.53 -4.98 29.53
N ARG G 24 -27.65 -5.43 28.98
CA ARG G 24 -27.93 -6.84 28.82
C ARG G 24 -27.61 -7.33 27.39
N ALA G 25 -26.93 -8.47 27.28
CA ALA G 25 -26.54 -9.02 25.99
C ALA G 25 -27.75 -9.43 25.17
N ILE G 26 -28.70 -10.06 25.83
CA ILE G 26 -29.91 -10.50 25.15
C ILE G 26 -31.05 -10.05 26.04
N PRO G 27 -31.62 -8.89 25.73
CA PRO G 27 -32.72 -8.35 26.53
C PRO G 27 -34.07 -8.36 25.82
N ASN G 28 -35.14 -8.21 26.59
CA ASN G 28 -36.50 -8.16 26.04
C ASN G 28 -36.73 -9.25 25.01
N ILE G 29 -36.33 -10.46 25.40
CA ILE G 29 -36.45 -11.65 24.59
C ILE G 29 -37.89 -11.91 24.18
N PHE G 30 -38.83 -11.41 24.96
CA PHE G 30 -40.23 -11.63 24.61
C PHE G 30 -40.95 -10.38 24.21
N SER G 31 -40.73 -9.30 24.94
CA SER G 31 -41.38 -8.05 24.64
C SER G 31 -40.87 -7.45 23.33
N ASP G 32 -39.73 -7.94 22.86
CA ASP G 32 -39.15 -7.38 21.65
C ASP G 32 -38.55 -8.38 20.67
N ALA G 33 -37.65 -9.24 21.17
CA ALA G 33 -37.00 -10.22 20.30
C ALA G 33 -37.96 -10.99 19.42
N LEU G 34 -38.59 -12.01 20.01
CA LEU G 34 -39.51 -12.88 19.30
C LEU G 34 -40.55 -12.16 18.46
N PRO G 35 -41.16 -11.12 19.00
CA PRO G 35 -42.17 -10.40 18.23
C PRO G 35 -41.65 -10.04 16.83
N ASN G 36 -40.38 -9.65 16.74
CA ASN G 36 -39.77 -9.31 15.45
C ASN G 36 -39.38 -10.54 14.65
N VAL G 37 -38.97 -11.60 15.35
CA VAL G 37 -38.62 -12.83 14.65
C VAL G 37 -39.88 -13.16 13.86
N TRP G 38 -41.01 -13.10 14.53
CA TRP G 38 -42.27 -13.39 13.86
C TRP G 38 -42.48 -12.38 12.74
N ARG G 39 -42.36 -11.08 13.06
CA ARG G 39 -42.54 -10.03 12.08
C ARG G 39 -41.83 -10.38 10.80
N ARG G 40 -40.53 -10.65 10.93
CA ARG G 40 -39.67 -10.99 9.81
C ARG G 40 -40.14 -12.26 9.09
N PHE G 41 -40.33 -13.32 9.85
CA PHE G 41 -40.81 -14.56 9.28
C PHE G 41 -42.03 -14.24 8.42
N SER G 42 -43.04 -13.67 9.05
CA SER G 42 -44.28 -13.31 8.39
C SER G 42 -44.08 -12.62 7.06
N SER G 43 -43.28 -11.59 7.05
CA SER G 43 -43.08 -10.82 5.85
C SER G 43 -42.32 -11.50 4.71
N GLN G 44 -41.61 -12.59 4.99
CA GLN G 44 -40.85 -13.25 3.92
C GLN G 44 -41.38 -14.61 3.46
N VAL G 45 -42.17 -15.26 4.32
CA VAL G 45 -42.73 -16.58 4.00
C VAL G 45 -43.54 -16.68 2.69
N PHE G 46 -44.19 -15.58 2.31
CA PHE G 46 -44.99 -15.59 1.09
C PHE G 46 -44.15 -15.37 -0.14
N LYS G 47 -42.88 -15.04 0.06
CA LYS G 47 -41.96 -14.79 -1.05
C LYS G 47 -41.10 -16.03 -1.26
N VAL G 48 -40.68 -16.63 -0.16
CA VAL G 48 -39.84 -17.83 -0.19
C VAL G 48 -40.63 -19.12 -0.43
N ALA G 49 -41.51 -19.45 0.53
CA ALA G 49 -42.31 -20.66 0.49
C ALA G 49 -42.91 -21.06 -0.86
N PRO G 50 -43.57 -20.14 -1.55
CA PRO G 50 -44.15 -20.51 -2.85
C PRO G 50 -43.27 -21.34 -3.76
N PRO G 51 -42.19 -20.76 -4.33
CA PRO G 51 -41.36 -21.59 -5.22
C PRO G 51 -40.90 -22.91 -4.62
N PHE G 52 -40.61 -22.96 -3.33
CA PHE G 52 -40.19 -24.22 -2.75
C PHE G 52 -41.37 -25.17 -2.66
N LEU G 53 -42.47 -24.70 -2.08
CA LEU G 53 -43.67 -25.51 -1.96
C LEU G 53 -43.94 -26.09 -3.33
N GLY G 54 -43.84 -25.21 -4.32
CA GLY G 54 -44.06 -25.64 -5.69
C GLY G 54 -43.15 -26.80 -6.06
N ALA G 55 -41.84 -26.56 -6.06
CA ALA G 55 -40.90 -27.60 -6.42
C ALA G 55 -41.22 -28.85 -5.64
N TYR G 56 -41.61 -28.68 -4.39
CA TYR G 56 -41.95 -29.84 -3.56
C TYR G 56 -42.94 -30.75 -4.25
N LEU G 57 -44.03 -30.15 -4.66
CA LEU G 57 -45.06 -30.89 -5.34
C LEU G 57 -44.42 -31.54 -6.56
N LEU G 58 -43.88 -30.75 -7.47
CA LEU G 58 -43.22 -31.30 -8.66
C LEU G 58 -42.38 -32.55 -8.34
N TYR G 59 -41.79 -32.57 -7.16
CA TYR G 59 -41.01 -33.72 -6.74
C TYR G 59 -41.97 -34.91 -6.62
N SER G 60 -42.92 -34.79 -5.69
CA SER G 60 -43.91 -35.84 -5.43
C SER G 60 -44.56 -36.38 -6.70
N TRP G 61 -45.04 -35.46 -7.53
CA TRP G 61 -45.66 -35.88 -8.76
C TRP G 61 -44.71 -36.74 -9.57
N GLY G 62 -43.61 -36.13 -9.99
CA GLY G 62 -42.63 -36.83 -10.80
C GLY G 62 -42.18 -38.13 -10.18
N THR G 63 -42.09 -38.17 -8.85
CA THR G 63 -41.66 -39.38 -8.16
C THR G 63 -42.76 -40.43 -8.31
N GLN G 64 -43.93 -40.11 -7.76
CA GLN G 64 -45.06 -41.00 -7.87
C GLN G 64 -45.30 -41.45 -9.32
N GLU G 65 -45.34 -40.50 -10.24
CA GLU G 65 -45.56 -40.85 -11.64
C GLU G 65 -44.53 -41.84 -12.16
N PHE G 66 -43.28 -41.63 -11.80
CA PHE G 66 -42.22 -42.54 -12.25
C PHE G 66 -42.51 -43.94 -11.71
N GLU G 67 -42.92 -43.98 -10.45
CA GLU G 67 -43.25 -45.22 -9.76
C GLU G 67 -44.44 -45.93 -10.32
N ARG G 68 -45.47 -45.15 -10.66
CA ARG G 68 -46.71 -45.70 -11.21
C ARG G 68 -46.32 -46.48 -12.45
N LEU G 69 -45.59 -45.82 -13.34
CA LEU G 69 -45.17 -46.44 -14.58
C LEU G 69 -44.36 -47.71 -14.34
N LYS G 70 -44.09 -48.03 -13.08
CA LYS G 70 -43.37 -49.27 -12.76
C LYS G 70 -44.42 -50.39 -12.77
N ARG G 71 -45.46 -50.23 -11.94
CA ARG G 71 -46.54 -51.20 -11.81
C ARG G 71 -47.00 -51.71 -13.17
N LYS G 72 -47.52 -52.93 -13.21
CA LYS G 72 -47.97 -53.50 -14.47
C LYS G 72 -49.44 -53.24 -14.73
N ASN G 73 -49.76 -53.15 -16.01
CA ASN G 73 -51.12 -52.90 -16.46
C ASN G 73 -51.78 -54.21 -16.85
N PRO G 74 -52.65 -54.74 -15.98
CA PRO G 74 -53.37 -56.00 -16.20
C PRO G 74 -53.95 -56.17 -17.59
N ALA G 75 -54.30 -55.05 -18.21
CA ALA G 75 -54.88 -55.09 -19.53
C ALA G 75 -53.92 -55.62 -20.59
N ASP G 76 -52.67 -55.82 -20.22
CA ASP G 76 -51.69 -56.32 -21.20
C ASP G 76 -51.67 -57.83 -21.34
N TYR G 77 -52.24 -58.54 -20.38
CA TYR G 77 -52.26 -60.01 -20.41
C TYR G 77 -53.66 -60.60 -20.24
N GLU G 78 -54.69 -59.77 -20.33
CA GLU G 78 -56.06 -60.23 -20.19
C GLU G 78 -56.59 -60.98 -21.42
N ASN G 79 -55.74 -61.14 -22.42
CA ASN G 79 -56.12 -61.86 -23.62
C ASN G 79 -55.23 -63.07 -23.75
N ASP G 80 -54.20 -63.10 -22.91
CA ASP G 80 -53.20 -64.15 -22.87
C ASP G 80 -53.69 -65.57 -22.57
N GLN G 81 -52.99 -66.55 -23.14
CA GLN G 81 -53.30 -67.95 -22.98
C GLN G 81 -52.17 -68.77 -22.34
CA GLU H 8 -34.07 -82.39 28.45
C GLU H 8 -35.02 -82.50 27.27
N GLU H 9 -35.93 -81.53 27.14
CA GLU H 9 -36.91 -81.53 26.05
C GLU H 9 -37.13 -80.15 25.38
N GLU H 10 -36.47 -79.94 24.24
CA GLU H 10 -36.60 -78.69 23.48
C GLU H 10 -36.78 -79.00 21.99
N GLU H 11 -36.21 -78.14 21.14
CA GLU H 11 -36.27 -78.28 19.69
C GLU H 11 -35.90 -76.96 19.00
N LEU H 12 -34.80 -76.98 18.25
CA LEU H 12 -34.35 -75.79 17.52
C LEU H 12 -35.36 -75.28 16.50
N VAL H 13 -35.75 -74.02 16.65
CA VAL H 13 -36.72 -73.38 15.78
C VAL H 13 -36.23 -71.96 15.52
N ASP H 14 -35.95 -71.65 14.26
CA ASP H 14 -35.47 -70.32 13.91
C ASP H 14 -36.59 -69.29 14.12
N PRO H 15 -36.43 -68.41 15.13
CA PRO H 15 -37.49 -67.42 15.33
C PRO H 15 -37.93 -66.73 14.06
N LEU H 16 -37.10 -66.81 13.02
CA LEU H 16 -37.41 -66.19 11.74
C LEU H 16 -38.70 -66.74 11.12
N THR H 17 -38.82 -68.06 11.13
CA THR H 17 -40.00 -68.74 10.58
C THR H 17 -41.20 -68.50 11.49
N THR H 18 -40.99 -68.68 12.78
CA THR H 18 -42.03 -68.47 13.78
C THR H 18 -42.73 -67.13 13.56
N ILE H 19 -41.94 -66.07 13.37
CA ILE H 19 -42.46 -64.74 13.17
C ILE H 19 -42.94 -64.51 11.75
N ARG H 20 -42.29 -65.12 10.77
CA ARG H 20 -42.71 -64.93 9.40
C ARG H 20 -44.15 -65.42 9.28
N GLU H 21 -44.49 -66.45 10.06
CA GLU H 21 -45.85 -67.00 10.02
C GLU H 21 -46.79 -66.00 10.63
N HIS H 22 -46.53 -65.68 11.89
CA HIS H 22 -47.32 -64.71 12.61
C HIS H 22 -47.61 -63.48 11.75
N CYS H 23 -46.59 -62.99 11.07
CA CYS H 23 -46.75 -61.81 10.22
C CYS H 23 -47.65 -62.00 9.02
N GLU H 24 -47.63 -63.19 8.42
CA GLU H 24 -48.44 -63.42 7.25
C GLU H 24 -49.92 -63.41 7.56
N GLN H 25 -50.23 -63.44 8.85
CA GLN H 25 -51.62 -63.40 9.30
C GLN H 25 -52.07 -61.96 9.40
N THR H 26 -51.15 -61.06 9.10
CA THR H 26 -51.39 -59.63 9.11
C THR H 26 -52.25 -59.14 7.95
N GLU H 27 -53.03 -58.12 8.24
CA GLU H 27 -53.90 -57.46 7.28
C GLU H 27 -53.26 -57.35 5.90
N LYS H 28 -52.23 -56.51 5.81
CA LYS H 28 -51.51 -56.25 4.57
C LYS H 28 -51.06 -57.49 3.83
N CYS H 29 -50.34 -58.37 4.53
CA CYS H 29 -49.83 -59.61 3.93
C CYS H 29 -50.93 -60.41 3.27
N VAL H 30 -51.93 -60.72 4.08
CA VAL H 30 -53.06 -61.50 3.64
C VAL H 30 -53.56 -61.03 2.28
N LYS H 31 -53.82 -59.74 2.17
CA LYS H 31 -54.31 -59.23 0.91
C LYS H 31 -53.25 -59.34 -0.17
N ALA H 32 -52.00 -59.09 0.22
CA ALA H 32 -50.87 -59.19 -0.70
C ALA H 32 -50.68 -60.63 -1.13
N ARG H 33 -50.67 -61.52 -0.14
CA ARG H 33 -50.52 -62.95 -0.37
C ARG H 33 -51.61 -63.41 -1.35
N GLU H 34 -52.83 -62.94 -1.10
CA GLU H 34 -53.97 -63.29 -1.93
C GLU H 34 -53.77 -62.78 -3.34
N ARG H 35 -53.39 -61.51 -3.44
CA ARG H 35 -53.17 -60.89 -4.74
C ARG H 35 -52.07 -61.63 -5.49
N LEU H 36 -51.17 -62.28 -4.73
CA LEU H 36 -50.08 -63.03 -5.34
C LEU H 36 -50.57 -64.38 -5.85
N GLU H 37 -51.27 -65.10 -4.98
CA GLU H 37 -51.80 -66.42 -5.33
C GLU H 37 -52.52 -66.27 -6.66
N LEU H 38 -53.34 -65.23 -6.76
CA LEU H 38 -54.11 -64.95 -7.96
C LEU H 38 -53.23 -64.85 -9.18
N CYS H 39 -52.15 -64.07 -9.07
CA CYS H 39 -51.25 -63.93 -10.20
C CYS H 39 -50.70 -65.29 -10.57
N ASP H 40 -50.02 -65.89 -9.61
CA ASP H 40 -49.42 -67.19 -9.78
C ASP H 40 -50.34 -68.12 -10.55
N ALA H 41 -51.55 -68.26 -10.03
CA ALA H 41 -52.56 -69.10 -10.64
C ALA H 41 -52.71 -68.90 -12.14
N ARG H 42 -53.10 -67.69 -12.55
CA ARG H 42 -53.31 -67.45 -13.97
C ARG H 42 -52.04 -67.55 -14.82
N VAL H 43 -50.90 -67.20 -14.25
CA VAL H 43 -49.67 -67.28 -15.02
C VAL H 43 -49.27 -68.76 -15.16
N SER H 44 -49.33 -69.47 -14.04
CA SER H 44 -49.00 -70.90 -13.97
C SER H 44 -49.85 -71.72 -14.93
N SER H 45 -51.04 -71.22 -15.22
CA SER H 45 -51.93 -71.91 -16.12
C SER H 45 -51.63 -71.47 -17.55
N ARG H 46 -51.60 -70.17 -17.78
CA ARG H 46 -51.30 -69.69 -19.12
C ARG H 46 -49.97 -70.22 -19.62
N SER H 47 -49.98 -70.76 -20.83
CA SER H 47 -48.78 -71.30 -21.43
C SER H 47 -48.33 -70.42 -22.60
N HIS H 48 -48.55 -69.10 -22.47
CA HIS H 48 -48.15 -68.14 -23.50
C HIS H 48 -48.44 -66.69 -23.11
N THR H 49 -48.03 -66.30 -21.90
CA THR H 49 -48.22 -64.95 -21.39
C THR H 49 -46.85 -64.45 -20.94
N GLU H 50 -46.58 -63.16 -21.16
CA GLU H 50 -45.31 -62.56 -20.77
C GLU H 50 -45.39 -62.06 -19.33
N GLU H 51 -46.54 -62.22 -18.70
CA GLU H 51 -46.69 -61.76 -17.34
C GLU H 51 -45.74 -62.47 -16.39
N GLN H 52 -45.54 -61.87 -15.24
CA GLN H 52 -44.69 -62.43 -14.18
C GLN H 52 -45.20 -61.91 -12.84
N CYS H 53 -45.10 -62.73 -11.81
CA CYS H 53 -45.61 -62.31 -10.51
C CYS H 53 -44.59 -61.69 -9.55
N THR H 54 -43.56 -61.09 -10.13
CA THR H 54 -42.53 -60.44 -9.35
C THR H 54 -43.19 -59.35 -8.49
N GLU H 55 -43.87 -58.42 -9.15
CA GLU H 55 -44.54 -57.32 -8.46
C GLU H 55 -45.33 -57.80 -7.25
N GLU H 56 -46.22 -58.75 -7.45
CA GLU H 56 -47.03 -59.25 -6.33
C GLU H 56 -46.16 -59.88 -5.25
N LEU H 57 -45.17 -60.65 -5.68
CA LEU H 57 -44.27 -61.29 -4.74
C LEU H 57 -43.59 -60.23 -3.90
N PHE H 58 -43.19 -59.14 -4.56
CA PHE H 58 -42.52 -58.05 -3.87
C PHE H 58 -43.45 -57.32 -2.90
N ASP H 59 -44.63 -56.96 -3.37
CA ASP H 59 -45.54 -56.28 -2.48
C ASP H 59 -45.77 -57.16 -1.26
N PHE H 60 -45.82 -58.47 -1.49
CA PHE H 60 -46.04 -59.41 -0.40
C PHE H 60 -44.87 -59.43 0.55
N LEU H 61 -43.72 -59.73 -0.04
CA LEU H 61 -42.46 -59.80 0.67
C LEU H 61 -42.21 -58.51 1.46
N HIS H 62 -42.38 -57.38 0.77
CA HIS H 62 -42.15 -56.09 1.37
C HIS H 62 -42.96 -55.92 2.67
N ALA H 63 -44.24 -56.24 2.58
CA ALA H 63 -45.14 -56.13 3.71
C ALA H 63 -44.77 -57.15 4.79
N ARG H 64 -44.45 -58.37 4.36
CA ARG H 64 -44.12 -59.41 5.31
C ARG H 64 -42.88 -59.08 6.10
N ASP H 65 -41.76 -59.04 5.40
CA ASP H 65 -40.48 -58.77 5.99
C ASP H 65 -40.44 -57.47 6.78
N HIS H 66 -41.15 -56.46 6.32
CA HIS H 66 -41.18 -55.21 7.06
C HIS H 66 -41.64 -55.60 8.46
N CYS H 67 -42.70 -56.38 8.52
CA CYS H 67 -43.24 -56.85 9.80
C CYS H 67 -42.19 -57.67 10.52
N VAL H 68 -41.65 -58.67 9.83
CA VAL H 68 -40.62 -59.53 10.39
C VAL H 68 -39.56 -58.70 11.12
N ALA H 69 -38.94 -57.80 10.36
CA ALA H 69 -37.87 -56.94 10.85
C ALA H 69 -38.29 -56.04 11.97
N HIS H 70 -39.54 -56.14 12.41
CA HIS H 70 -40.00 -55.27 13.46
C HIS H 70 -40.08 -55.91 14.84
N LYS H 71 -39.58 -57.13 14.96
CA LYS H 71 -39.58 -57.83 16.24
C LYS H 71 -38.66 -59.04 16.21
N LEU H 72 -38.30 -59.48 15.01
CA LEU H 72 -37.41 -60.62 14.86
C LEU H 72 -36.22 -60.52 15.77
N PHE H 73 -35.59 -59.35 15.84
CA PHE H 73 -34.41 -59.19 16.67
C PHE H 73 -34.64 -59.40 18.17
N ASN H 74 -35.84 -59.14 18.65
CA ASN H 74 -36.12 -59.34 20.08
C ASN H 74 -35.83 -60.78 20.44
N LYS H 75 -36.20 -61.68 19.54
CA LYS H 75 -35.99 -63.09 19.75
C LYS H 75 -34.57 -63.58 19.48
N LEU H 76 -33.78 -62.80 18.75
CA LEU H 76 -32.40 -63.18 18.47
C LEU H 76 -31.50 -62.69 19.60
N LYS H 77 -30.31 -63.25 19.70
CA LYS H 77 -29.38 -62.83 20.75
C LYS H 77 -28.28 -61.93 20.18
N UNK I 1 3.17 27.45 34.12
CA UNK I 1 3.14 25.98 34.39
C UNK I 1 2.13 25.60 35.48
N UNK I 2 0.95 26.21 35.43
CA UNK I 2 -0.10 25.93 36.40
C UNK I 2 -1.39 26.70 36.10
N UNK I 3 -1.59 27.04 34.84
CA UNK I 3 -2.77 27.78 34.40
C UNK I 3 -2.64 28.29 32.96
N UNK I 4 -3.60 27.95 32.10
CA UNK I 4 -3.54 28.42 30.73
C UNK I 4 -4.41 27.76 29.67
N UNK I 5 -3.93 26.64 29.09
CA UNK I 5 -4.65 25.93 28.04
C UNK I 5 -4.74 26.83 26.81
N UNK I 6 -4.06 26.51 25.72
CA UNK I 6 -4.10 27.39 24.54
C UNK I 6 -4.83 26.90 23.29
N UNK I 7 -5.56 27.82 22.65
CA UNK I 7 -6.33 27.56 21.44
C UNK I 7 -5.54 26.84 20.34
N UNK I 8 -6.10 26.82 19.13
CA UNK I 8 -5.47 26.18 17.98
C UNK I 8 -6.12 26.71 16.72
N UNK I 9 -5.34 26.90 15.67
CA UNK I 9 -5.93 27.44 14.45
C UNK I 9 -5.40 26.95 13.11
N UNK I 10 -5.87 27.60 12.05
CA UNK I 10 -5.49 27.27 10.69
C UNK I 10 -4.45 28.25 10.17
N UNK I 11 -3.71 27.80 9.16
CA UNK I 11 -2.69 28.64 8.55
C UNK I 11 -2.79 28.64 7.05
N UNK I 12 -1.65 28.53 6.36
CA UNK I 12 -1.59 28.55 4.90
C UNK I 12 -2.55 29.63 4.41
N UNK I 13 -2.67 30.67 5.23
CA UNK I 13 -3.59 31.76 4.95
C UNK I 13 -4.85 31.50 5.75
N UNK I 14 -5.98 31.40 5.06
CA UNK I 14 -7.24 31.14 5.74
C UNK I 14 -8.15 30.23 4.91
N UNK I 15 -8.95 29.41 5.61
CA UNK I 15 -9.85 28.50 4.92
C UNK I 15 -11.23 28.46 5.54
CA ARG I 16 -17.66 31.43 22.30
C ARG I 16 -17.45 32.84 21.75
N PRO I 17 -18.33 33.27 20.82
CA PRO I 17 -18.24 34.60 20.21
C PRO I 17 -18.77 35.71 21.12
N LEU I 18 -18.90 36.91 20.57
CA LEU I 18 -19.40 38.07 21.31
C LEU I 18 -20.72 38.52 20.63
N LEU I 19 -21.80 38.61 21.41
CA LEU I 19 -23.09 39.01 20.86
C LEU I 19 -23.97 39.78 21.86
N CYS I 20 -23.39 40.18 23.00
CA CYS I 20 -24.10 40.91 24.04
C CYS I 20 -23.19 41.92 24.75
N ARG I 21 -23.78 42.89 25.47
CA ARG I 21 -23.01 43.91 26.20
C ARG I 21 -22.25 43.29 27.38
N GLU I 22 -22.86 42.28 27.99
CA GLU I 22 -22.30 41.58 29.15
C GLU I 22 -20.99 40.80 28.94
N SER I 23 -21.05 39.69 28.18
CA SER I 23 -19.85 38.87 27.91
C SER I 23 -18.72 39.71 27.28
N MET I 24 -19.09 40.57 26.35
CA MET I 24 -18.11 41.45 25.71
C MET I 24 -17.47 42.30 26.80
N SER I 25 -18.17 43.36 27.21
CA SER I 25 -17.70 44.30 28.24
C SER I 25 -16.38 43.89 28.87
N GLY I 26 -15.34 44.66 28.55
CA GLY I 26 -14.00 44.38 29.04
C GLY I 26 -13.08 44.06 27.86
N ARG I 27 -13.69 43.61 26.76
CA ARG I 27 -12.95 43.24 25.55
C ARG I 27 -12.32 44.44 24.82
N SER I 28 -12.69 45.66 25.20
CA SER I 28 -12.11 46.86 24.57
C SER I 28 -10.71 47.07 25.13
N ALA I 29 -9.76 47.48 24.28
CA ALA I 29 -8.38 47.68 24.69
C ALA I 29 -8.23 48.22 26.09
N ARG I 30 -7.64 47.40 26.96
CA ARG I 30 -7.41 47.80 28.35
C ARG I 30 -6.36 48.90 28.30
N ARG I 31 -5.13 48.50 28.00
CA ARG I 31 -4.01 49.42 27.93
C ARG I 31 -3.06 48.91 26.82
N ASP I 32 -1.75 48.92 27.09
CA ASP I 32 -0.79 48.45 26.10
C ASP I 32 -1.09 47.00 25.71
N LEU I 33 -0.25 46.42 24.87
CA LEU I 33 -0.43 45.03 24.47
C LEU I 33 0.82 44.28 24.88
N VAL I 34 0.69 43.35 25.80
CA VAL I 34 1.83 42.57 26.25
C VAL I 34 1.77 41.15 25.70
N ALA I 35 2.87 40.68 25.11
CA ALA I 35 2.90 39.33 24.55
C ALA I 35 3.75 38.44 25.46
N GLY I 36 3.15 37.36 25.95
CA GLY I 36 3.90 36.46 26.82
C GLY I 36 4.02 35.07 26.24
N ILE I 37 5.17 34.44 26.45
CA ILE I 37 5.44 33.09 25.97
C ILE I 37 6.04 32.25 27.09
N SER I 38 5.62 31.01 27.17
CA SER I 38 6.14 30.16 28.21
C SER I 38 6.83 28.93 27.68
N LEU I 39 7.56 28.30 28.57
CA LEU I 39 8.31 27.09 28.27
C LEU I 39 7.42 25.90 28.58
N ASN I 40 6.59 26.06 29.61
CA ASN I 40 5.72 24.99 30.07
C ASN I 40 4.29 25.46 30.31
N ALA I 41 3.94 26.59 29.73
CA ALA I 41 2.60 27.14 29.88
C ALA I 41 2.07 27.66 28.53
N PRO I 42 0.80 28.11 28.50
CA PRO I 42 0.18 28.63 27.27
C PRO I 42 0.66 29.99 26.83
N ALA I 43 0.18 30.41 25.67
CA ALA I 43 0.53 31.71 25.13
C ALA I 43 -0.41 32.71 25.78
N SER I 44 0.06 33.95 25.98
CA SER I 44 -0.72 35.01 26.59
C SER I 44 -0.73 36.29 25.74
N VAL I 45 -1.67 37.19 26.04
CA VAL I 45 -1.78 38.44 25.30
C VAL I 45 -2.75 39.43 25.99
N ARG I 46 -2.35 40.71 26.09
CA ARG I 46 -3.18 41.74 26.72
C ARG I 46 -3.73 42.72 25.71
N ALA J 1 -19.09 -13.29 47.47
CA ALA J 1 -19.53 -12.99 46.08
C ALA J 1 -18.52 -13.56 45.11
N LEU J 2 -18.86 -14.70 44.51
CA LEU J 2 -17.94 -15.37 43.60
C LEU J 2 -17.62 -14.52 42.39
N LEU J 3 -18.66 -13.89 41.84
CA LEU J 3 -18.47 -13.07 40.67
C LEU J 3 -17.47 -11.99 41.00
N ARG J 4 -17.63 -11.38 42.17
CA ARG J 4 -16.71 -10.34 42.57
C ARG J 4 -15.34 -10.95 42.86
N GLN J 5 -15.31 -11.99 43.67
CA GLN J 5 -14.04 -12.65 44.01
C GLN J 5 -13.33 -13.15 42.77
N ALA J 6 -14.10 -13.84 41.92
CA ALA J 6 -13.59 -14.41 40.67
C ALA J 6 -13.00 -13.28 39.84
N TYR J 7 -13.81 -12.25 39.61
CA TYR J 7 -13.37 -11.11 38.84
C TYR J 7 -12.12 -10.56 39.50
N SER J 8 -12.30 -10.08 40.72
CA SER J 8 -11.21 -9.50 41.49
C SER J 8 -9.92 -10.31 41.50
N ALA J 9 -10.01 -11.63 41.56
CA ALA J 9 -8.80 -12.45 41.63
C ALA J 9 -8.36 -13.21 40.39
N LEU J 10 -9.24 -13.40 39.40
CA LEU J 10 -8.86 -14.17 38.22
C LEU J 10 -8.98 -13.43 36.91
N PHE J 11 -10.16 -12.87 36.66
CA PHE J 11 -10.47 -12.18 35.42
C PHE J 11 -9.92 -10.77 35.23
N ARG J 12 -9.63 -10.07 36.31
CA ARG J 12 -9.11 -8.71 36.19
C ARG J 12 -7.72 -8.65 35.57
N ARG J 13 -6.75 -9.26 36.24
CA ARG J 13 -5.39 -9.28 35.74
C ARG J 13 -5.24 -10.25 34.58
N THR J 14 -4.90 -9.71 33.41
CA THR J 14 -4.73 -10.50 32.19
C THR J 14 -3.89 -11.77 32.40
N SER J 15 -2.97 -11.73 33.35
CA SER J 15 -2.12 -12.88 33.65
C SER J 15 -2.91 -13.97 34.37
N THR J 16 -3.47 -13.60 35.53
CA THR J 16 -4.25 -14.52 36.34
C THR J 16 -5.37 -15.14 35.52
N PHE J 17 -5.85 -14.37 34.54
CA PHE J 17 -6.91 -14.84 33.65
C PHE J 17 -6.34 -16.00 32.85
N ALA J 18 -5.23 -15.78 32.18
CA ALA J 18 -4.59 -16.82 31.39
C ALA J 18 -4.33 -18.07 32.23
N LEU J 19 -3.69 -17.89 33.37
CA LEU J 19 -3.42 -19.04 34.23
C LEU J 19 -4.70 -19.75 34.61
N THR J 20 -5.75 -18.99 34.88
CA THR J 20 -7.03 -19.58 35.24
C THR J 20 -7.56 -20.44 34.09
N VAL J 21 -7.34 -20.01 32.85
CA VAL J 21 -7.80 -20.77 31.68
C VAL J 21 -7.04 -22.09 31.58
N VAL J 22 -5.73 -22.02 31.78
CA VAL J 22 -4.87 -23.21 31.73
C VAL J 22 -5.34 -24.19 32.80
N LEU J 23 -5.37 -23.70 34.03
CA LEU J 23 -5.82 -24.49 35.18
C LEU J 23 -7.19 -25.06 34.90
N GLY J 24 -8.07 -24.19 34.41
CA GLY J 24 -9.43 -24.57 34.10
C GLY J 24 -9.46 -25.79 33.20
N ALA J 25 -8.97 -25.63 31.98
CA ALA J 25 -8.93 -26.74 31.03
C ALA J 25 -8.56 -28.03 31.75
N VAL J 26 -7.40 -27.99 32.40
CA VAL J 26 -6.92 -29.13 33.13
C VAL J 26 -7.98 -29.84 33.95
N LEU J 27 -8.63 -29.11 34.85
CA LEU J 27 -9.64 -29.73 35.68
C LEU J 27 -10.83 -30.11 34.81
N PHE J 28 -11.20 -29.22 33.91
CA PHE J 28 -12.31 -29.48 33.02
C PHE J 28 -12.09 -30.75 32.21
N GLU J 29 -10.90 -30.86 31.64
CA GLU J 29 -10.58 -32.03 30.84
C GLU J 29 -10.92 -33.30 31.61
N ARG J 30 -10.16 -33.56 32.68
CA ARG J 30 -10.39 -34.75 33.52
C ARG J 30 -11.87 -34.98 33.72
N ALA J 31 -12.54 -34.00 34.33
CA ALA J 31 -13.96 -34.10 34.59
C ALA J 31 -14.74 -34.48 33.35
N PHE J 32 -14.63 -33.67 32.31
CA PHE J 32 -15.36 -33.96 31.09
C PHE J 32 -15.07 -35.36 30.55
N ASP J 33 -13.80 -35.64 30.23
CA ASP J 33 -13.44 -36.94 29.67
C ASP J 33 -14.01 -38.10 30.47
N GLN J 34 -13.85 -38.07 31.78
CA GLN J 34 -14.38 -39.16 32.61
C GLN J 34 -15.88 -39.30 32.42
N GLY J 35 -16.61 -38.24 32.76
CA GLY J 35 -18.05 -38.27 32.64
C GLY J 35 -18.57 -38.67 31.26
N ALA J 36 -17.91 -38.19 30.22
CA ALA J 36 -18.31 -38.51 28.86
C ALA J 36 -18.25 -40.02 28.69
N ASP J 37 -17.07 -40.57 28.95
CA ASP J 37 -16.87 -41.99 28.83
C ASP J 37 -17.94 -42.70 29.65
N ALA J 38 -18.13 -42.25 30.88
CA ALA J 38 -19.13 -42.84 31.75
C ALA J 38 -20.47 -42.91 31.04
N ILE J 39 -20.94 -41.79 30.54
CA ILE J 39 -22.21 -41.75 29.85
C ILE J 39 -22.23 -42.71 28.66
N PHE J 40 -21.14 -42.76 27.89
CA PHE J 40 -21.10 -43.66 26.74
C PHE J 40 -21.22 -45.13 27.16
N GLU J 41 -20.28 -45.54 28.01
CA GLU J 41 -20.23 -46.92 28.51
C GLU J 41 -21.54 -47.33 29.15
N HIS J 42 -22.19 -46.40 29.84
CA HIS J 42 -23.46 -46.72 30.46
C HIS J 42 -24.50 -47.04 29.39
N LEU J 43 -24.59 -46.17 28.39
CA LEU J 43 -25.54 -46.36 27.31
C LEU J 43 -25.23 -47.63 26.51
N ASN J 44 -24.06 -48.21 26.73
CA ASN J 44 -23.69 -49.40 26.00
C ASN J 44 -23.25 -50.56 26.87
N GLU J 45 -23.99 -50.83 27.94
CA GLU J 45 -23.63 -51.91 28.87
C GLU J 45 -23.57 -53.30 28.29
N GLY J 46 -22.56 -54.05 28.72
CA GLY J 46 -22.35 -55.41 28.28
C GLY J 46 -21.98 -55.63 26.82
N LYS J 47 -21.89 -54.53 26.06
CA LYS J 47 -21.58 -54.64 24.63
C LYS J 47 -20.14 -54.40 24.32
N LEU J 48 -19.44 -53.72 25.22
CA LEU J 48 -18.05 -53.39 25.00
C LEU J 48 -17.11 -54.50 25.40
N TRP J 49 -15.96 -54.57 24.76
CA TRP J 49 -14.99 -55.60 25.10
C TRP J 49 -14.60 -55.42 26.54
N LYS J 50 -14.85 -54.23 27.06
CA LYS J 50 -14.53 -53.94 28.45
C LYS J 50 -15.40 -54.91 29.25
N HIS J 51 -16.66 -54.97 28.87
CA HIS J 51 -17.67 -55.80 29.53
C HIS J 51 -17.54 -57.31 29.30
N ILE J 52 -17.32 -57.70 28.04
CA ILE J 52 -17.17 -59.10 27.64
C ILE J 52 -15.86 -59.67 28.22
N LYS J 53 -14.79 -58.90 28.05
CA LYS J 53 -13.42 -59.22 28.47
C LYS J 53 -13.20 -60.44 29.38
N HIS J 54 -13.57 -60.32 30.64
CA HIS J 54 -13.40 -61.38 31.63
C HIS J 54 -13.68 -62.83 31.21
N LYS J 55 -14.56 -63.04 30.24
CA LYS J 55 -14.88 -64.41 29.84
C LYS J 55 -13.75 -65.17 29.16
N TYR J 56 -12.73 -64.47 28.69
CA TYR J 56 -11.61 -65.12 27.99
C TYR J 56 -10.25 -64.60 28.47
N GLU J 57 -10.28 -63.48 29.19
CA GLU J 57 -9.07 -62.83 29.69
C GLU J 57 -8.62 -63.52 30.98
N ALA J 58 -7.66 -64.44 30.85
CA ALA J 58 -7.15 -65.16 32.01
C ALA J 58 -8.33 -65.86 32.70
N SER J 59 -9.28 -66.31 31.87
CA SER J 59 -10.50 -66.99 32.35
C SER J 59 -10.48 -68.49 32.06
N GLU J 60 -9.76 -68.87 31.02
CA GLU J 60 -9.66 -70.27 30.62
C GLU J 60 -8.20 -70.65 30.42
N GLU J 61 -7.88 -71.90 30.76
CA GLU J 61 -6.52 -72.44 30.62
C GLU J 61 -5.48 -71.75 31.52
N THR K 3 -17.83 38.23 -47.08
CA THR K 3 -17.41 36.91 -46.52
C THR K 3 -15.89 36.81 -46.28
N TYR K 4 -15.53 35.86 -45.44
CA TYR K 4 -14.13 35.60 -45.07
C TYR K 4 -13.25 35.42 -46.31
N ALA K 5 -13.61 34.43 -47.13
CA ALA K 5 -12.86 34.14 -48.35
C ALA K 5 -12.48 35.42 -49.06
N GLN K 6 -13.51 36.19 -49.39
CA GLN K 6 -13.35 37.45 -50.10
C GLN K 6 -12.49 38.48 -49.39
N THR K 7 -12.77 38.73 -48.11
CA THR K 7 -11.99 39.70 -47.36
C THR K 7 -10.50 39.38 -47.50
N LEU K 8 -10.20 38.11 -47.72
CA LEU K 8 -8.81 37.68 -47.86
C LEU K 8 -8.19 38.13 -49.18
N GLN K 9 -8.89 37.88 -50.26
CA GLN K 9 -8.42 38.25 -51.59
C GLN K 9 -8.55 39.76 -51.87
N ASN K 10 -8.93 40.52 -50.85
CA ASN K 10 -9.09 41.96 -50.99
C ASN K 10 -7.94 42.71 -50.36
N ILE K 11 -7.39 42.13 -49.30
CA ILE K 11 -6.27 42.76 -48.62
C ILE K 11 -5.28 43.13 -49.70
N PRO K 12 -4.87 44.39 -49.74
CA PRO K 12 -3.91 44.87 -50.74
C PRO K 12 -2.64 44.02 -50.79
N GLU K 13 -2.11 43.87 -52.01
CA GLU K 13 -0.90 43.09 -52.20
C GLU K 13 0.30 43.79 -51.59
N THR K 14 1.26 43.00 -51.15
CA THR K 14 2.47 43.53 -50.55
C THR K 14 3.46 43.79 -51.66
N ASN K 15 3.90 45.03 -51.79
CA ASN K 15 4.84 45.41 -52.84
C ASN K 15 6.28 45.28 -52.41
N VAL K 16 7.12 44.82 -53.34
CA VAL K 16 8.54 44.64 -53.10
C VAL K 16 9.38 45.15 -54.28
N THR K 17 10.41 45.93 -53.98
CA THR K 17 11.33 46.44 -54.99
C THR K 17 12.72 46.30 -54.38
N THR K 18 13.71 46.05 -55.23
CA THR K 18 15.10 45.88 -54.79
C THR K 18 16.01 47.02 -55.29
N LEU K 19 16.84 47.54 -54.39
CA LEU K 19 17.78 48.62 -54.71
C LEU K 19 19.09 47.96 -55.14
N ASP K 20 19.66 48.41 -56.25
CA ASP K 20 20.88 47.81 -56.77
C ASP K 20 21.92 47.39 -55.76
N ASN K 21 21.88 47.96 -54.56
CA ASN K 21 22.85 47.61 -53.54
C ASN K 21 22.47 46.37 -52.73
N GLY K 22 21.41 45.69 -53.16
CA GLY K 22 20.98 44.47 -52.48
C GLY K 22 19.73 44.63 -51.65
N LEU K 23 19.57 45.81 -51.04
CA LEU K 23 18.43 46.10 -50.18
C LEU K 23 17.09 45.82 -50.84
N ARG K 24 16.19 45.22 -50.06
CA ARG K 24 14.87 44.91 -50.55
C ARG K 24 13.84 45.69 -49.75
N VAL K 25 13.09 46.52 -50.45
CA VAL K 25 12.07 47.34 -49.82
C VAL K 25 10.72 46.74 -50.12
N ALA K 26 9.91 46.55 -49.08
CA ALA K 26 8.58 45.98 -49.24
C ALA K 26 7.58 46.63 -48.30
N SER K 27 6.31 46.62 -48.69
CA SER K 27 5.29 47.25 -47.87
C SER K 27 3.85 46.88 -48.22
N GLU K 28 2.98 47.04 -47.24
CA GLU K 28 1.57 46.78 -47.41
C GLU K 28 0.88 48.08 -47.04
N GLU K 29 0.23 48.66 -48.04
CA GLU K 29 -0.44 49.95 -47.89
C GLU K 29 -1.85 49.90 -47.33
N SER K 30 -2.05 50.57 -46.20
CA SER K 30 -3.38 50.64 -45.59
C SER K 30 -3.70 52.13 -45.47
N SER K 31 -4.94 52.45 -45.14
CA SER K 31 -5.35 53.84 -45.00
C SER K 31 -4.92 54.41 -43.66
N GLN K 32 -4.42 53.54 -42.80
CA GLN K 32 -3.98 53.92 -41.47
C GLN K 32 -3.19 55.24 -41.43
N PRO K 33 -3.61 56.18 -40.56
CA PRO K 33 -2.95 57.48 -40.43
C PRO K 33 -1.60 57.32 -39.73
N THR K 34 -1.50 56.27 -38.94
CA THR K 34 -0.27 55.96 -38.23
C THR K 34 0.35 54.77 -38.97
N CYS K 35 1.58 54.41 -38.65
CA CYS K 35 2.23 53.27 -39.33
C CYS K 35 3.44 52.71 -38.59
N THR K 36 4.14 51.79 -39.28
CA THR K 36 5.34 51.16 -38.75
C THR K 36 6.29 50.86 -39.93
N VAL K 37 7.58 51.15 -39.71
CA VAL K 37 8.61 50.88 -40.70
C VAL K 37 9.86 50.44 -39.95
N GLY K 38 10.61 49.53 -40.55
CA GLY K 38 11.81 49.04 -39.91
C GLY K 38 12.65 48.21 -40.85
N VAL K 39 13.85 47.92 -40.39
CA VAL K 39 14.78 47.13 -41.18
C VAL K 39 14.98 45.79 -40.48
N TRP K 40 14.66 44.72 -41.20
CA TRP K 40 14.78 43.36 -40.69
C TRP K 40 16.03 42.71 -41.26
N ILE K 41 17.09 42.70 -40.46
CA ILE K 41 18.35 42.12 -40.90
C ILE K 41 18.41 40.60 -40.72
N GLY K 42 19.06 39.94 -41.67
CA GLY K 42 19.21 38.50 -41.59
C GLY K 42 20.49 38.19 -40.83
N ALA K 43 20.54 38.58 -39.56
CA ALA K 43 21.71 38.33 -38.72
C ALA K 43 21.24 37.97 -37.33
N GLY K 44 22.08 37.25 -36.61
CA GLY K 44 21.74 36.84 -35.25
C GLY K 44 22.91 36.21 -34.53
N SER K 45 22.65 35.53 -33.41
CA SER K 45 23.70 34.89 -32.63
C SER K 45 24.21 33.65 -33.36
N ARG K 46 23.46 33.19 -34.35
CA ARG K 46 23.90 32.02 -35.10
C ARG K 46 25.02 32.40 -36.03
N TYR K 47 25.04 33.68 -36.42
CA TYR K 47 26.11 34.19 -37.28
C TYR K 47 27.33 34.50 -36.44
N GLU K 48 27.14 34.67 -35.15
CA GLU K 48 28.27 34.95 -34.29
C GLU K 48 29.01 33.64 -34.11
N ASN K 49 30.30 33.73 -33.83
CA ASN K 49 31.08 32.53 -33.60
C ASN K 49 31.37 32.52 -32.11
N GLU K 50 32.30 31.68 -31.68
CA GLU K 50 32.60 31.57 -30.26
C GLU K 50 33.24 32.79 -29.62
N LYS K 51 34.04 33.53 -30.38
CA LYS K 51 34.73 34.70 -29.85
C LYS K 51 33.86 35.95 -29.69
N ASN K 52 32.86 36.11 -30.56
CA ASN K 52 31.99 37.28 -30.45
C ASN K 52 30.53 36.98 -30.06
N ASN K 53 30.28 35.80 -29.48
CA ASN K 53 28.91 35.46 -29.07
C ASN K 53 28.45 36.62 -28.20
N GLY K 54 27.38 37.28 -28.62
CA GLY K 54 26.88 38.38 -27.84
C GLY K 54 27.05 39.73 -28.50
N ALA K 55 27.68 39.74 -29.68
CA ALA K 55 27.88 40.98 -30.39
C ALA K 55 26.53 41.57 -30.78
N GLY K 56 25.80 40.88 -31.66
CA GLY K 56 24.50 41.37 -32.10
C GLY K 56 23.58 41.87 -31.00
N TYR K 57 23.83 41.44 -29.77
CA TYR K 57 23.01 41.85 -28.64
C TYR K 57 23.60 43.12 -28.06
N PHE K 58 24.93 43.15 -27.97
CA PHE K 58 25.63 44.31 -27.44
C PHE K 58 25.35 45.47 -28.40
N VAL K 59 25.38 45.16 -29.70
CA VAL K 59 25.11 46.11 -30.75
C VAL K 59 23.67 46.59 -30.69
N GLU K 60 22.75 45.71 -30.28
CA GLU K 60 21.34 46.07 -30.19
C GLU K 60 21.21 47.16 -29.12
N HIS K 61 22.02 47.05 -28.08
CA HIS K 61 22.03 48.01 -26.99
C HIS K 61 22.62 49.35 -27.34
N LEU K 62 23.13 49.49 -28.56
CA LEU K 62 23.76 50.75 -28.96
C LEU K 62 23.13 51.41 -30.18
N ALA K 63 22.37 50.65 -30.95
CA ALA K 63 21.73 51.19 -32.16
C ALA K 63 20.73 52.27 -31.78
N PHE K 64 20.60 52.49 -30.48
CA PHE K 64 19.66 53.48 -29.98
C PHE K 64 20.29 54.57 -29.12
N LYS K 65 21.57 54.42 -28.78
CA LYS K 65 22.23 55.43 -27.97
C LYS K 65 22.88 56.53 -28.81
N GLY K 66 22.49 56.60 -30.08
CA GLY K 66 23.00 57.62 -30.98
C GLY K 66 23.93 57.23 -32.11
N THR K 67 23.86 57.99 -33.20
CA THR K 67 24.70 57.76 -34.38
C THR K 67 25.78 58.85 -34.47
N LYS K 68 26.61 58.77 -35.51
CA LYS K 68 27.69 59.73 -35.71
C LYS K 68 27.13 61.12 -35.92
N LYS K 69 26.19 61.25 -36.86
CA LYS K 69 25.56 62.54 -37.14
C LYS K 69 24.79 63.11 -35.94
N ARG K 70 23.88 62.32 -35.38
CA ARG K 70 23.09 62.77 -34.24
C ARG K 70 23.32 61.98 -32.94
N PRO K 71 24.22 62.48 -32.07
CA PRO K 71 24.57 61.86 -30.78
C PRO K 71 23.36 61.52 -29.91
N CYS K 72 23.61 60.98 -28.71
CA CYS K 72 22.54 60.54 -27.82
C CYS K 72 21.29 61.42 -27.77
N ALA K 73 21.34 62.50 -27.01
CA ALA K 73 20.18 63.38 -26.90
C ALA K 73 19.64 63.78 -28.27
N ALA K 74 20.53 64.16 -29.19
CA ALA K 74 20.14 64.57 -30.53
C ALA K 74 19.17 63.57 -31.16
N PHE K 75 19.52 62.30 -31.04
CA PHE K 75 18.73 61.18 -31.57
C PHE K 75 17.42 61.02 -30.82
N GLU K 76 17.52 60.69 -29.53
CA GLU K 76 16.34 60.52 -28.70
C GLU K 76 15.40 61.69 -28.82
N LYS K 77 15.90 62.89 -28.57
CA LYS K 77 15.09 64.10 -28.64
C LYS K 77 14.33 64.15 -29.95
N GLU K 78 15.06 64.10 -31.05
CA GLU K 78 14.43 64.14 -32.36
C GLU K 78 13.31 63.11 -32.49
N VAL K 79 13.56 61.91 -31.97
CA VAL K 79 12.59 60.81 -32.05
C VAL K 79 11.46 60.93 -31.03
N GLU K 80 11.81 61.16 -29.77
CA GLU K 80 10.82 61.30 -28.72
C GLU K 80 9.85 62.42 -29.07
N SER K 81 10.41 63.54 -29.52
CA SER K 81 9.63 64.72 -29.86
C SER K 81 8.66 64.57 -31.04
N MET K 82 8.81 63.51 -31.84
CA MET K 82 7.88 63.36 -32.95
C MET K 82 6.84 62.32 -32.67
N GLY K 83 6.73 61.97 -31.39
CA GLY K 83 5.76 60.99 -30.94
C GLY K 83 5.93 59.61 -31.56
N ALA K 84 7.18 59.26 -31.86
CA ALA K 84 7.48 57.97 -32.48
C ALA K 84 8.10 57.02 -31.48
N HIS K 85 7.89 55.73 -31.72
CA HIS K 85 8.42 54.72 -30.83
C HIS K 85 9.43 53.90 -31.59
N PHE K 86 10.65 53.88 -31.08
CA PHE K 86 11.71 53.13 -31.71
C PHE K 86 12.05 51.98 -30.79
N ASN K 87 12.26 50.81 -31.37
CA ASN K 87 12.57 49.63 -30.60
C ASN K 87 12.85 48.46 -31.54
N GLY K 88 13.53 47.45 -31.02
CA GLY K 88 13.86 46.30 -31.84
C GLY K 88 14.19 45.05 -31.04
N TYR K 89 14.89 44.12 -31.68
CA TYR K 89 15.24 42.84 -31.05
C TYR K 89 16.35 42.12 -31.80
N THR K 90 16.78 40.99 -31.24
CA THR K 90 17.84 40.19 -31.85
C THR K 90 17.71 38.69 -31.49
N SER K 91 17.29 37.87 -32.47
CA SER K 91 17.11 36.44 -32.22
C SER K 91 18.38 35.66 -32.54
N ARG K 92 18.25 34.36 -32.77
CA ARG K 92 19.42 33.54 -33.08
C ARG K 92 19.82 33.72 -34.52
N GLU K 93 18.87 33.92 -35.42
CA GLU K 93 19.26 34.14 -36.80
C GLU K 93 18.44 35.22 -37.53
N GLN K 94 17.93 36.17 -36.74
CA GLN K 94 17.15 37.30 -37.25
C GLN K 94 17.22 38.47 -36.27
N THR K 95 17.58 39.65 -36.78
CA THR K 95 17.67 40.86 -35.98
C THR K 95 16.75 41.91 -36.62
N ALA K 96 16.14 42.76 -35.80
CA ALA K 96 15.25 43.78 -36.35
C ALA K 96 15.21 45.08 -35.55
N PHE K 97 15.06 46.19 -36.29
CA PHE K 97 14.96 47.56 -35.73
C PHE K 97 13.82 48.24 -36.50
N TYR K 98 12.82 48.75 -35.76
CA TYR K 98 11.67 49.40 -36.38
C TYR K 98 11.07 50.52 -35.57
N ILE K 99 10.37 51.41 -36.25
CA ILE K 99 9.74 52.56 -35.62
C ILE K 99 8.23 52.64 -35.89
N LYS K 100 7.52 53.19 -34.90
CA LYS K 100 6.08 53.39 -35.00
C LYS K 100 5.92 54.90 -35.03
N ALA K 101 5.56 55.41 -36.20
CA ALA K 101 5.38 56.84 -36.39
C ALA K 101 4.18 57.14 -37.27
N LEU K 102 3.84 58.43 -37.33
CA LEU K 102 2.71 58.91 -38.12
C LEU K 102 3.04 58.72 -39.60
N SER K 103 2.10 58.17 -40.35
CA SER K 103 2.30 57.93 -41.77
C SER K 103 2.94 59.14 -42.44
N LYS K 104 2.75 60.30 -41.81
CA LYS K 104 3.31 61.56 -42.28
C LYS K 104 4.82 61.49 -42.29
N ASP K 105 5.41 61.09 -41.16
CA ASP K 105 6.85 60.99 -41.01
C ASP K 105 7.51 59.80 -41.69
N MET K 106 6.73 59.06 -42.47
CA MET K 106 7.24 57.88 -43.18
C MET K 106 8.67 58.07 -43.71
N PRO K 107 8.91 59.13 -44.50
CA PRO K 107 10.23 59.40 -45.06
C PRO K 107 11.33 59.83 -44.08
N LYS K 108 11.00 60.56 -43.03
CA LYS K 108 12.04 60.97 -42.08
C LYS K 108 12.53 59.78 -41.25
N VAL K 109 11.63 58.83 -41.05
CA VAL K 109 11.94 57.66 -40.27
C VAL K 109 12.97 56.82 -41.02
N VAL K 110 12.69 56.54 -42.29
CA VAL K 110 13.60 55.76 -43.10
C VAL K 110 15.00 56.33 -42.95
N GLU K 111 15.12 57.66 -43.00
CA GLU K 111 16.41 58.32 -42.84
C GLU K 111 17.00 57.90 -41.49
N LEU K 112 16.20 58.00 -40.45
CA LEU K 112 16.62 57.62 -39.11
C LEU K 112 17.05 56.16 -39.04
N LEU K 113 16.25 55.28 -39.65
CA LEU K 113 16.56 53.85 -39.68
C LEU K 113 17.95 53.68 -40.29
N ALA K 114 18.09 54.22 -41.51
CA ALA K 114 19.34 54.17 -42.25
C ALA K 114 20.50 54.66 -41.39
N ASP K 115 20.30 55.79 -40.71
CA ASP K 115 21.35 56.35 -39.86
C ASP K 115 21.76 55.44 -38.70
N VAL K 116 20.88 54.52 -38.31
CA VAL K 116 21.19 53.61 -37.20
C VAL K 116 22.01 52.41 -37.66
N VAL K 117 21.49 51.69 -38.65
CA VAL K 117 22.15 50.49 -39.17
C VAL K 117 23.51 50.78 -39.80
N GLN K 118 23.70 52.03 -40.25
CA GLN K 118 24.92 52.44 -40.91
C GLN K 118 25.90 53.22 -40.06
N ASN K 119 25.44 54.31 -39.46
CA ASN K 119 26.34 55.16 -38.67
C ASN K 119 26.25 55.09 -37.16
N CYS K 120 26.24 53.89 -36.60
CA CYS K 120 26.16 53.80 -35.14
C CYS K 120 27.41 54.42 -34.52
N ALA K 121 27.19 55.38 -33.62
CA ALA K 121 28.29 56.05 -32.95
C ALA K 121 29.22 55.04 -32.31
N LEU K 122 28.66 54.17 -31.47
CA LEU K 122 29.43 53.16 -30.78
C LEU K 122 30.38 53.86 -29.82
N GLU K 123 29.92 54.97 -29.27
CA GLU K 123 30.71 55.74 -28.35
C GLU K 123 31.32 54.81 -27.32
N GLU K 124 32.62 54.61 -27.40
CA GLU K 124 33.31 53.72 -26.47
C GLU K 124 33.09 54.08 -25.00
N SER K 125 32.41 55.19 -24.74
CA SER K 125 32.12 55.63 -23.37
C SER K 125 30.90 54.85 -22.94
N GLN K 126 29.89 54.91 -23.80
CA GLN K 126 28.61 54.22 -23.61
C GLN K 126 28.84 52.73 -23.52
N ILE K 127 29.64 52.20 -24.44
CA ILE K 127 29.95 50.78 -24.47
C ILE K 127 30.21 50.25 -23.08
N GLU K 128 31.14 50.85 -22.35
CA GLU K 128 31.43 50.36 -21.01
C GLU K 128 30.23 50.39 -20.08
N LYS K 129 29.28 51.26 -20.39
CA LYS K 129 28.07 51.38 -19.58
C LYS K 129 27.14 50.22 -19.91
N GLU K 130 26.82 50.09 -21.20
CA GLU K 130 25.95 49.02 -21.67
C GLU K 130 26.52 47.68 -21.25
N ARG K 131 27.84 47.60 -21.13
CA ARG K 131 28.49 46.37 -20.73
C ARG K 131 27.92 45.95 -19.38
N GLY K 132 27.83 46.90 -18.46
CA GLY K 132 27.29 46.59 -17.15
C GLY K 132 25.79 46.37 -17.18
N VAL K 133 25.12 46.95 -18.17
CA VAL K 133 23.67 46.80 -18.31
C VAL K 133 23.32 45.40 -18.77
N ILE K 134 23.95 44.96 -19.86
CA ILE K 134 23.70 43.64 -20.37
C ILE K 134 23.97 42.66 -19.23
N LEU K 135 25.13 42.77 -18.61
CA LEU K 135 25.50 41.89 -17.50
C LEU K 135 24.40 41.81 -16.46
N GLN K 136 23.67 42.90 -16.29
CA GLN K 136 22.58 42.92 -15.34
C GLN K 136 21.45 42.11 -15.94
N GLU K 137 20.98 42.56 -17.11
CA GLU K 137 19.90 41.89 -17.79
C GLU K 137 20.07 40.38 -17.73
N LEU K 138 21.30 39.91 -17.78
CA LEU K 138 21.51 38.48 -17.70
C LEU K 138 21.07 38.03 -16.31
N LYS K 139 21.61 38.63 -15.26
CA LYS K 139 21.21 38.25 -13.91
C LYS K 139 19.70 38.06 -13.84
N GLU K 140 18.98 38.96 -14.50
CA GLU K 140 17.52 38.93 -14.50
C GLU K 140 16.96 37.79 -15.35
N MET K 141 17.26 37.78 -16.64
CA MET K 141 16.75 36.74 -17.53
C MET K 141 17.07 35.33 -17.05
N ASP K 142 18.07 35.20 -16.18
CA ASP K 142 18.44 33.90 -15.67
C ASP K 142 17.35 33.39 -14.73
N ASN K 143 16.53 34.30 -14.22
CA ASN K 143 15.46 33.91 -13.34
C ASN K 143 14.18 33.69 -14.11
N ASP K 144 14.31 33.50 -15.41
CA ASP K 144 13.14 33.24 -16.23
C ASP K 144 13.28 31.80 -16.69
N MET K 145 12.76 30.89 -15.87
CA MET K 145 12.79 29.46 -16.14
C MET K 145 12.51 29.14 -17.59
N THR K 146 11.46 29.75 -18.12
CA THR K 146 11.09 29.49 -19.48
C THR K 146 12.26 29.76 -20.41
N ASN K 147 12.93 30.89 -20.22
CA ASN K 147 14.08 31.22 -21.05
C ASN K 147 15.20 30.23 -20.78
N VAL K 148 15.63 30.14 -19.54
CA VAL K 148 16.70 29.21 -19.19
C VAL K 148 16.47 27.85 -19.85
N THR K 149 15.22 27.42 -19.85
CA THR K 149 14.85 26.13 -20.42
C THR K 149 14.94 26.03 -21.93
N PHE K 150 14.60 27.08 -22.66
CA PHE K 150 14.68 26.99 -24.11
C PHE K 150 16.11 27.17 -24.59
N ASP K 151 16.88 27.96 -23.85
CA ASP K 151 18.28 28.14 -24.23
C ASP K 151 18.91 26.77 -24.11
N TYR K 152 18.75 26.17 -22.92
CA TYR K 152 19.28 24.83 -22.66
C TYR K 152 18.77 23.85 -23.71
N LEU K 153 17.50 23.98 -24.09
CA LEU K 153 16.96 23.08 -25.09
C LEU K 153 17.87 23.18 -26.29
N HIS K 154 18.06 24.39 -26.79
CA HIS K 154 18.96 24.62 -27.93
C HIS K 154 20.37 24.14 -27.57
N ALA K 155 20.79 24.50 -26.37
CA ALA K 155 22.10 24.13 -25.87
C ALA K 155 22.44 22.65 -26.06
N THR K 156 21.45 21.78 -25.93
CA THR K 156 21.72 20.36 -26.06
C THR K 156 21.21 19.83 -27.38
N ALA K 157 20.05 20.31 -27.83
CA ALA K 157 19.49 19.83 -29.08
C ALA K 157 20.46 20.10 -30.25
N PHE K 158 21.11 21.26 -30.21
CA PHE K 158 22.06 21.67 -31.24
C PHE K 158 23.46 21.74 -30.69
N GLN K 159 23.71 21.02 -29.61
CA GLN K 159 25.01 20.99 -28.98
C GLN K 159 26.09 20.86 -30.02
N GLY K 160 27.20 21.55 -29.79
CA GLY K 160 28.31 21.50 -30.71
C GLY K 160 28.21 22.41 -31.92
N THR K 161 27.06 23.05 -32.14
CA THR K 161 26.91 23.94 -33.27
C THR K 161 26.69 25.39 -32.82
N ALA K 162 26.46 26.27 -33.77
CA ALA K 162 26.27 27.68 -33.45
C ALA K 162 24.89 27.95 -32.88
N LEU K 163 23.93 27.13 -33.28
CA LEU K 163 22.56 27.28 -32.81
C LEU K 163 22.41 26.94 -31.34
N ALA K 164 23.46 26.37 -30.76
CA ALA K 164 23.40 26.01 -29.36
C ALA K 164 23.85 27.13 -28.46
N ARG K 165 23.95 28.33 -29.02
CA ARG K 165 24.37 29.49 -28.23
C ARG K 165 23.19 30.38 -27.94
N THR K 166 23.30 31.11 -26.83
CA THR K 166 22.23 32.03 -26.45
C THR K 166 22.43 33.29 -27.29
N VAL K 167 21.39 34.11 -27.40
CA VAL K 167 21.48 35.35 -28.15
C VAL K 167 22.29 36.35 -27.33
N GLU K 168 21.99 36.41 -26.04
CA GLU K 168 22.68 37.32 -25.13
C GLU K 168 24.19 37.07 -25.03
N GLY K 169 24.67 35.88 -25.40
CA GLY K 169 26.09 35.59 -25.31
C GLY K 169 26.62 35.27 -23.92
N THR K 170 27.91 34.94 -23.83
CA THR K 170 28.56 34.57 -22.57
C THR K 170 28.85 35.73 -21.62
N THR K 171 29.03 35.42 -20.34
CA THR K 171 29.36 36.45 -19.35
C THR K 171 30.75 37.00 -19.69
N GLU K 172 31.60 36.15 -20.24
CA GLU K 172 32.95 36.57 -20.61
C GLU K 172 32.96 37.50 -21.80
N ASN K 173 32.29 37.12 -22.87
CA ASN K 173 32.24 37.96 -24.06
C ASN K 173 31.68 39.34 -23.74
N ILE K 174 30.67 39.40 -22.89
CA ILE K 174 30.11 40.69 -22.56
C ILE K 174 31.16 41.48 -21.84
N LYS K 175 31.83 40.85 -20.88
CA LYS K 175 32.88 41.53 -20.13
C LYS K 175 34.09 41.93 -20.97
N HIS K 176 34.29 41.32 -22.14
CA HIS K 176 35.48 41.64 -22.94
C HIS K 176 35.31 42.10 -24.37
N LEU K 177 34.11 42.02 -24.93
CA LEU K 177 33.95 42.47 -26.30
C LEU K 177 34.54 43.86 -26.45
N THR K 178 35.12 44.14 -27.61
CA THR K 178 35.73 45.43 -27.89
C THR K 178 34.97 46.26 -28.91
N ARG K 179 35.10 47.58 -28.80
CA ARG K 179 34.44 48.49 -29.71
C ARG K 179 34.65 47.94 -31.11
N ALA K 180 35.86 47.49 -31.36
CA ALA K 180 36.25 46.93 -32.65
C ALA K 180 35.36 45.76 -33.06
N ASP K 181 35.10 44.87 -32.10
CA ASP K 181 34.27 43.69 -32.33
C ASP K 181 32.89 44.09 -32.77
N LEU K 182 32.24 44.95 -31.99
CA LEU K 182 30.90 45.40 -32.30
C LEU K 182 30.96 46.05 -33.67
N ALA K 183 32.07 46.73 -33.92
CA ALA K 183 32.32 47.44 -35.16
C ALA K 183 32.23 46.51 -36.37
N SER K 184 33.12 45.52 -36.42
CA SER K 184 33.13 44.56 -37.52
C SER K 184 31.83 43.80 -37.62
N TYR K 185 31.25 43.47 -36.46
CA TYR K 185 29.99 42.74 -36.46
C TYR K 185 29.05 43.49 -37.39
N ILE K 186 28.91 44.78 -37.13
CA ILE K 186 28.02 45.61 -37.93
C ILE K 186 28.40 45.60 -39.40
N ASP K 187 29.69 45.77 -39.66
CA ASP K 187 30.19 45.81 -41.04
C ASP K 187 29.95 44.53 -41.80
N THR K 188 30.24 43.41 -41.13
CA THR K 188 30.10 42.11 -41.75
C THR K 188 28.68 41.65 -42.03
N HIS K 189 27.78 41.92 -41.08
CA HIS K 189 26.40 41.47 -41.18
C HIS K 189 25.33 42.46 -41.65
N PHE K 190 25.27 43.66 -41.07
CA PHE K 190 24.26 44.63 -41.50
C PHE K 190 24.57 45.10 -42.90
N LYS K 191 24.34 44.21 -43.88
CA LYS K 191 24.60 44.49 -45.28
C LYS K 191 23.37 44.39 -46.19
N ALA K 192 23.18 45.42 -46.99
CA ALA K 192 22.06 45.54 -47.93
C ALA K 192 21.35 44.29 -48.46
N PRO K 193 22.08 43.41 -49.17
CA PRO K 193 21.42 42.22 -49.70
C PRO K 193 20.83 41.32 -48.61
N ARG K 194 21.20 41.60 -47.36
CA ARG K 194 20.74 40.82 -46.21
C ARG K 194 19.71 41.57 -45.34
N MET K 195 19.49 42.85 -45.65
CA MET K 195 18.54 43.64 -44.88
C MET K 195 17.28 43.80 -45.70
N VAL K 196 16.19 44.15 -45.01
CA VAL K 196 14.90 44.36 -45.65
C VAL K 196 14.14 45.53 -45.02
N LEU K 197 13.89 46.55 -45.81
CA LEU K 197 13.16 47.72 -45.35
C LEU K 197 11.70 47.40 -45.62
N ALA K 198 10.95 47.22 -44.53
CA ALA K 198 9.54 46.90 -44.65
C ALA K 198 8.70 47.98 -43.98
N ALA K 199 7.49 48.16 -44.46
CA ALA K 199 6.61 49.17 -43.89
C ALA K 199 5.16 48.79 -44.05
N ALA K 200 4.33 49.25 -43.12
CA ALA K 200 2.90 48.97 -43.15
C ALA K 200 2.11 50.17 -42.62
N GLY K 201 0.98 50.43 -43.26
CA GLY K 201 0.14 51.54 -42.85
C GLY K 201 -0.25 52.43 -44.01
N GLY K 202 -0.50 53.70 -43.70
CA GLY K 202 -0.85 54.66 -44.74
C GLY K 202 0.45 55.20 -45.31
N ILE K 203 1.04 54.44 -46.22
CA ILE K 203 2.31 54.81 -46.83
C ILE K 203 2.36 54.43 -48.29
N SER K 204 2.92 55.32 -49.11
CA SER K 204 3.05 55.04 -50.53
C SER K 204 4.29 54.18 -50.73
N HIS K 205 4.14 53.06 -51.41
CA HIS K 205 5.30 52.19 -51.63
C HIS K 205 6.38 52.99 -52.35
N LYS K 206 6.01 53.72 -53.40
CA LYS K 206 6.97 54.53 -54.13
C LYS K 206 7.68 55.46 -53.16
N GLU K 207 6.90 56.35 -52.53
CA GLU K 207 7.45 57.29 -51.56
C GLU K 207 8.37 56.58 -50.58
N LEU K 208 8.05 55.32 -50.30
CA LEU K 208 8.84 54.51 -49.38
C LEU K 208 10.18 54.15 -50.01
N VAL K 209 10.12 53.70 -51.26
CA VAL K 209 11.33 53.30 -51.97
C VAL K 209 12.24 54.48 -52.36
N ASP K 210 11.67 55.63 -52.67
CA ASP K 210 12.47 56.81 -53.03
C ASP K 210 13.31 57.17 -51.83
N ALA K 211 12.69 57.14 -50.66
CA ALA K 211 13.35 57.45 -49.40
C ALA K 211 14.45 56.42 -49.16
N ALA K 212 14.15 55.18 -49.54
CA ALA K 212 15.10 54.08 -49.39
C ALA K 212 16.32 54.40 -50.23
N ARG K 213 16.08 54.75 -51.49
CA ARG K 213 17.14 55.09 -52.43
C ARG K 213 18.04 56.18 -51.85
N GLN K 214 17.44 57.17 -51.22
CA GLN K 214 18.21 58.28 -50.68
C GLN K 214 19.21 57.99 -49.54
N HIS K 215 18.78 57.34 -48.47
CA HIS K 215 19.71 57.09 -47.35
C HIS K 215 20.25 55.67 -47.35
N PHE K 216 19.48 54.75 -47.91
CA PHE K 216 19.95 53.40 -47.99
C PHE K 216 20.69 53.31 -49.30
N SER K 217 21.76 54.11 -49.37
CA SER K 217 22.60 54.18 -50.55
C SER K 217 23.98 53.64 -50.22
N GLY K 218 24.32 52.56 -50.90
CA GLY K 218 25.59 51.90 -50.76
C GLY K 218 25.79 51.41 -52.17
N VAL K 219 27.02 51.12 -52.56
CA VAL K 219 27.26 50.65 -53.90
C VAL K 219 27.77 49.22 -53.82
N SER K 220 27.88 48.56 -54.97
CA SER K 220 28.37 47.20 -55.04
C SER K 220 29.14 47.03 -56.34
N PHE K 221 30.43 46.76 -56.22
CA PHE K 221 31.26 46.59 -57.39
C PHE K 221 31.47 45.12 -57.75
N THR K 222 32.02 44.34 -56.82
CA THR K 222 32.25 42.91 -57.06
C THR K 222 31.05 42.06 -56.72
N TYR K 223 31.00 40.88 -57.33
CA TYR K 223 29.92 39.93 -57.11
C TYR K 223 29.81 39.56 -55.63
N LYS K 224 30.97 39.34 -55.00
CA LYS K 224 31.04 38.97 -53.59
C LYS K 224 30.07 39.77 -52.71
N GLU K 225 30.10 41.09 -52.87
CA GLU K 225 29.25 41.99 -52.11
C GLU K 225 27.78 41.65 -52.24
N ASP K 226 27.35 41.31 -53.45
CA ASP K 226 25.96 40.96 -53.71
C ASP K 226 25.64 39.54 -53.30
N ALA K 227 26.53 38.91 -52.54
CA ALA K 227 26.33 37.55 -52.09
C ALA K 227 25.89 37.44 -50.64
N VAL K 228 24.94 36.52 -50.44
CA VAL K 228 24.39 36.21 -49.13
C VAL K 228 25.04 34.88 -48.75
N PRO K 229 25.80 34.86 -47.64
CA PRO K 229 26.47 33.64 -47.21
C PRO K 229 25.50 32.54 -46.78
N ILE K 230 25.91 31.29 -46.94
CA ILE K 230 25.08 30.18 -46.51
C ILE K 230 25.73 29.66 -45.24
N LEU K 231 24.98 29.65 -44.15
CA LEU K 231 25.51 29.20 -42.88
C LEU K 231 25.78 27.71 -42.87
N PRO K 232 26.72 27.28 -42.03
CA PRO K 232 27.06 25.86 -41.94
C PRO K 232 25.89 25.21 -41.20
N ARG K 233 25.52 24.00 -41.62
CA ARG K 233 24.40 23.29 -41.01
C ARG K 233 24.65 22.90 -39.55
N CYS K 234 23.59 23.01 -38.74
CA CYS K 234 23.65 22.67 -37.33
C CYS K 234 23.09 21.28 -37.11
N ARG K 235 23.89 20.44 -36.47
CA ARG K 235 23.54 19.05 -36.23
C ARG K 235 22.67 18.81 -35.00
N PHE K 236 21.44 18.32 -35.22
CA PHE K 236 20.52 18.01 -34.14
C PHE K 236 21.00 16.75 -33.42
N THR K 237 20.79 16.68 -32.11
CA THR K 237 21.23 15.51 -31.35
C THR K 237 20.27 15.03 -30.28
N GLY K 238 19.79 13.81 -30.45
CA GLY K 238 18.90 13.24 -29.45
C GLY K 238 19.70 13.20 -28.17
N SER K 239 19.44 14.15 -27.28
CA SER K 239 20.15 14.25 -26.02
C SER K 239 19.32 14.94 -24.97
N GLU K 240 19.89 15.09 -23.79
CA GLU K 240 19.20 15.76 -22.68
C GLU K 240 20.16 16.48 -21.75
N ILE K 241 19.68 17.58 -21.18
CA ILE K 241 20.46 18.33 -20.22
C ILE K 241 19.54 18.56 -19.03
N ARG K 242 19.94 18.06 -17.87
CA ARG K 242 19.14 18.19 -16.68
C ARG K 242 19.79 19.09 -15.65
N ALA K 243 19.26 20.29 -15.54
CA ALA K 243 19.78 21.27 -14.60
C ALA K 243 18.89 21.20 -13.35
N ARG K 244 19.37 20.51 -12.33
CA ARG K 244 18.56 20.36 -11.15
C ARG K 244 18.83 21.24 -9.95
N ASP K 245 17.74 21.79 -9.43
CA ASP K 245 17.75 22.66 -8.25
C ASP K 245 16.42 22.45 -7.52
N ASP K 246 16.42 21.54 -6.55
CA ASP K 246 15.21 21.25 -5.78
C ASP K 246 14.70 22.45 -5.00
N ALA K 247 15.33 23.60 -5.17
CA ALA K 247 14.90 24.77 -4.42
C ALA K 247 13.91 25.62 -5.18
N LEU K 248 13.78 25.42 -6.49
CA LEU K 248 12.83 26.22 -7.24
C LEU K 248 11.44 25.62 -7.06
N PRO K 249 10.43 26.49 -6.92
CA PRO K 249 9.03 26.11 -6.73
C PRO K 249 8.48 25.12 -7.74
N VAL K 250 8.55 25.46 -9.02
CA VAL K 250 8.05 24.55 -10.03
C VAL K 250 9.21 24.00 -10.83
N ALA K 251 8.90 23.19 -11.83
CA ALA K 251 9.95 22.62 -12.66
C ALA K 251 9.54 22.87 -14.08
N HIS K 252 10.52 23.06 -14.96
CA HIS K 252 10.23 23.30 -16.36
C HIS K 252 10.77 22.15 -17.16
N VAL K 253 10.04 21.81 -18.20
CA VAL K 253 10.43 20.70 -19.04
C VAL K 253 10.07 21.02 -20.48
N ALA K 254 11.04 20.81 -21.37
CA ALA K 254 10.83 21.03 -22.78
C ALA K 254 11.44 19.84 -23.50
N LEU K 255 10.70 19.36 -24.49
CA LEU K 255 11.12 18.23 -25.28
C LEU K 255 10.85 18.62 -26.72
N ALA K 256 11.76 18.24 -27.62
CA ALA K 256 11.53 18.56 -29.04
C ALA K 256 12.27 17.66 -30.00
N VAL K 257 11.87 17.76 -31.26
CA VAL K 257 12.48 17.01 -32.34
C VAL K 257 12.91 18.03 -33.38
N GLU K 258 13.89 17.68 -34.19
CA GLU K 258 14.35 18.60 -35.23
C GLU K 258 13.19 18.90 -36.17
N GLY K 259 12.96 20.18 -36.45
CA GLY K 259 11.91 20.60 -37.35
C GLY K 259 12.54 20.79 -38.71
N PRO K 260 11.77 20.87 -39.80
CA PRO K 260 12.33 21.05 -41.13
C PRO K 260 13.04 22.40 -41.41
N GLY K 261 12.30 23.50 -41.39
CA GLY K 261 12.91 24.77 -41.69
C GLY K 261 11.93 25.56 -42.52
N TRP K 262 11.93 26.87 -42.33
CA TRP K 262 10.99 27.75 -43.02
C TRP K 262 10.46 27.28 -44.36
N ALA K 263 11.37 27.07 -45.30
CA ALA K 263 10.99 26.68 -46.64
C ALA K 263 9.98 25.54 -46.78
N ASP K 264 10.14 24.50 -45.96
CA ASP K 264 9.29 23.29 -46.00
C ASP K 264 7.78 23.42 -45.69
N PRO K 265 6.95 23.04 -46.66
CA PRO K 265 5.48 23.07 -46.61
C PRO K 265 4.86 22.30 -45.47
N ASP K 266 5.56 21.27 -44.99
CA ASP K 266 5.07 20.46 -43.87
C ASP K 266 4.80 21.34 -42.65
N ASN K 267 5.59 22.41 -42.49
CA ASN K 267 5.41 23.31 -41.37
C ASN K 267 3.94 23.68 -41.21
N VAL K 268 3.24 23.86 -42.33
CA VAL K 268 1.83 24.20 -42.27
C VAL K 268 1.15 23.10 -41.47
N VAL K 269 1.37 21.86 -41.91
CA VAL K 269 0.81 20.69 -41.25
C VAL K 269 1.29 20.59 -39.80
N LEU K 270 2.56 20.89 -39.54
CA LEU K 270 3.05 20.83 -38.17
C LEU K 270 2.27 21.78 -37.28
N HIS K 271 1.97 22.96 -37.81
CA HIS K 271 1.21 23.93 -37.03
C HIS K 271 -0.22 23.47 -36.79
N VAL K 272 -0.85 22.89 -37.80
CA VAL K 272 -2.20 22.38 -37.64
C VAL K 272 -2.20 21.35 -36.53
N ALA K 273 -1.12 20.59 -36.43
CA ALA K 273 -1.00 19.57 -35.40
C ALA K 273 -0.82 20.24 -34.05
N ASN K 274 0.14 21.16 -33.93
CA ASN K 274 0.35 21.84 -32.66
C ASN K 274 -0.92 22.57 -32.27
N ALA K 275 -1.82 22.74 -33.23
CA ALA K 275 -3.09 23.43 -32.96
C ALA K 275 -4.06 22.52 -32.24
N ILE K 276 -3.88 21.21 -32.43
CA ILE K 276 -4.72 20.21 -31.80
C ILE K 276 -4.37 20.13 -30.33
N ILE K 277 -3.12 19.81 -30.05
CA ILE K 277 -2.63 19.72 -28.69
C ILE K 277 -2.71 21.08 -28.00
N GLY K 278 -2.67 22.15 -28.80
CA GLY K 278 -2.73 23.49 -28.27
C GLY K 278 -1.81 23.82 -27.10
N ARG K 279 -2.31 24.63 -26.19
CA ARG K 279 -1.55 25.04 -25.02
C ARG K 279 -2.51 25.32 -23.88
N TYR K 280 -2.02 25.31 -22.65
CA TYR K 280 -2.89 25.51 -21.52
C TYR K 280 -2.20 26.30 -20.40
N ASP K 281 -3.01 26.79 -19.46
CA ASP K 281 -2.52 27.52 -18.32
C ASP K 281 -3.63 27.66 -17.29
N ARG K 282 -3.25 27.57 -16.02
CA ARG K 282 -4.18 27.64 -14.89
C ARG K 282 -5.23 28.75 -14.89
N THR K 283 -5.22 29.63 -15.89
CA THR K 283 -6.21 30.70 -15.89
C THR K 283 -7.09 30.63 -17.11
N PHE K 284 -7.11 29.46 -17.75
CA PHE K 284 -7.94 29.28 -18.93
C PHE K 284 -9.34 28.94 -18.48
N GLY K 285 -10.23 29.92 -18.57
CA GLY K 285 -11.62 29.72 -18.16
C GLY K 285 -12.22 28.41 -18.62
N GLY K 286 -11.94 28.03 -19.86
CA GLY K 286 -12.46 26.79 -20.41
C GLY K 286 -12.60 25.64 -19.43
N GLY K 287 -11.54 25.36 -18.67
CA GLY K 287 -11.61 24.28 -17.71
C GLY K 287 -11.72 22.89 -18.30
N LYS K 288 -12.21 21.97 -17.47
CA LYS K 288 -12.38 20.56 -17.84
C LYS K 288 -12.98 20.35 -19.22
N HIS K 289 -13.61 21.36 -19.78
CA HIS K 289 -14.23 21.18 -21.09
C HIS K 289 -13.34 21.58 -22.26
N LEU K 290 -12.17 22.13 -21.96
CA LEU K 290 -11.22 22.54 -23.00
C LEU K 290 -11.09 21.42 -24.02
N SER K 291 -11.00 21.79 -25.30
CA SER K 291 -10.91 20.82 -26.37
C SER K 291 -9.63 20.00 -26.42
N SER K 292 -8.50 20.59 -26.05
CA SER K 292 -7.23 19.85 -26.07
C SER K 292 -7.17 18.80 -24.98
N ARG K 293 -7.15 17.53 -25.39
CA ARG K 293 -7.12 16.44 -24.45
C ARG K 293 -6.05 16.67 -23.38
N LEU K 294 -4.85 17.03 -23.82
CA LEU K 294 -3.76 17.27 -22.88
C LEU K 294 -4.23 18.31 -21.88
N ALA K 295 -4.79 19.39 -22.41
CA ALA K 295 -5.30 20.48 -21.57
C ALA K 295 -6.27 19.91 -20.57
N ALA K 296 -7.27 19.22 -21.10
CA ALA K 296 -8.32 18.58 -20.31
C ALA K 296 -7.73 17.63 -19.27
N LEU K 297 -6.79 16.79 -19.68
CA LEU K 297 -6.15 15.87 -18.76
C LEU K 297 -5.44 16.67 -17.70
N ALA K 298 -4.73 17.69 -18.14
CA ALA K 298 -3.99 18.57 -17.25
C ALA K 298 -4.92 19.11 -16.17
N VAL K 299 -6.09 19.56 -16.61
CA VAL K 299 -7.10 20.12 -15.72
C VAL K 299 -7.64 19.11 -14.75
N GLU K 300 -8.00 17.96 -15.30
CA GLU K 300 -8.55 16.88 -14.51
C GLU K 300 -7.57 16.40 -13.43
N HIS K 301 -6.32 16.18 -13.83
CA HIS K 301 -5.34 15.67 -12.90
C HIS K 301 -4.38 16.65 -12.28
N LYS K 302 -4.64 17.95 -12.42
CA LYS K 302 -3.73 18.95 -11.84
C LYS K 302 -2.32 18.53 -12.26
N LEU K 303 -2.10 18.46 -13.56
CA LEU K 303 -0.83 18.02 -14.10
C LEU K 303 0.23 19.10 -14.31
N CYS K 304 -0.18 20.36 -14.43
CA CYS K 304 0.78 21.42 -14.69
C CYS K 304 0.17 22.80 -14.58
N HIS K 305 1.00 23.78 -14.26
CA HIS K 305 0.56 25.16 -14.15
C HIS K 305 0.37 25.70 -15.55
N SER K 306 0.90 24.96 -16.53
CA SER K 306 0.79 25.33 -17.93
C SER K 306 1.66 24.47 -18.83
N PHE K 307 1.29 24.44 -20.10
CA PHE K 307 2.03 23.71 -21.11
C PHE K 307 1.76 24.43 -22.43
N GLN K 308 2.64 24.22 -23.40
CA GLN K 308 2.47 24.85 -24.69
C GLN K 308 3.28 24.09 -25.73
N THR K 309 2.71 23.97 -26.93
CA THR K 309 3.41 23.30 -28.00
C THR K 309 4.10 24.42 -28.77
N PHE K 310 5.08 24.05 -29.58
CA PHE K 310 5.81 25.01 -30.39
C PHE K 310 6.52 24.38 -31.58
N ASN K 311 6.63 25.18 -32.66
CA ASN K 311 7.31 24.77 -33.89
C ASN K 311 8.27 25.91 -34.30
N THR K 312 9.35 26.07 -33.54
CA THR K 312 10.32 27.11 -33.84
C THR K 312 11.12 26.82 -35.11
N SER K 313 10.79 27.54 -36.18
CA SER K 313 11.46 27.36 -37.47
C SER K 313 12.78 28.12 -37.61
N TYR K 314 13.63 27.61 -38.50
CA TYR K 314 14.91 28.22 -38.82
C TYR K 314 15.14 28.00 -40.30
N SER K 315 16.24 28.55 -40.82
CA SER K 315 16.58 28.45 -42.22
C SER K 315 16.66 27.01 -42.74
N ASP K 316 17.57 26.24 -42.16
CA ASP K 316 17.83 24.86 -42.54
C ASP K 316 17.30 23.80 -41.57
N THR K 317 17.06 24.20 -40.33
CA THR K 317 16.58 23.27 -39.30
C THR K 317 15.35 23.81 -38.56
N GLY K 318 15.23 23.44 -37.28
CA GLY K 318 14.11 23.88 -36.44
C GLY K 318 13.85 23.01 -35.22
N LEU K 319 12.97 23.47 -34.34
CA LEU K 319 12.62 22.72 -33.13
C LEU K 319 11.11 22.59 -32.98
N PHE K 320 10.62 21.35 -33.04
CA PHE K 320 9.20 21.05 -32.89
C PHE K 320 9.04 20.31 -31.57
N GLY K 321 8.33 20.91 -30.62
CA GLY K 321 8.17 20.25 -29.34
C GLY K 321 7.11 20.82 -28.45
N PHE K 322 7.40 20.80 -27.16
CA PHE K 322 6.47 21.34 -26.18
C PHE K 322 7.19 21.63 -24.87
N HIS K 323 6.61 22.52 -24.08
CA HIS K 323 7.17 22.93 -22.81
C HIS K 323 6.05 22.96 -21.78
N PHE K 324 6.36 22.54 -20.56
CA PHE K 324 5.38 22.58 -19.49
C PHE K 324 6.00 22.89 -18.14
N VAL K 325 5.24 23.56 -17.29
CA VAL K 325 5.72 23.91 -15.96
C VAL K 325 4.87 23.09 -15.03
N ALA K 326 5.49 22.38 -14.09
CA ALA K 326 4.72 21.54 -13.19
C ALA K 326 5.30 21.51 -11.81
N ASP K 327 4.59 20.85 -10.90
CA ASP K 327 5.09 20.72 -9.56
C ASP K 327 5.96 19.51 -9.58
N PRO K 328 6.93 19.46 -8.70
CA PRO K 328 7.85 18.33 -8.65
C PRO K 328 7.17 16.96 -8.74
N LEU K 329 6.01 16.82 -8.12
CA LEU K 329 5.34 15.53 -8.08
C LEU K 329 4.35 15.16 -9.15
N SER K 330 4.27 15.94 -10.22
CA SER K 330 3.35 15.59 -11.29
C SER K 330 4.04 15.71 -12.64
N ILE K 331 5.36 15.78 -12.58
CA ILE K 331 6.13 15.91 -13.80
C ILE K 331 5.95 14.68 -14.66
N ASP K 332 6.03 13.51 -14.03
CA ASP K 332 5.91 12.28 -14.79
C ASP K 332 4.54 12.09 -15.43
N ASP K 333 3.47 12.19 -14.65
CA ASP K 333 2.14 12.03 -15.21
C ASP K 333 1.94 12.95 -16.42
N MET K 334 2.42 14.19 -16.28
CA MET K 334 2.32 15.21 -17.32
C MET K 334 3.12 14.81 -18.57
N MET K 335 4.40 14.48 -18.37
CA MET K 335 5.26 14.07 -19.48
C MET K 335 4.60 12.89 -20.18
N PHE K 336 4.17 11.92 -19.37
CA PHE K 336 3.49 10.74 -19.87
C PHE K 336 2.35 11.14 -20.80
N CYS K 337 1.39 11.89 -20.26
CA CYS K 337 0.24 12.35 -21.03
C CYS K 337 0.60 13.13 -22.27
N ALA K 338 1.65 13.95 -22.15
CA ALA K 338 2.09 14.76 -23.27
C ALA K 338 2.53 13.87 -24.43
N GLN K 339 3.46 12.96 -24.13
CA GLN K 339 3.96 12.06 -25.16
C GLN K 339 2.77 11.27 -25.67
N GLY K 340 1.84 10.97 -24.76
CA GLY K 340 0.65 10.25 -25.14
C GLY K 340 0.00 10.93 -26.32
N GLU K 341 -0.26 12.23 -26.18
CA GLU K 341 -0.90 12.97 -27.25
C GLU K 341 -0.06 13.05 -28.50
N TRP K 342 1.26 13.11 -28.35
CA TRP K 342 2.11 13.14 -29.52
C TRP K 342 1.88 11.84 -30.27
N MET K 343 2.02 10.72 -29.57
CA MET K 343 1.82 9.45 -30.22
C MET K 343 0.44 9.37 -30.83
N ARG K 344 -0.53 10.03 -30.19
CA ARG K 344 -1.89 10.01 -30.68
C ARG K 344 -1.95 10.76 -32.00
N LEU K 345 -1.14 11.82 -32.10
CA LEU K 345 -1.05 12.65 -33.31
C LEU K 345 -0.58 11.83 -34.51
N CYS K 346 0.42 10.98 -34.27
CA CYS K 346 0.97 10.16 -35.32
C CYS K 346 0.08 8.99 -35.73
N THR K 347 -0.64 8.44 -34.76
CA THR K 347 -1.47 7.28 -35.06
C THR K 347 -2.97 7.46 -35.21
N SER K 348 -3.58 8.36 -34.46
CA SER K 348 -5.03 8.47 -34.55
C SER K 348 -5.71 9.84 -34.67
N THR K 349 -5.05 10.82 -35.27
CA THR K 349 -5.66 12.12 -35.42
C THR K 349 -6.98 11.97 -36.16
N THR K 350 -8.03 12.64 -35.69
CA THR K 350 -9.35 12.54 -36.32
C THR K 350 -9.67 13.75 -37.19
N GLU K 351 -10.50 13.57 -38.20
CA GLU K 351 -10.84 14.70 -39.05
C GLU K 351 -11.38 15.84 -38.19
N SER K 352 -12.26 15.53 -37.24
CA SER K 352 -12.85 16.55 -36.38
C SER K 352 -11.80 17.41 -35.73
N GLU K 353 -10.72 16.78 -35.27
CA GLU K 353 -9.63 17.50 -34.61
C GLU K 353 -9.00 18.50 -35.56
N VAL K 354 -8.58 18.03 -36.72
CA VAL K 354 -7.93 18.91 -37.70
C VAL K 354 -8.87 20.04 -38.11
N LYS K 355 -10.17 19.77 -38.17
CA LYS K 355 -11.11 20.81 -38.55
C LYS K 355 -11.01 21.97 -37.57
N ARG K 356 -11.07 21.64 -36.28
CA ARG K 356 -10.98 22.63 -35.22
C ARG K 356 -9.60 23.29 -35.28
N ALA K 357 -8.57 22.44 -35.38
CA ALA K 357 -7.18 22.87 -35.43
C ALA K 357 -6.96 23.88 -36.55
N LYS K 358 -7.52 23.60 -37.71
CA LYS K 358 -7.38 24.51 -38.84
C LYS K 358 -8.04 25.84 -38.52
N ASN K 359 -9.26 25.81 -38.00
CA ASN K 359 -9.94 27.07 -37.66
C ASN K 359 -9.13 27.85 -36.66
N HIS K 360 -8.74 27.21 -35.56
CA HIS K 360 -7.95 27.89 -34.55
C HIS K 360 -6.67 28.49 -35.17
N LEU K 361 -6.00 27.74 -36.06
CA LEU K 361 -4.78 28.21 -36.71
C LEU K 361 -5.04 29.47 -37.51
N ARG K 362 -6.01 29.42 -38.41
CA ARG K 362 -6.36 30.58 -39.22
C ARG K 362 -6.51 31.82 -38.32
N SER K 363 -7.23 31.66 -37.21
CA SER K 363 -7.47 32.74 -36.25
C SER K 363 -6.16 33.32 -35.69
N ALA K 364 -5.21 32.44 -35.42
CA ALA K 364 -3.91 32.85 -34.91
C ALA K 364 -3.22 33.59 -36.03
N MET K 365 -3.30 32.99 -37.23
CA MET K 365 -2.70 33.56 -38.43
C MET K 365 -3.14 35.00 -38.67
N VAL K 366 -4.40 35.27 -38.41
CA VAL K 366 -4.95 36.60 -38.60
C VAL K 366 -4.46 37.54 -37.50
N ALA K 367 -4.33 37.03 -36.28
CA ALA K 367 -3.86 37.86 -35.18
C ALA K 367 -2.39 38.23 -35.36
N GLN K 368 -1.72 37.55 -36.28
CA GLN K 368 -0.31 37.82 -36.56
C GLN K 368 -0.22 39.13 -37.34
N LEU K 369 -1.37 39.60 -37.81
CA LEU K 369 -1.43 40.82 -38.59
C LEU K 369 -2.42 41.80 -37.95
N ASP K 370 -2.26 42.04 -36.66
CA ASP K 370 -3.14 42.93 -35.91
C ASP K 370 -2.45 44.24 -35.59
N GLY K 371 -2.22 45.02 -36.64
CA GLY K 371 -1.56 46.31 -36.48
C GLY K 371 -0.37 46.46 -37.42
N THR K 372 0.00 47.70 -37.70
CA THR K 372 1.11 47.96 -38.59
C THR K 372 2.36 47.23 -38.13
N THR K 373 2.71 47.32 -36.85
CA THR K 373 3.90 46.64 -36.38
C THR K 373 3.90 45.16 -36.70
N PRO K 374 2.92 44.39 -36.18
CA PRO K 374 2.91 42.96 -36.48
C PRO K 374 2.94 42.69 -37.99
N VAL K 375 2.11 43.42 -38.75
CA VAL K 375 2.07 43.24 -40.20
C VAL K 375 3.45 43.43 -40.78
N CYS K 376 4.09 44.50 -40.35
CA CYS K 376 5.43 44.83 -40.80
C CYS K 376 6.35 43.64 -40.51
N GLU K 377 6.34 43.20 -39.25
CA GLU K 377 7.15 42.08 -38.79
C GLU K 377 6.99 40.83 -39.65
N THR K 378 5.80 40.69 -40.25
CA THR K 378 5.53 39.54 -41.10
C THR K 378 6.21 39.73 -42.45
N ILE K 379 6.19 40.96 -42.96
CA ILE K 379 6.83 41.27 -44.23
C ILE K 379 8.34 41.07 -44.08
N GLY K 380 8.92 41.81 -43.13
CA GLY K 380 10.35 41.72 -42.87
C GLY K 380 10.82 40.28 -42.79
N SER K 381 10.06 39.48 -42.07
CA SER K 381 10.40 38.08 -41.87
C SER K 381 10.09 37.21 -43.08
N HIS K 382 8.93 37.42 -43.72
CA HIS K 382 8.63 36.59 -44.88
C HIS K 382 9.76 36.71 -45.90
N LEU K 383 9.98 37.92 -46.41
CA LEU K 383 11.05 38.13 -47.40
C LEU K 383 12.35 37.50 -46.94
N LEU K 384 12.72 37.83 -45.71
CA LEU K 384 13.94 37.33 -45.11
C LEU K 384 13.97 35.78 -45.10
N ASN K 385 12.87 35.17 -44.66
CA ASN K 385 12.77 33.71 -44.58
C ASN K 385 12.24 33.00 -45.79
N TYR K 386 11.01 33.31 -46.19
CA TYR K 386 10.39 32.66 -47.34
C TYR K 386 10.78 33.29 -48.68
N GLY K 387 11.61 34.32 -48.64
CA GLY K 387 12.01 34.95 -49.89
C GLY K 387 11.02 35.99 -50.38
N ARG K 388 9.73 35.65 -50.38
CA ARG K 388 8.69 36.58 -50.83
C ARG K 388 7.68 36.78 -49.69
N ARG K 389 6.50 37.30 -50.03
CA ARG K 389 5.44 37.49 -49.03
C ARG K 389 4.39 36.41 -49.22
N ILE K 390 3.87 35.93 -48.11
CA ILE K 390 2.86 34.90 -48.17
C ILE K 390 1.54 35.42 -47.61
N SER K 391 0.59 35.60 -48.51
CA SER K 391 -0.72 36.14 -48.16
C SER K 391 -1.55 35.18 -47.37
N LEU K 392 -2.44 35.75 -46.54
CA LEU K 392 -3.34 34.95 -45.73
C LEU K 392 -4.12 34.07 -46.69
N GLU K 393 -4.50 34.62 -47.84
CA GLU K 393 -5.26 33.87 -48.83
C GLU K 393 -4.51 32.60 -49.23
N GLU K 394 -3.19 32.72 -49.30
CA GLU K 394 -2.36 31.58 -49.65
C GLU K 394 -2.30 30.64 -48.44
N TRP K 395 -1.84 31.16 -47.30
CA TRP K 395 -1.76 30.38 -46.06
C TRP K 395 -3.07 29.63 -45.87
N ASP K 396 -4.16 30.38 -45.92
CA ASP K 396 -5.48 29.79 -45.76
C ASP K 396 -5.68 28.67 -46.74
N SER K 397 -5.22 28.86 -47.97
CA SER K 397 -5.33 27.82 -48.97
C SER K 397 -4.59 26.59 -48.48
N ARG K 398 -3.29 26.73 -48.29
CA ARG K 398 -2.45 25.65 -47.82
C ARG K 398 -3.07 24.93 -46.62
N ILE K 399 -3.51 25.70 -45.63
CA ILE K 399 -4.12 25.13 -44.42
C ILE K 399 -5.32 24.24 -44.75
N SER K 400 -6.19 24.72 -45.64
CA SER K 400 -7.37 23.94 -46.03
C SER K 400 -7.04 22.59 -46.63
N ALA K 401 -5.86 22.47 -47.23
CA ALA K 401 -5.43 21.22 -47.84
C ALA K 401 -5.16 20.12 -46.82
N VAL K 402 -4.77 20.54 -45.62
CA VAL K 402 -4.42 19.62 -44.53
C VAL K 402 -5.63 18.83 -44.06
N ASP K 403 -5.40 17.55 -43.75
CA ASP K 403 -6.44 16.66 -43.27
C ASP K 403 -5.82 15.63 -42.33
N ALA K 404 -6.64 14.96 -41.53
CA ALA K 404 -6.15 13.96 -40.59
C ALA K 404 -4.98 13.15 -41.16
N ARG K 405 -5.24 12.42 -42.24
CA ARG K 405 -4.20 11.58 -42.86
C ARG K 405 -2.88 12.32 -42.92
N MET K 406 -2.92 13.51 -43.52
CA MET K 406 -1.75 14.36 -43.66
C MET K 406 -1.08 14.64 -42.33
N VAL K 407 -1.86 15.04 -41.34
CA VAL K 407 -1.28 15.33 -40.03
C VAL K 407 -0.52 14.11 -39.50
N ARG K 408 -1.16 12.95 -39.56
CA ARG K 408 -0.55 11.72 -39.09
C ARG K 408 0.74 11.43 -39.85
N ASP K 409 0.66 11.42 -41.18
CA ASP K 409 1.84 11.16 -41.96
C ASP K 409 2.97 12.10 -41.61
N VAL K 410 2.69 13.40 -41.66
CA VAL K 410 3.72 14.38 -41.36
C VAL K 410 4.24 14.24 -39.94
N CYS K 411 3.33 14.09 -38.97
CA CYS K 411 3.77 13.95 -37.59
C CYS K 411 4.60 12.68 -37.38
N SER K 412 4.15 11.57 -37.96
CA SER K 412 4.90 10.31 -37.83
C SER K 412 6.30 10.61 -38.30
N LYS K 413 6.36 11.18 -39.51
CA LYS K 413 7.60 11.55 -40.19
C LYS K 413 8.59 12.25 -39.27
N TYR K 414 8.13 13.26 -38.56
CA TYR K 414 9.00 14.02 -37.69
C TYR K 414 9.09 13.59 -36.24
N ILE K 415 8.07 12.85 -35.77
CA ILE K 415 8.03 12.44 -34.37
C ILE K 415 8.28 10.98 -34.03
N TYR K 416 7.46 10.11 -34.61
CA TYR K 416 7.54 8.69 -34.33
C TYR K 416 8.93 8.09 -34.36
N ASP K 417 9.27 7.37 -33.28
CA ASP K 417 10.57 6.73 -33.09
C ASP K 417 11.75 7.64 -33.41
N LYS K 418 11.78 8.82 -32.79
CA LYS K 418 12.87 9.76 -33.02
C LYS K 418 13.56 9.95 -31.67
N CYS K 419 14.83 10.33 -31.69
CA CYS K 419 15.53 10.57 -30.44
C CYS K 419 15.32 12.04 -30.18
N PRO K 420 14.55 12.37 -29.14
CA PRO K 420 14.25 13.76 -28.79
C PRO K 420 15.33 14.49 -28.01
N ALA K 421 15.15 15.81 -27.90
CA ALA K 421 16.07 16.65 -27.17
C ALA K 421 15.32 17.08 -25.94
N LEU K 422 15.95 16.88 -24.79
CA LEU K 422 15.32 17.22 -23.54
C LEU K 422 16.06 18.24 -22.72
N ALA K 423 15.29 19.07 -22.04
CA ALA K 423 15.81 20.09 -21.17
C ALA K 423 14.88 20.13 -19.96
N ALA K 424 15.44 19.98 -18.78
CA ALA K 424 14.65 19.99 -17.58
C ALA K 424 15.34 20.86 -16.54
N VAL K 425 14.56 21.68 -15.84
CA VAL K 425 15.12 22.57 -14.83
C VAL K 425 14.31 22.54 -13.54
N GLY K 426 14.97 22.73 -12.40
CA GLY K 426 14.25 22.76 -11.14
C GLY K 426 14.28 21.47 -10.34
N PRO K 427 13.19 21.16 -9.59
CA PRO K 427 13.03 19.97 -8.75
C PRO K 427 12.57 18.82 -9.65
N ILE K 428 13.41 18.45 -10.61
CA ILE K 428 13.09 17.43 -11.59
C ILE K 428 13.38 15.96 -11.30
N GLU K 429 13.47 15.60 -10.02
CA GLU K 429 13.74 14.21 -9.70
C GLU K 429 12.69 13.23 -10.20
N GLN K 430 11.41 13.57 -10.10
CA GLN K 430 10.38 12.64 -10.53
C GLN K 430 10.45 12.29 -12.01
N LEU K 431 10.50 13.28 -12.89
CA LEU K 431 10.60 12.99 -14.32
C LEU K 431 11.94 12.32 -14.41
N LEU K 432 12.09 11.32 -15.25
CA LEU K 432 13.40 10.72 -15.32
C LEU K 432 13.68 9.73 -16.42
N ASP K 433 14.98 9.41 -16.51
CA ASP K 433 15.57 8.50 -17.46
C ASP K 433 15.26 8.77 -18.92
N TYR K 434 16.30 9.12 -19.66
CA TYR K 434 16.21 9.40 -21.09
C TYR K 434 15.54 8.25 -21.80
N ASN K 435 16.00 7.03 -21.46
CA ASN K 435 15.45 5.81 -22.04
C ASN K 435 13.94 5.72 -21.90
N ARG K 436 13.46 5.79 -20.66
CA ARG K 436 12.04 5.74 -20.40
C ARG K 436 11.31 6.74 -21.29
N ILE K 437 11.93 7.91 -21.50
CA ILE K 437 11.33 8.95 -22.33
C ILE K 437 11.52 8.63 -23.80
N ARG K 438 12.62 7.96 -24.13
CA ARG K 438 12.86 7.64 -25.53
C ARG K 438 11.81 6.66 -26.00
N SER K 439 11.39 5.78 -25.10
CA SER K 439 10.39 4.78 -25.45
C SER K 439 9.00 5.36 -25.61
N GLY K 440 8.81 6.57 -25.09
CA GLY K 440 7.51 7.22 -25.18
C GLY K 440 7.33 7.74 -26.58
N MET K 441 8.37 7.57 -27.39
CA MET K 441 8.35 8.04 -28.77
C MET K 441 7.73 7.03 -29.72
N TYR K 442 7.27 5.90 -29.21
CA TYR K 442 6.66 4.93 -30.12
C TYR K 442 5.52 4.04 -29.55
N TRP K 443 4.55 3.77 -30.44
CA TRP K 443 3.35 2.97 -30.18
C TRP K 443 2.34 3.76 -29.33
N ILE K 444 1.30 4.32 -29.97
CA ILE K 444 0.27 5.09 -29.26
C ILE K 444 -0.77 4.19 -28.61
N CYS L 20 -14.89 44.88 -55.56
CA CYS L 20 -14.86 44.15 -54.26
C CYS L 20 -14.62 45.10 -53.08
N PRO L 21 -14.93 44.65 -51.83
CA PRO L 21 -14.78 45.42 -50.59
C PRO L 21 -13.96 46.72 -50.62
N GLY L 22 -14.53 47.79 -50.06
CA GLY L 22 -13.86 49.08 -50.01
C GLY L 22 -13.86 49.73 -48.64
N ALA L 23 -14.75 50.71 -48.46
CA ALA L 23 -14.85 51.44 -47.20
C ALA L 23 -16.31 51.73 -46.80
N GLU L 24 -16.68 51.26 -45.59
CA GLU L 24 -18.03 51.41 -45.05
C GLU L 24 -18.32 52.72 -44.29
N ASP L 25 -19.19 52.60 -43.28
CA ASP L 25 -19.61 53.72 -42.45
C ASP L 25 -19.88 53.27 -41.00
N LEU L 26 -19.35 54.01 -40.03
CA LEU L 26 -19.58 53.66 -38.63
C LEU L 26 -20.96 54.09 -38.18
N GLU L 27 -21.93 53.19 -38.33
CA GLU L 27 -23.30 53.48 -37.92
C GLU L 27 -23.45 53.30 -36.41
N ILE L 28 -24.63 53.58 -35.88
CA ILE L 28 -24.83 53.47 -34.46
C ILE L 28 -26.29 53.70 -34.02
N THR L 29 -27.13 52.69 -34.21
CA THR L 29 -28.55 52.74 -33.84
C THR L 29 -28.67 52.70 -32.30
N LYS L 30 -29.86 53.01 -31.79
CA LYS L 30 -30.12 52.97 -30.35
C LYS L 30 -31.58 52.61 -30.10
N LEU L 31 -31.82 51.32 -29.87
CA LEU L 31 -33.16 50.80 -29.63
C LEU L 31 -33.91 51.63 -28.58
N PRO L 32 -35.26 51.55 -28.60
CA PRO L 32 -36.05 52.31 -27.64
C PRO L 32 -35.71 52.00 -26.19
N ASN L 33 -35.39 50.75 -25.89
CA ASN L 33 -35.07 50.36 -24.51
C ASN L 33 -33.77 50.91 -23.95
N GLY L 34 -32.99 51.62 -24.78
CA GLY L 34 -31.73 52.21 -24.33
C GLY L 34 -30.47 51.48 -24.77
N LEU L 35 -30.64 50.28 -25.31
CA LEU L 35 -29.50 49.50 -25.76
C LEU L 35 -28.86 50.15 -26.99
N ILE L 36 -27.58 50.48 -26.87
CA ILE L 36 -26.88 51.10 -27.98
C ILE L 36 -26.21 50.05 -28.86
N ILE L 37 -26.18 50.31 -30.17
CA ILE L 37 -25.59 49.41 -31.15
C ILE L 37 -24.69 50.18 -32.10
N ALA L 38 -23.38 49.94 -32.05
CA ALA L 38 -22.45 50.62 -32.93
C ALA L 38 -21.59 49.59 -33.65
N SER L 39 -21.65 49.57 -34.97
CA SER L 39 -20.88 48.61 -35.78
C SER L 39 -19.94 49.32 -36.75
N LEU L 40 -19.13 48.53 -37.47
CA LEU L 40 -18.19 49.08 -38.44
C LEU L 40 -17.57 48.01 -39.29
N GLU L 41 -18.07 47.89 -40.52
CA GLU L 41 -17.52 46.92 -41.46
C GLU L 41 -16.18 47.46 -41.97
N ASN L 42 -15.10 46.79 -41.63
CA ASN L 42 -13.76 47.18 -42.07
C ASN L 42 -13.20 46.06 -42.92
N PHE L 43 -14.12 45.20 -43.35
CA PHE L 43 -13.82 44.06 -44.20
C PHE L 43 -12.65 43.20 -43.75
N SER L 44 -12.24 43.36 -42.50
CA SER L 44 -11.16 42.55 -41.95
C SER L 44 -11.66 41.12 -42.06
N PRO L 45 -10.76 40.16 -42.29
CA PRO L 45 -11.22 38.77 -42.40
C PRO L 45 -11.73 38.22 -41.05
N ALA L 46 -11.62 39.02 -40.00
CA ALA L 46 -12.04 38.59 -38.70
C ALA L 46 -12.93 39.62 -38.02
N SER L 47 -14.00 39.14 -37.39
CA SER L 47 -14.94 40.01 -36.67
C SER L 47 -14.66 39.94 -35.18
N ARG L 48 -15.14 40.94 -34.44
CA ARG L 48 -14.94 40.98 -32.99
C ARG L 48 -16.09 41.76 -32.34
N ILE L 49 -17.10 41.02 -31.90
CA ILE L 49 -18.27 41.62 -31.26
C ILE L 49 -18.00 41.78 -29.79
N GLY L 50 -18.82 42.55 -29.09
CA GLY L 50 -18.62 42.73 -27.66
C GLY L 50 -19.71 43.51 -26.93
N VAL L 51 -20.13 43.01 -25.78
CA VAL L 51 -21.16 43.67 -24.99
C VAL L 51 -20.51 44.56 -23.92
N PHE L 52 -20.50 45.87 -24.15
CA PHE L 52 -19.92 46.79 -23.17
C PHE L 52 -21.01 47.11 -22.17
N ILE L 53 -20.69 46.98 -20.88
CA ILE L 53 -21.67 47.22 -19.82
C ILE L 53 -21.20 48.25 -18.81
N LYS L 54 -22.14 48.96 -18.21
CA LYS L 54 -21.79 49.96 -17.20
C LYS L 54 -21.74 49.28 -15.83
N ALA L 55 -21.05 48.14 -15.76
CA ALA L 55 -20.95 47.40 -14.51
C ALA L 55 -19.56 47.55 -13.92
N GLY L 56 -19.34 47.01 -12.72
CA GLY L 56 -18.03 47.11 -12.10
C GLY L 56 -17.96 47.07 -10.59
N SER L 57 -16.77 46.85 -10.06
CA SER L 57 -16.55 46.77 -8.61
C SER L 57 -17.05 47.96 -7.78
N ARG L 58 -17.30 49.11 -8.41
CA ARG L 58 -17.74 50.28 -7.66
C ARG L 58 -19.18 50.19 -7.18
N TYR L 59 -19.98 49.37 -7.87
CA TYR L 59 -21.37 49.20 -7.49
C TYR L 59 -21.47 48.23 -6.34
N GLU L 60 -20.34 47.65 -5.96
CA GLU L 60 -20.34 46.70 -4.86
C GLU L 60 -20.49 47.42 -3.54
N THR L 61 -20.88 46.67 -2.53
CA THR L 61 -21.05 47.20 -1.18
C THR L 61 -20.26 46.26 -0.31
N THR L 62 -20.02 46.70 0.92
CA THR L 62 -19.29 45.88 1.85
C THR L 62 -19.92 44.47 1.80
N ALA L 63 -21.24 44.45 1.61
CA ALA L 63 -22.05 43.24 1.55
C ALA L 63 -21.66 42.18 0.51
N ASN L 64 -21.44 42.61 -0.73
CA ASN L 64 -21.11 41.67 -1.80
C ASN L 64 -19.73 41.87 -2.40
N LEU L 65 -18.85 42.50 -1.63
CA LEU L 65 -17.48 42.74 -2.08
C LEU L 65 -16.92 41.57 -2.87
N GLY L 66 -16.40 41.85 -4.06
CA GLY L 66 -15.80 40.80 -4.87
C GLY L 66 -16.72 40.13 -5.84
N THR L 67 -18.02 40.23 -5.59
CA THR L 67 -18.95 39.59 -6.50
C THR L 67 -18.59 39.93 -7.94
N ALA L 68 -18.32 41.20 -8.21
CA ALA L 68 -17.96 41.67 -9.56
C ALA L 68 -16.81 40.86 -10.19
N HIS L 69 -15.81 40.54 -9.38
CA HIS L 69 -14.65 39.77 -9.83
C HIS L 69 -15.09 38.36 -10.23
N LEU L 70 -15.76 37.68 -9.31
CA LEU L 70 -16.22 36.33 -9.55
C LEU L 70 -17.15 36.26 -10.76
N LEU L 71 -17.90 37.33 -11.00
CA LEU L 71 -18.81 37.35 -12.13
C LEU L 71 -17.96 37.31 -13.39
N ARG L 72 -16.80 37.96 -13.31
CA ARG L 72 -15.89 38.04 -14.43
C ARG L 72 -15.36 36.65 -14.80
N LEU L 73 -15.19 35.80 -13.80
CA LEU L 73 -14.68 34.45 -14.05
C LEU L 73 -15.80 33.46 -14.26
N ALA L 74 -17.03 33.96 -14.28
CA ALA L 74 -18.17 33.08 -14.43
C ALA L 74 -18.54 32.93 -15.90
N SER L 75 -17.89 33.70 -16.75
CA SER L 75 -18.17 33.69 -18.17
C SER L 75 -18.35 32.31 -18.79
N PRO L 76 -17.58 31.32 -18.33
CA PRO L 76 -17.73 29.99 -18.92
C PRO L 76 -18.74 29.03 -18.26
N LEU L 77 -19.48 29.50 -17.26
CA LEU L 77 -20.48 28.67 -16.58
C LEU L 77 -21.75 28.56 -17.44
N THR L 78 -22.56 27.54 -17.20
CA THR L 78 -23.79 27.32 -17.96
C THR L 78 -24.78 28.50 -17.96
N THR L 79 -25.47 28.66 -19.08
CA THR L 79 -26.46 29.71 -19.28
C THR L 79 -27.76 29.01 -19.66
N LYS L 80 -28.88 29.72 -19.56
CA LYS L 80 -30.18 29.16 -19.89
C LYS L 80 -30.27 28.56 -21.28
N GLY L 81 -29.24 28.73 -22.11
CA GLY L 81 -29.30 28.18 -23.45
C GLY L 81 -28.06 27.48 -23.95
N ALA L 82 -26.98 27.54 -23.17
CA ALA L 82 -25.75 26.89 -23.55
C ALA L 82 -25.09 26.34 -22.31
N SER L 83 -24.73 25.08 -22.35
CA SER L 83 -24.08 24.49 -21.19
C SER L 83 -22.64 24.96 -21.09
N SER L 84 -22.11 24.88 -19.88
CA SER L 84 -20.71 25.22 -19.62
C SER L 84 -19.90 24.53 -20.73
N PHE L 85 -20.16 23.23 -20.90
CA PHE L 85 -19.52 22.40 -21.90
C PHE L 85 -19.66 22.96 -23.32
N ARG L 86 -20.88 23.06 -23.81
CA ARG L 86 -21.10 23.56 -25.17
C ARG L 86 -20.53 24.97 -25.43
N ILE L 87 -20.47 25.81 -24.40
CA ILE L 87 -19.95 27.16 -24.56
C ILE L 87 -18.50 27.08 -25.00
N THR L 88 -17.67 26.39 -24.21
CA THR L 88 -16.26 26.25 -24.53
C THR L 88 -16.07 25.41 -25.80
N ARG L 89 -16.74 24.26 -25.89
CA ARG L 89 -16.57 23.44 -27.08
C ARG L 89 -17.06 24.16 -28.32
N GLY L 90 -18.21 24.82 -28.20
CA GLY L 90 -18.80 25.54 -29.32
C GLY L 90 -17.89 26.57 -29.91
N ILE L 91 -17.34 27.42 -29.05
CA ILE L 91 -16.44 28.47 -29.48
C ILE L 91 -15.16 27.92 -30.10
N GLU L 92 -14.50 27.01 -29.37
CA GLU L 92 -13.26 26.40 -29.83
C GLU L 92 -13.45 25.65 -31.13
N ALA L 93 -14.68 25.25 -31.38
CA ALA L 93 -15.01 24.48 -32.58
C ALA L 93 -14.72 25.27 -33.85
N VAL L 94 -14.88 26.59 -33.77
CA VAL L 94 -14.66 27.46 -34.91
C VAL L 94 -13.40 28.30 -34.78
N GLY L 95 -12.63 28.09 -33.73
CA GLY L 95 -11.41 28.87 -33.56
C GLY L 95 -11.77 30.26 -33.07
N GLY L 96 -12.79 30.31 -32.22
CA GLY L 96 -13.22 31.57 -31.66
C GLY L 96 -12.66 31.76 -30.26
N SER L 97 -12.95 32.90 -29.65
CA SER L 97 -12.47 33.18 -28.31
C SER L 97 -13.52 33.97 -27.56
N LEU L 98 -13.44 33.91 -26.24
CA LEU L 98 -14.36 34.61 -25.36
C LEU L 98 -13.52 35.19 -24.24
N SER L 99 -13.63 36.50 -24.01
CA SER L 99 -12.86 37.16 -22.95
C SER L 99 -13.71 38.20 -22.28
N VAL L 100 -13.34 38.51 -21.04
CA VAL L 100 -14.04 39.52 -20.26
C VAL L 100 -13.01 40.43 -19.62
N TYR L 101 -13.06 41.73 -19.94
CA TYR L 101 -12.13 42.66 -19.33
C TYR L 101 -12.98 43.62 -18.52
N SER L 102 -12.46 44.08 -17.39
CA SER L 102 -13.20 44.99 -16.57
C SER L 102 -12.34 45.90 -15.68
N THR L 103 -12.79 47.15 -15.58
CA THR L 103 -12.14 48.20 -14.79
C THR L 103 -13.02 48.37 -13.55
N ARG L 104 -12.65 49.29 -12.67
CA ARG L 104 -13.47 49.51 -11.47
C ARG L 104 -14.90 49.88 -11.81
N GLU L 105 -15.15 50.32 -13.04
CA GLU L 105 -16.51 50.70 -13.40
C GLU L 105 -16.90 50.39 -14.85
N LYS L 106 -16.29 49.37 -15.43
CA LYS L 106 -16.62 49.03 -16.80
C LYS L 106 -16.36 47.56 -17.08
N MET L 107 -17.35 46.86 -17.61
CA MET L 107 -17.19 45.44 -17.92
C MET L 107 -17.41 45.23 -19.39
N THR L 108 -16.47 44.55 -20.03
CA THR L 108 -16.59 44.31 -21.45
C THR L 108 -16.49 42.83 -21.84
N TYR L 109 -17.64 42.23 -22.15
CA TYR L 109 -17.69 40.85 -22.59
C TYR L 109 -17.51 40.95 -24.10
N CYS L 110 -16.79 40.03 -24.71
CA CYS L 110 -16.63 40.07 -26.17
C CYS L 110 -15.94 38.86 -26.75
N VAL L 111 -16.46 38.40 -27.89
CA VAL L 111 -15.95 37.26 -28.59
C VAL L 111 -15.19 37.79 -29.81
N GLU L 112 -14.52 36.88 -30.52
CA GLU L 112 -13.75 37.25 -31.71
C GLU L 112 -13.54 35.98 -32.50
N CYS L 113 -13.80 36.03 -33.80
CA CYS L 113 -13.64 34.85 -34.63
C CYS L 113 -13.59 35.22 -36.09
N LEU L 114 -13.25 34.28 -36.94
CA LEU L 114 -13.22 34.56 -38.37
C LEU L 114 -14.64 34.98 -38.71
N ARG L 115 -14.77 35.88 -39.68
CA ARG L 115 -16.07 36.37 -40.11
C ARG L 115 -17.15 35.30 -40.19
N ASP L 116 -16.94 34.33 -41.07
CA ASP L 116 -17.89 33.27 -41.30
C ASP L 116 -18.46 32.54 -40.09
N HIS L 117 -18.14 32.97 -38.87
CA HIS L 117 -18.65 32.25 -37.70
C HIS L 117 -19.36 33.10 -36.68
N VAL L 118 -19.39 34.40 -36.89
CA VAL L 118 -20.01 35.33 -35.95
C VAL L 118 -21.35 34.88 -35.38
N ASP L 119 -22.17 34.19 -36.17
CA ASP L 119 -23.47 33.73 -35.66
C ASP L 119 -23.19 32.79 -34.51
N THR L 120 -22.47 31.72 -34.83
CA THR L 120 -22.09 30.69 -33.88
C THR L 120 -21.67 31.27 -32.53
N VAL L 121 -20.62 32.10 -32.56
CA VAL L 121 -20.09 32.70 -31.35
C VAL L 121 -21.02 33.70 -30.70
N MET L 122 -21.97 34.22 -31.45
CA MET L 122 -22.90 35.21 -30.92
C MET L 122 -23.79 34.66 -29.82
N GLU L 123 -24.39 33.51 -30.10
CA GLU L 123 -25.27 32.85 -29.16
C GLU L 123 -24.59 32.74 -27.81
N TYR L 124 -23.34 32.32 -27.83
CA TYR L 124 -22.60 32.16 -26.59
C TYR L 124 -22.36 33.51 -25.92
N LEU L 125 -21.99 34.52 -26.71
CA LEU L 125 -21.76 35.85 -26.13
C LEU L 125 -23.06 36.33 -25.51
N LEU L 126 -24.14 36.19 -26.27
CA LEU L 126 -25.47 36.59 -25.81
C LEU L 126 -25.84 35.84 -24.55
N ASN L 127 -25.95 34.51 -24.67
CA ASN L 127 -26.29 33.64 -23.56
C ASN L 127 -25.51 33.99 -22.28
N VAL L 128 -24.21 34.21 -22.43
CA VAL L 128 -23.35 34.55 -21.30
C VAL L 128 -23.72 35.85 -20.58
N THR L 129 -23.98 36.91 -21.34
CA THR L 129 -24.31 38.21 -20.77
C THR L 129 -25.76 38.41 -20.39
N THR L 130 -26.64 37.54 -20.86
CA THR L 130 -28.03 37.72 -20.54
C THR L 130 -28.75 36.48 -20.02
N ALA L 131 -28.18 35.30 -20.24
CA ALA L 131 -28.82 34.08 -19.78
C ALA L 131 -28.03 33.26 -18.74
N PRO L 132 -27.23 33.91 -17.87
CA PRO L 132 -26.50 33.11 -16.89
C PRO L 132 -27.44 32.38 -15.92
N GLU L 133 -26.99 31.25 -15.39
CA GLU L 133 -27.80 30.48 -14.44
C GLU L 133 -27.17 30.47 -13.07
N PHE L 134 -25.84 30.57 -13.02
CA PHE L 134 -25.14 30.59 -11.75
C PHE L 134 -25.61 29.45 -10.85
N ARG L 135 -25.44 28.23 -11.33
CA ARG L 135 -25.82 27.03 -10.61
C ARG L 135 -24.93 26.91 -9.41
N PRO L 136 -25.51 26.87 -8.20
CA PRO L 136 -24.80 26.76 -6.92
C PRO L 136 -23.53 25.95 -6.98
N TRP L 137 -23.60 24.72 -7.49
CA TRP L 137 -22.40 23.88 -7.56
C TRP L 137 -21.39 24.48 -8.50
N GLU L 138 -21.78 24.73 -9.75
CA GLU L 138 -20.86 25.33 -10.70
C GLU L 138 -20.18 26.55 -10.09
N VAL L 139 -20.92 27.30 -9.29
CA VAL L 139 -20.38 28.49 -8.65
C VAL L 139 -19.38 28.18 -7.56
N THR L 140 -19.83 27.49 -6.51
CA THR L 140 -18.91 27.20 -5.42
C THR L 140 -17.67 26.48 -5.94
N ASP L 141 -17.83 25.69 -7.00
CA ASP L 141 -16.71 24.99 -7.57
C ASP L 141 -15.70 25.96 -8.13
N LEU L 142 -16.20 27.07 -8.63
CA LEU L 142 -15.38 28.10 -9.24
C LEU L 142 -14.66 29.04 -8.28
N GLN L 143 -15.34 29.47 -7.23
CA GLN L 143 -14.73 30.42 -6.33
C GLN L 143 -13.28 30.22 -5.95
N PRO L 144 -12.78 28.98 -6.00
CA PRO L 144 -11.36 28.90 -5.61
C PRO L 144 -10.44 29.52 -6.65
N GLN L 145 -10.98 29.79 -7.84
CA GLN L 145 -10.20 30.37 -8.91
C GLN L 145 -9.82 31.79 -8.54
N LEU L 146 -10.68 32.44 -7.76
CA LEU L 146 -10.40 33.80 -7.30
C LEU L 146 -9.05 33.70 -6.62
N LYS L 147 -8.92 32.71 -5.76
CA LYS L 147 -7.68 32.50 -5.05
C LYS L 147 -6.54 32.60 -6.06
N VAL L 148 -6.60 31.77 -7.09
CA VAL L 148 -5.57 31.71 -8.11
C VAL L 148 -5.48 32.96 -8.94
N ASP L 149 -6.57 33.28 -9.63
CA ASP L 149 -6.60 34.46 -10.48
C ASP L 149 -5.92 35.65 -9.83
N LYS L 150 -6.20 35.83 -8.55
CA LYS L 150 -5.65 36.91 -7.79
C LYS L 150 -4.14 36.76 -7.65
N ALA L 151 -3.70 35.58 -7.23
CA ALA L 151 -2.27 35.31 -7.05
C ALA L 151 -1.38 35.69 -8.23
N VAL L 152 -1.84 35.38 -9.45
CA VAL L 152 -1.05 35.69 -10.62
C VAL L 152 -1.04 37.19 -10.86
N ALA L 153 -2.23 37.79 -10.89
CA ALA L 153 -2.35 39.22 -11.14
C ALA L 153 -1.39 39.96 -10.19
N PHE L 154 -1.46 39.61 -8.92
CA PHE L 154 -0.61 40.22 -7.91
C PHE L 154 0.89 39.93 -8.02
N GLN L 155 1.29 39.25 -9.07
CA GLN L 155 2.71 38.96 -9.27
C GLN L 155 3.46 40.24 -9.58
N SER L 156 2.75 41.22 -10.15
CA SER L 156 3.32 42.50 -10.52
C SER L 156 2.96 43.57 -9.50
N PRO L 157 3.93 44.02 -8.68
CA PRO L 157 3.69 45.05 -7.65
C PRO L 157 2.84 46.18 -8.21
N GLN L 158 3.05 46.42 -9.50
CA GLN L 158 2.32 47.43 -10.24
C GLN L 158 0.85 47.43 -9.75
N VAL L 159 0.24 46.23 -9.69
CA VAL L 159 -1.16 46.04 -9.28
C VAL L 159 -1.48 46.15 -7.78
N GLY L 160 -0.61 45.58 -6.95
CA GLY L 160 -0.85 45.66 -5.53
C GLY L 160 -1.05 47.07 -5.02
N VAL L 161 -0.09 47.95 -5.34
CA VAL L 161 -0.17 49.35 -4.91
C VAL L 161 -1.37 50.07 -5.44
N LEU L 162 -1.69 49.90 -6.72
CA LEU L 162 -2.85 50.58 -7.30
C LEU L 162 -4.16 50.22 -6.59
N GLU L 163 -4.25 49.00 -6.07
CA GLU L 163 -5.42 48.57 -5.35
C GLU L 163 -5.50 49.47 -4.12
N ASN L 164 -4.40 49.50 -3.38
CA ASN L 164 -4.28 50.31 -2.17
C ASN L 164 -4.47 51.80 -2.47
N LEU L 165 -3.95 52.26 -3.60
CA LEU L 165 -4.08 53.66 -3.95
C LEU L 165 -5.55 53.98 -3.87
N HIS L 166 -6.33 53.39 -4.78
CA HIS L 166 -7.77 53.62 -4.80
C HIS L 166 -8.41 53.54 -3.41
N ALA L 167 -7.92 52.64 -2.58
CA ALA L 167 -8.42 52.46 -1.22
C ALA L 167 -8.21 53.72 -0.41
N ALA L 168 -7.04 54.34 -0.62
CA ALA L 168 -6.67 55.58 0.05
C ALA L 168 -7.29 56.80 -0.64
N ALA L 169 -7.21 56.81 -1.97
CA ALA L 169 -7.75 57.91 -2.75
C ALA L 169 -9.22 58.13 -2.49
N TYR L 170 -9.98 57.07 -2.24
CA TYR L 170 -11.40 57.22 -2.02
C TYR L 170 -11.95 56.64 -0.72
N LYS L 171 -13.24 56.88 -0.51
CA LYS L 171 -13.95 56.41 0.67
C LYS L 171 -14.97 55.37 0.27
N THR L 172 -15.38 55.40 -0.99
CA THR L 172 -16.40 54.49 -1.47
C THR L 172 -16.28 54.19 -2.97
N ALA L 173 -17.22 53.40 -3.48
CA ALA L 173 -17.31 53.02 -4.91
C ALA L 173 -16.01 52.69 -5.62
N LEU L 174 -15.23 53.72 -5.90
CA LEU L 174 -13.94 53.55 -6.55
C LEU L 174 -12.91 53.09 -5.53
N ALA L 175 -13.31 53.04 -4.26
CA ALA L 175 -12.39 52.61 -3.23
C ALA L 175 -12.41 51.08 -3.15
N ASN L 176 -13.37 50.48 -3.84
CA ASN L 176 -13.49 49.02 -3.85
C ASN L 176 -12.37 48.42 -4.69
N PRO L 177 -11.78 47.30 -4.23
CA PRO L 177 -10.69 46.61 -4.96
C PRO L 177 -11.23 46.01 -6.25
N LEU L 178 -10.36 45.78 -7.22
CA LEU L 178 -10.78 45.22 -8.49
C LEU L 178 -10.76 43.69 -8.43
N TYR L 179 -10.04 43.18 -7.43
CA TYR L 179 -9.93 41.74 -7.18
C TYR L 179 -10.57 41.42 -5.84
N CYS L 180 -11.51 40.47 -5.84
CA CYS L 180 -12.23 40.08 -4.64
C CYS L 180 -11.32 39.97 -3.44
N PRO L 181 -11.69 40.66 -2.34
CA PRO L 181 -10.88 40.60 -1.13
C PRO L 181 -10.79 39.16 -0.67
N ASP L 182 -9.68 38.81 -0.04
CA ASP L 182 -9.46 37.45 0.44
C ASP L 182 -10.57 36.86 1.30
N TYR L 183 -10.90 37.53 2.40
CA TYR L 183 -11.93 37.03 3.32
C TYR L 183 -13.23 36.68 2.61
N ARG L 184 -13.45 37.23 1.42
CA ARG L 184 -14.67 36.91 0.72
C ARG L 184 -14.55 35.84 -0.36
N ILE L 185 -13.34 35.33 -0.56
CA ILE L 185 -13.17 34.29 -1.54
C ILE L 185 -13.96 33.12 -0.97
N GLY L 186 -14.99 32.71 -1.71
CA GLY L 186 -15.80 31.59 -1.29
C GLY L 186 -17.09 31.91 -0.55
N LYS L 187 -17.36 33.18 -0.29
CA LYS L 187 -18.59 33.55 0.41
C LYS L 187 -19.53 34.31 -0.49
N ILE L 188 -19.23 34.32 -1.78
CA ILE L 188 -20.05 34.99 -2.77
C ILE L 188 -21.10 33.99 -3.23
N THR L 189 -22.37 34.32 -2.96
CA THR L 189 -23.50 33.46 -3.29
C THR L 189 -24.05 33.67 -4.72
N SER L 190 -24.81 32.69 -5.20
CA SER L 190 -25.41 32.77 -6.54
C SER L 190 -26.38 33.95 -6.58
N GLU L 191 -27.04 34.17 -5.47
CA GLU L 191 -28.00 35.27 -5.37
C GLU L 191 -27.27 36.54 -5.71
N GLN L 192 -26.16 36.75 -5.02
CA GLN L 192 -25.36 37.94 -5.23
C GLN L 192 -25.01 38.10 -6.72
N LEU L 193 -24.62 37.00 -7.35
CA LEU L 193 -24.28 37.08 -8.76
C LEU L 193 -25.48 37.51 -9.56
N HIS L 194 -26.62 36.86 -9.36
CA HIS L 194 -27.82 37.21 -10.08
C HIS L 194 -28.23 38.66 -9.87
N HIS L 195 -28.47 39.02 -8.62
CA HIS L 195 -28.87 40.36 -8.31
C HIS L 195 -27.90 41.37 -8.93
N PHE L 196 -26.62 41.04 -8.92
CA PHE L 196 -25.65 41.96 -9.52
C PHE L 196 -25.99 42.14 -11.01
N VAL L 197 -26.19 41.05 -11.73
CA VAL L 197 -26.54 41.12 -13.16
C VAL L 197 -27.86 41.86 -13.38
N GLN L 198 -28.88 41.45 -12.63
CA GLN L 198 -30.22 42.04 -12.74
C GLN L 198 -30.20 43.55 -12.51
N ASN L 199 -29.51 43.97 -11.46
CA ASN L 199 -29.41 45.39 -11.10
C ASN L 199 -28.39 46.23 -11.88
N ASN L 200 -27.58 45.59 -12.73
CA ASN L 200 -26.58 46.34 -13.47
C ASN L 200 -26.51 46.03 -14.95
N PHE L 201 -26.73 44.80 -15.35
CA PHE L 201 -26.68 44.49 -16.77
C PHE L 201 -28.02 44.83 -17.40
N THR L 202 -28.38 46.10 -17.33
CA THR L 202 -29.65 46.58 -17.88
C THR L 202 -29.49 47.19 -19.27
N SER L 203 -30.48 46.96 -20.14
CA SER L 203 -30.42 47.44 -21.53
C SER L 203 -29.95 48.90 -21.69
N ALA L 204 -30.26 49.75 -20.71
CA ALA L 204 -29.87 51.15 -20.80
C ALA L 204 -28.43 51.43 -20.35
N ARG L 205 -27.79 50.41 -19.78
CA ARG L 205 -26.40 50.54 -19.32
C ARG L 205 -25.52 49.67 -20.20
N MET L 206 -26.13 49.12 -21.24
CA MET L 206 -25.41 48.24 -22.16
C MET L 206 -25.25 48.79 -23.58
N ALA L 207 -24.20 48.31 -24.25
CA ALA L 207 -23.90 48.70 -25.61
C ALA L 207 -23.34 47.51 -26.37
N LEU L 208 -23.98 47.18 -27.48
CA LEU L 208 -23.55 46.06 -28.30
C LEU L 208 -22.76 46.58 -29.49
N VAL L 209 -21.46 46.65 -29.29
CA VAL L 209 -20.52 47.13 -30.30
C VAL L 209 -19.97 45.97 -31.14
N GLY L 210 -19.51 46.25 -32.35
CA GLY L 210 -18.97 45.20 -33.20
C GLY L 210 -18.06 45.71 -34.30
N ILE L 211 -17.23 44.83 -34.85
CA ILE L 211 -16.31 45.19 -35.93
C ILE L 211 -16.26 44.08 -36.99
N GLY L 212 -16.07 44.46 -38.23
CA GLY L 212 -16.02 43.47 -39.28
C GLY L 212 -17.41 42.91 -39.46
N VAL L 213 -18.40 43.75 -39.23
CA VAL L 213 -19.80 43.35 -39.35
C VAL L 213 -20.69 44.46 -39.93
N LYS L 214 -21.83 44.05 -40.46
CA LYS L 214 -22.80 44.98 -41.02
C LYS L 214 -23.76 45.36 -39.91
N HIS L 215 -24.11 46.64 -39.87
CA HIS L 215 -24.99 47.16 -38.83
C HIS L 215 -26.35 46.47 -38.77
N SER L 216 -26.88 46.15 -39.94
CA SER L 216 -28.18 45.49 -40.02
C SER L 216 -28.21 44.17 -39.26
N ASP L 217 -27.10 43.45 -39.31
CA ASP L 217 -26.98 42.17 -38.64
C ASP L 217 -26.78 42.35 -37.14
N LEU L 218 -25.74 43.10 -36.78
CA LEU L 218 -25.44 43.35 -35.38
C LEU L 218 -26.65 43.93 -34.67
N LYS L 219 -27.43 44.74 -35.38
CA LYS L 219 -28.62 45.32 -34.77
C LYS L 219 -29.63 44.22 -34.54
N GLN L 220 -29.91 43.45 -35.59
CA GLN L 220 -30.88 42.36 -35.55
C GLN L 220 -30.72 41.39 -34.36
N VAL L 221 -29.51 41.22 -33.89
CA VAL L 221 -29.27 40.36 -32.75
C VAL L 221 -29.58 41.12 -31.48
N ALA L 222 -29.00 42.30 -31.34
CA ALA L 222 -29.21 43.13 -30.15
C ALA L 222 -30.68 43.17 -29.78
N GLU L 223 -31.51 43.43 -30.79
CA GLU L 223 -32.94 43.50 -30.60
C GLU L 223 -33.51 42.08 -30.44
N GLN L 224 -34.05 41.54 -31.52
CA GLN L 224 -34.66 40.21 -31.55
C GLN L 224 -33.94 39.09 -30.77
N PHE L 225 -32.82 39.40 -30.12
CA PHE L 225 -32.12 38.39 -29.35
C PHE L 225 -31.87 38.80 -27.90
N LEU L 226 -31.37 40.01 -27.66
CA LEU L 226 -31.10 40.43 -26.28
C LEU L 226 -32.34 40.46 -25.41
N ASN L 227 -32.22 41.01 -24.20
CA ASN L 227 -33.35 41.02 -23.25
C ASN L 227 -33.02 41.79 -21.96
N ILE L 228 -33.02 41.08 -20.83
CA ILE L 228 -32.75 41.64 -19.50
C ILE L 228 -33.44 42.97 -19.16
N ARG L 229 -33.42 43.31 -17.88
CA ARG L 229 -34.02 44.53 -17.36
C ARG L 229 -33.57 45.78 -18.14
N SER L 230 -34.21 46.92 -17.83
CA SER L 230 -33.92 48.22 -18.46
C SER L 230 -33.77 49.29 -17.37
N GLY L 231 -33.23 50.45 -17.72
CA GLY L 231 -33.06 51.49 -16.71
C GLY L 231 -31.76 51.26 -15.97
N ALA L 232 -31.15 52.33 -15.46
CA ALA L 232 -29.86 52.21 -14.77
C ALA L 232 -29.82 51.31 -13.54
N GLY L 233 -30.85 50.48 -13.37
CA GLY L 233 -30.89 49.61 -12.22
C GLY L 233 -30.37 50.32 -10.99
N THR L 234 -29.42 49.72 -10.31
CA THR L 234 -28.84 50.35 -9.12
C THR L 234 -27.72 51.26 -9.60
N SER L 235 -27.74 52.49 -9.10
CA SER L 235 -26.73 53.46 -9.46
C SER L 235 -25.65 53.41 -8.40
N SER L 236 -24.46 53.94 -8.72
CA SER L 236 -23.36 53.92 -7.76
C SER L 236 -23.28 55.17 -6.89
N ALA L 237 -23.04 54.95 -5.60
CA ALA L 237 -22.93 56.05 -4.64
C ALA L 237 -21.67 56.88 -4.89
N LYS L 238 -21.80 57.90 -5.75
CA LYS L 238 -20.70 58.79 -6.13
C LYS L 238 -19.47 58.69 -5.24
N ALA L 239 -18.31 58.63 -5.88
CA ALA L 239 -17.04 58.50 -5.19
C ALA L 239 -16.65 59.70 -4.32
N THR L 240 -16.53 59.45 -3.02
CA THR L 240 -16.13 60.50 -2.10
C THR L 240 -14.62 60.40 -2.04
N TYR L 241 -13.94 61.54 -2.02
CA TYR L 241 -12.48 61.54 -1.96
C TYR L 241 -12.03 61.52 -0.50
N TRP L 242 -11.00 60.73 -0.23
CA TRP L 242 -10.46 60.60 1.12
C TRP L 242 -9.08 61.25 1.22
N GLY L 243 -8.13 60.77 0.43
CA GLY L 243 -6.78 61.29 0.50
C GLY L 243 -6.02 60.50 1.53
N GLY L 244 -6.14 59.17 1.42
CA GLY L 244 -5.50 58.27 2.35
C GLY L 244 -4.02 58.06 2.13
N GLU L 245 -3.44 57.13 2.90
CA GLU L 245 -2.01 56.83 2.84
C GLU L 245 -1.80 55.38 3.30
N ILE L 246 -1.67 54.46 2.36
CA ILE L 246 -1.46 53.04 2.68
C ILE L 246 -0.01 52.59 2.40
N ARG L 247 0.65 52.05 3.41
CA ARG L 247 2.03 51.62 3.26
C ARG L 247 2.18 50.12 3.51
N GLU L 248 2.77 49.42 2.55
CA GLU L 248 2.94 47.99 2.69
C GLU L 248 4.38 47.54 2.81
N GLN L 249 4.83 47.34 4.03
CA GLN L 249 6.20 46.90 4.28
C GLN L 249 6.29 45.43 3.90
N ASN L 250 7.23 45.05 3.05
CA ASN L 250 7.30 43.64 2.69
C ASN L 250 8.69 43.11 2.36
N GLY L 251 9.72 43.92 2.59
CA GLY L 251 11.07 43.47 2.31
C GLY L 251 11.53 43.63 0.87
N HIS L 252 10.69 43.22 -0.09
CA HIS L 252 10.97 43.32 -1.54
C HIS L 252 11.88 44.54 -1.82
N SER L 253 13.12 44.29 -2.24
CA SER L 253 14.09 45.35 -2.52
C SER L 253 13.55 46.59 -3.23
N LEU L 254 12.85 46.41 -4.35
CA LEU L 254 12.32 47.56 -5.08
C LEU L 254 11.08 48.16 -4.41
N VAL L 255 11.11 49.48 -4.27
CA VAL L 255 10.03 50.23 -3.66
C VAL L 255 9.13 50.88 -4.70
N HIS L 256 7.87 50.44 -4.73
CA HIS L 256 6.92 51.04 -5.66
C HIS L 256 6.17 52.09 -4.87
N ALA L 257 5.86 53.20 -5.53
CA ALA L 257 5.14 54.27 -4.88
C ALA L 257 4.34 55.05 -5.90
N ALA L 258 3.24 55.61 -5.47
CA ALA L 258 2.40 56.38 -6.36
C ALA L 258 1.71 57.48 -5.55
N VAL L 259 1.95 58.74 -5.95
CA VAL L 259 1.34 59.86 -5.26
C VAL L 259 0.39 60.54 -6.23
N VAL L 260 -0.83 60.78 -5.79
CA VAL L 260 -1.82 61.40 -6.65
C VAL L 260 -2.74 62.36 -5.92
N THR L 261 -3.59 63.01 -6.70
CA THR L 261 -4.57 63.97 -6.21
C THR L 261 -5.78 63.75 -7.09
N GLU L 262 -6.92 64.27 -6.68
CA GLU L 262 -8.07 64.08 -7.54
C GLU L 262 -7.68 64.79 -8.84
N GLY L 263 -8.05 64.20 -9.96
CA GLY L 263 -7.75 64.78 -11.25
C GLY L 263 -9.07 65.03 -11.92
N ALA L 264 -9.13 64.81 -13.22
CA ALA L 264 -10.36 65.05 -13.97
C ALA L 264 -11.13 63.80 -14.27
N ALA L 265 -12.43 63.95 -14.45
CA ALA L 265 -13.31 62.83 -14.78
C ALA L 265 -13.44 62.68 -16.30
N VAL L 266 -13.94 61.53 -16.73
CA VAL L 266 -14.12 61.28 -18.15
C VAL L 266 -14.92 62.41 -18.75
N GLY L 267 -14.62 62.74 -20.00
CA GLY L 267 -15.34 63.78 -20.70
C GLY L 267 -14.84 65.20 -20.43
N SER L 268 -14.77 65.56 -19.14
CA SER L 268 -14.32 66.88 -18.72
C SER L 268 -13.08 67.36 -19.50
N ALA L 269 -13.14 68.60 -19.99
CA ALA L 269 -12.05 69.17 -20.74
C ALA L 269 -10.82 69.29 -19.83
N GLU L 270 -11.07 69.44 -18.54
CA GLU L 270 -9.98 69.54 -17.56
C GLU L 270 -9.07 68.32 -17.67
N ALA L 271 -9.58 67.25 -18.27
CA ALA L 271 -8.82 66.02 -18.45
C ALA L 271 -7.78 66.27 -19.51
N ASN L 272 -8.23 66.65 -20.70
CA ASN L 272 -7.34 66.94 -21.82
C ASN L 272 -6.07 67.60 -21.32
N ALA L 273 -6.24 68.56 -20.42
CA ALA L 273 -5.09 69.25 -19.88
C ALA L 273 -4.16 68.22 -19.26
N PHE L 274 -4.71 67.46 -18.32
CA PHE L 274 -3.93 66.43 -17.65
C PHE L 274 -3.26 65.44 -18.60
N SER L 275 -3.99 65.06 -19.65
CA SER L 275 -3.45 64.12 -20.64
C SER L 275 -2.17 64.77 -21.23
N VAL L 276 -2.27 66.07 -21.50
CA VAL L 276 -1.14 66.82 -22.04
C VAL L 276 -0.06 66.98 -20.98
N LEU L 277 -0.46 67.39 -19.78
CA LEU L 277 0.51 67.55 -18.70
C LEU L 277 1.21 66.21 -18.47
N GLN L 278 0.45 65.14 -18.71
CA GLN L 278 0.94 63.78 -18.57
C GLN L 278 2.13 63.62 -19.47
N HIS L 279 1.87 63.63 -20.78
CA HIS L 279 2.93 63.48 -21.79
C HIS L 279 4.04 64.53 -21.66
N VAL L 280 3.73 65.65 -21.01
CA VAL L 280 4.72 66.70 -20.82
C VAL L 280 5.73 66.20 -19.80
N LEU L 281 5.21 65.71 -18.67
CA LEU L 281 6.04 65.19 -17.59
C LEU L 281 6.73 63.89 -17.99
N GLY L 282 6.11 63.17 -18.92
CA GLY L 282 6.65 61.92 -19.41
C GLY L 282 5.86 60.69 -18.99
N ALA L 283 5.33 59.96 -19.95
CA ALA L 283 4.56 58.77 -19.64
C ALA L 283 5.17 57.47 -20.18
N GLY L 284 6.35 57.10 -19.65
CA GLY L 284 7.01 55.87 -20.07
C GLY L 284 7.70 55.86 -21.42
N PRO L 285 9.05 55.71 -21.44
CA PRO L 285 9.91 55.69 -22.63
C PRO L 285 9.30 55.28 -23.98
N LEU L 286 9.86 55.84 -25.07
CA LEU L 286 9.39 55.58 -26.44
C LEU L 286 10.47 54.90 -27.29
N ILE L 287 11.68 54.83 -26.75
CA ILE L 287 12.82 54.23 -27.43
C ILE L 287 13.33 53.09 -26.56
N LYS L 288 13.46 51.89 -27.14
CA LYS L 288 13.92 50.72 -26.40
C LYS L 288 15.16 50.97 -25.55
N ARG L 289 15.00 50.83 -24.24
CA ARG L 289 16.07 51.05 -23.27
C ARG L 289 16.53 52.50 -23.39
N GLY L 290 15.60 53.36 -23.82
CA GLY L 290 15.89 54.78 -24.02
C GLY L 290 16.32 55.58 -22.80
N SER L 291 16.16 56.89 -22.89
CA SER L 291 16.53 57.79 -21.80
C SER L 291 15.36 58.71 -21.48
N SER L 292 14.50 58.93 -22.47
CA SER L 292 13.34 59.78 -22.29
C SER L 292 13.74 61.21 -21.93
N VAL L 293 14.28 61.93 -22.90
CA VAL L 293 14.70 63.30 -22.69
C VAL L 293 13.45 64.19 -22.70
N THR L 294 12.52 63.87 -23.59
CA THR L 294 11.25 64.58 -23.75
C THR L 294 10.37 64.37 -22.51
N SER L 295 10.94 63.69 -21.52
CA SER L 295 10.25 63.40 -20.28
C SER L 295 10.80 64.22 -19.12
N LYS L 296 10.09 65.28 -18.78
CA LYS L 296 10.49 66.18 -17.70
C LYS L 296 10.74 65.39 -16.43
N LEU L 297 9.70 64.66 -16.02
CA LEU L 297 9.76 63.88 -14.81
C LEU L 297 10.96 62.94 -14.77
N TYR L 298 11.01 61.99 -15.71
CA TYR L 298 12.10 61.02 -15.77
C TYR L 298 13.42 61.78 -15.59
N GLN L 299 13.71 62.62 -16.58
CA GLN L 299 14.91 63.43 -16.59
C GLN L 299 15.18 64.05 -15.24
N GLY L 300 14.13 64.59 -14.61
CA GLY L 300 14.28 65.21 -13.31
C GLY L 300 14.80 64.25 -12.26
N VAL L 301 14.22 63.06 -12.18
CA VAL L 301 14.63 62.07 -11.20
C VAL L 301 16.04 61.50 -11.40
N ALA L 302 16.44 61.38 -12.67
CA ALA L 302 17.77 60.87 -13.00
C ALA L 302 18.79 61.79 -12.36
N LYS L 303 18.63 63.09 -12.63
CA LYS L 303 19.51 64.13 -12.10
C LYS L 303 19.48 64.14 -10.57
N ALA L 304 18.73 63.21 -9.98
CA ALA L 304 18.61 63.16 -8.53
C ALA L 304 19.17 61.91 -7.88
N THR L 305 19.03 60.78 -8.56
CA THR L 305 19.51 59.51 -8.04
C THR L 305 20.70 58.95 -8.83
N THR L 306 21.33 57.91 -8.29
CA THR L 306 22.49 57.28 -8.90
C THR L 306 22.14 55.94 -9.54
N GLN L 307 21.37 55.14 -8.82
CA GLN L 307 20.96 53.81 -9.25
C GLN L 307 19.77 53.77 -10.22
N PRO L 308 19.49 52.57 -10.78
CA PRO L 308 18.38 52.36 -11.72
C PRO L 308 17.02 52.68 -11.10
N PHE L 309 16.09 53.09 -11.95
CA PHE L 309 14.77 53.45 -11.47
C PHE L 309 13.82 53.68 -12.62
N ASP L 310 12.58 54.01 -12.27
CA ASP L 310 11.55 54.33 -13.25
C ASP L 310 10.52 55.19 -12.54
N ALA L 311 10.09 56.26 -13.22
CA ALA L 311 9.09 57.18 -12.69
C ALA L 311 8.26 57.71 -13.85
N SER L 312 6.95 57.76 -13.68
CA SER L 312 6.08 58.22 -14.74
C SER L 312 4.87 59.03 -14.26
N ALA L 313 4.15 59.56 -15.24
CA ALA L 313 2.96 60.37 -14.99
C ALA L 313 1.73 59.50 -14.99
N PHE L 314 1.14 59.36 -13.81
CA PHE L 314 -0.06 58.55 -13.62
C PHE L 314 -1.31 59.36 -13.91
N ASN L 315 -2.30 58.74 -14.55
CA ASN L 315 -3.49 59.48 -14.89
C ASN L 315 -4.67 58.60 -15.27
N VAL L 316 -5.72 58.66 -14.46
CA VAL L 316 -6.94 57.90 -14.72
C VAL L 316 -8.11 58.87 -14.72
N ASN L 317 -9.09 58.59 -15.58
CA ASN L 317 -10.27 59.44 -15.67
C ASN L 317 -11.52 58.56 -15.52
N TYR L 318 -12.17 58.65 -14.37
CA TYR L 318 -13.39 57.86 -14.10
C TYR L 318 -14.63 58.74 -14.28
N SER L 319 -15.80 58.12 -14.34
CA SER L 319 -17.07 58.84 -14.52
C SER L 319 -17.26 60.08 -13.65
N ASP L 320 -17.34 59.91 -12.33
CA ASP L 320 -17.55 61.03 -11.42
C ASP L 320 -16.33 61.49 -10.63
N SER L 321 -15.15 61.27 -11.19
CA SER L 321 -13.92 61.68 -10.53
C SER L 321 -12.71 61.12 -11.27
N GLY L 322 -11.53 61.39 -10.75
CA GLY L 322 -10.32 60.92 -11.38
C GLY L 322 -9.11 60.98 -10.46
N LEU L 323 -7.99 60.46 -10.92
CA LEU L 323 -6.74 60.48 -10.15
C LEU L 323 -5.60 60.86 -11.07
N PHE L 324 -4.68 61.66 -10.54
CA PHE L 324 -3.52 62.12 -11.30
C PHE L 324 -2.33 62.31 -10.37
N GLY L 325 -1.16 61.93 -10.86
CA GLY L 325 0.06 62.04 -10.07
C GLY L 325 1.19 61.30 -10.75
N PHE L 326 2.08 60.74 -9.95
CA PHE L 326 3.21 60.03 -10.52
C PHE L 326 3.43 58.71 -9.79
N TYR L 327 3.91 57.71 -10.53
CA TYR L 327 4.21 56.38 -9.99
C TYR L 327 5.71 56.12 -10.17
N THR L 328 6.40 55.74 -9.10
CA THR L 328 7.82 55.46 -9.19
C THR L 328 8.22 54.09 -8.72
N ILE L 329 9.34 53.60 -9.25
CA ILE L 329 9.90 52.32 -8.87
C ILE L 329 11.37 52.67 -8.74
N SER L 330 11.99 52.24 -7.67
CA SER L 330 13.40 52.54 -7.46
C SER L 330 13.97 51.66 -6.37
N GLN L 331 15.26 51.75 -6.16
CA GLN L 331 15.85 50.95 -5.11
C GLN L 331 15.29 51.47 -3.80
N ALA L 332 15.28 50.62 -2.78
CA ALA L 332 14.74 50.97 -1.49
C ALA L 332 15.40 52.20 -0.89
N ALA L 333 16.73 52.21 -0.88
CA ALA L 333 17.49 53.32 -0.31
C ALA L 333 17.24 54.65 -1.01
N HIS L 334 17.17 54.64 -2.34
CA HIS L 334 16.95 55.86 -3.09
C HIS L 334 15.47 56.21 -3.26
N ALA L 335 14.65 55.61 -2.40
CA ALA L 335 13.21 55.85 -2.45
C ALA L 335 12.90 57.30 -2.10
N GLY L 336 13.56 57.80 -1.05
CA GLY L 336 13.35 59.17 -0.66
C GLY L 336 13.66 60.14 -1.77
N GLU L 337 14.88 60.09 -2.30
CA GLU L 337 15.25 61.01 -3.37
C GLU L 337 14.38 60.89 -4.61
N VAL L 338 14.20 59.68 -5.13
CA VAL L 338 13.38 59.49 -6.32
C VAL L 338 11.97 60.06 -6.16
N ILE L 339 11.35 59.79 -5.01
CA ILE L 339 10.00 60.28 -4.75
C ILE L 339 9.95 61.81 -4.64
N ARG L 340 10.82 62.39 -3.81
CA ARG L 340 10.83 63.85 -3.65
C ARG L 340 11.21 64.55 -4.94
N ALA L 341 12.25 64.05 -5.61
CA ALA L 341 12.70 64.61 -6.87
C ALA L 341 11.55 64.64 -7.87
N ALA L 342 10.60 63.74 -7.67
CA ALA L 342 9.43 63.66 -8.53
C ALA L 342 8.38 64.70 -8.14
N MET L 343 8.44 65.17 -6.90
CA MET L 343 7.51 66.18 -6.41
C MET L 343 7.90 67.56 -6.94
N ASN L 344 9.16 67.92 -6.68
CA ASN L 344 9.71 69.20 -7.11
C ASN L 344 9.56 69.26 -8.61
N GLN L 345 9.79 68.12 -9.26
CA GLN L 345 9.68 68.08 -10.70
C GLN L 345 8.26 68.42 -11.11
N LEU L 346 7.31 68.19 -10.23
CA LEU L 346 5.92 68.49 -10.53
C LEU L 346 5.54 69.93 -10.15
N LYS L 347 6.24 70.48 -9.16
CA LYS L 347 5.99 71.85 -8.73
C LYS L 347 6.62 72.81 -9.73
N ALA L 348 7.85 72.50 -10.16
CA ALA L 348 8.55 73.32 -11.13
C ALA L 348 7.68 73.52 -12.37
N ALA L 349 6.81 72.57 -12.65
CA ALA L 349 5.92 72.64 -13.80
C ALA L 349 4.70 73.46 -13.44
N ALA L 350 4.38 73.47 -12.15
CA ALA L 350 3.25 74.22 -11.64
C ALA L 350 3.65 75.69 -11.53
N GLN L 351 4.96 75.92 -11.55
CA GLN L 351 5.51 77.28 -11.47
C GLN L 351 6.11 77.65 -12.82
N GLY L 352 5.27 77.71 -13.86
CA GLY L 352 5.70 78.07 -15.20
C GLY L 352 6.79 77.25 -15.87
N GLY L 353 7.15 76.10 -15.29
CA GLY L 353 8.18 75.28 -15.89
C GLY L 353 7.75 74.53 -17.15
N VAL L 354 6.85 75.13 -17.92
CA VAL L 354 6.34 74.51 -19.14
C VAL L 354 6.56 75.41 -20.35
N THR L 355 7.25 74.90 -21.35
CA THR L 355 7.53 75.65 -22.57
C THR L 355 6.38 75.46 -23.54
N GLU L 356 6.15 76.45 -24.39
CA GLU L 356 5.08 76.35 -25.37
C GLU L 356 5.45 75.23 -26.35
N GLU L 357 6.74 74.90 -26.36
CA GLU L 357 7.28 73.84 -27.22
C GLU L 357 7.06 72.49 -26.56
N ASP L 358 7.12 72.46 -25.24
CA ASP L 358 6.89 71.23 -24.51
C ASP L 358 5.45 70.87 -24.81
N VAL L 359 4.56 71.83 -24.60
CA VAL L 359 3.13 71.65 -24.82
C VAL L 359 2.78 71.20 -26.25
N THR L 360 3.61 71.56 -27.22
CA THR L 360 3.33 71.15 -28.59
C THR L 360 3.80 69.72 -28.85
N LYS L 361 4.92 69.33 -28.23
CA LYS L 361 5.43 67.96 -28.40
C LYS L 361 4.46 66.97 -27.77
N ALA L 362 4.08 67.23 -26.53
CA ALA L 362 3.14 66.38 -25.81
C ALA L 362 1.86 66.23 -26.64
N LYS L 363 1.42 67.29 -27.29
CA LYS L 363 0.22 67.24 -28.11
C LYS L 363 0.38 66.28 -29.30
N ASN L 364 1.62 65.95 -29.66
CA ASN L 364 1.86 65.03 -30.76
C ASN L 364 1.88 63.64 -30.17
N GLN L 365 2.73 63.46 -29.17
CA GLN L 365 2.83 62.19 -28.50
C GLN L 365 1.41 61.72 -28.21
N LEU L 366 0.60 62.61 -27.67
CA LEU L 366 -0.79 62.31 -27.35
C LEU L 366 -1.52 61.89 -28.64
N LYS L 367 -1.43 62.70 -29.68
CA LYS L 367 -2.09 62.38 -30.95
C LYS L 367 -1.56 61.05 -31.49
N ALA L 368 -0.26 60.80 -31.31
CA ALA L 368 0.36 59.57 -31.79
C ALA L 368 -0.22 58.39 -31.01
N THR L 369 0.11 58.35 -29.71
CA THR L 369 -0.39 57.31 -28.82
C THR L 369 -1.83 56.95 -29.20
N TYR L 370 -2.76 57.89 -29.00
CA TYR L 370 -4.15 57.65 -29.33
C TYR L 370 -4.27 56.95 -30.69
N LEU L 371 -3.85 57.63 -31.75
CA LEU L 371 -3.94 57.08 -33.10
C LEU L 371 -3.41 55.67 -33.27
N MET L 372 -2.32 55.36 -32.58
CA MET L 372 -1.73 54.04 -32.67
C MET L 372 -2.62 53.05 -31.95
N SER L 373 -2.92 53.34 -30.68
CA SER L 373 -3.76 52.49 -29.85
C SER L 373 -4.96 51.88 -30.57
N VAL L 374 -5.37 52.43 -31.70
CA VAL L 374 -6.52 51.88 -32.39
C VAL L 374 -6.20 51.03 -33.61
N GLU L 375 -4.96 50.57 -33.71
CA GLU L 375 -4.56 49.75 -34.85
C GLU L 375 -5.03 48.30 -34.61
N THR L 376 -4.88 47.83 -33.37
CA THR L 376 -5.27 46.47 -33.00
C THR L 376 -6.79 46.35 -32.89
N ALA L 377 -7.30 45.23 -33.37
CA ALA L 377 -8.75 44.95 -33.35
C ALA L 377 -9.40 45.34 -32.05
N GLN L 378 -8.75 44.98 -30.95
CA GLN L 378 -9.27 45.29 -29.63
C GLN L 378 -9.23 46.77 -29.38
N GLY L 379 -8.09 47.38 -29.66
CA GLY L 379 -7.92 48.81 -29.44
C GLY L 379 -9.04 49.62 -30.07
N LEU L 380 -9.32 49.35 -31.33
CA LEU L 380 -10.37 50.06 -32.05
C LEU L 380 -11.75 49.76 -31.47
N LEU L 381 -12.03 48.49 -31.21
CA LEU L 381 -13.32 48.10 -30.67
C LEU L 381 -13.56 48.74 -29.31
N ASN L 382 -12.50 48.94 -28.55
CA ASN L 382 -12.63 49.52 -27.22
C ASN L 382 -12.89 50.99 -27.36
N GLU L 383 -12.12 51.63 -28.25
CA GLU L 383 -12.28 53.05 -28.50
C GLU L 383 -13.74 53.33 -28.87
N ILE L 384 -14.24 52.61 -29.87
CA ILE L 384 -15.61 52.77 -30.35
C ILE L 384 -16.62 52.61 -29.22
N GLY L 385 -16.79 51.37 -28.77
CA GLY L 385 -17.73 51.06 -27.71
C GLY L 385 -17.62 51.85 -26.42
N SER L 386 -16.44 52.29 -26.05
CA SER L 386 -16.29 53.06 -24.82
C SER L 386 -17.15 54.30 -24.89
N GLU L 387 -17.08 54.95 -26.03
CA GLU L 387 -17.83 56.16 -26.27
C GLU L 387 -19.28 55.78 -26.50
N ALA L 388 -19.49 54.87 -27.42
CA ALA L 388 -20.84 54.42 -27.76
C ALA L 388 -21.62 54.02 -26.53
N LEU L 389 -20.92 53.83 -25.41
CA LEU L 389 -21.58 53.44 -24.17
C LEU L 389 -21.78 54.62 -23.25
N LEU L 390 -20.80 55.53 -23.20
CA LEU L 390 -20.90 56.68 -22.34
C LEU L 390 -21.84 57.77 -22.86
N SER L 391 -21.88 57.91 -24.19
CA SER L 391 -22.72 58.93 -24.80
C SER L 391 -23.28 58.55 -26.16
N GLY L 392 -23.48 57.25 -26.38
CA GLY L 392 -24.02 56.77 -27.65
C GLY L 392 -23.70 57.58 -28.89
N THR L 393 -22.53 58.19 -28.90
CA THR L 393 -22.07 59.01 -30.02
C THR L 393 -20.75 58.45 -30.57
N HIS L 394 -20.07 59.25 -31.39
CA HIS L 394 -18.78 58.87 -31.93
C HIS L 394 -17.96 60.00 -32.50
N THR L 395 -17.09 60.56 -31.66
CA THR L 395 -16.23 61.64 -32.09
C THR L 395 -15.34 61.05 -33.18
N ALA L 396 -15.07 61.84 -34.22
CA ALA L 396 -14.20 61.39 -35.31
C ALA L 396 -12.77 61.76 -34.89
N PRO L 397 -11.78 60.88 -35.18
CA PRO L 397 -10.39 61.17 -34.80
C PRO L 397 -9.96 62.60 -35.16
N SER L 398 -10.78 63.26 -35.96
CA SER L 398 -10.54 64.64 -36.39
C SER L 398 -10.86 65.58 -35.22
N VAL L 399 -12.06 65.43 -34.66
CA VAL L 399 -12.52 66.25 -33.53
C VAL L 399 -11.65 66.02 -32.30
N VAL L 400 -11.41 64.76 -31.96
CA VAL L 400 -10.60 64.43 -30.81
C VAL L 400 -9.28 65.21 -30.92
N ALA L 401 -8.73 65.26 -32.13
CA ALA L 401 -7.48 65.95 -32.40
C ALA L 401 -7.56 67.42 -31.99
N GLN L 402 -8.70 68.06 -32.24
CA GLN L 402 -8.89 69.46 -31.90
C GLN L 402 -8.83 69.65 -30.38
N LYS L 403 -9.67 68.90 -29.68
CA LYS L 403 -9.76 68.96 -28.23
C LYS L 403 -8.39 68.88 -27.59
N ILE L 404 -7.44 68.26 -28.29
CA ILE L 404 -6.09 68.13 -27.76
C ILE L 404 -5.34 69.46 -27.86
N ASP L 405 -5.06 69.90 -29.07
CA ASP L 405 -4.33 71.15 -29.27
C ASP L 405 -5.02 72.40 -28.76
N SER L 406 -6.27 72.28 -28.32
CA SER L 406 -6.99 73.42 -27.79
C SER L 406 -6.45 73.67 -26.37
N VAL L 407 -5.63 72.74 -25.89
CA VAL L 407 -5.05 72.86 -24.57
C VAL L 407 -3.98 73.93 -24.66
N THR L 408 -4.03 74.89 -23.75
CA THR L 408 -3.06 75.99 -23.75
C THR L 408 -1.93 75.76 -22.74
N SER L 409 -0.84 76.48 -22.93
CA SER L 409 0.30 76.39 -22.04
C SER L 409 -0.17 76.57 -20.61
N ALA L 410 -1.14 77.47 -20.44
CA ALA L 410 -1.70 77.78 -19.12
C ALA L 410 -2.38 76.55 -18.52
N ASP L 411 -3.42 76.09 -19.21
CA ASP L 411 -4.20 74.92 -18.80
C ASP L 411 -3.29 73.91 -18.11
N VAL L 412 -2.19 73.61 -18.79
CA VAL L 412 -1.19 72.67 -18.30
C VAL L 412 -0.64 73.07 -16.93
N VAL L 413 -0.02 74.23 -16.83
CA VAL L 413 0.54 74.67 -15.56
C VAL L 413 -0.56 74.76 -14.52
N ASN L 414 -1.80 74.92 -14.99
CA ASN L 414 -2.94 74.99 -14.09
C ASN L 414 -3.09 73.63 -13.42
N ALA L 415 -3.28 72.60 -14.23
CA ALA L 415 -3.40 71.25 -13.74
C ALA L 415 -2.25 71.03 -12.79
N ALA L 416 -1.06 71.41 -13.23
CA ALA L 416 0.15 71.27 -12.44
C ALA L 416 -0.05 71.83 -11.05
N LYS L 417 -0.74 72.96 -10.95
CA LYS L 417 -1.01 73.57 -9.66
C LYS L 417 -2.05 72.79 -8.89
N LYS L 418 -3.18 72.50 -9.55
CA LYS L 418 -4.26 71.76 -8.93
C LYS L 418 -3.75 70.52 -8.20
N PHE L 419 -2.56 70.08 -8.60
CA PHE L 419 -1.92 68.94 -7.98
C PHE L 419 -1.21 69.36 -6.70
N VAL L 420 -0.32 70.34 -6.82
CA VAL L 420 0.46 70.79 -5.67
C VAL L 420 -0.43 71.32 -4.54
N SER L 421 -1.60 71.82 -4.92
CA SER L 421 -2.55 72.36 -3.94
C SER L 421 -3.46 71.28 -3.35
N GLY L 422 -4.24 70.61 -4.20
CA GLY L 422 -5.16 69.56 -3.75
C GLY L 422 -4.61 68.55 -2.76
N LYS L 423 -5.51 67.86 -2.05
CA LYS L 423 -5.14 66.86 -1.06
C LYS L 423 -4.70 65.62 -1.83
N LYS L 424 -3.63 65.01 -1.36
CA LYS L 424 -3.08 63.85 -2.03
C LYS L 424 -3.34 62.52 -1.34
N SER L 425 -3.12 61.45 -2.08
CA SER L 425 -3.26 60.08 -1.60
C SER L 425 -1.94 59.44 -1.97
N MET L 426 -1.57 58.38 -1.28
CA MET L 426 -0.32 57.74 -1.58
C MET L 426 -0.33 56.25 -1.23
N ALA L 427 0.24 55.45 -2.12
CA ALA L 427 0.32 54.00 -1.93
C ALA L 427 1.75 53.54 -2.20
N ALA L 428 2.27 52.68 -1.33
CA ALA L 428 3.63 52.19 -1.48
C ALA L 428 3.76 50.73 -1.05
N SER L 429 4.89 50.12 -1.38
CA SER L 429 5.14 48.74 -0.99
C SER L 429 6.59 48.35 -1.22
N GLY L 430 7.13 47.59 -0.30
CA GLY L 430 8.51 47.14 -0.37
C GLY L 430 9.19 47.41 0.95
N ASP L 431 10.52 47.40 0.97
CA ASP L 431 11.23 47.71 2.19
C ASP L 431 11.12 49.23 2.22
N LEU L 432 10.02 49.73 2.78
CA LEU L 432 9.75 51.16 2.85
C LEU L 432 10.66 51.94 3.81
N GLY L 433 11.78 51.34 4.18
CA GLY L 433 12.72 51.97 5.09
C GLY L 433 13.06 53.43 4.86
N SER L 434 13.39 53.79 3.62
CA SER L 434 13.75 55.16 3.28
C SER L 434 12.64 55.86 2.50
N THR L 435 11.41 55.38 2.67
CA THR L 435 10.27 55.96 1.95
C THR L 435 9.57 57.01 2.80
N PRO L 436 9.30 58.19 2.22
CA PRO L 436 8.62 59.26 2.96
C PRO L 436 7.09 59.13 3.04
N PHE L 437 6.52 59.71 4.09
CA PHE L 437 5.07 59.72 4.29
C PHE L 437 4.49 60.92 3.53
N LEU L 438 3.21 60.86 3.19
CA LEU L 438 2.56 61.93 2.45
C LEU L 438 2.88 63.31 3.03
N ASP L 439 2.87 63.41 4.37
CA ASP L 439 3.17 64.66 5.05
C ASP L 439 4.67 64.87 5.19
N GLU L 440 5.39 64.79 4.07
CA GLU L 440 6.83 65.00 4.04
C GLU L 440 7.21 65.36 2.60
N LEU L 441 6.20 65.46 1.75
CA LEU L 441 6.41 65.81 0.36
C LEU L 441 5.96 67.25 0.12
N ALA M 2 -5.89 5.95 -14.19
CA ALA M 2 -5.97 7.41 -14.45
C ALA M 2 -4.94 8.19 -13.63
N PRO M 3 -3.99 8.87 -14.32
CA PRO M 3 -3.93 8.88 -15.79
C PRO M 3 -3.65 7.50 -16.44
N ASN M 4 -2.43 6.99 -16.27
CA ASN M 4 -2.09 5.68 -16.83
C ASN M 4 -2.63 4.57 -15.95
N ILE M 5 -2.90 3.43 -16.57
CA ILE M 5 -3.43 2.27 -15.87
C ILE M 5 -2.31 1.39 -15.30
N ARG M 6 -1.08 1.91 -15.36
CA ARG M 6 0.10 1.19 -14.89
C ARG M 6 0.32 1.49 -13.40
N LYS M 7 -0.08 2.68 -12.98
CA LYS M 7 0.08 3.13 -11.59
C LYS M 7 -1.21 3.07 -10.76
N SER M 8 -2.35 2.88 -11.42
CA SER M 8 -3.65 2.82 -10.74
C SER M 8 -4.23 1.43 -10.47
N HIS M 9 -4.20 0.56 -11.48
CA HIS M 9 -4.71 -0.81 -11.40
C HIS M 9 -4.20 -1.59 -10.16
N PRO M 10 -5.11 -2.11 -9.31
CA PRO M 10 -4.71 -2.83 -8.11
C PRO M 10 -3.61 -3.89 -8.27
N LEU M 11 -3.53 -4.50 -9.46
CA LEU M 11 -2.50 -5.52 -9.70
C LEU M 11 -1.27 -4.97 -10.41
N LEU M 12 -1.46 -4.29 -11.54
CA LEU M 12 -0.33 -3.73 -12.28
C LEU M 12 0.41 -2.76 -11.38
N LYS M 13 -0.33 -1.99 -10.60
CA LYS M 13 0.26 -1.04 -9.67
C LYS M 13 1.38 -1.75 -8.92
N MET M 14 1.28 -3.07 -8.81
CA MET M 14 2.28 -3.87 -8.11
C MET M 14 3.46 -4.27 -8.98
N ILE M 15 3.18 -4.77 -10.18
CA ILE M 15 4.26 -5.18 -11.09
C ILE M 15 5.08 -3.93 -11.43
N ASN M 16 4.39 -2.82 -11.60
CA ASN M 16 5.03 -1.56 -11.91
C ASN M 16 5.76 -1.04 -10.69
N ASN M 17 5.17 -1.29 -9.53
CA ASN M 17 5.72 -0.82 -8.26
C ASN M 17 6.97 -1.60 -7.80
N SER M 18 7.24 -2.74 -8.42
CA SER M 18 8.38 -3.56 -8.01
C SER M 18 9.30 -4.05 -9.12
N LEU M 19 8.89 -3.86 -10.36
CA LEU M 19 9.71 -4.32 -11.46
C LEU M 19 9.75 -3.36 -12.62
N ILE M 20 9.33 -2.12 -12.42
CA ILE M 20 9.37 -1.21 -13.54
C ILE M 20 9.75 0.18 -13.12
N ASP M 21 9.04 0.72 -12.14
CA ASP M 21 9.33 2.06 -11.64
C ASP M 21 10.11 1.98 -10.34
N LEU M 22 10.47 0.77 -9.95
CA LEU M 22 11.20 0.60 -8.72
C LEU M 22 12.53 1.34 -8.84
N PRO M 23 12.79 2.25 -7.91
CA PRO M 23 14.04 3.01 -7.91
C PRO M 23 15.17 2.11 -7.48
N ALA M 24 16.28 2.13 -8.22
CA ALA M 24 17.42 1.32 -7.86
C ALA M 24 18.70 2.12 -7.97
N PRO M 25 19.68 1.81 -7.11
CA PRO M 25 20.94 2.53 -7.15
C PRO M 25 21.48 2.43 -8.57
N SER M 26 22.15 3.47 -9.05
CA SER M 26 22.70 3.45 -10.40
C SER M 26 23.97 2.60 -10.51
N ASN M 27 24.55 2.25 -9.36
CA ASN M 27 25.80 1.52 -9.35
C ASN M 27 25.85 0.07 -8.91
N ILE M 28 24.71 -0.58 -8.67
CA ILE M 28 24.77 -1.98 -8.23
C ILE M 28 25.44 -2.82 -9.32
N SER M 29 26.34 -3.70 -8.88
CA SER M 29 27.10 -4.55 -9.78
C SER M 29 26.49 -5.91 -10.07
N ALA M 30 27.28 -6.78 -10.66
CA ALA M 30 26.86 -8.13 -10.99
C ALA M 30 26.49 -8.88 -9.72
N TRP M 31 27.14 -8.57 -8.61
CA TRP M 31 26.84 -9.25 -7.35
C TRP M 31 25.42 -8.97 -6.87
N TRP M 32 24.65 -8.28 -7.70
CA TRP M 32 23.27 -7.97 -7.35
C TRP M 32 22.33 -8.74 -8.29
N ASN M 33 22.90 -9.53 -9.19
CA ASN M 33 22.11 -10.31 -10.15
C ASN M 33 21.59 -11.63 -9.62
N PHE M 34 22.16 -12.08 -8.51
CA PHE M 34 21.75 -13.35 -7.93
C PHE M 34 20.36 -13.35 -7.33
N GLY M 35 19.92 -12.19 -6.86
CA GLY M 35 18.59 -12.11 -6.30
C GLY M 35 17.59 -12.68 -7.28
N SER M 36 17.63 -12.21 -8.52
CA SER M 36 16.70 -12.70 -9.51
C SER M 36 17.07 -14.09 -9.98
N LEU M 37 18.35 -14.41 -10.08
CA LEU M 37 18.72 -15.74 -10.52
C LEU M 37 18.14 -16.72 -9.51
N LEU M 38 18.30 -16.37 -8.24
CA LEU M 38 17.74 -17.18 -7.16
C LEU M 38 16.24 -17.35 -7.41
N ALA M 39 15.57 -16.23 -7.69
CA ALA M 39 14.16 -16.28 -7.97
C ALA M 39 13.95 -17.22 -9.17
N VAL M 40 14.67 -17.01 -10.27
CA VAL M 40 14.49 -17.87 -11.44
C VAL M 40 14.73 -19.34 -11.10
N CYS M 41 15.72 -19.62 -10.25
CA CYS M 41 15.98 -21.00 -9.87
C CYS M 41 14.71 -21.57 -9.24
N LEU M 42 14.19 -20.84 -8.26
CA LEU M 42 12.98 -21.29 -7.57
C LEU M 42 11.91 -21.61 -8.58
N MET M 43 11.67 -20.70 -9.52
CA MET M 43 10.64 -20.98 -10.50
C MET M 43 11.00 -22.21 -11.31
N THR M 44 12.21 -22.26 -11.82
CA THR M 44 12.65 -23.40 -12.62
C THR M 44 12.52 -24.72 -11.86
N GLN M 45 12.97 -24.75 -10.61
CA GLN M 45 12.86 -25.96 -9.82
C GLN M 45 11.42 -26.40 -9.72
N ILE M 46 10.56 -25.51 -9.22
CA ILE M 46 9.12 -25.77 -9.07
C ILE M 46 8.51 -26.35 -10.34
N LEU M 47 8.81 -25.71 -11.46
CA LEU M 47 8.31 -26.13 -12.74
C LEU M 47 8.81 -27.51 -13.20
N THR M 48 10.11 -27.74 -13.20
CA THR M 48 10.60 -29.05 -13.61
C THR M 48 10.13 -30.07 -12.58
N GLY M 49 10.06 -29.63 -11.33
CA GLY M 49 9.62 -30.49 -10.24
C GLY M 49 8.22 -31.01 -10.50
N LEU M 50 7.27 -30.10 -10.73
CA LEU M 50 5.92 -30.54 -11.01
C LEU M 50 5.97 -31.57 -12.14
N LEU M 51 6.68 -31.24 -13.21
CA LEU M 51 6.82 -32.15 -14.33
C LEU M 51 7.29 -33.50 -13.86
N LEU M 52 8.28 -33.53 -12.99
CA LEU M 52 8.75 -34.83 -12.53
C LEU M 52 7.75 -35.49 -11.62
N ALA M 53 7.20 -34.75 -10.67
CA ALA M 53 6.24 -35.32 -9.73
C ALA M 53 5.10 -36.04 -10.47
N MET M 54 4.86 -35.65 -11.71
CA MET M 54 3.80 -36.28 -12.48
C MET M 54 4.09 -37.73 -12.78
N HIS M 55 5.36 -38.11 -12.75
CA HIS M 55 5.74 -39.49 -13.05
C HIS M 55 6.42 -40.22 -11.91
N TYR M 56 6.41 -39.60 -10.73
CA TYR M 56 7.03 -40.22 -9.58
C TYR M 56 6.04 -41.12 -8.81
N THR M 57 6.56 -42.02 -7.98
CA THR M 57 5.72 -42.89 -7.18
C THR M 57 6.31 -43.06 -5.78
N ALA M 58 5.75 -42.38 -4.79
CA ALA M 58 6.27 -42.46 -3.43
C ALA M 58 6.04 -43.80 -2.76
N ASP M 59 6.93 -44.73 -3.06
CA ASP M 59 6.85 -46.03 -2.46
C ASP M 59 8.20 -46.68 -2.60
N THR M 60 8.74 -47.12 -1.47
CA THR M 60 10.02 -47.77 -1.44
C THR M 60 10.20 -48.77 -2.59
N SER M 61 9.20 -49.62 -2.81
CA SER M 61 9.29 -50.61 -3.86
C SER M 61 9.15 -50.07 -5.28
N LEU M 62 8.80 -48.80 -5.42
CA LEU M 62 8.62 -48.24 -6.75
C LEU M 62 9.36 -46.92 -7.01
N ALA M 63 9.69 -46.20 -5.96
CA ALA M 63 10.36 -44.92 -6.12
C ALA M 63 11.52 -44.98 -7.13
N PHE M 64 12.57 -45.74 -6.79
CA PHE M 64 13.74 -45.84 -7.66
C PHE M 64 13.41 -46.12 -9.12
N SER M 65 12.59 -47.13 -9.37
CA SER M 65 12.25 -47.46 -10.73
C SER M 65 11.37 -46.45 -11.44
N SER M 66 10.55 -45.71 -10.69
CA SER M 66 9.66 -44.74 -11.31
C SER M 66 10.50 -43.62 -11.89
N VAL M 67 11.57 -43.28 -11.17
CA VAL M 67 12.47 -42.24 -11.63
C VAL M 67 13.16 -42.75 -12.88
N ALA M 68 13.57 -44.02 -12.84
CA ALA M 68 14.20 -44.64 -13.99
C ALA M 68 13.23 -44.55 -15.17
N HIS M 69 11.99 -44.98 -14.96
CA HIS M 69 11.00 -44.94 -16.03
C HIS M 69 10.84 -43.52 -16.56
N THR M 70 10.84 -42.55 -15.64
CA THR M 70 10.70 -41.16 -16.05
C THR M 70 11.76 -40.82 -17.08
N CYS M 71 13.01 -41.16 -16.76
CA CYS M 71 14.15 -40.87 -17.63
C CYS M 71 14.16 -41.71 -18.91
N ARG M 72 13.81 -42.98 -18.78
CA ARG M 72 13.83 -43.90 -19.91
C ARG M 72 12.58 -43.96 -20.79
N ASN M 73 11.40 -43.69 -20.23
CA ASN M 73 10.19 -43.78 -21.02
C ASN M 73 9.47 -42.47 -21.29
N VAL M 74 9.42 -41.60 -20.30
CA VAL M 74 8.76 -40.31 -20.46
C VAL M 74 9.54 -39.41 -21.41
N GLN M 75 8.89 -38.92 -22.48
CA GLN M 75 9.53 -38.01 -23.45
C GLN M 75 10.31 -36.87 -22.76
N TYR M 76 11.61 -36.75 -23.02
CA TYR M 76 12.39 -35.71 -22.36
C TYR M 76 12.43 -35.84 -20.84
N GLY M 77 12.00 -36.98 -20.34
CA GLY M 77 12.03 -37.19 -18.92
C GLY M 77 13.45 -37.04 -18.41
N TRP M 78 14.41 -37.59 -19.14
CA TRP M 78 15.82 -37.52 -18.76
C TRP M 78 16.28 -36.06 -18.61
N LEU M 79 15.92 -35.23 -19.59
CA LEU M 79 16.28 -33.82 -19.60
C LEU M 79 15.75 -33.11 -18.36
N ILE M 80 14.45 -33.29 -18.12
CA ILE M 80 13.74 -32.68 -16.98
C ILE M 80 14.38 -33.10 -15.66
N ARG M 81 14.66 -34.38 -15.52
CA ARG M 81 15.27 -34.86 -14.29
C ARG M 81 16.64 -34.18 -14.14
N ASN M 82 17.38 -34.05 -15.24
CA ASN M 82 18.71 -33.42 -15.22
C ASN M 82 18.61 -31.97 -14.79
N LEU M 83 17.73 -31.23 -15.46
CA LEU M 83 17.54 -29.85 -15.12
C LEU M 83 17.13 -29.73 -13.67
N HIS M 84 16.35 -30.67 -13.17
CA HIS M 84 15.93 -30.60 -11.78
C HIS M 84 17.07 -30.90 -10.84
N ALA M 85 17.84 -31.93 -11.17
CA ALA M 85 18.99 -32.32 -10.34
C ALA M 85 20.05 -31.23 -10.32
N ASN M 86 20.39 -30.73 -11.51
CA ASN M 86 21.40 -29.69 -11.61
C ASN M 86 20.92 -28.32 -11.19
N GLY M 87 19.62 -28.09 -11.35
CA GLY M 87 19.04 -26.82 -10.94
C GLY M 87 19.28 -26.67 -9.46
N ALA M 88 19.10 -27.76 -8.72
CA ALA M 88 19.31 -27.76 -7.29
C ALA M 88 20.68 -27.17 -6.95
N SER M 89 21.69 -27.58 -7.72
CA SER M 89 23.05 -27.11 -7.52
C SER M 89 23.18 -25.64 -7.85
N PHE M 90 22.75 -25.25 -9.04
CA PHE M 90 22.84 -23.85 -9.38
C PHE M 90 22.02 -23.01 -8.42
N PHE M 91 21.11 -23.64 -7.70
CA PHE M 91 20.30 -22.93 -6.72
C PHE M 91 21.26 -22.60 -5.59
N PHE M 92 22.01 -23.60 -5.15
CA PHE M 92 22.97 -23.40 -4.07
C PHE M 92 24.13 -22.53 -4.52
N ILE M 93 24.63 -22.73 -5.74
CA ILE M 93 25.72 -21.89 -6.21
C ILE M 93 25.26 -20.45 -6.03
N CYS M 94 24.17 -20.10 -6.70
CA CYS M 94 23.62 -18.77 -6.61
C CYS M 94 23.35 -18.32 -5.18
N ILE M 95 22.68 -19.13 -4.37
CA ILE M 95 22.38 -18.69 -3.01
C ILE M 95 23.66 -18.35 -2.22
N PHE M 96 24.70 -19.15 -2.42
CA PHE M 96 25.96 -18.93 -1.75
C PHE M 96 26.59 -17.57 -2.13
N LEU M 97 26.63 -17.28 -3.43
CA LEU M 97 27.18 -15.99 -3.89
C LEU M 97 26.29 -14.87 -3.33
N HIS M 98 24.97 -15.08 -3.35
CA HIS M 98 24.00 -14.09 -2.86
C HIS M 98 24.42 -13.79 -1.42
N ILE M 99 24.60 -14.83 -0.61
CA ILE M 99 24.99 -14.63 0.80
C ILE M 99 26.32 -13.89 0.91
N GLY M 100 27.29 -14.28 0.09
CA GLY M 100 28.59 -13.63 0.09
C GLY M 100 28.43 -12.13 -0.10
N ARG M 101 27.89 -11.74 -1.26
CA ARG M 101 27.65 -10.34 -1.57
C ARG M 101 27.10 -9.63 -0.36
N GLY M 102 26.10 -10.21 0.28
CA GLY M 102 25.49 -9.58 1.43
C GLY M 102 26.45 -9.29 2.57
N LEU M 103 27.35 -10.22 2.82
CA LEU M 103 28.33 -10.06 3.89
C LEU M 103 29.36 -9.00 3.52
N TYR M 104 29.87 -9.10 2.30
CA TYR M 104 30.88 -8.15 1.83
C TYR M 104 30.36 -6.72 1.79
N TYR M 105 29.16 -6.51 1.28
CA TYR M 105 28.65 -5.15 1.21
C TYR M 105 27.74 -4.71 2.35
N GLY M 106 27.74 -5.44 3.46
CA GLY M 106 26.91 -5.06 4.61
C GLY M 106 25.42 -4.91 4.33
N SER M 107 24.86 -5.83 3.55
CA SER M 107 23.44 -5.82 3.24
C SER M 107 22.68 -6.28 4.46
N TYR M 108 23.35 -7.08 5.30
CA TYR M 108 22.75 -7.59 6.53
C TYR M 108 22.29 -6.48 7.46
N LEU M 109 22.65 -5.25 7.15
CA LEU M 109 22.21 -4.15 8.00
C LEU M 109 20.72 -3.94 7.77
N TYR M 110 20.20 -4.61 6.74
CA TYR M 110 18.77 -4.58 6.46
C TYR M 110 18.29 -5.83 7.17
N LYS M 111 18.25 -5.78 8.51
CA LYS M 111 17.87 -6.93 9.33
C LYS M 111 16.75 -7.86 8.89
N GLU M 112 15.54 -7.35 8.67
CA GLU M 112 14.43 -8.21 8.27
C GLU M 112 14.68 -8.91 6.93
N THR M 113 15.29 -8.19 6.00
CA THR M 113 15.60 -8.77 4.70
C THR M 113 16.62 -9.87 4.91
N TRP M 114 17.65 -9.61 5.70
CA TRP M 114 18.67 -10.62 5.95
C TRP M 114 18.07 -11.82 6.70
N ASN M 115 17.41 -11.57 7.83
CA ASN M 115 16.84 -12.65 8.60
C ASN M 115 15.97 -13.56 7.75
N THR M 116 15.06 -12.98 6.99
CA THR M 116 14.23 -13.81 6.17
C THR M 116 15.14 -14.56 5.20
N GLY M 117 16.22 -13.90 4.80
CA GLY M 117 17.15 -14.54 3.90
C GLY M 117 17.66 -15.81 4.52
N VAL M 118 17.97 -15.77 5.81
CA VAL M 118 18.48 -16.93 6.51
C VAL M 118 17.43 -18.04 6.51
N ILE M 119 16.17 -17.66 6.72
CA ILE M 119 15.08 -18.62 6.74
C ILE M 119 15.04 -19.28 5.37
N LEU M 120 15.24 -18.48 4.33
CA LEU M 120 15.25 -19.01 2.98
C LEU M 120 16.34 -20.05 2.85
N LEU M 121 17.58 -19.69 3.21
CA LEU M 121 18.66 -20.66 3.13
C LEU M 121 18.28 -21.96 3.86
N LEU M 122 17.90 -21.82 5.13
CA LEU M 122 17.53 -22.98 5.92
C LEU M 122 16.43 -23.84 5.26
N THR M 123 15.40 -23.19 4.74
CA THR M 123 14.30 -23.90 4.09
C THR M 123 14.82 -24.56 2.81
N LEU M 124 15.63 -23.82 2.04
CA LEU M 124 16.18 -24.38 0.82
C LEU M 124 16.94 -25.64 1.17
N MET M 125 17.68 -25.58 2.27
CA MET M 125 18.44 -26.74 2.72
C MET M 125 17.52 -27.93 2.95
N ALA M 126 16.59 -27.79 3.90
CA ALA M 126 15.65 -28.87 4.19
C ALA M 126 14.95 -29.35 2.91
N THR M 127 14.52 -28.41 2.08
CA THR M 127 13.85 -28.78 0.84
C THR M 127 14.69 -29.72 0.02
N ALA M 128 15.91 -29.29 -0.29
CA ALA M 128 16.85 -30.07 -1.10
C ALA M 128 17.17 -31.43 -0.48
N PHE M 129 17.09 -31.50 0.84
CA PHE M 129 17.39 -32.73 1.53
C PHE M 129 16.32 -33.78 1.22
N VAL M 130 15.10 -33.51 1.65
CA VAL M 130 14.01 -34.45 1.41
C VAL M 130 13.91 -34.79 -0.07
N GLY M 131 14.10 -33.78 -0.92
CA GLY M 131 14.03 -34.01 -2.35
C GLY M 131 15.00 -35.08 -2.83
N TYR M 132 16.23 -34.99 -2.34
CA TYR M 132 17.28 -35.94 -2.70
C TYR M 132 16.93 -37.35 -2.24
N VAL M 133 16.14 -37.45 -1.17
CA VAL M 133 15.74 -38.77 -0.64
C VAL M 133 14.74 -39.49 -1.55
N LEU M 134 14.15 -38.75 -2.48
CA LEU M 134 13.13 -39.33 -3.34
C LEU M 134 13.54 -40.38 -4.38
N PRO M 135 14.73 -40.29 -4.98
CA PRO M 135 15.01 -41.37 -5.93
C PRO M 135 15.22 -42.68 -5.20
N TRP M 136 15.47 -42.56 -3.89
CA TRP M 136 15.65 -43.73 -3.05
C TRP M 136 16.79 -44.63 -3.46
N GLY M 137 17.97 -44.03 -3.60
CA GLY M 137 19.16 -44.81 -3.93
C GLY M 137 19.90 -44.94 -2.62
N GLN M 138 21.06 -45.57 -2.65
CA GLN M 138 21.85 -45.73 -1.44
C GLN M 138 22.06 -44.43 -0.66
N MET M 139 22.44 -43.37 -1.38
CA MET M 139 22.68 -42.10 -0.74
C MET M 139 21.39 -41.55 -0.15
N SER M 140 20.32 -41.59 -0.94
CA SER M 140 19.00 -41.13 -0.48
C SER M 140 18.67 -41.73 0.89
N PHE M 141 18.72 -43.05 0.96
CA PHE M 141 18.40 -43.77 2.18
C PHE M 141 19.26 -43.39 3.36
N TRP M 142 20.56 -43.54 3.19
CA TRP M 142 21.44 -43.25 4.29
C TRP M 142 21.52 -41.78 4.67
N GLY M 143 21.30 -40.91 3.68
CA GLY M 143 21.31 -39.49 3.98
C GLY M 143 20.12 -39.24 4.88
N ALA M 144 18.98 -39.79 4.47
CA ALA M 144 17.73 -39.66 5.21
C ALA M 144 17.98 -40.12 6.63
N THR M 145 18.58 -41.30 6.75
CA THR M 145 18.89 -41.92 8.03
C THR M 145 19.69 -41.01 8.96
N VAL M 146 20.73 -40.41 8.39
CA VAL M 146 21.64 -39.55 9.13
C VAL M 146 21.08 -38.21 9.53
N ILE M 147 20.61 -37.46 8.53
CA ILE M 147 20.07 -36.14 8.80
C ILE M 147 18.92 -36.15 9.79
N THR M 148 17.90 -36.98 9.54
CA THR M 148 16.79 -37.03 10.49
C THR M 148 17.31 -37.40 11.86
N ASN M 149 18.29 -38.30 11.90
CA ASN M 149 18.87 -38.75 13.16
C ASN M 149 19.54 -37.63 13.94
N LEU M 150 19.93 -36.59 13.24
CA LEU M 150 20.56 -35.45 13.89
C LEU M 150 19.74 -34.99 15.08
N PHE M 151 18.42 -35.04 14.96
CA PHE M 151 17.56 -34.56 16.03
C PHE M 151 17.55 -35.41 17.26
N SER M 152 18.08 -36.61 17.15
CA SER M 152 18.11 -37.47 18.32
C SER M 152 19.00 -36.81 19.35
N ALA M 153 19.80 -35.86 18.90
CA ALA M 153 20.71 -35.16 19.79
C ALA M 153 19.98 -34.31 20.84
N ILE M 154 18.70 -34.03 20.61
CA ILE M 154 17.94 -33.22 21.55
C ILE M 154 17.61 -34.00 22.81
N PRO M 155 17.91 -33.43 23.97
CA PRO M 155 17.65 -34.07 25.26
C PRO M 155 16.20 -34.46 25.49
N TYR M 156 16.00 -35.62 26.13
CA TYR M 156 14.67 -36.15 26.44
C TYR M 156 13.84 -36.42 25.18
N ILE M 157 13.21 -35.37 24.65
CA ILE M 157 12.39 -35.51 23.44
C ILE M 157 13.21 -36.16 22.30
N GLY M 158 13.87 -35.34 21.49
CA GLY M 158 14.69 -35.84 20.40
C GLY M 158 14.13 -37.06 19.69
N HIS M 159 14.53 -38.25 20.13
CA HIS M 159 14.04 -39.48 19.53
C HIS M 159 12.59 -39.35 19.10
N THR M 160 11.73 -38.99 20.05
CA THR M 160 10.32 -38.83 19.75
C THR M 160 10.11 -38.00 18.48
N LEU M 161 11.02 -37.07 18.20
CA LEU M 161 10.92 -36.24 17.01
C LEU M 161 11.32 -37.06 15.79
N VAL M 162 12.27 -37.97 16.00
CA VAL M 162 12.74 -38.83 14.92
C VAL M 162 11.58 -39.71 14.47
N GLU M 163 10.87 -40.30 15.43
CA GLU M 163 9.71 -41.14 15.13
C GLU M 163 8.86 -40.39 14.10
N TRP M 164 8.47 -39.15 14.41
CA TRP M 164 7.67 -38.37 13.48
C TRP M 164 8.35 -38.36 12.13
N ALA M 165 9.56 -37.83 12.09
CA ALA M 165 10.27 -37.74 10.84
C ALA M 165 10.20 -39.01 9.99
N TRP M 166 10.13 -40.17 10.63
CA TRP M 166 10.08 -41.42 9.89
C TRP M 166 8.70 -42.03 9.83
N GLY M 167 7.85 -41.68 10.79
CA GLY M 167 6.52 -42.24 10.81
C GLY M 167 6.66 -43.69 11.23
N GLY M 168 7.83 -43.99 11.77
CA GLY M 168 8.10 -45.34 12.21
C GLY M 168 9.28 -45.39 13.16
N PHE M 169 9.91 -46.55 13.23
CA PHE M 169 11.04 -46.75 14.12
C PHE M 169 12.28 -47.03 13.30
N SER M 170 12.23 -46.60 12.06
CA SER M 170 13.32 -46.76 11.13
C SER M 170 12.86 -46.16 9.81
N VAL M 171 13.80 -45.70 9.00
CA VAL M 171 13.44 -45.13 7.73
C VAL M 171 12.73 -46.23 6.95
N ASP M 172 11.61 -45.89 6.34
CA ASP M 172 10.85 -46.86 5.54
C ASP M 172 9.81 -46.09 4.73
N ASN M 173 8.90 -46.81 4.07
CA ASN M 173 7.87 -46.17 3.23
C ASN M 173 7.15 -44.99 3.88
N PRO M 174 6.66 -45.16 5.11
CA PRO M 174 5.97 -44.03 5.74
C PRO M 174 6.77 -42.75 5.67
N THR M 175 8.10 -42.90 5.66
CA THR M 175 9.02 -41.77 5.59
C THR M 175 9.08 -41.25 4.16
N LEU M 176 9.27 -42.15 3.22
CA LEU M 176 9.34 -41.78 1.82
C LEU M 176 8.11 -40.96 1.39
N THR M 177 6.93 -41.45 1.71
CA THR M 177 5.71 -40.76 1.31
C THR M 177 5.55 -39.42 2.00
N ARG M 178 5.90 -39.32 3.28
CA ARG M 178 5.75 -38.02 3.92
C ARG M 178 6.81 -37.04 3.39
N PHE M 179 7.96 -37.58 2.99
CA PHE M 179 9.02 -36.74 2.43
C PHE M 179 8.62 -36.21 1.08
N PHE M 180 8.00 -37.05 0.26
CA PHE M 180 7.57 -36.58 -1.04
C PHE M 180 6.60 -35.40 -0.85
N ALA M 181 5.72 -35.51 0.13
CA ALA M 181 4.75 -34.47 0.43
C ALA M 181 5.48 -33.23 0.84
N LEU M 182 6.36 -33.40 1.82
CA LEU M 182 7.14 -32.31 2.36
C LEU M 182 7.93 -31.60 1.29
N HIS M 183 8.52 -32.35 0.37
CA HIS M 183 9.31 -31.78 -0.73
C HIS M 183 8.41 -31.01 -1.70
N PHE M 184 7.20 -31.53 -1.93
CA PHE M 184 6.23 -30.89 -2.83
C PHE M 184 5.80 -29.56 -2.22
N LEU M 185 5.63 -29.55 -0.91
CA LEU M 185 5.18 -28.35 -0.22
C LEU M 185 6.14 -27.20 -0.07
N LEU M 186 7.29 -27.46 0.55
CA LEU M 186 8.33 -26.44 0.83
C LEU M 186 8.67 -25.40 -0.23
N PRO M 187 8.87 -25.82 -1.49
CA PRO M 187 9.20 -24.89 -2.57
C PRO M 187 8.29 -23.68 -2.52
N PHE M 188 6.99 -23.95 -2.32
CA PHE M 188 6.02 -22.88 -2.23
C PHE M 188 6.21 -22.04 -0.97
N ALA M 189 6.51 -22.66 0.17
CA ALA M 189 6.76 -21.85 1.36
C ALA M 189 7.99 -20.98 1.07
N ILE M 190 8.86 -21.47 0.19
CA ILE M 190 10.04 -20.68 -0.16
C ILE M 190 9.52 -19.49 -0.99
N ALA M 191 8.82 -19.77 -2.08
CA ALA M 191 8.29 -18.69 -2.91
C ALA M 191 7.54 -17.69 -2.05
N GLY M 192 6.78 -18.19 -1.10
CA GLY M 192 6.02 -17.28 -0.26
C GLY M 192 6.94 -16.35 0.53
N ILE M 193 7.88 -16.95 1.25
CA ILE M 193 8.81 -16.18 2.05
C ILE M 193 9.61 -15.23 1.20
N THR M 194 9.93 -15.64 -0.04
CA THR M 194 10.66 -14.77 -0.96
C THR M 194 9.88 -13.46 -1.15
N ILE M 195 8.56 -13.53 -1.09
CA ILE M 195 7.73 -12.34 -1.25
C ILE M 195 7.94 -11.46 -0.02
N ILE M 196 7.96 -12.07 1.15
CA ILE M 196 8.20 -11.28 2.35
C ILE M 196 9.60 -10.65 2.26
N HIS M 197 10.58 -11.44 1.77
CA HIS M 197 11.98 -10.99 1.61
C HIS M 197 11.97 -9.67 0.81
N LEU M 198 11.55 -9.75 -0.45
CA LEU M 198 11.51 -8.57 -1.30
C LEU M 198 10.68 -7.44 -0.70
N THR M 199 9.63 -7.78 0.03
CA THR M 199 8.80 -6.74 0.64
C THR M 199 9.57 -5.93 1.65
N PHE M 200 10.29 -6.61 2.54
CA PHE M 200 11.09 -5.91 3.51
C PHE M 200 12.17 -5.16 2.74
N LEU M 201 12.76 -5.80 1.75
CA LEU M 201 13.81 -5.13 0.99
C LEU M 201 13.34 -3.82 0.37
N HIS M 202 12.18 -3.84 -0.28
CA HIS M 202 11.64 -2.64 -0.91
C HIS M 202 11.38 -1.49 0.04
N GLU M 203 11.32 -1.77 1.33
CA GLU M 203 11.09 -0.74 2.34
C GLU M 203 12.24 0.24 2.30
N SER M 204 13.43 -0.32 2.08
CA SER M 204 14.70 0.42 2.03
C SER M 204 15.26 0.59 0.62
N GLY M 205 15.02 -0.38 -0.25
CA GLY M 205 15.55 -0.30 -1.59
C GLY M 205 16.93 -0.94 -1.58
N SER M 206 17.45 -1.27 -2.75
CA SER M 206 18.76 -1.90 -2.82
C SER M 206 19.89 -1.05 -2.23
N ASN M 207 20.85 -1.76 -1.65
CA ASN M 207 22.05 -1.15 -1.09
C ASN M 207 22.98 -1.10 -2.31
N ASN M 208 24.19 -0.54 -2.17
CA ASN M 208 25.09 -0.51 -3.33
C ASN M 208 26.56 -0.64 -2.95
N PRO M 209 27.41 -1.04 -3.90
CA PRO M 209 28.84 -1.21 -3.66
C PRO M 209 29.50 -0.18 -2.73
N LEU M 210 29.27 1.10 -2.96
CA LEU M 210 29.89 2.15 -2.15
C LEU M 210 29.40 2.24 -0.72
N GLY M 211 28.27 1.62 -0.42
CA GLY M 211 27.75 1.65 0.93
C GLY M 211 27.40 3.03 1.44
N ILE M 212 26.98 3.91 0.53
CA ILE M 212 26.55 5.26 0.89
C ILE M 212 25.24 5.53 0.17
N SER M 213 24.44 6.45 0.68
CA SER M 213 23.14 6.76 0.08
C SER M 213 23.18 7.01 -1.41
N SER M 214 22.25 6.37 -2.13
CA SER M 214 22.18 6.52 -3.58
C SER M 214 20.96 7.34 -4.04
N ASP M 215 20.32 8.03 -3.11
CA ASP M 215 19.12 8.84 -3.41
C ASP M 215 19.42 9.93 -4.43
N SER M 216 20.69 10.31 -4.47
CA SER M 216 21.18 11.35 -5.38
C SER M 216 21.31 10.77 -6.78
N ASP M 217 21.04 9.48 -6.92
CA ASP M 217 21.18 8.85 -8.22
C ASP M 217 20.49 7.48 -8.30
N LYS M 218 19.19 7.49 -8.52
CA LYS M 218 18.43 6.26 -8.65
C LYS M 218 17.96 6.12 -10.08
N ILE M 219 17.63 4.90 -10.47
CA ILE M 219 17.15 4.68 -11.83
C ILE M 219 16.03 3.65 -11.88
N PRO M 220 15.10 3.83 -12.81
CA PRO M 220 14.01 2.87 -12.89
C PRO M 220 14.56 1.46 -13.14
N PHE M 221 14.04 0.47 -12.42
CA PHE M 221 14.46 -0.92 -12.57
C PHE M 221 14.45 -1.27 -14.05
N HIS M 222 13.40 -0.85 -14.72
CA HIS M 222 13.29 -1.09 -16.14
C HIS M 222 13.69 0.23 -16.81
N PRO M 223 14.50 0.18 -17.87
CA PRO M 223 15.07 -1.03 -18.47
C PRO M 223 16.45 -1.39 -17.96
N TYR M 224 16.98 -0.57 -17.06
CA TYR M 224 18.33 -0.82 -16.56
C TYR M 224 18.59 -2.20 -15.98
N TYR M 225 17.85 -2.60 -14.95
CA TYR M 225 18.13 -3.90 -14.36
C TYR M 225 17.33 -5.06 -14.92
N SER M 226 16.27 -4.75 -15.65
CA SER M 226 15.53 -5.85 -16.22
C SER M 226 16.51 -6.37 -17.27
N PHE M 227 17.08 -5.45 -18.03
CA PHE M 227 18.04 -5.79 -19.08
C PHE M 227 19.30 -6.41 -18.51
N LYS M 228 19.79 -5.85 -17.42
CA LYS M 228 20.99 -6.40 -16.83
C LYS M 228 20.69 -7.80 -16.36
N ASP M 229 19.58 -7.98 -15.67
CA ASP M 229 19.20 -9.28 -15.15
C ASP M 229 19.07 -10.35 -16.24
N ILE M 230 18.36 -10.04 -17.32
CA ILE M 230 18.23 -10.99 -18.43
C ILE M 230 19.60 -11.42 -18.90
N LEU M 231 20.52 -10.46 -19.05
CA LEU M 231 21.87 -10.77 -19.47
C LEU M 231 22.49 -11.73 -18.47
N GLY M 232 22.34 -11.40 -17.19
CA GLY M 232 22.89 -12.23 -16.13
C GLY M 232 22.38 -13.66 -16.20
N LEU M 233 21.07 -13.80 -16.38
CA LEU M 233 20.45 -15.10 -16.48
C LEU M 233 21.15 -15.92 -17.57
N THR M 234 21.25 -15.35 -18.77
CA THR M 234 21.87 -16.05 -19.89
C THR M 234 23.29 -16.47 -19.63
N LEU M 235 23.99 -15.73 -18.77
CA LEU M 235 25.36 -16.10 -18.45
C LEU M 235 25.35 -17.30 -17.53
N MET M 236 24.49 -17.32 -16.52
CA MET M 236 24.40 -18.45 -15.61
C MET M 236 23.87 -19.66 -16.37
N LEU M 237 22.99 -19.40 -17.31
CA LEU M 237 22.40 -20.48 -18.08
C LEU M 237 23.37 -21.37 -18.84
N THR M 238 24.40 -20.76 -19.43
CA THR M 238 25.36 -21.56 -20.19
C THR M 238 26.01 -22.66 -19.41
N PRO M 239 26.76 -22.33 -18.34
CA PRO M 239 27.38 -23.41 -17.56
C PRO M 239 26.37 -24.44 -17.08
N PHE M 240 25.26 -23.97 -16.51
CA PHE M 240 24.19 -24.84 -16.02
C PHE M 240 23.76 -25.83 -17.10
N LEU M 241 23.48 -25.35 -18.31
CA LEU M 241 23.07 -26.24 -19.38
C LEU M 241 24.24 -27.07 -19.91
N THR M 242 25.41 -26.47 -19.97
CA THR M 242 26.59 -27.19 -20.45
C THR M 242 26.75 -28.41 -19.56
N LEU M 243 26.69 -28.15 -18.27
CA LEU M 243 26.83 -29.19 -17.28
C LEU M 243 25.70 -30.19 -17.47
N ALA M 244 24.47 -29.68 -17.50
CA ALA M 244 23.29 -30.53 -17.64
C ALA M 244 23.29 -31.38 -18.89
N LEU M 245 23.60 -30.78 -20.04
CA LEU M 245 23.61 -31.50 -21.31
C LEU M 245 24.87 -32.29 -21.61
N PHE M 246 26.03 -31.81 -21.15
CA PHE M 246 27.27 -32.50 -21.44
C PHE M 246 27.78 -33.40 -20.31
N SER M 247 27.81 -32.91 -19.08
CA SER M 247 28.29 -33.74 -17.98
C SER M 247 27.21 -33.81 -16.91
N PRO M 248 26.11 -34.49 -17.22
CA PRO M 248 24.97 -34.64 -16.33
C PRO M 248 25.23 -35.01 -14.87
N ASN M 249 26.01 -36.06 -14.65
CA ASN M 249 26.26 -36.51 -13.27
C ASN M 249 27.53 -35.96 -12.66
N LEU M 250 28.11 -34.95 -13.28
CA LEU M 250 29.33 -34.38 -12.76
C LEU M 250 29.22 -34.04 -11.29
N LEU M 251 28.24 -33.21 -10.96
CA LEU M 251 28.06 -32.78 -9.58
C LEU M 251 27.36 -33.80 -8.69
N GLY M 252 27.05 -34.96 -9.26
CA GLY M 252 26.36 -35.97 -8.49
C GLY M 252 27.12 -37.25 -8.18
N ASP M 253 26.82 -37.81 -7.02
CA ASP M 253 27.44 -39.05 -6.56
C ASP M 253 26.88 -40.23 -7.36
N PRO M 254 27.76 -41.14 -7.82
CA PRO M 254 27.35 -42.31 -8.60
C PRO M 254 26.89 -43.44 -7.68
N GLU M 255 27.14 -43.26 -6.40
CA GLU M 255 26.76 -44.23 -5.39
C GLU M 255 25.24 -44.30 -5.29
N ASN M 256 24.56 -43.25 -5.73
CA ASN M 256 23.11 -43.20 -5.65
C ASN M 256 22.42 -43.84 -6.85
N PHE M 257 23.12 -44.72 -7.56
CA PHE M 257 22.52 -45.43 -8.70
C PHE M 257 22.26 -46.84 -8.19
N THR M 258 22.49 -47.02 -6.90
CA THR M 258 22.28 -48.28 -6.26
C THR M 258 21.09 -48.14 -5.33
N PRO M 259 20.02 -48.89 -5.61
CA PRO M 259 18.82 -48.83 -4.77
C PRO M 259 19.15 -48.98 -3.29
N ALA M 260 18.48 -48.16 -2.48
CA ALA M 260 18.69 -48.19 -1.03
C ALA M 260 18.73 -49.62 -0.49
N ASN M 261 19.76 -49.90 0.30
CA ASN M 261 19.93 -51.21 0.93
C ASN M 261 19.97 -50.90 2.41
N PRO M 262 18.85 -51.12 3.09
CA PRO M 262 18.69 -50.88 4.53
C PRO M 262 19.73 -51.56 5.40
N LEU M 263 20.40 -52.56 4.85
CA LEU M 263 21.39 -53.32 5.59
C LEU M 263 22.85 -53.00 5.26
N VAL M 264 23.10 -52.10 4.32
CA VAL M 264 24.48 -51.82 3.98
C VAL M 264 24.75 -50.36 3.68
N THR M 265 25.57 -49.73 4.52
CA THR M 265 25.94 -48.34 4.28
C THR M 265 27.19 -48.41 3.43
N PRO M 266 27.18 -47.76 2.25
CA PRO M 266 28.34 -47.78 1.38
C PRO M 266 29.56 -47.34 2.16
N PRO M 267 30.71 -47.95 1.86
CA PRO M 267 31.97 -47.64 2.53
C PRO M 267 32.36 -46.19 2.30
N HIS M 268 32.05 -45.69 1.10
CA HIS M 268 32.35 -44.30 0.76
C HIS M 268 31.03 -43.54 0.61
N ILE M 269 30.68 -42.80 1.64
CA ILE M 269 29.43 -42.06 1.64
C ILE M 269 29.68 -40.60 1.94
N LYS M 270 29.51 -39.74 0.93
CA LYS M 270 29.72 -38.31 1.13
C LYS M 270 28.49 -37.49 0.77
N PRO M 271 28.18 -36.46 1.59
CA PRO M 271 27.04 -35.54 1.44
C PRO M 271 27.11 -34.78 0.13
N GLU M 272 25.96 -34.32 -0.35
CA GLU M 272 25.90 -33.55 -1.58
C GLU M 272 26.88 -32.38 -1.42
N TRP M 273 27.60 -32.02 -2.48
CA TRP M 273 28.60 -30.96 -2.38
C TRP M 273 28.19 -29.71 -1.61
N TYR M 274 26.95 -29.24 -1.81
CA TYR M 274 26.50 -28.06 -1.11
C TYR M 274 26.33 -28.22 0.41
N PHE M 275 26.56 -29.44 0.92
CA PHE M 275 26.45 -29.71 2.35
C PHE M 275 27.79 -30.01 3.00
N LEU M 276 28.78 -30.30 2.16
CA LEU M 276 30.12 -30.65 2.61
C LEU M 276 30.71 -29.77 3.69
N PHE M 277 30.73 -28.46 3.46
CA PHE M 277 31.31 -27.57 4.45
C PHE M 277 30.74 -27.81 5.85
N ALA M 278 29.40 -27.88 5.95
CA ALA M 278 28.76 -28.11 7.24
C ALA M 278 29.12 -29.52 7.72
N TYR M 279 28.99 -30.48 6.82
CA TYR M 279 29.32 -31.88 7.12
C TYR M 279 30.69 -31.92 7.79
N ALA M 280 31.65 -31.24 7.17
CA ALA M 280 33.01 -31.17 7.67
C ALA M 280 33.04 -30.65 9.10
N ILE M 281 32.41 -29.49 9.34
CA ILE M 281 32.40 -28.94 10.69
C ILE M 281 31.86 -29.94 11.72
N LEU M 282 30.80 -30.66 11.37
CA LEU M 282 30.21 -31.61 12.31
C LEU M 282 31.09 -32.81 12.62
N ARG M 283 31.85 -33.27 11.63
CA ARG M 283 32.76 -34.41 11.84
C ARG M 283 33.90 -34.03 12.78
N SER M 284 34.28 -32.76 12.75
CA SER M 284 35.36 -32.29 13.58
C SER M 284 35.13 -32.56 15.07
N ILE M 285 34.00 -32.16 15.61
CA ILE M 285 33.75 -32.44 17.03
C ILE M 285 33.50 -33.95 17.17
N PRO M 286 34.37 -34.64 17.90
CA PRO M 286 34.29 -36.09 18.13
C PRO M 286 33.31 -36.38 19.27
N ASN M 287 32.15 -35.73 19.19
CA ASN M 287 31.12 -35.90 20.19
C ASN M 287 29.80 -35.72 19.45
N LYS M 288 28.80 -36.53 19.79
CA LYS M 288 27.52 -36.43 19.12
C LYS M 288 26.89 -35.05 19.23
N LEU M 289 26.55 -34.64 20.45
CA LEU M 289 25.90 -33.35 20.65
C LEU M 289 26.71 -32.12 20.20
N GLY M 290 28.00 -32.13 20.45
CA GLY M 290 28.82 -31.01 20.06
C GLY M 290 28.73 -30.85 18.56
N GLY M 291 29.03 -31.94 17.85
CA GLY M 291 28.99 -31.93 16.39
C GLY M 291 27.69 -31.36 15.85
N VAL M 292 26.58 -31.76 16.47
CA VAL M 292 25.27 -31.26 16.03
C VAL M 292 25.22 -29.75 16.28
N LEU M 293 25.47 -29.34 17.52
CA LEU M 293 25.46 -27.94 17.88
C LEU M 293 26.36 -27.14 16.95
N ALA M 294 27.53 -27.70 16.63
CA ALA M 294 28.48 -27.05 15.73
C ALA M 294 27.76 -26.87 14.41
N LEU M 295 27.18 -27.98 13.91
CA LEU M 295 26.46 -27.95 12.66
C LEU M 295 25.41 -26.85 12.68
N ALA M 296 24.54 -26.89 13.69
CA ALA M 296 23.49 -25.89 13.84
C ALA M 296 24.10 -24.50 13.78
N ALA M 297 25.12 -24.29 14.62
CA ALA M 297 25.81 -23.02 14.71
C ALA M 297 26.42 -22.58 13.40
N SER M 298 26.98 -23.53 12.66
CA SER M 298 27.63 -23.19 11.40
C SER M 298 26.70 -22.45 10.44
N VAL M 299 25.40 -22.61 10.62
CA VAL M 299 24.47 -21.93 9.73
C VAL M 299 23.71 -20.85 10.50
N LEU M 300 23.23 -21.21 11.69
CA LEU M 300 22.50 -20.25 12.49
C LEU M 300 23.28 -18.99 12.79
N ILE M 301 24.60 -19.09 12.80
CA ILE M 301 25.47 -17.95 13.10
C ILE M 301 25.17 -16.76 12.21
N LEU M 302 24.61 -17.03 11.03
CA LEU M 302 24.27 -15.98 10.07
C LEU M 302 23.36 -14.93 10.73
N PHE M 303 22.58 -15.35 11.71
CA PHE M 303 21.69 -14.44 12.42
C PHE M 303 22.48 -13.38 13.21
N LEU M 304 23.69 -13.73 13.64
CA LEU M 304 24.51 -12.81 14.43
C LEU M 304 25.24 -11.75 13.64
N ILE M 305 25.66 -12.10 12.42
CA ILE M 305 26.39 -11.18 11.56
C ILE M 305 26.00 -9.71 11.76
N PRO M 306 24.68 -9.39 11.73
CA PRO M 306 24.20 -8.01 11.91
C PRO M 306 24.67 -7.35 13.20
N PHE M 307 24.75 -8.13 14.27
CA PHE M 307 25.18 -7.60 15.56
C PHE M 307 26.68 -7.61 15.73
N LEU M 308 27.39 -8.05 14.69
CA LEU M 308 28.85 -8.10 14.71
C LEU M 308 29.46 -7.02 13.82
N HIS M 309 28.62 -6.12 13.33
CA HIS M 309 29.10 -5.06 12.47
C HIS M 309 29.58 -3.96 13.37
N LYS M 310 30.89 -3.71 13.31
CA LYS M 310 31.53 -2.68 14.13
C LYS M 310 32.07 -1.55 13.28
N SER M 311 32.25 -1.82 11.99
CA SER M 311 32.76 -0.80 11.09
C SER M 311 31.88 0.45 11.06
N LYS M 312 32.50 1.60 10.86
CA LYS M 312 31.76 2.87 10.78
C LYS M 312 31.37 3.09 9.34
N GLN M 313 31.82 2.17 8.50
CA GLN M 313 31.50 2.21 7.09
C GLN M 313 30.65 0.97 6.81
N ARG M 314 29.76 1.05 5.82
CA ARG M 314 28.87 -0.07 5.53
C ARG M 314 29.44 -1.25 4.75
N THR M 315 30.24 -1.00 3.74
CA THR M 315 30.81 -2.08 2.96
C THR M 315 32.29 -2.24 3.21
N MET M 316 32.88 -3.23 2.55
CA MET M 316 34.30 -3.49 2.68
C MET M 316 35.06 -2.89 1.50
N THR M 317 34.35 -2.14 0.66
CA THR M 317 34.98 -1.52 -0.50
C THR M 317 36.18 -0.68 -0.10
N PHE M 318 36.07 -0.02 1.05
CA PHE M 318 37.13 0.85 1.53
C PHE M 318 37.80 0.33 2.79
N ARG M 319 37.68 -0.98 3.03
CA ARG M 319 38.31 -1.60 4.20
C ARG M 319 39.17 -2.76 3.74
N PRO M 320 40.43 -2.47 3.37
CA PRO M 320 41.39 -3.46 2.89
C PRO M 320 41.64 -4.62 3.83
N LEU M 321 41.64 -4.36 5.14
CA LEU M 321 41.87 -5.41 6.13
C LEU M 321 40.64 -6.32 6.14
N SER M 322 39.46 -5.72 6.21
CA SER M 322 38.25 -6.51 6.19
C SER M 322 38.23 -7.35 4.91
N GLN M 323 38.59 -6.76 3.78
CA GLN M 323 38.60 -7.47 2.51
C GLN M 323 39.41 -8.75 2.55
N THR M 324 40.57 -8.71 3.18
CA THR M 324 41.41 -9.89 3.25
C THR M 324 40.77 -10.93 4.17
N LEU M 325 40.29 -10.47 5.32
CA LEU M 325 39.66 -11.36 6.27
C LEU M 325 38.51 -12.07 5.57
N PHE M 326 37.85 -11.35 4.68
CA PHE M 326 36.71 -11.88 3.91
C PHE M 326 37.13 -13.03 3.02
N TRP M 327 38.09 -12.77 2.14
CA TRP M 327 38.56 -13.78 1.21
C TRP M 327 39.20 -14.94 1.94
N LEU M 328 39.64 -14.68 3.15
CA LEU M 328 40.25 -15.73 3.93
C LEU M 328 39.12 -16.67 4.28
N LEU M 329 38.02 -16.09 4.73
CA LEU M 329 36.82 -16.85 5.10
C LEU M 329 36.32 -17.68 3.91
N VAL M 330 36.27 -17.08 2.73
CA VAL M 330 35.82 -17.81 1.55
C VAL M 330 36.69 -19.04 1.30
N ALA M 331 38.00 -18.88 1.42
CA ALA M 331 38.94 -19.99 1.22
C ALA M 331 38.82 -20.96 2.37
N ASN M 332 38.54 -20.44 3.57
CA ASN M 332 38.37 -21.26 4.76
C ASN M 332 37.27 -22.29 4.45
N LEU M 333 36.15 -21.82 3.87
CA LEU M 333 35.02 -22.69 3.52
C LEU M 333 35.41 -23.64 2.41
N LEU M 334 36.05 -23.10 1.39
CA LEU M 334 36.53 -23.88 0.26
C LEU M 334 37.34 -25.05 0.83
N ILE M 335 38.07 -24.77 1.91
CA ILE M 335 38.88 -25.78 2.55
C ILE M 335 37.98 -26.79 3.25
N LEU M 336 37.04 -26.29 4.05
CA LEU M 336 36.09 -27.17 4.75
C LEU M 336 35.37 -28.08 3.74
N THR M 337 34.98 -27.54 2.59
CA THR M 337 34.32 -28.33 1.55
C THR M 337 35.25 -29.44 1.11
N TRP M 338 36.50 -29.09 0.83
CA TRP M 338 37.50 -30.07 0.42
C TRP M 338 37.56 -31.18 1.46
N ILE M 339 37.73 -30.75 2.71
CA ILE M 339 37.79 -31.71 3.79
C ILE M 339 36.60 -32.64 3.81
N GLY M 340 35.40 -32.08 3.67
CA GLY M 340 34.20 -32.89 3.69
C GLY M 340 34.24 -34.08 2.75
N SER M 341 34.92 -33.92 1.61
CA SER M 341 35.02 -34.98 0.62
C SER M 341 36.09 -36.02 0.97
N GLN M 342 36.87 -35.75 1.99
CA GLN M 342 37.92 -36.67 2.37
C GLN M 342 37.55 -37.51 3.58
N PRO M 343 38.09 -38.75 3.64
CA PRO M 343 37.85 -39.71 4.72
C PRO M 343 38.34 -39.19 6.06
N VAL M 344 37.73 -39.68 7.13
CA VAL M 344 38.11 -39.25 8.47
C VAL M 344 39.45 -39.87 8.83
N GLU M 345 40.50 -39.22 8.36
CA GLU M 345 41.86 -39.66 8.60
C GLU M 345 42.80 -38.47 8.59
N HIS M 346 44.03 -38.72 9.03
CA HIS M 346 45.06 -37.71 9.08
C HIS M 346 45.62 -37.52 7.66
N PRO M 347 46.05 -36.30 7.32
CA PRO M 347 46.09 -35.06 8.10
C PRO M 347 44.74 -34.35 8.05
N PHE M 348 43.85 -34.90 7.24
CA PHE M 348 42.51 -34.39 7.03
C PHE M 348 41.79 -34.00 8.31
N ILE M 349 41.68 -34.92 9.25
CA ILE M 349 40.99 -34.65 10.51
C ILE M 349 41.43 -33.34 11.17
N ILE M 350 42.72 -33.24 11.48
CA ILE M 350 43.24 -32.06 12.12
C ILE M 350 43.01 -30.79 11.28
N ILE M 351 43.28 -30.86 9.97
CA ILE M 351 43.06 -29.71 9.08
C ILE M 351 41.60 -29.26 9.21
N GLY M 352 40.69 -30.23 9.14
CA GLY M 352 39.28 -29.93 9.27
C GLY M 352 39.03 -29.17 10.55
N GLN M 353 39.45 -29.75 11.68
CA GLN M 353 39.25 -29.13 12.98
C GLN M 353 39.79 -27.72 13.06
N MET M 354 40.87 -27.47 12.34
CA MET M 354 41.45 -26.15 12.32
C MET M 354 40.50 -25.24 11.57
N ALA M 355 40.27 -25.57 10.30
CA ALA M 355 39.38 -24.80 9.44
C ALA M 355 38.09 -24.45 10.21
N SER M 356 37.53 -25.47 10.86
CA SER M 356 36.31 -25.31 11.65
C SER M 356 36.55 -24.25 12.68
N LEU M 357 37.51 -24.50 13.56
CA LEU M 357 37.83 -23.52 14.59
C LEU M 357 38.09 -22.16 13.93
N SER M 358 38.78 -22.21 12.79
CA SER M 358 39.09 -21.03 12.01
C SER M 358 37.83 -20.25 11.68
N TYR M 359 36.92 -20.94 10.99
CA TYR M 359 35.63 -20.40 10.56
C TYR M 359 34.89 -19.58 11.62
N PHE M 360 34.56 -20.20 12.75
CA PHE M 360 33.83 -19.49 13.80
C PHE M 360 34.57 -18.31 14.37
N THR M 361 35.89 -18.36 14.27
CA THR M 361 36.70 -17.28 14.80
C THR M 361 36.68 -16.06 13.88
N ILE M 362 36.84 -16.27 12.58
CA ILE M 362 36.83 -15.14 11.68
C ILE M 362 35.49 -14.41 11.79
N LEU M 363 34.41 -15.14 12.06
CA LEU M 363 33.09 -14.54 12.16
C LEU M 363 32.75 -13.93 13.51
N LEU M 364 33.08 -14.63 14.59
CA LEU M 364 32.76 -14.11 15.91
C LEU M 364 33.78 -13.14 16.49
N ILE M 365 35.05 -13.30 16.13
CA ILE M 365 36.10 -12.45 16.70
C ILE M 365 36.89 -11.53 15.77
N LEU M 366 37.52 -12.10 14.75
CA LEU M 366 38.32 -11.25 13.88
C LEU M 366 37.57 -10.09 13.25
N PHE M 367 36.49 -10.38 12.53
CA PHE M 367 35.71 -9.34 11.87
C PHE M 367 35.32 -8.15 12.73
N PRO M 368 34.62 -8.37 13.86
CA PRO M 368 34.27 -7.21 14.67
C PRO M 368 35.53 -6.47 15.12
N THR M 369 36.56 -7.25 15.50
CA THR M 369 37.82 -6.67 15.94
C THR M 369 38.46 -5.79 14.86
N ILE M 370 38.77 -6.37 13.70
CA ILE M 370 39.37 -5.60 12.61
C ILE M 370 38.55 -4.38 12.26
N GLY M 371 37.24 -4.48 12.43
CA GLY M 371 36.37 -3.36 12.12
C GLY M 371 36.63 -2.21 13.07
N THR M 372 36.77 -2.54 14.35
CA THR M 372 37.04 -1.56 15.39
C THR M 372 38.40 -0.95 15.12
N LEU M 373 39.36 -1.82 14.87
CA LEU M 373 40.72 -1.42 14.58
C LEU M 373 40.73 -0.41 13.41
N GLU M 374 40.06 -0.78 12.32
CA GLU M 374 39.98 0.06 11.14
C GLU M 374 39.35 1.42 11.45
N ASN M 375 38.39 1.45 12.36
CA ASN M 375 37.74 2.70 12.70
C ASN M 375 38.76 3.65 13.31
N LYS M 376 39.58 3.12 14.20
CA LYS M 376 40.61 3.92 14.86
C LYS M 376 41.60 4.42 13.82
N MET M 377 41.91 3.57 12.85
CA MET M 377 42.85 3.98 11.80
C MET M 377 42.26 5.09 10.96
N LEU M 378 40.95 5.25 11.00
CA LEU M 378 40.33 6.32 10.23
C LEU M 378 40.28 7.57 11.10
N ASN M 379 40.70 7.40 12.34
CA ASN M 379 40.74 8.48 13.33
C ASN M 379 39.32 8.79 13.83
N TYR M 380 38.53 7.73 13.91
CA TYR M 380 37.14 7.76 14.38
C TYR M 380 37.06 7.06 15.73
N GLY N 1 43.40 -53.99 0.58
CA GLY N 1 43.35 -53.39 1.95
C GLY N 1 42.90 -51.94 1.91
N GLU N 2 43.74 -51.05 2.42
CA GLU N 2 43.41 -49.63 2.42
C GLU N 2 44.03 -49.00 1.17
N LEU N 3 44.42 -49.85 0.23
CA LEU N 3 45.03 -49.41 -1.01
C LEU N 3 44.25 -49.92 -2.22
N GLU N 4 44.09 -49.07 -3.22
CA GLU N 4 43.34 -49.44 -4.40
C GLU N 4 43.92 -48.89 -5.69
N LEU N 5 43.79 -49.67 -6.76
CA LEU N 5 44.30 -49.29 -8.06
C LEU N 5 43.22 -48.65 -8.96
N HIS N 6 43.32 -47.35 -9.20
CA HIS N 6 42.34 -46.69 -10.06
C HIS N 6 42.65 -46.96 -11.52
N PRO N 7 41.62 -47.23 -12.33
CA PRO N 7 41.82 -47.51 -13.74
C PRO N 7 42.30 -46.33 -14.58
N PRO N 8 42.87 -46.64 -15.76
CA PRO N 8 43.37 -45.62 -16.69
C PRO N 8 42.21 -45.05 -17.51
N ALA N 9 42.52 -44.17 -18.44
CA ALA N 9 41.47 -43.55 -19.24
C ALA N 9 41.54 -43.86 -20.71
N PHE N 10 40.75 -44.84 -21.15
CA PHE N 10 40.73 -45.21 -22.55
C PHE N 10 39.96 -44.18 -23.36
N PRO N 11 40.41 -43.94 -24.60
CA PRO N 11 39.83 -42.97 -25.54
C PRO N 11 38.58 -43.49 -26.24
N TRP N 12 37.51 -43.71 -25.48
CA TRP N 12 36.28 -44.20 -26.07
C TRP N 12 35.82 -43.23 -27.16
N SER N 13 35.34 -43.78 -28.27
CA SER N 13 34.90 -42.94 -29.38
C SER N 13 33.74 -42.05 -29.02
N HIS N 14 33.17 -42.25 -27.85
CA HIS N 14 32.04 -41.44 -27.39
C HIS N 14 32.42 -40.57 -26.19
N GLY N 15 33.70 -40.56 -25.83
CA GLY N 15 34.13 -39.76 -24.70
C GLY N 15 33.92 -38.27 -24.89
N GLY N 16 34.11 -37.80 -26.12
CA GLY N 16 33.96 -36.38 -26.41
C GLY N 16 32.58 -35.76 -26.32
N PRO N 17 32.50 -34.54 -25.79
CA PRO N 17 31.24 -33.82 -25.63
C PRO N 17 30.38 -33.76 -26.89
N LEU N 18 30.96 -33.99 -28.06
CA LEU N 18 30.17 -33.97 -29.28
C LEU N 18 30.24 -35.34 -29.94
N SER N 19 30.91 -36.24 -29.25
CA SER N 19 31.12 -37.60 -29.73
C SER N 19 30.02 -38.58 -29.38
N ALA N 20 29.29 -39.03 -30.40
CA ALA N 20 28.21 -39.98 -30.22
C ALA N 20 28.79 -41.36 -29.87
N LEU N 21 27.91 -42.33 -29.66
CA LEU N 21 28.34 -43.69 -29.37
C LEU N 21 28.54 -44.37 -30.72
N ASP N 22 29.40 -45.38 -30.74
CA ASP N 22 29.64 -46.13 -31.98
C ASP N 22 28.57 -47.23 -31.96
N HIS N 23 27.45 -46.99 -32.64
CA HIS N 23 26.37 -47.96 -32.61
C HIS N 23 26.74 -49.37 -33.04
N SER N 24 27.74 -49.49 -33.90
CA SER N 24 28.20 -50.79 -34.36
C SER N 24 28.75 -51.54 -33.16
N SER N 25 29.60 -50.87 -32.40
CA SER N 25 30.20 -51.45 -31.21
C SER N 25 29.16 -51.70 -30.12
N VAL N 26 28.08 -50.90 -30.12
CA VAL N 26 27.02 -51.05 -29.14
C VAL N 26 26.23 -52.30 -29.52
N ARG N 27 26.07 -52.52 -30.82
CA ARG N 27 25.35 -53.69 -31.33
C ARG N 27 26.12 -54.90 -30.82
N ARG N 28 27.44 -54.85 -31.03
CA ARG N 28 28.33 -55.91 -30.61
C ARG N 28 28.20 -56.19 -29.11
N GLY N 29 28.41 -55.14 -28.30
CA GLY N 29 28.31 -55.28 -26.87
C GLY N 29 27.05 -56.02 -26.44
N PHE N 30 25.95 -55.71 -27.13
CA PHE N 30 24.68 -56.35 -26.84
C PHE N 30 24.86 -57.86 -26.84
N GLN N 31 25.38 -58.36 -27.96
CA GLN N 31 25.62 -59.79 -28.14
C GLN N 31 26.40 -60.32 -26.94
N VAL N 32 27.46 -59.62 -26.58
CA VAL N 32 28.27 -60.02 -25.44
C VAL N 32 27.41 -60.13 -24.18
N TYR N 33 26.54 -59.15 -23.99
CA TYR N 33 25.65 -59.16 -22.82
C TYR N 33 24.70 -60.33 -22.93
N LYS N 34 24.05 -60.42 -24.09
CA LYS N 34 23.09 -61.48 -24.36
C LYS N 34 23.67 -62.88 -24.22
N GLN N 35 24.71 -63.15 -24.99
CA GLN N 35 25.33 -64.48 -25.00
C GLN N 35 26.31 -64.82 -23.88
N VAL N 36 26.67 -63.86 -23.05
CA VAL N 36 27.63 -64.14 -21.99
C VAL N 36 27.26 -63.66 -20.60
N CYS N 37 27.04 -62.35 -20.48
CA CYS N 37 26.72 -61.71 -19.21
C CYS N 37 25.33 -62.00 -18.66
N SER N 38 24.34 -62.00 -19.54
CA SER N 38 22.95 -62.23 -19.15
C SER N 38 22.75 -63.49 -18.31
N ALA N 39 23.69 -64.42 -18.40
CA ALA N 39 23.58 -65.66 -17.64
C ALA N 39 23.60 -65.41 -16.15
N CYS N 40 24.08 -64.25 -15.73
CA CYS N 40 24.12 -63.95 -14.31
C CYS N 40 23.75 -62.52 -14.00
N HIS N 41 23.72 -61.68 -15.02
CA HIS N 41 23.36 -60.29 -14.81
C HIS N 41 22.05 -59.90 -15.46
N SER N 42 21.21 -59.24 -14.66
CA SER N 42 19.92 -58.76 -15.11
C SER N 42 20.12 -57.35 -15.62
N MET N 43 19.33 -56.97 -16.60
CA MET N 43 19.38 -55.63 -17.14
C MET N 43 17.91 -55.23 -17.17
N ASP N 44 17.36 -55.10 -15.96
CA ASP N 44 15.95 -54.79 -15.78
C ASP N 44 15.35 -53.58 -16.46
N TYR N 45 16.14 -52.55 -16.73
CA TYR N 45 15.57 -51.37 -17.35
C TYR N 45 15.64 -51.25 -18.85
N VAL N 46 16.01 -52.33 -19.53
CA VAL N 46 16.06 -52.26 -20.98
C VAL N 46 15.15 -53.29 -21.60
N ALA N 47 14.54 -52.93 -22.71
CA ALA N 47 13.65 -53.84 -23.40
C ALA N 47 14.06 -53.96 -24.85
N PHE N 48 13.66 -55.07 -25.46
CA PHE N 48 14.01 -55.34 -26.85
C PHE N 48 13.57 -54.20 -27.77
N ARG N 49 12.53 -53.47 -27.40
CA ARG N 49 12.11 -52.38 -28.24
C ARG N 49 13.18 -51.29 -28.23
N ASN N 50 13.87 -51.13 -27.10
CA ASN N 50 14.92 -50.11 -27.00
C ASN N 50 16.03 -50.27 -28.03
N LEU N 51 16.26 -51.51 -28.48
CA LEU N 51 17.29 -51.80 -29.47
C LEU N 51 16.88 -51.24 -30.84
N ILE N 52 15.62 -51.42 -31.18
CA ILE N 52 15.09 -50.95 -32.45
C ILE N 52 15.56 -49.54 -32.79
N GLY N 53 16.02 -49.33 -34.01
CA GLY N 53 16.46 -48.01 -34.43
C GLY N 53 17.74 -47.49 -33.78
N VAL N 54 18.34 -48.28 -32.92
CA VAL N 54 19.57 -47.89 -32.25
C VAL N 54 20.68 -48.81 -32.71
N THR N 55 20.50 -50.10 -32.42
CA THR N 55 21.44 -51.14 -32.81
C THR N 55 20.80 -52.18 -33.73
N HIS N 56 19.50 -52.42 -33.62
CA HIS N 56 18.84 -53.42 -34.44
C HIS N 56 17.64 -52.93 -35.23
N THR N 57 17.27 -53.66 -36.27
CA THR N 57 16.09 -53.31 -37.05
C THR N 57 14.92 -53.83 -36.24
N GLU N 58 13.71 -53.34 -36.51
CA GLU N 58 12.56 -53.79 -35.76
C GLU N 58 12.43 -55.32 -35.80
N ALA N 59 12.53 -55.91 -36.99
CA ALA N 59 12.44 -57.35 -37.16
C ALA N 59 13.44 -58.07 -36.25
N GLU N 60 14.71 -57.68 -36.35
CA GLU N 60 15.77 -58.26 -35.55
C GLU N 60 15.41 -58.25 -34.07
N ALA N 61 14.88 -57.12 -33.61
CA ALA N 61 14.49 -56.96 -32.22
C ALA N 61 13.35 -57.90 -31.84
N LYS N 62 12.33 -57.95 -32.70
CA LYS N 62 11.21 -58.82 -32.46
C LYS N 62 11.77 -60.23 -32.32
N ALA N 63 12.64 -60.61 -33.26
CA ALA N 63 13.27 -61.91 -33.25
C ALA N 63 13.91 -62.19 -31.89
N LEU N 64 14.87 -61.35 -31.53
CA LEU N 64 15.58 -61.49 -30.28
C LEU N 64 14.61 -61.66 -29.14
N ALA N 65 13.49 -60.96 -29.24
CA ALA N 65 12.47 -61.00 -28.22
C ALA N 65 11.84 -62.38 -28.06
N GLU N 66 11.36 -62.93 -29.17
CA GLU N 66 10.71 -64.23 -29.16
C GLU N 66 11.59 -65.39 -28.68
N GLU N 67 12.90 -65.23 -28.79
CA GLU N 67 13.83 -66.26 -28.33
C GLU N 67 13.65 -66.55 -26.85
N VAL N 68 12.89 -65.70 -26.16
CA VAL N 68 12.70 -65.91 -24.74
C VAL N 68 11.26 -66.26 -24.39
N GLU N 69 11.12 -67.24 -23.50
CA GLU N 69 9.81 -67.66 -23.02
C GLU N 69 9.52 -66.73 -21.85
N VAL N 70 8.33 -66.16 -21.83
CA VAL N 70 7.98 -65.25 -20.75
C VAL N 70 6.79 -65.79 -19.98
N GLN N 71 6.77 -65.54 -18.68
CA GLN N 71 5.64 -66.01 -17.89
C GLN N 71 4.56 -64.95 -17.82
N ASP N 72 3.36 -65.33 -18.22
CA ASP N 72 2.23 -64.43 -18.22
C ASP N 72 1.05 -65.05 -17.45
N GLY N 73 -0.11 -64.44 -17.61
CA GLY N 73 -1.30 -64.93 -16.92
C GLY N 73 -1.77 -63.96 -15.85
N PRO N 74 -2.70 -64.36 -14.99
CA PRO N 74 -3.31 -65.70 -15.04
C PRO N 74 -4.18 -65.83 -16.27
N ASP N 75 -4.57 -67.05 -16.58
CA ASP N 75 -5.42 -67.29 -17.73
C ASP N 75 -6.86 -67.40 -17.25
N GLU N 76 -7.68 -68.12 -18.01
CA GLU N 76 -9.09 -68.29 -17.69
C GLU N 76 -9.31 -69.05 -16.36
N ASN N 77 -8.43 -69.99 -16.08
CA ASN N 77 -8.53 -70.77 -14.85
C ASN N 77 -7.65 -70.15 -13.78
N GLY N 78 -7.08 -68.99 -14.10
CA GLY N 78 -6.22 -68.32 -13.14
C GLY N 78 -4.89 -69.00 -13.06
N GLU N 79 -4.41 -69.48 -14.20
CA GLU N 79 -3.13 -70.17 -14.28
C GLU N 79 -2.08 -69.28 -14.94
N LEU N 80 -0.85 -69.41 -14.49
CA LEU N 80 0.23 -68.66 -15.11
C LEU N 80 0.59 -69.52 -16.31
N PHE N 81 1.45 -69.03 -17.19
CA PHE N 81 1.81 -69.83 -18.35
C PHE N 81 2.88 -69.13 -19.17
N MET N 82 3.61 -69.89 -19.98
CA MET N 82 4.65 -69.30 -20.78
C MET N 82 4.10 -68.76 -22.09
N ARG N 83 4.92 -67.94 -22.74
CA ARG N 83 4.56 -67.34 -24.00
C ARG N 83 5.82 -66.73 -24.60
N PRO N 84 5.85 -66.57 -25.92
CA PRO N 84 7.01 -66.00 -26.60
C PRO N 84 7.24 -64.57 -26.10
N GLY N 85 8.38 -63.99 -26.42
CA GLY N 85 8.68 -62.63 -25.99
C GLY N 85 8.12 -61.62 -26.96
N LYS N 86 7.84 -60.43 -26.45
CA LYS N 86 7.30 -59.34 -27.26
C LYS N 86 8.36 -58.27 -27.20
N ILE N 87 8.42 -57.39 -28.19
CA ILE N 87 9.44 -56.33 -28.14
C ILE N 87 9.20 -55.45 -26.92
N SER N 88 8.02 -55.59 -26.32
CA SER N 88 7.69 -54.80 -25.15
C SER N 88 8.29 -55.37 -23.86
N ASP N 89 8.69 -56.63 -23.87
CA ASP N 89 9.28 -57.23 -22.67
C ASP N 89 10.66 -56.68 -22.40
N TYR N 90 11.09 -56.79 -21.15
CA TYR N 90 12.41 -56.33 -20.76
C TYR N 90 13.40 -57.50 -20.79
N PHE N 91 14.69 -57.22 -20.75
CA PHE N 91 15.65 -58.32 -20.77
C PHE N 91 15.43 -59.21 -19.54
N PRO N 92 15.33 -60.52 -19.78
CA PRO N 92 15.11 -61.63 -18.84
C PRO N 92 16.02 -61.66 -17.64
N LYS N 93 15.44 -61.81 -16.46
CA LYS N 93 16.23 -61.89 -15.24
C LYS N 93 16.73 -63.33 -15.12
N PRO N 94 18.04 -63.52 -14.93
CA PRO N 94 18.58 -64.86 -14.81
C PRO N 94 18.12 -65.56 -13.55
N TYR N 95 17.65 -64.80 -12.58
CA TYR N 95 17.17 -65.40 -11.34
C TYR N 95 15.92 -64.66 -10.90
N PRO N 96 15.02 -65.36 -10.20
CA PRO N 96 13.75 -64.85 -9.69
C PRO N 96 13.89 -63.96 -8.46
N ASN N 97 15.10 -63.86 -7.91
CA ASN N 97 15.35 -63.04 -6.73
C ASN N 97 16.81 -63.18 -6.31
N PRO N 98 17.38 -62.12 -5.72
CA PRO N 98 18.78 -62.15 -5.29
C PRO N 98 19.18 -63.40 -4.52
N GLU N 99 18.31 -63.87 -3.62
CA GLU N 99 18.61 -65.07 -2.83
C GLU N 99 19.01 -66.22 -3.76
N ALA N 100 18.24 -66.40 -4.83
CA ALA N 100 18.49 -67.45 -5.81
C ALA N 100 19.78 -67.20 -6.56
N ALA N 101 19.96 -65.96 -7.01
CA ALA N 101 21.16 -65.58 -7.72
C ALA N 101 22.36 -65.88 -6.84
N ARG N 102 22.37 -65.30 -5.64
CA ARG N 102 23.47 -65.52 -4.70
C ARG N 102 23.70 -67.00 -4.57
N ALA N 103 22.62 -67.74 -4.37
CA ALA N 103 22.69 -69.18 -4.23
C ALA N 103 23.52 -69.78 -5.36
N ALA N 104 23.32 -69.29 -6.58
CA ALA N 104 24.04 -69.80 -7.74
C ALA N 104 25.36 -69.10 -8.06
N ASN N 105 25.94 -68.39 -7.11
CA ASN N 105 27.20 -67.68 -7.35
C ASN N 105 28.09 -67.59 -6.12
N ASN N 106 28.01 -68.60 -5.25
CA ASN N 106 28.81 -68.68 -4.03
C ASN N 106 28.40 -67.67 -2.97
N GLY N 107 27.14 -67.25 -3.04
CA GLY N 107 26.64 -66.27 -2.08
C GLY N 107 26.87 -64.88 -2.62
N ALA N 108 27.67 -64.80 -3.68
CA ALA N 108 27.98 -63.53 -4.32
C ALA N 108 26.78 -63.15 -5.18
N LEU N 109 26.44 -61.87 -5.14
CA LEU N 109 25.30 -61.37 -5.87
C LEU N 109 25.69 -60.49 -7.06
N PRO N 110 25.53 -61.05 -8.27
CA PRO N 110 25.88 -60.26 -9.46
C PRO N 110 24.91 -59.09 -9.60
N PRO N 111 25.44 -57.85 -9.60
CA PRO N 111 24.55 -56.70 -9.73
C PRO N 111 23.89 -56.55 -11.12
N ASP N 112 22.76 -55.86 -11.15
CA ASP N 112 22.04 -55.62 -12.39
C ASP N 112 22.86 -54.58 -13.15
N LEU N 113 23.12 -54.85 -14.41
CA LEU N 113 23.94 -53.95 -15.21
C LEU N 113 23.28 -52.75 -15.88
N SER N 114 21.97 -52.63 -15.74
CA SER N 114 21.24 -51.50 -16.35
C SER N 114 21.95 -50.15 -16.18
N TYR N 115 22.26 -49.80 -14.93
CA TYR N 115 22.93 -48.53 -14.65
C TYR N 115 24.35 -48.77 -14.11
N ILE N 116 25.02 -49.81 -14.55
CA ILE N 116 26.36 -50.12 -14.00
C ILE N 116 27.49 -49.09 -14.16
N VAL N 117 27.69 -48.56 -15.36
CA VAL N 117 28.77 -47.60 -15.55
C VAL N 117 28.59 -46.36 -14.67
N ASN N 118 27.36 -45.97 -14.37
CA ASN N 118 27.12 -44.80 -13.54
C ASN N 118 27.05 -45.13 -12.05
N ALA N 119 27.01 -46.42 -11.75
CA ALA N 119 26.95 -46.86 -10.36
C ALA N 119 28.36 -47.09 -9.83
N ARG N 120 29.35 -46.92 -10.69
CA ARG N 120 30.74 -47.13 -10.29
C ARG N 120 31.67 -46.03 -10.79
N HIS N 121 32.52 -45.52 -9.89
CA HIS N 121 33.46 -44.49 -10.28
C HIS N 121 34.37 -45.09 -11.33
N GLY N 122 34.54 -44.40 -12.45
CA GLY N 122 35.38 -44.91 -13.51
C GLY N 122 34.55 -45.35 -14.68
N GLY N 123 33.32 -45.77 -14.43
CA GLY N 123 32.45 -46.18 -15.52
C GLY N 123 33.06 -47.23 -16.43
N GLU N 124 32.96 -47.03 -17.75
CA GLU N 124 33.52 -48.01 -18.67
C GLU N 124 35.04 -48.15 -18.47
N ASP N 125 35.72 -47.08 -18.09
CA ASP N 125 37.15 -47.20 -17.85
C ASP N 125 37.34 -48.21 -16.72
N TYR N 126 36.49 -48.17 -15.69
CA TYR N 126 36.60 -49.12 -14.59
C TYR N 126 36.11 -50.50 -14.96
N VAL N 127 34.95 -50.59 -15.58
CA VAL N 127 34.41 -51.88 -15.98
C VAL N 127 35.36 -52.59 -16.94
N PHE N 128 35.91 -51.83 -17.89
CA PHE N 128 36.84 -52.41 -18.85
C PHE N 128 38.09 -52.94 -18.15
N SER N 129 38.77 -52.09 -17.38
CA SER N 129 39.98 -52.49 -16.66
C SER N 129 39.75 -53.72 -15.78
N LEU N 130 38.55 -53.86 -15.22
CA LEU N 130 38.21 -54.98 -14.35
C LEU N 130 38.08 -56.26 -15.17
N LEU N 131 37.30 -56.21 -16.23
CA LEU N 131 37.10 -57.38 -17.09
C LEU N 131 38.40 -57.97 -17.61
N THR N 132 39.35 -57.10 -17.96
CA THR N 132 40.62 -57.57 -18.50
C THR N 132 41.72 -57.66 -17.44
N GLY N 133 41.60 -56.84 -16.39
CA GLY N 133 42.62 -56.82 -15.35
C GLY N 133 42.77 -57.98 -14.39
N TYR N 134 42.23 -59.15 -14.73
CA TYR N 134 42.37 -60.31 -13.85
C TYR N 134 43.81 -60.82 -13.84
N CYS N 135 44.26 -61.31 -12.69
CA CYS N 135 45.63 -61.80 -12.58
C CYS N 135 45.85 -62.47 -11.22
N ASP N 136 47.04 -63.04 -11.04
CA ASP N 136 47.39 -63.71 -9.78
C ASP N 136 47.74 -62.76 -8.66
N PRO N 137 47.36 -63.12 -7.42
CA PRO N 137 47.63 -62.29 -6.25
C PRO N 137 49.12 -62.07 -6.01
N PRO N 138 49.50 -60.86 -5.55
CA PRO N 138 50.91 -60.56 -5.29
C PRO N 138 51.35 -61.30 -4.03
N ALA N 139 52.66 -61.34 -3.79
CA ALA N 139 53.19 -62.04 -2.62
C ALA N 139 52.59 -61.56 -1.31
N GLY N 140 52.17 -62.52 -0.48
CA GLY N 140 51.59 -62.21 0.82
C GLY N 140 50.08 -62.07 0.83
N VAL N 141 49.48 -62.15 -0.35
CA VAL N 141 48.03 -62.01 -0.51
C VAL N 141 47.33 -63.33 -0.83
N VAL N 142 46.49 -63.79 0.10
CA VAL N 142 45.75 -65.02 -0.11
C VAL N 142 44.29 -64.75 -0.44
N VAL N 143 43.88 -65.14 -1.63
CA VAL N 143 42.51 -64.94 -2.08
C VAL N 143 41.59 -66.06 -1.61
N ARG N 144 40.71 -65.76 -0.65
CA ARG N 144 39.77 -66.74 -0.10
C ARG N 144 39.18 -67.63 -1.18
N GLU N 145 38.94 -68.89 -0.82
CA GLU N 145 38.39 -69.87 -1.75
C GLU N 145 37.03 -69.48 -2.33
N GLY N 146 36.97 -69.34 -3.65
CA GLY N 146 35.74 -68.97 -4.31
C GLY N 146 35.90 -67.63 -5.00
N LEU N 147 36.65 -66.75 -4.36
CA LEU N 147 36.90 -65.42 -4.89
C LEU N 147 38.12 -65.47 -5.80
N HIS N 148 38.15 -64.62 -6.81
CA HIS N 148 39.29 -64.56 -7.73
C HIS N 148 40.03 -63.24 -7.55
N TYR N 149 41.30 -63.21 -7.92
CA TYR N 149 42.05 -61.98 -7.77
C TYR N 149 41.77 -61.04 -8.94
N ASN N 150 41.69 -59.76 -8.61
CA ASN N 150 41.49 -58.69 -9.56
C ASN N 150 41.90 -57.45 -8.79
N PRO N 151 43.05 -56.87 -9.18
CA PRO N 151 43.56 -55.67 -8.51
C PRO N 151 42.65 -54.46 -8.62
N TYR N 152 41.88 -54.39 -9.69
CA TYR N 152 40.98 -53.26 -9.91
C TYR N 152 39.73 -53.25 -9.05
N PHE N 153 39.30 -54.43 -8.64
CA PHE N 153 38.12 -54.55 -7.80
C PHE N 153 38.49 -54.19 -6.36
N PRO N 154 37.67 -53.36 -5.70
CA PRO N 154 37.96 -52.96 -4.31
C PRO N 154 38.08 -54.17 -3.40
N GLY N 155 39.26 -54.38 -2.85
CA GLY N 155 39.49 -55.53 -1.98
C GLY N 155 40.29 -56.58 -2.72
N GLN N 156 40.34 -56.40 -4.05
CA GLN N 156 41.08 -57.28 -4.95
C GLN N 156 40.55 -58.72 -5.07
N ALA N 157 39.68 -59.14 -4.15
CA ALA N 157 39.11 -60.49 -4.23
C ALA N 157 37.64 -60.42 -4.63
N ILE N 158 37.38 -60.50 -5.93
CA ILE N 158 36.01 -60.42 -6.44
C ILE N 158 35.38 -61.80 -6.48
N GLY N 159 34.06 -61.84 -6.62
CA GLY N 159 33.38 -63.12 -6.67
C GLY N 159 33.11 -63.57 -8.09
N MET N 160 33.38 -62.73 -9.07
CA MET N 160 33.12 -63.11 -10.45
C MET N 160 34.36 -63.63 -11.14
N ALA N 161 34.23 -64.77 -11.81
CA ALA N 161 35.34 -65.37 -12.53
C ALA N 161 35.45 -64.65 -13.88
N PRO N 162 36.67 -64.58 -14.44
CA PRO N 162 36.85 -63.90 -15.73
C PRO N 162 35.77 -64.34 -16.69
N PRO N 163 34.77 -63.48 -16.91
CA PRO N 163 33.67 -63.81 -17.81
C PRO N 163 34.05 -63.96 -19.26
N ILE N 164 35.10 -63.27 -19.69
CA ILE N 164 35.47 -63.38 -21.09
C ILE N 164 36.90 -63.78 -21.38
N TYR N 165 37.06 -64.40 -22.56
CA TYR N 165 38.34 -64.88 -23.08
C TYR N 165 38.21 -64.96 -24.60
N ASN N 166 39.34 -64.94 -25.31
CA ASN N 166 39.31 -64.99 -26.76
C ASN N 166 38.30 -65.98 -27.33
N GLU N 167 37.62 -65.57 -28.38
CA GLU N 167 36.64 -66.42 -29.06
C GLU N 167 35.60 -67.06 -28.15
N ILE N 168 35.18 -66.37 -27.09
CA ILE N 168 34.18 -66.94 -26.21
C ILE N 168 32.84 -66.86 -26.93
N LEU N 169 32.85 -66.20 -28.07
CA LEU N 169 31.67 -66.04 -28.91
C LEU N 169 32.15 -65.62 -30.31
N GLU N 170 31.23 -65.44 -31.25
CA GLU N 170 31.64 -65.03 -32.59
C GLU N 170 30.78 -63.92 -33.15
N TYR N 171 31.32 -62.69 -33.15
CA TYR N 171 30.61 -61.53 -33.67
C TYR N 171 30.16 -61.79 -35.09
N ASP N 172 28.85 -61.87 -35.30
CA ASP N 172 28.34 -62.14 -36.63
C ASP N 172 28.65 -61.04 -37.66
N ASP N 173 29.48 -60.08 -37.28
CA ASP N 173 29.84 -59.01 -38.20
C ASP N 173 31.26 -59.25 -38.70
N GLY N 174 31.90 -60.28 -38.14
CA GLY N 174 33.25 -60.61 -38.54
C GLY N 174 34.37 -59.96 -37.75
N THR N 175 34.03 -59.38 -36.62
CA THR N 175 35.05 -58.74 -35.81
C THR N 175 35.83 -59.79 -35.00
N PRO N 176 37.15 -59.69 -34.99
CA PRO N 176 37.98 -60.62 -34.25
C PRO N 176 37.69 -60.63 -32.75
N ALA N 177 37.00 -61.68 -32.31
CA ALA N 177 36.61 -61.84 -30.92
C ALA N 177 37.71 -61.92 -29.87
N THR N 178 38.65 -60.98 -29.88
CA THR N 178 39.70 -61.02 -28.88
C THR N 178 39.11 -60.54 -27.55
N MET N 179 39.62 -61.06 -26.43
CA MET N 179 39.08 -60.69 -25.11
C MET N 179 38.90 -59.19 -24.90
N SER N 180 39.94 -58.39 -25.11
CA SER N 180 39.82 -56.95 -24.92
C SER N 180 38.82 -56.34 -25.92
N GLN N 181 38.81 -56.84 -27.15
CA GLN N 181 37.87 -56.34 -28.15
C GLN N 181 36.47 -56.50 -27.59
N ILE N 182 36.22 -57.67 -27.01
CA ILE N 182 34.93 -57.95 -26.40
C ILE N 182 34.66 -56.94 -25.29
N ALA N 183 35.54 -56.86 -24.30
CA ALA N 183 35.37 -55.91 -23.20
C ALA N 183 35.04 -54.50 -23.70
N LYS N 184 35.74 -54.06 -24.75
CA LYS N 184 35.52 -52.74 -25.34
C LYS N 184 34.11 -52.59 -25.89
N ASP N 185 33.59 -53.64 -26.53
CA ASP N 185 32.23 -53.59 -27.06
C ASP N 185 31.14 -53.64 -25.97
N VAL N 186 31.27 -54.54 -25.01
CA VAL N 186 30.29 -54.67 -23.94
C VAL N 186 30.29 -53.41 -23.07
N CYS N 187 31.46 -52.82 -22.86
CA CYS N 187 31.52 -51.60 -22.05
C CYS N 187 30.78 -50.51 -22.81
N THR N 188 31.05 -50.41 -24.10
CA THR N 188 30.39 -49.42 -24.94
C THR N 188 28.88 -49.66 -24.86
N PHE N 189 28.49 -50.92 -24.76
CA PHE N 189 27.09 -51.25 -24.65
C PHE N 189 26.56 -50.77 -23.30
N LEU N 190 27.27 -51.11 -22.23
CA LEU N 190 26.86 -50.72 -20.88
C LEU N 190 26.69 -49.22 -20.67
N ARG N 191 27.29 -48.43 -21.55
CA ARG N 191 27.18 -46.98 -21.48
C ARG N 191 25.81 -46.63 -22.08
N TRP N 192 25.52 -47.16 -23.26
CA TRP N 192 24.24 -46.90 -23.91
C TRP N 192 23.10 -47.38 -23.02
N ALA N 193 23.29 -48.54 -22.42
CA ALA N 193 22.29 -49.13 -21.54
C ALA N 193 21.98 -48.21 -20.40
N ALA N 194 23.00 -47.60 -19.82
CA ALA N 194 22.79 -46.67 -18.70
C ALA N 194 22.21 -45.32 -19.12
N GLU N 195 22.32 -44.96 -20.39
CA GLU N 195 21.78 -43.69 -20.85
C GLU N 195 21.61 -43.53 -22.34
N PRO N 196 20.56 -44.13 -22.89
CA PRO N 196 20.26 -44.07 -24.32
C PRO N 196 20.20 -42.64 -24.84
N GLU N 197 19.72 -41.72 -24.01
CA GLU N 197 19.65 -40.34 -24.44
C GLU N 197 21.04 -39.84 -24.83
N HIS N 198 22.06 -40.47 -24.27
CA HIS N 198 23.46 -40.10 -24.52
C HIS N 198 23.71 -39.30 -25.80
N ASP N 199 23.40 -39.90 -26.95
CA ASP N 199 23.59 -39.23 -28.23
C ASP N 199 22.79 -37.95 -28.41
N GLN N 200 21.48 -38.02 -28.19
CA GLN N 200 20.64 -36.85 -28.32
C GLN N 200 21.04 -35.79 -27.29
N ARG N 201 21.38 -36.26 -26.10
CA ARG N 201 21.82 -35.38 -25.02
C ARG N 201 22.94 -34.48 -25.51
N LYS N 202 23.86 -35.07 -26.25
CA LYS N 202 24.99 -34.35 -26.79
C LYS N 202 24.63 -33.51 -27.99
N ARG N 203 23.78 -34.03 -28.89
CA ARG N 203 23.41 -33.24 -30.05
C ARG N 203 22.76 -31.95 -29.57
N MET N 204 21.97 -32.05 -28.49
CA MET N 204 21.32 -30.87 -27.93
C MET N 204 22.38 -29.91 -27.41
N GLY N 205 23.32 -30.43 -26.64
CA GLY N 205 24.38 -29.60 -26.10
C GLY N 205 24.98 -28.72 -27.17
N LEU N 206 25.23 -29.31 -28.34
CA LEU N 206 25.80 -28.56 -29.48
C LEU N 206 24.90 -27.40 -29.82
N LYS N 207 23.63 -27.68 -30.13
CA LYS N 207 22.69 -26.62 -30.46
C LYS N 207 22.68 -25.59 -29.34
N MET N 208 22.63 -26.08 -28.11
CA MET N 208 22.61 -25.23 -26.93
C MET N 208 23.74 -24.23 -26.95
N LEU N 209 24.98 -24.71 -27.05
CA LEU N 209 26.13 -23.81 -27.09
C LEU N 209 26.01 -22.77 -28.19
N LEU N 210 25.66 -23.19 -29.39
CA LEU N 210 25.52 -22.24 -30.48
C LEU N 210 24.55 -21.15 -30.11
N ILE N 211 23.31 -21.53 -29.79
CA ILE N 211 22.33 -20.53 -29.43
C ILE N 211 22.82 -19.68 -28.26
N SER N 212 23.29 -20.34 -27.20
CA SER N 212 23.78 -19.62 -26.03
C SER N 212 24.82 -18.55 -26.39
N ALA N 213 25.65 -18.83 -27.39
CA ALA N 213 26.67 -17.87 -27.84
C ALA N 213 25.96 -16.73 -28.54
N LEU N 214 25.27 -17.06 -29.64
CA LEU N 214 24.54 -16.06 -30.39
C LEU N 214 23.72 -15.17 -29.47
N LEU N 215 22.92 -15.79 -28.61
CA LEU N 215 22.07 -15.04 -27.70
C LEU N 215 22.77 -14.25 -26.58
N THR N 216 23.79 -14.82 -25.93
CA THR N 216 24.46 -14.09 -24.87
C THR N 216 25.07 -12.85 -25.48
N SER N 217 25.52 -12.97 -26.73
CA SER N 217 26.14 -11.85 -27.41
C SER N 217 25.13 -10.74 -27.66
N LEU N 218 24.08 -11.06 -28.42
CA LEU N 218 23.02 -10.10 -28.74
C LEU N 218 22.51 -9.41 -27.47
N LEU N 219 22.43 -10.14 -26.36
CA LEU N 219 21.97 -9.53 -25.12
C LEU N 219 23.04 -8.68 -24.46
N TYR N 220 24.32 -8.93 -24.76
CA TYR N 220 25.36 -8.12 -24.16
C TYR N 220 25.32 -6.77 -24.86
N TYR N 221 25.04 -6.82 -26.15
CA TYR N 221 24.95 -5.60 -26.92
C TYR N 221 23.75 -4.81 -26.43
N MET N 222 22.63 -5.50 -26.24
CA MET N 222 21.42 -4.86 -25.78
C MET N 222 21.59 -4.24 -24.39
N LYS N 223 22.19 -4.96 -23.46
CA LYS N 223 22.36 -4.42 -22.12
C LYS N 223 23.20 -3.14 -22.20
N ARG N 224 24.32 -3.21 -22.93
CA ARG N 224 25.23 -2.09 -23.10
C ARG N 224 24.51 -0.89 -23.70
N HIS N 225 23.89 -1.10 -24.85
CA HIS N 225 23.14 -0.05 -25.54
C HIS N 225 22.37 0.83 -24.56
N LYS N 226 21.39 0.23 -23.90
CA LYS N 226 20.57 0.94 -22.95
C LYS N 226 21.39 1.63 -21.88
N TRP N 227 22.40 0.93 -21.38
CA TRP N 227 23.24 1.52 -20.35
C TRP N 227 24.17 2.64 -20.79
N SER N 228 24.44 2.75 -22.09
CA SER N 228 25.33 3.80 -22.58
C SER N 228 24.91 5.14 -22.01
N VAL N 229 23.61 5.41 -22.08
CA VAL N 229 23.05 6.64 -21.55
C VAL N 229 23.73 7.01 -20.21
N LEU N 230 23.98 6.00 -19.38
CA LEU N 230 24.59 6.21 -18.07
C LEU N 230 26.11 6.14 -18.04
N LYS N 231 26.68 5.26 -18.88
CA LYS N 231 28.13 5.09 -18.92
C LYS N 231 28.86 6.35 -19.33
N SER N 232 28.35 7.02 -20.36
CA SER N 232 28.96 8.24 -20.86
C SER N 232 28.43 9.50 -20.19
N ARG N 233 27.44 9.32 -19.33
CA ARG N 233 26.84 10.45 -18.64
C ARG N 233 27.87 11.32 -17.95
N LYS N 234 27.81 12.62 -18.22
CA LYS N 234 28.71 13.60 -17.62
C LYS N 234 27.91 14.53 -16.72
N MET N 235 28.50 14.94 -15.60
CA MET N 235 27.81 15.85 -14.69
C MET N 235 28.76 16.89 -14.11
N ALA N 236 28.21 17.97 -13.55
CA ALA N 236 29.02 19.02 -12.97
C ALA N 236 28.28 19.76 -11.86
N TYR N 237 29.03 20.28 -10.88
CA TYR N 237 28.43 21.02 -9.78
C TYR N 237 28.61 22.52 -10.00
N ARG N 238 27.56 23.19 -10.46
CA ARG N 238 27.60 24.62 -10.70
C ARG N 238 26.83 25.43 -9.66
N PRO N 239 27.36 25.50 -8.42
CA PRO N 239 26.68 26.26 -7.37
C PRO N 239 26.52 27.71 -7.76
N PRO N 240 25.67 28.45 -7.05
CA PRO N 240 25.44 29.86 -7.33
C PRO N 240 26.60 30.72 -6.83
N LYS N 241 26.87 31.80 -7.56
CA LYS N 241 27.98 32.69 -7.21
C LYS N 241 27.50 34.11 -6.82
N VAL O 1 25.75 32.26 -14.59
CA VAL O 1 24.48 32.39 -15.35
C VAL O 1 24.30 31.24 -16.33
N HIS O 2 23.06 30.93 -16.69
CA HIS O 2 22.83 29.80 -17.58
C HIS O 2 23.39 29.99 -18.98
N ASN O 3 23.99 31.15 -19.24
CA ASN O 3 24.57 31.38 -20.56
C ASN O 3 25.96 30.75 -20.63
N ASP O 4 26.57 30.59 -19.47
CA ASP O 4 27.91 30.02 -19.33
C ASP O 4 27.86 28.51 -19.24
N VAL O 5 26.74 27.93 -19.63
CA VAL O 5 26.64 26.48 -19.57
C VAL O 5 26.67 25.93 -20.97
N THR O 6 27.55 24.95 -21.18
CA THR O 6 27.70 24.30 -22.48
C THR O 6 27.55 22.80 -22.29
N VAL O 7 27.06 22.13 -23.31
CA VAL O 7 26.95 20.68 -23.23
C VAL O 7 28.36 20.23 -23.58
N PRO O 8 28.95 19.34 -22.77
CA PRO O 8 30.30 18.86 -23.06
C PRO O 8 30.41 18.20 -24.43
N ASP O 9 31.60 17.73 -24.73
CA ASP O 9 31.86 17.09 -26.00
C ASP O 9 31.66 15.59 -25.84
N PHE O 10 30.96 14.97 -26.79
CA PHE O 10 30.68 13.53 -26.76
C PHE O 10 31.23 12.80 -27.99
N SER O 11 32.40 13.22 -28.47
CA SER O 11 32.99 12.59 -29.65
C SER O 11 33.62 11.26 -29.30
N ALA O 12 34.11 11.15 -28.06
CA ALA O 12 34.71 9.92 -27.60
C ALA O 12 33.68 8.79 -27.62
N TYR O 13 32.40 9.15 -27.66
CA TYR O 13 31.31 8.20 -27.63
C TYR O 13 30.42 8.20 -28.85
N ARG O 14 30.28 9.34 -29.51
CA ARG O 14 29.44 9.44 -30.69
C ARG O 14 29.70 8.38 -31.73
N ARG O 15 28.65 8.01 -32.44
CA ARG O 15 28.75 7.02 -33.48
C ARG O 15 29.36 7.74 -34.66
N GLU O 16 30.32 7.09 -35.30
CA GLU O 16 31.02 7.65 -36.44
C GLU O 16 30.15 8.44 -37.42
N ASP O 17 28.89 8.04 -37.60
CA ASP O 17 28.05 8.75 -38.54
C ASP O 17 27.39 10.04 -38.06
N VAL O 18 27.63 10.40 -36.80
CA VAL O 18 27.06 11.63 -36.24
C VAL O 18 28.14 12.36 -35.45
N MET O 19 29.38 12.23 -35.92
CA MET O 19 30.52 12.85 -35.28
C MET O 19 30.74 14.28 -35.78
N ASP O 20 30.41 14.51 -37.04
CA ASP O 20 30.55 15.83 -37.67
C ASP O 20 29.39 16.77 -37.34
N ALA O 21 29.67 17.74 -36.47
CA ALA O 21 28.70 18.73 -36.01
C ALA O 21 28.08 19.61 -37.08
N THR O 22 28.39 19.33 -38.34
CA THR O 22 27.85 20.15 -39.41
C THR O 22 27.11 19.32 -40.43
N THR O 23 26.76 18.09 -40.05
CA THR O 23 26.04 17.20 -40.94
C THR O 23 24.74 16.76 -40.27
N SER O 24 23.64 16.83 -41.02
CA SER O 24 22.33 16.44 -40.49
C SER O 24 22.42 15.02 -39.96
N SER O 25 22.32 14.86 -38.64
CA SER O 25 22.40 13.52 -38.03
C SER O 25 21.26 12.66 -38.56
N GLN O 26 20.19 13.31 -39.01
CA GLN O 26 19.01 12.62 -39.54
C GLN O 26 19.23 11.58 -40.65
N THR O 27 20.08 11.89 -41.62
CA THR O 27 20.32 10.94 -42.71
C THR O 27 20.84 9.57 -42.20
N SER O 28 21.70 9.58 -41.19
CA SER O 28 22.25 8.34 -40.63
C SER O 28 21.35 7.70 -39.55
N SER O 29 20.27 8.39 -39.18
CA SER O 29 19.35 7.92 -38.15
C SER O 29 18.77 6.53 -38.45
N GLU O 30 18.12 6.39 -39.60
CA GLU O 30 17.52 5.12 -40.00
C GLU O 30 18.45 3.92 -39.85
N ASP O 31 19.74 4.15 -40.04
CA ASP O 31 20.71 3.06 -39.94
C ASP O 31 21.07 2.84 -38.49
N ARG O 32 21.34 3.92 -37.78
CA ARG O 32 21.70 3.82 -36.37
C ARG O 32 20.59 3.08 -35.63
N LYS O 33 19.35 3.41 -35.98
CA LYS O 33 18.19 2.75 -35.38
C LYS O 33 17.96 1.39 -36.02
N GLY O 34 18.06 1.31 -37.33
CA GLY O 34 17.87 0.03 -37.99
C GLY O 34 18.81 -1.05 -37.46
N PHE O 35 20.05 -0.67 -37.17
CA PHE O 35 21.02 -1.63 -36.69
C PHE O 35 20.72 -2.15 -35.31
N SER O 36 20.52 -1.23 -34.36
CA SER O 36 20.22 -1.60 -33.00
C SER O 36 18.97 -2.43 -32.90
N TYR O 37 17.94 -2.02 -33.63
CA TYR O 37 16.70 -2.75 -33.61
C TYR O 37 16.88 -4.14 -34.20
N LEU O 38 17.82 -4.27 -35.14
CA LEU O 38 18.12 -5.56 -35.79
C LEU O 38 18.69 -6.52 -34.74
N VAL O 39 19.59 -6.01 -33.92
CA VAL O 39 20.17 -6.83 -32.87
C VAL O 39 19.02 -7.40 -32.06
N THR O 40 18.17 -6.49 -31.59
CA THR O 40 17.01 -6.86 -30.79
C THR O 40 16.13 -7.88 -31.52
N ALA O 41 15.71 -7.54 -32.73
CA ALA O 41 14.88 -8.45 -33.49
C ALA O 41 15.52 -9.85 -33.49
N THR O 42 16.81 -9.90 -33.75
CA THR O 42 17.53 -11.16 -33.78
C THR O 42 17.46 -11.87 -32.43
N ALA O 43 17.69 -11.13 -31.35
CA ALA O 43 17.63 -11.73 -30.04
C ALA O 43 16.23 -12.34 -29.87
N CYS O 44 15.21 -11.61 -30.29
CA CYS O 44 13.86 -12.13 -30.17
C CYS O 44 13.76 -13.45 -30.92
N VAL O 45 14.24 -13.47 -32.16
CA VAL O 45 14.20 -14.70 -32.96
C VAL O 45 14.91 -15.85 -32.23
N ALA O 46 16.08 -15.56 -31.65
CA ALA O 46 16.81 -16.60 -30.93
C ALA O 46 15.98 -17.13 -29.78
N THR O 47 15.52 -16.23 -28.91
CA THR O 47 14.72 -16.62 -27.76
C THR O 47 13.47 -17.36 -28.23
N ALA O 48 12.83 -16.84 -29.28
CA ALA O 48 11.65 -17.48 -29.82
C ALA O 48 11.99 -18.92 -30.14
N TYR O 49 13.16 -19.14 -30.73
CA TYR O 49 13.59 -20.49 -31.08
C TYR O 49 13.74 -21.32 -29.81
N ALA O 50 14.54 -20.83 -28.88
CA ALA O 50 14.79 -21.53 -27.63
C ALA O 50 13.49 -21.84 -26.91
N ALA O 51 12.60 -20.86 -26.87
CA ALA O 51 11.31 -21.00 -26.22
C ALA O 51 10.47 -22.11 -26.86
N LYS O 52 10.23 -21.98 -28.15
CA LYS O 52 9.43 -22.97 -28.87
C LYS O 52 9.93 -24.39 -28.57
N ASN O 53 11.24 -24.58 -28.57
CA ASN O 53 11.78 -25.89 -28.30
C ASN O 53 11.55 -26.35 -26.87
N VAL O 54 11.84 -25.50 -25.89
CA VAL O 54 11.61 -25.93 -24.52
C VAL O 54 10.14 -26.23 -24.29
N VAL O 55 9.26 -25.43 -24.86
CA VAL O 55 7.85 -25.68 -24.68
C VAL O 55 7.49 -27.01 -25.32
N THR O 56 7.92 -27.19 -26.55
CA THR O 56 7.69 -28.41 -27.30
C THR O 56 8.07 -29.63 -26.44
N GLN O 57 9.32 -29.68 -26.01
CA GLN O 57 9.80 -30.77 -25.19
C GLN O 57 8.94 -30.97 -23.98
N PHE O 58 8.83 -29.94 -23.16
CA PHE O 58 8.03 -30.03 -21.95
C PHE O 58 6.61 -30.47 -22.25
N ILE O 59 5.98 -29.89 -23.26
CA ILE O 59 4.61 -30.27 -23.61
C ILE O 59 4.52 -31.75 -23.92
N SER O 60 5.52 -32.29 -24.58
CA SER O 60 5.50 -33.70 -24.94
C SER O 60 5.91 -34.63 -23.79
N SER O 61 6.31 -34.06 -22.67
CA SER O 61 6.70 -34.87 -21.52
C SER O 61 5.40 -35.35 -20.89
N LEU O 62 4.30 -34.86 -21.42
CA LEU O 62 2.97 -35.19 -20.93
C LEU O 62 2.32 -36.31 -21.72
N SER O 63 2.60 -36.36 -23.02
CA SER O 63 2.04 -37.36 -23.91
C SER O 63 2.46 -38.75 -23.49
N ALA O 64 1.88 -39.74 -24.15
CA ALA O 64 2.18 -41.13 -23.84
C ALA O 64 3.67 -41.43 -23.91
N SER O 65 4.17 -42.22 -22.96
CA SER O 65 5.59 -42.57 -22.92
C SER O 65 5.91 -43.75 -23.84
N ALA O 66 7.18 -44.11 -23.90
CA ALA O 66 7.60 -45.22 -24.75
C ALA O 66 7.22 -46.58 -24.19
N ASP O 67 7.10 -46.69 -22.87
CA ASP O 67 6.74 -47.96 -22.26
C ASP O 67 5.31 -48.32 -22.67
N VAL O 68 4.61 -47.38 -23.29
CA VAL O 68 3.26 -47.61 -23.76
C VAL O 68 3.34 -48.40 -25.07
N LEU O 69 3.20 -49.72 -24.95
CA LEU O 69 3.26 -50.67 -26.04
C LEU O 69 2.37 -50.38 -27.26
N ALA O 70 2.40 -51.33 -28.19
CA ALA O 70 1.64 -51.33 -29.42
C ALA O 70 1.41 -52.84 -29.54
N LEU O 71 0.24 -53.32 -29.10
CA LEU O 71 -0.02 -54.76 -29.11
C LEU O 71 -1.02 -55.47 -30.03
N SER O 72 -0.94 -56.79 -29.88
CA SER O 72 -1.66 -57.84 -30.59
C SER O 72 -3.17 -57.87 -30.78
N LYS O 73 -3.66 -59.11 -30.91
CA LYS O 73 -5.06 -59.47 -31.14
C LYS O 73 -5.61 -60.35 -30.02
N ILE O 74 -6.46 -61.31 -30.37
CA ILE O 74 -7.07 -62.20 -29.38
C ILE O 74 -8.01 -63.22 -30.04
N GLU O 75 -7.84 -64.50 -29.72
CA GLU O 75 -8.69 -65.54 -30.28
C GLU O 75 -9.84 -65.81 -29.33
N ILE O 76 -10.99 -66.18 -29.88
CA ILE O 76 -12.17 -66.45 -29.05
C ILE O 76 -13.02 -67.57 -29.64
N LYS O 77 -13.23 -68.63 -28.86
CA LYS O 77 -14.03 -69.76 -29.30
C LYS O 77 -15.52 -69.41 -29.26
N LEU O 78 -16.11 -69.30 -30.45
CA LEU O 78 -17.52 -68.97 -30.62
C LEU O 78 -18.47 -69.95 -29.92
N SER O 79 -17.90 -70.92 -29.21
CA SER O 79 -18.68 -71.92 -28.48
C SER O 79 -18.89 -71.49 -27.02
N ASP O 80 -18.00 -70.63 -26.53
CA ASP O 80 -18.09 -70.13 -25.16
C ASP O 80 -19.19 -69.06 -25.13
N ILE O 81 -19.57 -68.63 -26.31
CA ILE O 81 -20.60 -67.62 -26.44
C ILE O 81 -21.84 -68.22 -27.09
N PRO O 82 -22.70 -68.86 -26.29
CA PRO O 82 -23.94 -69.47 -26.79
C PRO O 82 -24.87 -68.42 -27.36
N GLU O 83 -25.81 -68.86 -28.20
CA GLU O 83 -26.75 -67.93 -28.82
C GLU O 83 -27.52 -67.12 -27.78
N GLY O 84 -27.83 -65.86 -28.11
CA GLY O 84 -28.57 -65.00 -27.19
C GLY O 84 -27.76 -64.39 -26.07
N LYS O 85 -26.43 -64.46 -26.18
CA LYS O 85 -25.56 -63.92 -25.14
C LYS O 85 -24.43 -63.05 -25.67
N ASN O 86 -24.02 -62.08 -24.84
CA ASN O 86 -22.94 -61.16 -25.15
C ASN O 86 -21.89 -61.39 -24.07
N VAL O 87 -20.62 -61.27 -24.43
CA VAL O 87 -19.55 -61.47 -23.46
C VAL O 87 -18.43 -60.47 -23.66
N ALA O 88 -17.89 -59.96 -22.55
CA ALA O 88 -16.82 -58.98 -22.60
C ALA O 88 -15.46 -59.59 -22.31
N PHE O 89 -14.45 -59.10 -23.03
CA PHE O 89 -13.09 -59.60 -22.88
C PHE O 89 -12.15 -58.40 -22.76
N LYS O 90 -11.19 -58.49 -21.85
CA LYS O 90 -10.22 -57.41 -21.69
C LYS O 90 -9.53 -57.33 -23.04
N TRP O 91 -9.09 -56.15 -23.44
CA TRP O 91 -8.42 -56.04 -24.72
C TRP O 91 -7.98 -54.64 -25.03
N ARG O 92 -6.76 -54.50 -25.49
CA ARG O 92 -6.20 -53.20 -25.84
C ARG O 92 -6.67 -52.13 -24.85
N GLY O 93 -6.88 -52.56 -23.62
CA GLY O 93 -7.33 -51.62 -22.60
C GLY O 93 -8.80 -51.75 -22.29
N LYS O 94 -9.61 -50.97 -22.98
CA LYS O 94 -11.05 -50.97 -22.79
C LYS O 94 -11.66 -52.28 -23.31
N PRO O 95 -12.88 -52.62 -22.85
CA PRO O 95 -13.58 -53.84 -23.24
C PRO O 95 -13.58 -54.18 -24.73
N LEU O 96 -14.25 -55.29 -25.04
CA LEU O 96 -14.40 -55.79 -26.39
C LEU O 96 -15.57 -56.74 -26.36
N PHE O 97 -16.61 -56.43 -27.12
CA PHE O 97 -17.78 -57.28 -27.14
C PHE O 97 -17.76 -58.29 -28.27
N VAL O 98 -18.42 -59.42 -28.03
CA VAL O 98 -18.56 -60.52 -28.99
C VAL O 98 -19.91 -61.11 -28.58
N ARG O 99 -20.93 -60.79 -29.35
CA ARG O 99 -22.29 -61.23 -29.05
C ARG O 99 -22.92 -62.20 -30.05
N HIS O 100 -23.45 -63.32 -29.57
CA HIS O 100 -24.10 -64.30 -30.42
C HIS O 100 -25.56 -63.88 -30.54
N ARG O 101 -25.94 -63.37 -31.71
CA ARG O 101 -27.30 -62.91 -31.95
C ARG O 101 -28.22 -63.99 -32.47
N THR O 102 -29.38 -64.11 -31.86
CA THR O 102 -30.38 -65.08 -32.30
C THR O 102 -31.00 -64.35 -33.49
N GLN O 103 -31.60 -65.06 -34.43
CA GLN O 103 -32.19 -64.38 -35.57
C GLN O 103 -33.42 -63.59 -35.14
N ALA O 104 -33.82 -63.78 -33.88
CA ALA O 104 -34.98 -63.06 -33.33
C ALA O 104 -34.63 -61.57 -33.31
N GLU O 105 -33.33 -61.31 -33.15
CA GLU O 105 -32.81 -59.95 -33.11
C GLU O 105 -32.30 -59.59 -34.50
N ILE O 106 -31.49 -60.50 -35.07
CA ILE O 106 -30.89 -60.33 -36.39
C ILE O 106 -31.83 -59.67 -37.41
N ASN O 107 -33.14 -59.86 -37.21
CA ASN O 107 -34.14 -59.27 -38.10
C ASN O 107 -34.24 -57.79 -37.80
N GLN O 108 -34.67 -57.47 -36.59
CA GLN O 108 -34.81 -56.08 -36.15
C GLN O 108 -33.63 -55.24 -36.61
N GLU O 109 -32.42 -55.71 -36.32
CA GLU O 109 -31.20 -54.99 -36.66
C GLU O 109 -30.96 -54.77 -38.15
N ALA O 110 -31.69 -55.50 -38.98
CA ALA O 110 -31.56 -55.34 -40.42
C ALA O 110 -32.85 -54.75 -40.96
N GLU O 111 -33.80 -54.53 -40.07
CA GLU O 111 -35.09 -53.98 -40.44
C GLU O 111 -35.42 -52.62 -39.82
N VAL O 112 -34.50 -51.67 -39.88
CA VAL O 112 -34.78 -50.35 -39.31
C VAL O 112 -34.37 -49.22 -40.26
N ASP O 113 -35.09 -48.11 -40.17
CA ASP O 113 -34.82 -46.93 -41.01
C ASP O 113 -33.35 -46.56 -40.93
N VAL O 114 -32.57 -47.07 -41.88
CA VAL O 114 -31.14 -46.77 -41.91
C VAL O 114 -30.92 -45.32 -42.33
N SER O 115 -32.01 -44.62 -42.63
CA SER O 115 -31.96 -43.22 -43.03
C SER O 115 -32.18 -42.35 -41.79
N LYS O 116 -32.82 -42.93 -40.78
CA LYS O 116 -33.10 -42.23 -39.53
C LYS O 116 -32.06 -42.53 -38.47
N LEU O 117 -30.84 -42.82 -38.89
CA LEU O 117 -29.76 -43.11 -37.95
C LEU O 117 -28.77 -41.97 -37.81
N ARG O 118 -28.35 -41.71 -36.59
CA ARG O 118 -27.40 -40.66 -36.31
C ARG O 118 -26.16 -40.93 -37.18
N ASP O 119 -25.61 -42.12 -37.03
CA ASP O 119 -24.44 -42.57 -37.80
C ASP O 119 -25.08 -43.66 -38.65
N PRO O 120 -25.56 -43.30 -39.85
CA PRO O 120 -26.21 -44.23 -40.79
C PRO O 120 -25.30 -45.35 -41.31
N GLN O 121 -25.74 -46.58 -41.08
CA GLN O 121 -25.02 -47.78 -41.48
C GLN O 121 -26.00 -48.93 -41.47
N HIS O 122 -25.72 -49.97 -42.26
CA HIS O 122 -26.61 -51.12 -42.28
C HIS O 122 -25.98 -52.24 -41.47
N ASP O 123 -26.75 -52.82 -40.57
CA ASP O 123 -26.28 -53.89 -39.73
C ASP O 123 -25.35 -54.86 -40.48
N LEU O 124 -25.62 -55.02 -41.78
CA LEU O 124 -24.86 -55.92 -42.63
C LEU O 124 -23.40 -55.49 -42.84
N ASP O 125 -23.21 -54.26 -43.30
CA ASP O 125 -21.87 -53.75 -43.53
C ASP O 125 -21.14 -53.39 -42.24
N ARG O 126 -21.72 -53.78 -41.10
CA ARG O 126 -21.13 -53.53 -39.80
C ARG O 126 -20.40 -54.77 -39.32
N VAL O 127 -21.07 -55.91 -39.42
CA VAL O 127 -20.49 -57.18 -38.99
C VAL O 127 -20.26 -58.10 -40.19
N LYS O 128 -19.90 -59.36 -39.91
CA LYS O 128 -19.65 -60.34 -40.97
C LYS O 128 -20.63 -61.52 -40.86
N LYS O 129 -20.64 -62.19 -39.72
CA LYS O 129 -21.57 -63.29 -39.54
C LYS O 129 -22.74 -62.81 -38.71
N PRO O 130 -23.93 -62.71 -39.33
CA PRO O 130 -25.21 -62.27 -38.79
C PRO O 130 -25.64 -62.82 -37.43
N GLU O 131 -24.93 -63.83 -36.94
CA GLU O 131 -25.24 -64.41 -35.63
C GLU O 131 -24.22 -63.88 -34.63
N TRP O 132 -23.20 -63.20 -35.14
CA TRP O 132 -22.16 -62.63 -34.30
C TRP O 132 -21.97 -61.14 -34.58
N VAL O 133 -21.91 -60.34 -33.52
CA VAL O 133 -21.67 -58.90 -33.64
C VAL O 133 -20.48 -58.58 -32.74
N ILE O 134 -19.47 -57.92 -33.31
CA ILE O 134 -18.28 -57.58 -32.54
C ILE O 134 -17.94 -56.11 -32.61
N LEU O 135 -17.84 -55.50 -31.42
CA LEU O 135 -17.54 -54.07 -31.29
C LEU O 135 -16.77 -53.74 -29.99
N VAL O 136 -16.18 -52.55 -29.95
CA VAL O 136 -15.43 -52.10 -28.78
C VAL O 136 -16.40 -51.48 -27.78
N GLY O 137 -16.62 -52.16 -26.66
CA GLY O 137 -17.55 -51.69 -25.64
C GLY O 137 -17.27 -50.38 -24.93
N VAL O 138 -17.31 -49.28 -25.69
CA VAL O 138 -17.06 -47.96 -25.14
C VAL O 138 -18.04 -46.98 -25.74
N CYS O 139 -18.84 -46.34 -24.90
CA CYS O 139 -19.81 -45.36 -25.39
C CYS O 139 -19.04 -44.28 -26.13
N THR O 140 -19.52 -43.88 -27.29
CA THR O 140 -18.87 -42.84 -28.08
C THR O 140 -19.12 -41.44 -27.50
N HIS O 141 -20.00 -41.34 -26.51
CA HIS O 141 -20.33 -40.07 -25.86
C HIS O 141 -19.12 -39.59 -25.08
N LEU O 142 -18.99 -40.09 -23.85
CA LEU O 142 -17.89 -39.73 -22.99
C LEU O 142 -17.17 -40.92 -22.38
N GLY O 143 -17.15 -42.02 -23.12
CA GLY O 143 -16.39 -43.19 -22.68
C GLY O 143 -16.81 -44.29 -21.70
N CYS O 144 -18.03 -44.26 -21.16
CA CYS O 144 -18.42 -45.30 -20.22
C CYS O 144 -18.68 -46.59 -20.97
N VAL O 145 -18.71 -47.70 -20.25
CA VAL O 145 -18.96 -49.01 -20.84
C VAL O 145 -20.44 -49.27 -20.94
N PRO O 146 -20.94 -49.43 -22.17
CA PRO O 146 -22.37 -49.70 -22.41
C PRO O 146 -22.74 -51.04 -21.78
N ILE O 147 -23.89 -51.08 -21.12
CA ILE O 147 -24.34 -52.30 -20.47
C ILE O 147 -25.09 -53.16 -21.48
N ALA O 148 -24.69 -54.43 -21.61
CA ALA O 148 -25.33 -55.35 -22.57
C ALA O 148 -26.67 -55.83 -22.08
N ASN O 149 -27.63 -55.91 -23.00
CA ASN O 149 -28.98 -56.36 -22.66
C ASN O 149 -29.71 -55.36 -21.78
N SER O 150 -29.77 -54.12 -22.24
CA SER O 150 -30.49 -53.10 -21.50
C SER O 150 -30.81 -51.97 -22.47
N GLY O 151 -31.79 -51.16 -22.12
CA GLY O 151 -32.18 -50.08 -23.00
C GLY O 151 -33.45 -50.48 -23.69
N ASP O 152 -33.81 -49.76 -24.75
CA ASP O 152 -35.04 -50.07 -25.45
C ASP O 152 -34.78 -50.58 -26.85
N PHE O 153 -33.55 -50.98 -27.13
CA PHE O 153 -33.23 -51.47 -28.46
C PHE O 153 -32.52 -52.82 -28.46
N GLY O 154 -32.82 -53.62 -27.45
CA GLY O 154 -32.23 -54.94 -27.34
C GLY O 154 -30.74 -54.97 -27.61
N GLY O 155 -30.08 -53.84 -27.41
CA GLY O 155 -28.65 -53.77 -27.64
C GLY O 155 -27.94 -53.51 -26.32
N TYR O 156 -27.57 -52.25 -26.10
CA TYR O 156 -26.90 -51.88 -24.87
C TYR O 156 -27.42 -50.56 -24.38
N TYR O 157 -27.07 -50.24 -23.14
CA TYR O 157 -27.45 -48.99 -22.51
C TYR O 157 -26.27 -48.42 -21.73
N CYS O 158 -25.93 -47.16 -21.98
CA CYS O 158 -24.84 -46.54 -21.25
C CYS O 158 -25.47 -45.86 -20.06
N PRO O 159 -25.10 -46.28 -18.84
CA PRO O 159 -25.62 -45.75 -17.59
C PRO O 159 -25.13 -44.36 -17.20
N CYS O 160 -24.28 -43.77 -18.03
CA CYS O 160 -23.73 -42.48 -17.71
C CYS O 160 -24.62 -41.31 -18.10
N HIS O 161 -25.18 -41.33 -19.31
CA HIS O 161 -26.05 -40.25 -19.74
C HIS O 161 -27.22 -40.72 -20.60
N GLY O 162 -27.48 -42.03 -20.57
CA GLY O 162 -28.59 -42.60 -21.31
C GLY O 162 -28.50 -42.76 -22.82
N SER O 163 -27.47 -43.43 -23.29
CA SER O 163 -27.37 -43.65 -24.72
C SER O 163 -27.87 -45.06 -24.97
N HIS O 164 -28.80 -45.20 -25.89
CA HIS O 164 -29.36 -46.51 -26.21
C HIS O 164 -28.74 -47.03 -27.51
N TYR O 165 -28.12 -48.21 -27.44
CA TYR O 165 -27.53 -48.83 -28.63
C TYR O 165 -28.36 -50.07 -28.94
N ASP O 166 -28.40 -50.46 -30.21
CA ASP O 166 -29.14 -51.63 -30.64
C ASP O 166 -28.25 -52.87 -30.61
N ALA O 167 -28.76 -53.97 -31.14
CA ALA O 167 -28.02 -55.23 -31.16
C ALA O 167 -26.87 -55.19 -32.16
N SER O 168 -26.81 -54.09 -32.90
CA SER O 168 -25.76 -53.89 -33.87
C SER O 168 -24.72 -52.94 -33.27
N GLY O 169 -25.05 -52.42 -32.08
CA GLY O 169 -24.15 -51.49 -31.41
C GLY O 169 -24.25 -50.09 -31.98
N ARG O 170 -25.36 -49.81 -32.66
CA ARG O 170 -25.58 -48.49 -33.26
C ARG O 170 -26.33 -47.57 -32.30
N ILE O 171 -25.98 -46.29 -32.36
CA ILE O 171 -26.61 -45.32 -31.49
C ILE O 171 -28.02 -45.05 -32.01
N ARG O 172 -29.00 -45.35 -31.15
CA ARG O 172 -30.41 -45.19 -31.48
C ARG O 172 -31.10 -44.08 -30.72
N LYS O 173 -30.65 -43.84 -29.50
CA LYS O 173 -31.26 -42.81 -28.66
C LYS O 173 -30.18 -42.37 -27.67
N GLY O 174 -30.26 -41.13 -27.18
CA GLY O 174 -29.27 -40.65 -26.23
C GLY O 174 -28.36 -39.57 -26.79
N PRO O 175 -27.37 -39.10 -26.02
CA PRO O 175 -26.44 -38.05 -26.48
C PRO O 175 -25.24 -38.52 -27.28
N ALA O 176 -24.95 -39.82 -27.26
CA ALA O 176 -23.82 -40.38 -28.00
C ALA O 176 -23.89 -39.98 -29.46
N PRO O 177 -22.75 -39.58 -30.05
CA PRO O 177 -22.71 -39.15 -31.46
C PRO O 177 -22.61 -40.23 -32.51
N TYR O 178 -21.88 -41.30 -32.24
CA TYR O 178 -21.71 -42.37 -33.24
C TYR O 178 -22.05 -43.77 -32.71
N ASN O 179 -21.94 -44.77 -33.60
CA ASN O 179 -22.22 -46.16 -33.23
C ASN O 179 -20.96 -46.79 -32.65
N LEU O 180 -21.12 -47.68 -31.68
CA LEU O 180 -19.99 -48.33 -31.04
C LEU O 180 -19.01 -48.77 -32.12
N GLU O 181 -17.72 -48.58 -31.85
CA GLU O 181 -16.68 -48.92 -32.80
C GLU O 181 -16.59 -50.39 -33.17
N VAL O 182 -16.27 -50.64 -34.44
CA VAL O 182 -16.12 -52.02 -34.93
C VAL O 182 -14.65 -52.26 -35.19
N PRO O 183 -14.10 -53.32 -34.59
CA PRO O 183 -12.69 -53.68 -34.75
C PRO O 183 -12.47 -54.53 -35.98
N THR O 184 -11.20 -54.76 -36.32
CA THR O 184 -10.85 -55.57 -37.47
C THR O 184 -10.67 -57.01 -37.02
N TYR O 185 -11.54 -57.90 -37.51
CA TYR O 185 -11.47 -59.29 -37.13
C TYR O 185 -11.60 -60.25 -38.33
N GLN O 186 -11.55 -61.55 -38.07
CA GLN O 186 -11.66 -62.54 -39.13
C GLN O 186 -12.04 -63.91 -38.57
N PHE O 187 -13.16 -64.46 -39.05
CA PHE O 187 -13.64 -65.78 -38.61
C PHE O 187 -12.74 -66.89 -39.17
N VAL O 188 -11.59 -67.13 -38.53
CA VAL O 188 -10.64 -68.14 -38.99
C VAL O 188 -10.87 -69.58 -38.51
N GLY O 189 -12.00 -69.84 -37.87
CA GLY O 189 -12.27 -71.18 -37.40
C GLY O 189 -13.69 -71.63 -37.65
N ASP O 190 -14.05 -72.80 -37.12
CA ASP O 190 -15.39 -73.35 -37.26
C ASP O 190 -16.22 -72.70 -36.16
N ASP O 191 -15.61 -72.64 -34.98
CA ASP O 191 -16.21 -72.04 -33.81
C ASP O 191 -15.06 -71.39 -33.03
N LEU O 192 -14.22 -70.67 -33.77
CA LEU O 192 -13.07 -69.96 -33.22
C LEU O 192 -12.77 -68.74 -34.08
N VAL O 193 -13.15 -67.56 -33.58
CA VAL O 193 -12.94 -66.29 -34.28
C VAL O 193 -11.80 -65.46 -33.67
N VAL O 194 -11.11 -64.71 -34.51
CA VAL O 194 -9.99 -63.90 -34.07
C VAL O 194 -10.19 -62.43 -34.41
N VAL O 195 -10.01 -61.58 -33.40
CA VAL O 195 -10.16 -60.14 -33.55
C VAL O 195 -8.79 -59.48 -33.44
N GLY O 196 -8.69 -58.22 -33.86
CA GLY O 196 -7.43 -57.51 -33.78
C GLY O 196 -6.70 -57.47 -35.11
N GLY P 10 52.77 7.50 19.25
CA GLY P 10 53.40 8.74 18.68
C GLY P 10 53.14 8.91 17.19
N ARG P 11 54.10 9.50 16.49
CA ARG P 11 53.99 9.74 15.04
C ARG P 11 53.95 8.41 14.28
N LEU P 12 53.66 7.34 15.01
CA LEU P 12 53.57 6.00 14.44
C LEU P 12 52.27 5.85 13.66
N MET P 13 51.16 5.73 14.40
CA MET P 13 49.86 5.58 13.76
C MET P 13 49.54 6.81 12.92
N ASP P 14 50.31 7.88 13.14
CA ASP P 14 50.14 9.13 12.41
C ASP P 14 50.50 8.91 10.94
N ARG P 15 51.46 8.02 10.69
CA ARG P 15 51.86 7.69 9.33
C ARG P 15 51.08 6.45 8.96
N ILE P 16 50.76 5.64 9.97
CA ILE P 16 49.95 4.45 9.77
C ILE P 16 48.67 4.96 9.14
N ARG P 17 48.05 5.92 9.81
CA ARG P 17 46.82 6.54 9.32
C ARG P 17 46.94 6.94 7.85
N LYS P 18 47.97 7.71 7.50
CA LYS P 18 48.14 8.14 6.12
C LYS P 18 48.20 6.91 5.20
N TRP P 19 48.81 5.84 5.68
CA TRP P 19 48.89 4.61 4.88
C TRP P 19 47.49 4.07 4.63
N TYR P 20 46.77 3.84 5.72
CA TYR P 20 45.41 3.31 5.66
C TYR P 20 44.55 4.18 4.77
N TYR P 21 44.64 5.50 4.94
CA TYR P 21 43.86 6.43 4.14
C TYR P 21 44.06 6.18 2.64
N ASN P 22 45.27 5.83 2.25
CA ASN P 22 45.54 5.58 0.84
C ASN P 22 45.13 4.18 0.49
N ALA P 23 45.23 3.28 1.45
CA ALA P 23 44.85 1.89 1.26
C ALA P 23 43.33 1.78 1.06
N ALA P 24 42.57 2.46 1.92
CA ALA P 24 41.11 2.46 1.85
C ALA P 24 40.73 2.84 0.42
N GLY P 25 41.30 3.94 -0.07
CA GLY P 25 41.05 4.36 -1.43
C GLY P 25 39.80 5.16 -1.78
N PHE P 26 38.98 5.49 -0.79
CA PHE P 26 37.74 6.23 -1.09
C PHE P 26 38.01 7.57 -1.72
N ASN P 27 39.26 8.01 -1.67
CA ASN P 27 39.62 9.27 -2.28
C ASN P 27 39.77 9.14 -3.81
N LYS P 28 39.98 7.93 -4.31
CA LYS P 28 40.11 7.79 -5.75
C LYS P 28 38.78 8.14 -6.42
N TYR P 29 37.75 8.22 -5.58
CA TYR P 29 36.39 8.56 -6.02
C TYR P 29 36.11 10.03 -5.79
N GLY P 30 36.96 10.67 -4.99
CA GLY P 30 36.77 12.08 -4.71
C GLY P 30 36.01 12.30 -3.42
N LEU P 31 35.91 11.26 -2.61
CA LEU P 31 35.18 11.37 -1.34
C LEU P 31 36.10 11.69 -0.19
N MET P 32 35.53 12.31 0.84
CA MET P 32 36.28 12.62 2.03
C MET P 32 35.91 11.48 2.97
N ARG P 33 36.69 11.30 4.02
CA ARG P 33 36.43 10.26 5.01
C ARG P 33 34.96 10.35 5.45
N ASP P 34 34.53 11.56 5.79
CA ASP P 34 33.16 11.74 6.23
C ASP P 34 32.09 11.35 5.22
N ASP P 35 32.37 11.48 3.92
CA ASP P 35 31.37 11.09 2.92
C ASP P 35 31.02 9.61 3.02
N THR P 36 32.02 8.77 3.23
CA THR P 36 31.83 7.34 3.30
C THR P 36 31.16 6.83 4.58
N LEU P 37 30.92 7.72 5.54
CA LEU P 37 30.30 7.31 6.79
C LEU P 37 28.97 6.65 6.53
N TYR P 38 28.67 5.57 7.25
CA TYR P 38 27.40 4.88 7.10
C TYR P 38 26.38 5.76 7.80
N GLU P 39 25.24 6.00 7.15
CA GLU P 39 24.22 6.87 7.72
C GLU P 39 23.30 6.29 8.78
N ASP P 40 23.78 6.08 10.00
CA ASP P 40 22.89 5.59 11.03
C ASP P 40 22.14 6.81 11.54
N ASP P 41 21.41 6.67 12.64
CA ASP P 41 20.63 7.77 13.23
C ASP P 41 21.46 9.01 13.52
N ASP P 42 22.56 8.82 14.24
CA ASP P 42 23.47 9.90 14.63
C ASP P 42 23.96 10.68 13.42
N VAL P 43 24.45 9.95 12.43
CA VAL P 43 24.95 10.59 11.22
C VAL P 43 23.86 11.36 10.46
N LYS P 44 22.67 10.78 10.37
CA LYS P 44 21.58 11.43 9.65
C LYS P 44 21.23 12.74 10.33
N GLU P 45 21.28 12.73 11.65
CA GLU P 45 20.97 13.93 12.40
C GLU P 45 22.02 14.99 12.13
N ALA P 46 23.27 14.55 12.05
CA ALA P 46 24.39 15.44 11.79
C ALA P 46 24.21 16.05 10.43
N LEU P 47 24.09 15.21 9.42
CA LEU P 47 23.90 15.67 8.07
C LEU P 47 22.86 16.76 8.00
N LYS P 48 21.87 16.70 8.89
CA LYS P 48 20.81 17.70 8.89
C LYS P 48 21.30 19.08 9.28
N ARG P 49 22.21 19.14 10.25
CA ARG P 49 22.74 20.41 10.73
C ARG P 49 23.72 21.09 9.77
N LEU P 50 24.31 20.32 8.84
CA LEU P 50 25.26 20.87 7.88
C LEU P 50 24.78 22.11 7.13
N PRO P 51 25.61 23.15 7.08
CA PRO P 51 25.29 24.40 6.39
C PRO P 51 24.95 23.97 4.98
N GLU P 52 24.23 24.78 4.22
CA GLU P 52 23.85 24.30 2.91
C GLU P 52 24.97 24.02 1.93
N ASP P 53 25.91 24.94 1.78
CA ASP P 53 27.03 24.72 0.86
C ASP P 53 27.68 23.34 1.11
N LEU P 54 28.07 23.10 2.36
CA LEU P 54 28.70 21.85 2.75
C LEU P 54 27.84 20.64 2.38
N TYR P 55 26.54 20.76 2.62
CA TYR P 55 25.60 19.69 2.29
C TYR P 55 25.52 19.49 0.78
N ASN P 56 25.33 20.58 0.03
CA ASN P 56 25.23 20.47 -1.41
C ASN P 56 26.50 19.90 -2.02
N GLU P 57 27.63 20.26 -1.43
CA GLU P 57 28.91 19.77 -1.92
C GLU P 57 29.05 18.26 -1.70
N ARG P 58 28.76 17.84 -0.47
CA ARG P 58 28.82 16.43 -0.11
C ARG P 58 27.98 15.63 -1.06
N MET P 59 26.81 16.18 -1.39
CA MET P 59 25.90 15.50 -2.31
C MET P 59 26.58 15.26 -3.63
N PHE P 60 27.04 16.35 -4.25
CA PHE P 60 27.71 16.23 -5.54
C PHE P 60 28.86 15.23 -5.49
N ARG P 61 29.70 15.31 -4.46
CA ARG P 61 30.81 14.38 -4.33
C ARG P 61 30.29 12.94 -4.42
N ILE P 62 29.24 12.67 -3.63
CA ILE P 62 28.61 11.36 -3.60
C ILE P 62 28.02 11.01 -4.95
N LYS P 63 27.15 11.85 -5.48
CA LYS P 63 26.55 11.57 -6.77
C LYS P 63 27.59 11.27 -7.85
N ARG P 64 28.73 11.95 -7.78
CA ARG P 64 29.81 11.76 -8.77
C ARG P 64 30.48 10.40 -8.54
N ALA P 65 30.60 10.02 -7.28
CA ALA P 65 31.21 8.76 -6.93
C ALA P 65 30.31 7.62 -7.41
N LEU P 66 29.01 7.77 -7.22
CA LEU P 66 28.08 6.74 -7.65
C LEU P 66 28.20 6.58 -9.17
N ASP P 67 28.31 7.71 -9.87
CA ASP P 67 28.45 7.69 -11.33
C ASP P 67 29.74 6.99 -11.72
N LEU P 68 30.79 7.21 -10.93
CA LEU P 68 32.09 6.60 -11.16
C LEU P 68 31.97 5.11 -10.99
N SER P 69 31.27 4.70 -9.91
CA SER P 69 31.07 3.29 -9.62
C SER P 69 30.30 2.55 -10.73
N LEU P 70 29.19 3.12 -11.17
CA LEU P 70 28.40 2.50 -12.24
C LEU P 70 29.27 2.38 -13.49
N LYS P 71 30.17 3.35 -13.67
CA LYS P 71 31.06 3.39 -14.82
C LYS P 71 32.23 2.43 -14.68
N HIS P 72 32.57 2.06 -13.44
CA HIS P 72 33.69 1.17 -13.16
C HIS P 72 35.00 1.92 -13.42
N ARG P 73 35.02 3.18 -13.04
CA ARG P 73 36.15 4.07 -13.23
C ARG P 73 36.46 4.76 -11.90
N ILE P 74 37.51 5.57 -11.90
CA ILE P 74 37.87 6.37 -10.72
C ILE P 74 38.42 7.68 -11.24
N LEU P 75 38.63 8.63 -10.34
CA LEU P 75 39.15 9.93 -10.77
C LEU P 75 40.61 9.83 -11.21
N PRO P 76 41.07 10.79 -12.04
CA PRO P 76 42.47 10.71 -12.46
C PRO P 76 43.29 10.96 -11.20
N LYS P 77 44.39 10.24 -11.05
CA LYS P 77 45.25 10.36 -9.88
C LYS P 77 45.38 11.81 -9.41
N GLU P 78 45.38 12.74 -10.36
CA GLU P 78 45.52 14.16 -10.05
C GLU P 78 44.36 14.79 -9.26
N GLN P 79 43.22 14.11 -9.20
CA GLN P 79 42.07 14.65 -8.49
C GLN P 79 41.77 13.92 -7.19
N TRP P 80 42.50 12.84 -6.93
CA TRP P 80 42.28 12.10 -5.70
C TRP P 80 42.53 13.01 -4.51
N VAL P 81 41.73 12.89 -3.47
CA VAL P 81 41.90 13.74 -2.29
C VAL P 81 43.18 13.31 -1.59
N LYS P 82 43.93 14.29 -1.09
CA LYS P 82 45.19 14.01 -0.38
C LYS P 82 44.94 13.89 1.10
N TYR P 83 45.52 12.86 1.71
CA TYR P 83 45.32 12.61 3.12
C TYR P 83 45.20 13.84 4.00
N GLU P 84 46.08 14.81 3.77
CA GLU P 84 46.07 16.03 4.59
C GLU P 84 45.08 17.10 4.17
N GLU P 85 44.44 16.90 3.02
CA GLU P 85 43.46 17.87 2.55
C GLU P 85 42.04 17.35 2.75
N ASP P 86 41.91 16.25 3.48
CA ASP P 86 40.60 15.66 3.76
C ASP P 86 39.92 16.50 4.82
N LYS P 87 38.73 16.99 4.51
CA LYS P 87 37.99 17.82 5.45
C LYS P 87 36.97 16.98 6.21
N PRO P 88 37.07 16.94 7.54
CA PRO P 88 36.13 16.18 8.36
C PRO P 88 34.94 17.10 8.67
N TYR P 89 34.31 17.58 7.60
CA TYR P 89 33.20 18.50 7.69
C TYR P 89 32.05 18.07 8.60
N LEU P 90 31.91 16.78 8.85
CA LEU P 90 30.80 16.32 9.69
C LEU P 90 31.26 15.91 11.07
N GLU P 91 32.44 15.31 11.15
CA GLU P 91 33.01 14.84 12.42
C GLU P 91 32.53 15.60 13.66
N PRO P 92 32.78 16.91 13.70
CA PRO P 92 32.37 17.71 14.87
C PRO P 92 30.87 17.69 15.17
N TYR P 93 30.05 17.94 14.14
CA TYR P 93 28.59 17.93 14.27
C TYR P 93 28.20 16.60 14.87
N LEU P 94 28.72 15.54 14.27
CA LEU P 94 28.45 14.19 14.71
C LEU P 94 28.81 14.03 16.20
N LYS P 95 29.94 14.61 16.61
CA LYS P 95 30.33 14.50 18.01
C LYS P 95 29.21 15.02 18.88
N GLU P 96 28.84 16.27 18.64
CA GLU P 96 27.79 16.92 19.40
C GLU P 96 26.52 16.09 19.45
N VAL P 97 26.05 15.71 18.27
CA VAL P 97 24.85 14.89 18.17
C VAL P 97 24.94 13.71 19.14
N ILE P 98 26.04 12.97 19.08
CA ILE P 98 26.20 11.84 19.96
C ILE P 98 26.32 12.26 21.41
N ARG P 99 26.95 13.41 21.62
CA ARG P 99 27.16 13.95 22.95
C ARG P 99 25.76 14.23 23.53
N GLU P 100 24.97 14.96 22.73
CA GLU P 100 23.60 15.36 23.08
C GLU P 100 22.76 14.17 23.46
N ARG P 101 22.82 13.15 22.62
CA ARG P 101 22.06 11.93 22.85
C ARG P 101 22.44 11.25 24.16
N LEU P 102 23.74 11.07 24.37
CA LEU P 102 24.20 10.42 25.60
C LEU P 102 23.63 11.09 26.84
N GLU P 103 23.61 12.42 26.84
CA GLU P 103 23.07 13.15 27.97
C GLU P 103 21.61 12.76 28.21
N ARG P 104 20.78 12.91 27.17
CA ARG P 104 19.37 12.56 27.28
C ARG P 104 19.32 11.16 27.89
N GLU P 105 20.03 10.24 27.28
CA GLU P 105 20.05 8.87 27.75
C GLU P 105 20.35 8.70 29.23
N ALA P 106 21.46 9.26 29.68
CA ALA P 106 21.83 9.15 31.09
C ALA P 106 20.74 9.77 31.93
N TRP P 107 20.23 10.89 31.46
CA TRP P 107 19.18 11.60 32.17
C TRP P 107 17.88 10.81 32.31
N ASN P 108 17.49 10.10 31.26
CA ASN P 108 16.25 9.33 31.28
C ASN P 108 16.31 8.07 32.13
N LYS P 109 17.52 7.58 32.40
CA LYS P 109 17.69 6.39 33.21
C LYS P 109 17.72 6.84 34.66
N LYS P 110 18.03 8.13 34.84
CA LYS P 110 18.15 8.78 36.15
C LYS P 110 16.85 8.81 36.95
N GLY Q 1 3.91 3.24 -1.95
CA GLY Q 1 4.53 2.56 -3.14
C GLY Q 1 5.54 3.38 -3.92
N ILE Q 2 5.10 4.53 -4.46
CA ILE Q 2 5.94 5.43 -5.26
C ILE Q 2 7.04 6.19 -4.47
N HIS Q 3 8.28 6.02 -4.93
CA HIS Q 3 9.45 6.61 -4.31
C HIS Q 3 10.10 7.75 -5.08
N PHE Q 4 10.09 7.69 -6.40
CA PHE Q 4 10.70 8.75 -7.21
C PHE Q 4 10.05 10.13 -7.09
N GLY Q 5 10.68 11.00 -6.30
CA GLY Q 5 10.16 12.34 -6.08
C GLY Q 5 10.42 12.81 -4.66
N ASN Q 6 10.64 11.86 -3.75
CA ASN Q 6 10.90 12.16 -2.35
C ASN Q 6 12.38 12.03 -2.09
N LEU Q 7 12.89 10.85 -2.43
CA LEU Q 7 14.29 10.46 -2.27
C LEU Q 7 15.24 11.41 -1.51
N ALA Q 8 15.72 12.47 -2.16
CA ALA Q 8 16.62 13.40 -1.50
C ALA Q 8 16.59 14.81 -2.08
N ARG Q 9 17.18 15.76 -1.35
CA ARG Q 9 17.25 17.17 -1.77
C ARG Q 9 18.58 17.42 -2.43
N VAL Q 10 18.54 17.83 -3.69
CA VAL Q 10 19.75 18.06 -4.46
C VAL Q 10 19.71 19.43 -5.14
N ARG Q 11 20.84 20.12 -5.16
CA ARG Q 11 20.91 21.42 -5.82
C ARG Q 11 22.17 21.64 -6.62
N HIS Q 12 22.01 22.34 -7.73
CA HIS Q 12 23.11 22.73 -8.60
C HIS Q 12 23.90 21.65 -9.29
N ILE Q 13 23.25 20.58 -9.72
CA ILE Q 13 23.98 19.55 -10.39
C ILE Q 13 23.38 19.40 -11.76
N ILE Q 14 24.21 19.62 -12.78
CA ILE Q 14 23.75 19.47 -14.16
C ILE Q 14 24.32 18.18 -14.71
N THR Q 15 23.54 17.50 -15.56
CA THR Q 15 24.01 16.27 -16.17
C THR Q 15 23.70 16.33 -17.67
N TYR Q 16 24.53 15.64 -18.44
CA TYR Q 16 24.35 15.60 -19.89
C TYR Q 16 24.43 14.15 -20.33
N SER Q 17 23.49 13.74 -21.17
CA SER Q 17 23.46 12.37 -21.68
C SER Q 17 23.00 12.38 -23.13
N LEU Q 18 23.31 11.30 -23.85
CA LEU Q 18 22.90 11.20 -25.25
C LEU Q 18 22.06 9.96 -25.47
N SER Q 19 21.21 10.03 -26.48
CA SER Q 19 20.36 8.91 -26.84
C SER Q 19 21.27 7.73 -27.13
N PRO Q 20 20.81 6.51 -26.82
CA PRO Q 20 21.62 5.30 -27.06
C PRO Q 20 21.96 5.17 -28.55
N PHE Q 21 21.14 5.79 -29.38
CA PHE Q 21 21.31 5.76 -30.83
C PHE Q 21 22.31 6.78 -31.37
N GLU Q 22 22.76 7.71 -30.54
CA GLU Q 22 23.73 8.70 -31.00
C GLU Q 22 25.12 8.22 -30.63
N GLN Q 23 25.22 7.24 -29.74
CA GLN Q 23 26.53 6.74 -29.33
C GLN Q 23 26.83 5.26 -29.57
N ARG Q 24 27.97 4.81 -29.05
CA ARG Q 24 28.38 3.42 -29.20
C ARG Q 24 28.11 2.64 -27.92
N ALA Q 25 27.65 1.40 -28.08
CA ALA Q 25 27.34 0.52 -26.95
C ALA Q 25 28.59 0.10 -26.21
N ILE Q 26 29.62 -0.23 -26.99
CA ILE Q 26 30.89 -0.64 -26.42
C ILE Q 26 31.94 0.14 -27.20
N PRO Q 27 32.37 1.26 -26.63
CA PRO Q 27 33.37 2.09 -27.29
C PRO Q 27 34.72 2.09 -26.56
N ASN Q 28 35.76 2.53 -27.26
CA ASN Q 28 37.11 2.64 -26.70
C ASN Q 28 37.49 1.37 -25.93
N ILE Q 29 37.29 0.25 -26.60
CA ILE Q 29 37.54 -1.08 -26.07
C ILE Q 29 38.99 -1.28 -25.65
N PHE Q 30 39.88 -0.54 -26.30
CA PHE Q 30 41.31 -0.62 -26.01
C PHE Q 30 41.84 0.62 -25.33
N SER Q 31 41.50 1.78 -25.86
CA SER Q 31 41.96 3.04 -25.28
C SER Q 31 41.40 3.27 -23.88
N ASP Q 32 40.32 2.56 -23.54
CA ASP Q 32 39.70 2.76 -22.23
C ASP Q 32 39.25 1.49 -21.51
N ALA Q 33 38.49 0.64 -22.20
CA ALA Q 33 37.98 -0.58 -21.60
C ALA Q 33 39.03 -1.43 -20.87
N LEU Q 34 39.76 -2.21 -21.66
CA LEU Q 34 40.78 -3.11 -21.15
C LEU Q 34 41.73 -2.48 -20.15
N PRO Q 35 42.21 -1.27 -20.44
CA PRO Q 35 43.13 -0.62 -19.52
C PRO Q 35 42.58 -0.64 -18.09
N ASN Q 36 41.28 -0.43 -17.95
CA ASN Q 36 40.66 -0.43 -16.62
C ASN Q 36 40.46 -1.85 -16.11
N VAL Q 37 40.15 -2.76 -17.02
CA VAL Q 37 39.97 -4.15 -16.63
C VAL Q 37 41.25 -4.52 -15.88
N TRP Q 38 42.38 -4.20 -16.49
CA TRP Q 38 43.66 -4.47 -15.88
C TRP Q 38 43.75 -3.71 -14.55
N ARG Q 39 43.48 -2.41 -14.58
CA ARG Q 39 43.54 -1.57 -13.39
C ARG Q 39 42.89 -2.26 -12.21
N ARG Q 40 41.65 -2.67 -12.44
CA ARG Q 40 40.85 -3.33 -11.43
C ARG Q 40 41.47 -4.65 -11.01
N PHE Q 41 41.80 -5.48 -12.00
CA PHE Q 41 42.44 -6.78 -11.74
C PHE Q 41 43.63 -6.52 -10.81
N SER Q 42 44.54 -5.70 -11.30
CA SER Q 42 45.73 -5.34 -10.57
C SER Q 42 45.45 -5.03 -9.11
N SER Q 43 44.58 -4.05 -8.88
CA SER Q 43 44.27 -3.62 -7.52
C SER Q 43 43.62 -4.62 -6.57
N GLN Q 44 43.07 -5.72 -7.07
CA GLN Q 44 42.42 -6.69 -6.19
C GLN Q 44 43.14 -8.03 -6.03
N VAL Q 45 43.92 -8.42 -7.04
CA VAL Q 45 44.63 -9.69 -7.01
C VAL Q 45 45.47 -9.95 -5.76
N PHE Q 46 46.03 -8.91 -5.16
CA PHE Q 46 46.84 -9.08 -3.95
C PHE Q 46 46.00 -9.24 -2.69
N LYS Q 47 44.70 -9.01 -2.82
CA LYS Q 47 43.78 -9.13 -1.69
C LYS Q 47 43.10 -10.50 -1.75
N VAL Q 48 42.74 -10.89 -2.96
CA VAL Q 48 42.05 -12.15 -3.23
C VAL Q 48 42.98 -13.37 -3.26
N ALA Q 49 43.87 -13.37 -4.25
CA ALA Q 49 44.81 -14.46 -4.47
C ALA Q 49 45.47 -15.08 -3.25
N PRO Q 50 46.01 -14.25 -2.35
CA PRO Q 50 46.67 -14.77 -1.15
C PRO Q 50 45.93 -15.90 -0.41
N PRO Q 51 44.78 -15.60 0.23
CA PRO Q 51 44.10 -16.69 0.92
C PRO Q 51 43.81 -17.92 0.04
N PHE Q 52 43.49 -17.72 -1.23
CA PHE Q 52 43.21 -18.86 -2.11
C PHE Q 52 44.50 -19.61 -2.42
N LEU Q 53 45.52 -18.87 -2.87
CA LEU Q 53 46.81 -19.49 -3.16
C LEU Q 53 47.17 -20.31 -1.93
N GLY Q 54 47.01 -19.69 -0.76
CA GLY Q 54 47.31 -20.36 0.48
C GLY Q 54 46.58 -21.67 0.60
N ALA Q 55 45.25 -21.62 0.63
CA ALA Q 55 44.45 -22.84 0.74
C ALA Q 55 44.92 -23.82 -0.31
N TYR Q 56 45.21 -23.34 -1.51
CA TYR Q 56 45.66 -24.22 -2.57
C TYR Q 56 46.75 -25.14 -2.10
N LEU Q 57 47.76 -24.53 -1.52
CA LEU Q 57 48.89 -25.28 -1.02
C LEU Q 57 48.37 -26.27 0.02
N LEU Q 58 47.72 -25.75 1.06
CA LEU Q 58 47.19 -26.62 2.10
C LEU Q 58 46.56 -27.86 1.50
N TYR Q 59 45.94 -27.70 0.34
CA TYR Q 59 45.31 -28.83 -0.35
C TYR Q 59 46.40 -29.81 -0.72
N SER Q 60 47.28 -29.38 -1.63
CA SER Q 60 48.39 -30.20 -2.10
C SER Q 60 49.13 -30.92 -0.97
N TRP Q 61 49.49 -30.17 0.07
CA TRP Q 61 50.19 -30.80 1.19
C TRP Q 61 49.37 -31.93 1.78
N GLY Q 62 48.23 -31.56 2.35
CA GLY Q 62 47.34 -32.53 2.96
C GLY Q 62 47.07 -33.71 2.06
N THR Q 63 46.92 -33.46 0.76
CA THR Q 63 46.66 -34.51 -0.21
C THR Q 63 47.88 -35.42 -0.28
N GLN Q 64 49.00 -34.84 -0.67
CA GLN Q 64 50.23 -35.59 -0.78
C GLN Q 64 50.56 -36.30 0.53
N GLU Q 65 50.50 -35.58 1.64
CA GLU Q 65 50.79 -36.21 2.93
C GLU Q 65 49.92 -37.44 3.21
N PHE Q 66 48.62 -37.32 2.94
CA PHE Q 66 47.69 -38.43 3.13
C PHE Q 66 48.14 -39.61 2.27
N GLU Q 67 48.51 -39.32 1.03
CA GLU Q 67 48.95 -40.32 0.08
C GLU Q 67 50.28 -40.96 0.46
N ARG Q 68 51.18 -40.15 1.00
CA ARG Q 68 52.48 -40.62 1.43
C ARG Q 68 52.22 -41.72 2.45
N LEU Q 69 51.43 -41.39 3.45
CA LEU Q 69 51.09 -42.33 4.52
C LEU Q 69 50.45 -43.62 4.00
N LYS Q 70 50.21 -43.68 2.69
CA LYS Q 70 49.64 -44.88 2.07
C LYS Q 70 50.79 -45.85 1.85
N ARG Q 71 51.77 -45.41 1.09
CA ARG Q 71 52.96 -46.20 0.77
C ARG Q 71 53.48 -46.93 2.01
N LYS Q 72 54.16 -48.05 1.80
CA LYS Q 72 54.71 -48.81 2.92
C LYS Q 72 56.13 -48.45 3.26
N ASN Q 73 56.45 -48.58 4.53
CA ASN Q 73 57.77 -48.27 5.05
C ASN Q 73 58.59 -49.56 5.11
N PRO Q 74 59.52 -49.75 4.16
CA PRO Q 74 60.37 -50.95 4.11
C PRO Q 74 60.99 -51.34 5.44
N ALA Q 75 61.26 -50.35 6.29
CA ALA Q 75 61.87 -50.60 7.60
C ALA Q 75 61.00 -51.45 8.52
N ASP Q 76 59.79 -51.76 8.09
CA ASP Q 76 58.88 -52.56 8.90
C ASP Q 76 59.03 -54.06 8.68
N TYR Q 77 59.67 -54.44 7.58
CA TYR Q 77 59.88 -55.86 7.28
C TYR Q 77 61.34 -56.24 7.02
N GLU Q 78 62.26 -55.30 7.27
CA GLU Q 78 63.67 -55.57 7.06
C GLU Q 78 64.19 -56.52 8.14
N ASN Q 79 63.23 -57.05 8.90
CA ASN Q 79 63.47 -58.00 9.99
C ASN Q 79 63.24 -59.42 9.50
N GLU R 11 45.23 -69.61 -32.36
CA GLU R 11 44.79 -69.11 -33.69
C GLU R 11 44.94 -67.58 -33.78
N LEU R 12 44.25 -66.87 -32.88
CA LEU R 12 44.25 -65.41 -32.85
C LEU R 12 45.19 -64.80 -31.81
N VAL R 13 45.36 -63.48 -31.89
CA VAL R 13 46.22 -62.76 -30.96
C VAL R 13 45.56 -61.49 -30.44
N ASP R 14 45.24 -61.48 -29.15
CA ASP R 14 44.60 -60.34 -28.54
C ASP R 14 45.59 -59.18 -28.48
N PRO R 15 45.33 -58.11 -29.25
CA PRO R 15 46.27 -56.99 -29.21
C PRO R 15 46.59 -56.54 -27.79
N LEU R 16 45.78 -56.98 -26.83
CA LEU R 16 46.01 -56.61 -25.44
C LEU R 16 47.33 -57.17 -24.92
N THR R 17 47.58 -58.44 -25.22
CA THR R 17 48.80 -59.10 -24.80
C THR R 17 49.99 -58.51 -25.55
N THR R 18 49.86 -58.45 -26.88
CA THR R 18 50.89 -57.91 -27.75
C THR R 18 51.45 -56.59 -27.20
N ILE R 19 50.56 -55.68 -26.83
CA ILE R 19 50.94 -54.39 -26.31
C ILE R 19 51.34 -54.42 -24.84
N ARG R 20 50.79 -55.33 -24.07
CA ARG R 20 51.14 -55.41 -22.66
C ARG R 20 52.63 -55.77 -22.58
N GLU R 21 53.08 -56.58 -23.54
CA GLU R 21 54.48 -56.98 -23.58
C GLU R 21 55.29 -55.75 -23.90
N HIS R 22 55.06 -55.19 -25.09
CA HIS R 22 55.75 -53.99 -25.54
C HIS R 22 55.88 -52.96 -24.42
N CYS R 23 54.79 -52.78 -23.66
CA CYS R 23 54.78 -51.80 -22.57
C CYS R 23 55.69 -52.17 -21.41
N GLU R 24 55.76 -53.46 -21.08
CA GLU R 24 56.58 -53.88 -19.97
C GLU R 24 58.07 -53.65 -20.23
N GLN R 25 58.41 -53.35 -21.49
CA GLN R 25 59.78 -53.05 -21.90
C GLN R 25 60.10 -51.68 -21.33
N THR R 26 59.06 -50.84 -21.29
CA THR R 26 59.16 -49.47 -20.81
C THR R 26 59.95 -49.21 -19.54
N GLU R 27 60.61 -48.06 -19.55
CA GLU R 27 61.43 -47.58 -18.45
C GLU R 27 60.80 -47.89 -17.09
N LYS R 28 59.74 -47.16 -16.74
CA LYS R 28 59.06 -47.32 -15.46
C LYS R 28 58.68 -48.77 -15.13
N CYS R 29 57.95 -49.42 -16.03
CA CYS R 29 57.52 -50.81 -15.82
C CYS R 29 58.70 -51.62 -15.33
N VAL R 30 59.73 -51.68 -16.16
CA VAL R 30 60.94 -52.42 -15.87
C VAL R 30 61.39 -52.23 -14.41
N LYS R 31 61.54 -50.99 -13.98
CA LYS R 31 61.96 -50.72 -12.62
C LYS R 31 60.89 -51.14 -11.62
N ALA R 32 59.64 -50.97 -12.02
CA ALA R 32 58.51 -51.35 -11.18
C ALA R 32 58.46 -52.87 -11.12
N ARG R 33 58.54 -53.50 -12.30
CA ARG R 33 58.54 -54.95 -12.41
C ARG R 33 59.63 -55.51 -11.51
N GLU R 34 60.82 -54.91 -11.63
CA GLU R 34 61.97 -55.32 -10.83
C GLU R 34 61.68 -55.17 -9.34
N ARG R 35 61.19 -54.00 -8.95
CA ARG R 35 60.86 -53.72 -7.56
C ARG R 35 59.92 -54.78 -7.03
N LEU R 36 59.00 -55.21 -7.88
CA LEU R 36 58.01 -56.22 -7.54
C LEU R 36 58.66 -57.58 -7.33
N GLU R 37 59.42 -58.03 -8.34
CA GLU R 37 60.10 -59.32 -8.26
C GLU R 37 60.80 -59.41 -6.92
N LEU R 38 61.50 -58.33 -6.55
CA LEU R 38 62.22 -58.27 -5.29
C LEU R 38 61.31 -58.55 -4.11
N CYS R 39 60.18 -57.86 -4.07
CA CYS R 39 59.23 -58.06 -2.98
C CYS R 39 58.83 -59.53 -2.97
N ASP R 40 58.19 -59.94 -4.06
CA ASP R 40 57.73 -61.32 -4.22
C ASP R 40 58.74 -62.30 -3.65
N ALA R 41 59.97 -62.17 -4.13
CA ALA R 41 61.06 -63.02 -3.69
C ALA R 41 61.16 -63.17 -2.17
N ARG R 42 61.44 -62.07 -1.48
CA ARG R 42 61.59 -62.13 -0.03
C ARG R 42 60.34 -62.54 0.74
N VAL R 43 59.18 -62.22 0.20
CA VAL R 43 57.94 -62.59 0.88
C VAL R 43 57.68 -64.08 0.65
N SER R 44 57.81 -64.51 -0.61
CA SER R 44 57.60 -65.90 -1.00
C SER R 44 58.52 -66.84 -0.23
N SER R 45 59.66 -66.30 0.21
CA SER R 45 60.64 -67.05 0.96
C SER R 45 60.40 -66.95 2.46
N ARG R 46 60.68 -65.78 3.02
CA ARG R 46 60.50 -65.52 4.44
C ARG R 46 59.20 -66.12 4.94
N SER R 47 59.31 -67.20 5.71
CA SER R 47 58.15 -67.89 6.26
C SER R 47 57.59 -67.23 7.50
N HIS R 48 56.29 -67.39 7.72
CA HIS R 48 55.60 -66.81 8.88
C HIS R 48 55.86 -65.30 8.95
N THR R 49 55.65 -64.61 7.82
CA THR R 49 55.87 -63.17 7.72
C THR R 49 54.63 -62.29 8.00
N GLU R 50 54.62 -61.07 7.46
CA GLU R 50 53.52 -60.13 7.66
C GLU R 50 53.31 -59.15 6.49
N GLU R 51 54.26 -59.11 5.58
CA GLU R 51 54.23 -58.20 4.43
C GLU R 51 53.43 -58.74 3.24
N GLN R 52 53.26 -57.86 2.24
CA GLN R 52 52.54 -58.19 1.01
C GLN R 52 53.18 -57.41 -0.13
N CYS R 53 52.87 -57.78 -1.36
CA CYS R 53 53.44 -57.08 -2.51
C CYS R 53 52.38 -56.40 -3.36
N THR R 54 51.28 -56.05 -2.70
CA THR R 54 50.19 -55.38 -3.37
C THR R 54 50.74 -54.08 -3.94
N GLU R 55 51.28 -53.24 -3.06
CA GLU R 55 51.84 -51.96 -3.46
C GLU R 55 52.68 -52.02 -4.74
N GLU R 56 53.66 -52.91 -4.77
CA GLU R 56 54.55 -53.06 -5.94
C GLU R 56 53.76 -53.51 -7.15
N LEU R 57 52.87 -54.47 -6.94
CA LEU R 57 52.06 -54.98 -8.03
C LEU R 57 51.26 -53.83 -8.64
N PHE R 58 50.75 -52.97 -7.77
CA PHE R 58 49.96 -51.83 -8.22
C PHE R 58 50.82 -50.83 -8.98
N ASP R 59 51.94 -50.43 -8.38
CA ASP R 59 52.82 -49.48 -9.04
C ASP R 59 53.16 -50.03 -10.42
N PHE R 60 53.36 -51.35 -10.48
CA PHE R 60 53.69 -51.96 -11.76
C PHE R 60 52.51 -51.87 -12.69
N LEU R 61 51.40 -52.45 -12.24
CA LEU R 61 50.17 -52.47 -13.00
C LEU R 61 49.82 -51.09 -13.49
N HIS R 62 49.83 -50.14 -12.56
CA HIS R 62 49.49 -48.75 -12.84
C HIS R 62 50.28 -48.21 -14.03
N ALA R 63 51.60 -48.41 -13.97
CA ALA R 63 52.48 -47.94 -15.03
C ALA R 63 52.25 -48.72 -16.31
N ARG R 64 52.07 -50.03 -16.19
CA ARG R 64 51.87 -50.86 -17.36
C ARG R 64 50.62 -50.48 -18.11
N ASP R 65 49.49 -50.77 -17.50
CA ASP R 65 48.19 -50.50 -18.09
C ASP R 65 48.02 -49.05 -18.56
N HIS R 66 48.60 -48.10 -17.84
CA HIS R 66 48.48 -46.71 -18.25
C HIS R 66 48.99 -46.68 -19.68
N CYS R 67 50.12 -47.34 -19.88
CA CYS R 67 50.76 -47.44 -21.19
C CYS R 67 49.82 -48.18 -22.14
N VAL R 68 49.35 -49.34 -21.71
CA VAL R 68 48.44 -50.17 -22.50
C VAL R 68 47.30 -49.33 -23.04
N ALA R 69 46.58 -48.69 -22.13
CA ALA R 69 45.44 -47.84 -22.44
C ALA R 69 45.75 -46.64 -23.31
N HIS R 70 47.00 -46.50 -23.75
CA HIS R 70 47.35 -45.36 -24.58
C HIS R 70 47.33 -45.63 -26.08
N LYS R 71 47.30 -46.91 -26.43
CA LYS R 71 47.31 -47.27 -27.84
C LYS R 71 46.52 -48.53 -28.12
N LEU R 72 46.21 -49.28 -27.07
CA LEU R 72 45.44 -50.50 -27.22
C LEU R 72 44.25 -50.34 -28.15
N PHE R 73 43.50 -49.27 -27.95
CA PHE R 73 42.32 -49.05 -28.78
C PHE R 73 42.60 -48.90 -30.26
N ASN R 74 43.77 -48.39 -30.61
CA ASN R 74 44.10 -48.23 -32.03
C ASN R 74 43.97 -49.56 -32.71
N LYS R 75 44.40 -50.61 -32.01
CA LYS R 75 44.37 -51.95 -32.55
C LYS R 75 43.00 -52.61 -32.48
N LEU R 76 42.13 -52.11 -31.61
CA LEU R 76 40.78 -52.66 -31.48
C LEU R 76 39.85 -52.00 -32.50
N LYS R 77 38.71 -52.64 -32.78
CA LYS R 77 37.78 -52.11 -33.78
C LYS R 77 36.74 -51.19 -33.14
N UNK S 3 -8.40 33.76 -29.02
CA UNK S 3 -7.19 33.92 -28.18
C UNK S 3 -6.11 32.93 -28.62
N UNK S 4 -5.69 33.04 -29.87
CA UNK S 4 -4.67 32.16 -30.43
C UNK S 4 -3.30 32.47 -29.81
N UNK S 5 -3.09 33.74 -29.48
CA UNK S 5 -1.83 34.19 -28.86
C UNK S 5 -2.06 34.35 -27.35
N UNK S 6 -1.44 35.35 -26.73
CA UNK S 6 -1.61 35.57 -25.30
C UNK S 6 -0.51 34.84 -24.56
N UNK S 7 0.03 35.43 -23.50
CA UNK S 7 1.10 34.77 -22.76
C UNK S 7 0.65 33.92 -21.58
N UNK S 8 0.85 32.60 -21.68
CA UNK S 8 0.46 31.65 -20.62
C UNK S 8 1.02 31.98 -19.21
N UNK S 9 0.16 31.93 -18.20
N UNK S 10 2.02 33.51 -16.67
CA UNK S 10 2.78 32.79 -15.66
C UNK S 10 1.88 31.92 -14.80
N UNK S 11 2.45 31.44 -13.68
CA UNK S 11 1.72 30.60 -12.73
C UNK S 11 2.55 30.50 -11.47
N UNK S 12 1.90 30.50 -10.32
CA UNK S 12 2.65 30.45 -9.08
C UNK S 12 2.05 29.69 -7.90
N UNK S 13 2.73 29.81 -6.77
CA UNK S 13 2.32 29.16 -5.53
C UNK S 13 1.53 30.14 -4.65
N UNK S 14 0.72 29.60 -3.74
CA UNK S 14 -0.08 30.44 -2.86
C UNK S 14 -0.33 29.80 -1.48
N UNK S 15 -1.20 30.45 -0.69
CA UNK S 15 -1.55 29.97 0.64
C UNK S 15 -0.31 29.58 1.46
CA ARG S 16 12.55 37.49 -13.39
C ARG S 16 12.65 38.85 -12.71
N PRO S 17 13.54 38.97 -11.69
CA PRO S 17 13.78 40.20 -10.92
C PRO S 17 14.13 41.45 -11.73
N LEU S 18 13.96 42.61 -11.10
CA LEU S 18 14.27 43.91 -11.71
C LEU S 18 15.46 44.52 -10.94
N LEU S 19 16.40 45.15 -11.64
CA LEU S 19 17.57 45.76 -10.98
C LEU S 19 18.21 46.96 -11.71
N CYS S 20 18.15 46.98 -13.04
CA CYS S 20 18.72 48.09 -13.82
C CYS S 20 17.63 48.87 -14.57
N ARG S 21 17.99 50.04 -15.10
CA ARG S 21 17.02 50.89 -15.81
C ARG S 21 16.41 50.28 -17.08
N GLU S 22 17.25 49.70 -17.93
CA GLU S 22 16.81 49.10 -19.19
C GLU S 22 15.69 48.04 -19.07
N SER S 23 15.53 47.45 -17.88
CA SER S 23 14.51 46.43 -17.65
C SER S 23 13.28 46.89 -16.87
N MET S 24 13.31 48.14 -16.41
CA MET S 24 12.19 48.70 -15.65
C MET S 24 11.47 49.78 -16.42
N SER S 25 12.18 50.44 -17.36
CA SER S 25 11.60 51.51 -18.16
C SER S 25 10.16 51.23 -18.62
N GLY S 26 9.22 52.05 -18.14
CA GLY S 26 7.82 51.90 -18.50
C GLY S 26 6.95 51.14 -17.51
N ARG S 27 7.58 50.47 -16.54
CA ARG S 27 6.88 49.68 -15.53
C ARG S 27 5.97 50.50 -14.59
N SER S 28 6.26 51.79 -14.43
CA SER S 28 5.46 52.67 -13.56
C SER S 28 4.03 52.80 -14.08
N ALA S 29 3.06 52.85 -13.16
CA ALA S 29 1.65 52.94 -13.53
C ALA S 29 1.39 53.77 -14.79
N ARG S 30 0.93 53.09 -15.84
CA ARG S 30 0.60 53.77 -17.09
C ARG S 30 -0.60 54.66 -16.82
N ARG S 31 -1.75 54.01 -16.63
CA ARG S 31 -3.00 54.72 -16.35
C ARG S 31 -3.85 53.83 -15.41
N ASP S 32 -5.14 53.71 -15.68
CA ASP S 32 -6.00 52.87 -14.84
C ASP S 32 -5.49 51.42 -14.81
N LEU S 33 -6.20 50.56 -14.09
CA LEU S 33 -5.81 49.17 -14.00
C LEU S 33 -6.94 48.34 -14.55
N VAL S 34 -6.69 47.68 -15.68
CA VAL S 34 -7.71 46.86 -16.32
C VAL S 34 -7.41 45.37 -16.10
N ALA S 35 -8.41 44.64 -15.63
CA ALA S 35 -8.23 43.20 -15.40
C ALA S 35 -8.98 42.43 -16.49
N GLY S 36 -8.25 41.57 -17.19
CA GLY S 36 -8.87 40.79 -18.24
C GLY S 36 -8.77 39.31 -17.99
N ILE S 37 -9.81 38.58 -18.36
CA ILE S 37 -9.87 37.12 -18.21
C ILE S 37 -10.37 36.48 -19.49
N SER S 38 -9.76 35.37 -19.84
CA SER S 38 -10.13 34.70 -21.06
C SER S 38 -10.60 33.27 -20.82
N LEU S 39 -11.29 32.76 -21.83
CA LEU S 39 -11.82 31.41 -21.82
C LEU S 39 -10.78 30.48 -22.41
N ASN S 40 -10.05 31.00 -23.39
CA ASN S 40 -9.00 30.26 -24.09
C ASN S 40 -7.60 30.91 -24.01
N ALA S 41 -7.54 32.21 -23.75
CA ALA S 41 -6.25 32.92 -23.61
C ALA S 41 -5.89 32.99 -22.13
N PRO S 42 -4.80 33.73 -21.76
CA PRO S 42 -4.45 33.81 -20.34
C PRO S 42 -5.01 35.02 -19.59
N ALA S 43 -4.57 35.19 -18.34
CA ALA S 43 -5.03 36.30 -17.51
C ALA S 43 -4.06 37.48 -17.57
N SER S 44 -4.51 38.58 -18.18
CA SER S 44 -3.69 39.79 -18.31
C SER S 44 -4.04 40.86 -17.28
N VAL S 45 -3.39 42.03 -17.39
CA VAL S 45 -3.61 43.14 -16.47
C VAL S 45 -2.75 44.38 -16.85
N ARG S 46 -3.36 45.58 -16.82
CA ARG S 46 -2.65 46.83 -17.14
C ARG S 46 -2.48 47.61 -15.86
N ALA T 1 20.20 0.31 -49.00
CA ALA T 1 20.63 0.41 -47.57
C ALA T 1 19.75 -0.49 -46.74
N LEU T 2 20.21 -1.72 -46.49
CA LEU T 2 19.45 -2.69 -45.71
C LEU T 2 19.02 -2.15 -44.37
N LEU T 3 19.96 -1.53 -43.66
CA LEU T 3 19.67 -1.05 -42.33
C LEU T 3 18.56 -0.03 -42.42
N ARG T 4 18.59 0.81 -43.44
CA ARG T 4 17.54 1.79 -43.61
C ARG T 4 16.26 1.10 -44.05
N GLN T 5 16.36 0.23 -45.07
CA GLN T 5 15.20 -0.48 -45.57
C GLN T 5 14.59 -1.33 -44.49
N ALA T 6 15.45 -2.08 -43.80
CA ALA T 6 15.03 -2.96 -42.71
C ALA T 6 14.28 -2.14 -41.67
N TYR T 7 14.96 -1.11 -41.18
CA TYR T 7 14.36 -0.24 -40.18
C TYR T 7 13.05 0.26 -40.74
N SER T 8 13.15 1.04 -41.81
CA SER T 8 12.00 1.63 -42.46
C SER T 8 10.83 0.68 -42.68
N ALA T 9 11.11 -0.57 -43.04
CA ALA T 9 10.04 -1.52 -43.31
C ALA T 9 9.73 -2.62 -42.29
N LEU T 10 10.61 -2.85 -41.33
CA LEU T 10 10.38 -3.91 -40.36
C LEU T 10 10.41 -3.49 -38.90
N PHE T 11 11.52 -2.89 -38.49
CA PHE T 11 11.72 -2.47 -37.11
C PHE T 11 10.96 -1.21 -36.65
N ARG T 12 10.55 -0.35 -37.58
CA ARG T 12 9.86 0.87 -37.18
C ARG T 12 8.50 0.58 -36.58
N ARG T 13 7.59 0.05 -37.39
CA ARG T 13 6.25 -0.28 -36.90
C ARG T 13 6.31 -1.50 -35.97
N THR T 14 5.82 -1.31 -34.74
CA THR T 14 5.80 -2.35 -33.73
C THR T 14 5.16 -3.66 -34.24
N SER T 15 4.23 -3.53 -35.19
CA SER T 15 3.57 -4.68 -35.75
C SER T 15 4.51 -5.47 -36.67
N THR T 16 4.96 -4.80 -37.73
CA THR T 16 5.87 -5.39 -38.70
C THR T 16 7.08 -5.98 -37.98
N PHE T 17 7.46 -5.36 -36.88
CA PHE T 17 8.59 -5.85 -36.11
C PHE T 17 8.22 -7.25 -35.62
N ALA T 18 7.08 -7.35 -34.93
CA ALA T 18 6.62 -8.62 -34.39
C ALA T 18 6.52 -9.67 -35.49
N LEU T 19 5.84 -9.34 -36.59
CA LEU T 19 5.70 -10.29 -37.69
C LEU T 19 7.06 -10.73 -38.20
N THR T 20 8.01 -9.79 -38.23
CA THR T 20 9.34 -10.12 -38.69
C THR T 20 9.99 -11.13 -37.77
N VAL T 21 9.77 -11.02 -36.46
CA VAL T 21 10.36 -11.96 -35.49
C VAL T 21 9.76 -13.34 -35.69
N VAL T 22 8.45 -13.39 -35.92
CA VAL T 22 7.77 -14.65 -36.15
C VAL T 22 8.39 -15.27 -37.39
N LEU T 23 8.26 -14.57 -38.51
CA LEU T 23 8.81 -15.01 -39.80
C LEU T 23 10.27 -15.43 -39.63
N GLY T 24 11.04 -14.58 -38.94
CA GLY T 24 12.45 -14.82 -38.69
C GLY T 24 12.67 -16.18 -38.07
N ALA T 25 12.19 -16.38 -36.86
CA ALA T 25 12.31 -17.66 -36.17
C ALA T 25 12.07 -18.79 -37.15
N VAL T 26 10.92 -18.76 -37.81
CA VAL T 26 10.58 -19.77 -38.80
C VAL T 26 11.75 -20.15 -39.72
N LEU T 27 12.26 -19.17 -40.46
CA LEU T 27 13.37 -19.44 -41.36
C LEU T 27 14.60 -19.84 -40.57
N PHE T 28 14.89 -19.10 -39.50
CA PHE T 28 16.04 -19.40 -38.67
C PHE T 28 16.00 -20.83 -38.18
N GLU T 29 14.84 -21.25 -37.68
CA GLU T 29 14.66 -22.60 -37.16
C GLU T 29 15.13 -23.63 -38.18
N ARG T 30 14.42 -23.70 -39.31
CA ARG T 30 14.78 -24.63 -40.37
C ARG T 30 16.29 -24.61 -40.59
N ALA T 31 16.81 -23.44 -40.95
CA ALA T 31 18.23 -23.29 -41.19
C ALA T 31 19.07 -23.85 -40.07
N PHE T 32 18.89 -23.34 -38.87
CA PHE T 32 19.67 -23.79 -37.72
C PHE T 32 19.59 -25.28 -37.51
N ASP T 33 18.38 -25.79 -37.32
CA ASP T 33 18.19 -27.21 -37.07
C ASP T 33 18.89 -28.10 -38.09
N GLN T 34 18.73 -27.80 -39.37
CA GLN T 34 19.39 -28.59 -40.39
C GLN T 34 20.90 -28.55 -40.22
N GLY T 35 21.46 -27.35 -40.30
CA GLY T 35 22.89 -27.19 -40.16
C GLY T 35 23.46 -27.81 -38.89
N ALA T 36 22.76 -27.65 -37.78
CA ALA T 36 23.23 -28.20 -36.51
C ALA T 36 23.40 -29.71 -36.61
N ASP T 37 22.34 -30.37 -37.07
CA ASP T 37 22.35 -31.82 -37.23
C ASP T 37 23.49 -32.18 -38.20
N ALA T 38 23.56 -31.45 -39.31
CA ALA T 38 24.62 -31.68 -40.30
C ALA T 38 25.97 -31.72 -39.57
N ILE T 39 26.26 -30.67 -38.81
CA ILE T 39 27.51 -30.59 -38.07
C ILE T 39 27.68 -31.76 -37.13
N PHE T 40 26.61 -32.18 -36.46
CA PHE T 40 26.69 -33.29 -35.53
C PHE T 40 26.97 -34.60 -36.26
N GLU T 41 26.14 -34.91 -37.24
CA GLU T 41 26.28 -36.14 -38.01
C GLU T 41 27.62 -36.24 -38.71
N HIS T 42 28.15 -35.10 -39.13
CA HIS T 42 29.45 -35.10 -39.79
C HIS T 42 30.52 -35.50 -38.77
N LEU T 43 30.53 -34.84 -37.61
CA LEU T 43 31.49 -35.15 -36.58
C LEU T 43 31.36 -36.58 -36.06
N ASN T 44 30.32 -37.29 -36.49
CA ASN T 44 30.12 -38.65 -36.00
C ASN T 44 29.81 -39.64 -37.14
N GLU T 45 30.56 -39.55 -38.24
CA GLU T 45 30.33 -40.44 -39.38
C GLU T 45 30.49 -41.92 -39.12
N GLY T 46 29.61 -42.69 -39.74
CA GLY T 46 29.64 -44.14 -39.61
C GLY T 46 29.36 -44.71 -38.23
N LYS T 47 29.07 -43.84 -37.25
CA LYS T 47 28.80 -44.29 -35.90
C LYS T 47 27.31 -44.32 -35.54
N LEU T 48 26.51 -43.58 -36.32
CA LEU T 48 25.08 -43.51 -36.04
C LEU T 48 24.29 -44.58 -36.76
N TRP T 49 23.19 -45.00 -36.14
CA TRP T 49 22.35 -46.03 -36.72
C TRP T 49 21.91 -45.56 -38.09
N LYS T 50 22.03 -44.27 -38.32
CA LYS T 50 21.66 -43.71 -39.61
C LYS T 50 22.63 -44.37 -40.60
N HIS T 51 23.90 -44.32 -40.22
CA HIS T 51 25.00 -44.85 -41.02
C HIS T 51 25.03 -46.38 -41.13
N ILE T 52 24.98 -47.06 -39.99
CA ILE T 52 24.99 -48.53 -39.93
C ILE T 52 23.75 -49.13 -40.63
N LYS T 53 22.59 -48.56 -40.32
CA LYS T 53 21.28 -48.95 -40.85
C LYS T 53 21.22 -49.97 -41.98
N HIS T 54 21.52 -49.53 -43.20
CA HIS T 54 21.48 -50.36 -44.41
C HIS T 54 21.98 -51.81 -44.32
N LYS T 55 22.89 -52.11 -43.40
CA LYS T 55 23.42 -53.47 -43.29
C LYS T 55 22.43 -54.53 -42.83
N TYR T 56 21.33 -54.10 -42.21
CA TYR T 56 20.33 -55.04 -41.70
C TYR T 56 18.95 -54.68 -42.21
N GLU T 57 18.93 -53.68 -43.08
CA GLU T 57 17.70 -53.19 -43.68
C GLU T 57 17.13 -54.17 -44.70
N ALA T 58 16.47 -53.60 -45.70
CA ALA T 58 15.86 -54.37 -46.78
C ALA T 58 16.94 -54.64 -47.82
N SER T 59 16.76 -54.08 -49.01
CA SER T 59 17.71 -54.26 -50.11
C SER T 59 18.14 -52.92 -50.70
O1 UNL U . 12.87 23.30 21.08
CHA HEM V . -9.02 -36.62 -1.59
CHB HEM V . -11.20 -32.40 -2.06
CHC HEM V . -7.17 -30.25 -0.69
CHD HEM V . -4.94 -34.45 -0.59
C1A HEM V . -9.92 -35.66 -1.84
C2A HEM V . -11.23 -35.95 -2.29
C3A HEM V . -11.86 -34.74 -2.42
C4A HEM V . -10.88 -33.75 -2.09
CMA HEM V . -13.36 -34.49 -2.71
CAA HEM V . -11.86 -37.32 -2.35
CBA HEM V . -12.36 -37.57 -0.93
CGA HEM V . -12.86 -38.96 -0.72
O1A HEM V . -12.04 -39.88 -0.51
O2A HEM V . -14.11 -39.13 -0.76
C1B HEM V . -10.30 -31.40 -1.72
C2B HEM V . -10.59 -29.96 -1.85
C3B HEM V . -9.45 -29.36 -1.38
C4B HEM V . -8.46 -30.43 -1.07
CMB HEM V . -11.83 -29.27 -2.37
CAB HEM V . -9.29 -28.00 -1.23
CBB HEM V . -9.37 -27.14 -2.44
C1C HEM V . -6.16 -31.20 -0.64
C2C HEM V . -4.74 -30.90 -0.51
C3C HEM V . -4.12 -32.10 -0.37
C4C HEM V . -5.16 -33.11 -0.57
CMC HEM V . -4.12 -29.49 -0.52
CAC HEM V . -2.78 -32.37 -0.05
CBC HEM V . -1.58 -31.63 -0.62
C1D HEM V . -5.83 -35.39 -0.89
C2D HEM V . -5.57 -36.83 -0.81
C3D HEM V . -6.75 -37.45 -1.18
C4D HEM V . -7.73 -36.37 -1.32
CMD HEM V . -4.34 -37.55 -0.36
CAD HEM V . -6.94 -38.93 -1.55
CBD HEM V . -7.24 -39.90 -0.43
CGD HEM V . -8.59 -39.69 0.15
O1D HEM V . -9.59 -39.79 -0.59
O2D HEM V . -8.69 -39.41 1.36
NA HEM V . -9.67 -34.33 -1.75
NB HEM V . -8.96 -31.67 -1.35
NC HEM V . -6.38 -32.55 -0.79
ND HEM V . -7.15 -35.11 -1.17
FE HEM V . -8.02 -33.42 -1.27
CHA HEM W . -16.62 -11.46 -0.60
CHB HEM W . -13.98 -15.37 0.29
CHC HEM W . -15.49 -17.31 -3.85
CHD HEM W . -17.87 -13.26 -4.83
C1A HEM W . -15.79 -12.38 0.01
C2A HEM W . -15.32 -12.28 1.39
C3A HEM W . -14.44 -13.29 1.58
C4A HEM W . -14.55 -14.11 0.38
CMA HEM W . -13.55 -13.57 2.77
CAA HEM W . -15.72 -11.21 2.40
CBA HEM W . -16.85 -11.55 3.37
CGA HEM W . -18.17 -11.86 2.68
O1A HEM W . -18.56 -13.05 2.63
O2A HEM W . -18.81 -10.93 2.18
C1B HEM W . -14.15 -16.24 -0.74
C2B HEM W . -13.50 -17.56 -0.79
C3B HEM W . -13.87 -18.10 -2.03
C4B HEM W . -14.83 -17.11 -2.62
CMB HEM W . -12.68 -18.19 0.32
CAB HEM W . -13.47 -19.29 -2.65
CBB HEM W . -12.28 -20.12 -2.15
C1C HEM W . -16.32 -16.38 -4.45
C2C HEM W . -17.29 -16.70 -5.49
C3C HEM W . -17.98 -15.55 -5.78
C4C HEM W . -17.41 -14.55 -4.87
CMC HEM W . -17.49 -18.06 -6.16
CAC HEM W . -19.01 -15.36 -6.70
CBC HEM W . -18.96 -15.81 -8.12
C1D HEM W . -17.69 -12.39 -3.81
C2D HEM W . -18.21 -11.03 -3.77
C3D HEM W . -17.94 -10.48 -2.58
C4D HEM W . -17.18 -11.57 -1.87
CMD HEM W . -19.06 -10.40 -4.82
CAD HEM W . -18.54 -9.18 -2.07
CBD HEM W . -19.30 -9.34 -0.74
CGD HEM W . -20.20 -8.16 -0.36
O1D HEM W . -21.32 -8.05 -0.89
O2D HEM W . -19.78 -7.33 0.48
NA HEM W . -15.37 -13.55 -0.59
NB HEM W . -14.93 -15.95 -1.85
NC HEM W . -16.54 -15.10 -3.95
ND HEM W . -16.99 -12.71 -2.66
FE HEM W . -15.89 -14.33 -2.26
C2 SMA X . -20.01 -34.01 -13.90
C3 SMA X . -20.63 -34.37 -15.07
C3M SMA X . -21.17 -33.37 -16.03
C4 SMA X . -20.80 -35.82 -15.44
C4A SMA X . -20.27 -36.80 -14.45
C5 SMA X . -20.38 -38.23 -14.62
C5M SMA X . -21.24 -40.03 -16.00
C6 SMA X . -19.83 -39.13 -13.64
C7 SMA X . -19.19 -38.64 -12.48
C7M SMA X . -19.30 -39.63 -10.23
C8 SMA X . -19.08 -37.18 -12.27
C8A SMA X . -19.62 -36.32 -13.27
C9 SMA X . -19.78 -32.62 -13.31
C10 SMA X . -18.88 -31.64 -14.04
C11 SMA X . -18.47 -30.51 -13.07
C12 SMA X . -17.41 -29.51 -13.67
C13 SMA X . -16.02 -30.16 -13.95
C14 SMA X . -15.02 -29.14 -14.57
C15 SMA X . -13.88 -29.84 -15.23
C16 SMA X . -12.61 -29.89 -14.79
C17 SMA X . -11.63 -30.76 -15.37
C18 SMA X . -10.34 -30.83 -14.96
C19 SMA X . -9.26 -31.64 -15.56
C20 SMA X . -8.07 -31.72 -14.92
C21 SMA X . -6.88 -32.48 -15.37
C22 SMA X . -19.71 -29.75 -12.61
C23 SMA X . -18.23 -27.59 -14.84
C24 SMA X . -15.45 -30.76 -12.68
C25 SMA X . -14.44 -26.90 -13.88
C26 SMA X . -9.55 -32.33 -16.88
O1 SMA X . -19.50 -34.96 -13.00
O4 SMA X . -21.37 -36.18 -16.49
O5 SMA X . -21.05 -38.63 -15.76
O7 SMA X . -18.63 -39.49 -11.51
O8 SMA X . -18.45 -36.70 -11.13
O12 SMA X . -17.91 -28.98 -14.89
O14 SMA X . -14.59 -28.27 -13.50
C1 UQ Y . -14.51 -10.64 6.33
C2 UQ Y . -15.10 -9.34 5.68
C3 UQ Y . -14.31 -8.55 4.80
C4 UQ Y . -12.84 -8.97 4.48
C5 UQ Y . -12.23 -10.25 5.12
C6 UQ Y . -13.03 -11.06 6.01
CM5 UQ Y . -10.75 -10.57 4.75
CM3 UQ Y . -14.47 -6.04 4.77
CM2 UQ Y . -16.65 -7.97 7.03
C7 UQ Y . -12.52 -12.38 6.73
C8 UQ Y . -11.55 -13.33 6.02
C9 UQ Y . -10.74 -14.27 6.59
C10 UQ Y . -10.75 -14.46 8.10
C11 UQ Y . -9.78 -15.18 5.81
C12 UQ Y . -8.43 -14.56 5.36
O2 UQ Y . -16.46 -8.99 6.01
O3 UQ Y . -14.83 -7.34 4.18
O4 UQ Y . -12.15 -8.27 3.71
O1 UQ Y . -15.22 -11.33 7.10
C26 PEE Z . -24.08 -22.15 -9.87
C25 PEE Z . -25.13 -21.01 -9.96
C24 PEE Z . -25.68 -20.63 -8.55
C23 PEE Z . -26.72 -19.46 -8.48
C22 PEE Z . -27.14 -19.04 -7.06
C21 PEE Z . -27.88 -19.74 -6.17
C20 PEE Z . -27.39 -20.79 -5.16
C19 PEE Z . -28.34 -21.05 -3.97
C18 PEE Z . -28.12 -20.93 -2.63
C17 PEE Z . -29.08 -20.41 -1.53
C16 PEE Z . -29.31 -18.87 -1.57
C15 PEE Z . -29.38 -18.13 -0.20
C14 PEE Z . -29.02 -16.61 -0.32
C13 PEE Z . -29.74 -15.64 0.67
C12 PEE Z . -30.68 -14.61 0.03
C11 PEE Z . -31.08 -13.43 0.96
C10 PEE Z . -32.01 -13.79 2.16
O4 PEE Z . -31.59 -14.48 3.12
O2 PEE Z . -33.33 -13.27 2.09
C2 PEE Z . -34.09 -13.14 3.39
C1 PEE Z . -34.53 -11.66 3.58
O3P PEE Z . -33.68 -10.70 2.88
P PEE Z . -33.85 -9.11 3.12
O2P PEE Z . -34.98 -8.53 2.12
O1P PEE Z . -32.45 -8.41 2.77
O4P PEE Z . -34.21 -8.79 4.71
C4 PEE Z . -34.18 -7.46 5.35
C5 PEE Z . -35.55 -6.98 5.92
N PEE Z . -35.91 -7.74 7.14
C3 PEE Z . -35.28 -14.15 3.52
O3 PEE Z . -34.95 -15.56 3.24
C30 PEE Z . -34.59 -16.35 4.35
O5 PEE Z . -34.18 -15.89 5.42
C31 PEE Z . -34.75 -17.88 4.11
C32 PEE Z . -33.41 -18.67 3.97
C33 PEE Z . -33.56 -19.94 3.07
C34 PEE Z . -32.32 -20.88 3.14
C35 PEE Z . -31.48 -20.88 1.84
C36 PEE Z . -30.93 -22.29 1.50
C37 PEE Z . -31.63 -22.92 0.26
C38 PEE Z . -31.56 -24.48 0.23
C39 PEE Z . -30.16 -25.09 -0.10
C40 PEE Z . -29.52 -24.60 -1.45
C41 PEE Z . -28.70 -25.71 -2.18
C42 PEE Z . -29.26 -26.01 -3.62
C43 PEE Z . -28.33 -26.86 -4.53
C44 PEE Z . -26.97 -26.23 -4.91
C45 PEE Z . -26.54 -26.50 -6.37
C46 PEE Z . -26.02 -25.23 -7.05
C13 PEE AA . -11.51 -14.41 18.95
C12 PEE AA . -10.85 -13.04 19.20
C11 PEE AA . -9.41 -13.19 19.78
C10 PEE AA . -8.76 -11.87 20.28
O4 PEE AA . -8.78 -10.83 19.59
O2 PEE AA . -8.18 -11.96 21.57
C2 PEE AA . -6.89 -11.23 21.83
C1 PEE AA . -7.12 -10.01 22.78
O3P PEE AA . -7.51 -8.75 22.13
P PEE AA . -8.33 -7.56 22.92
O2P PEE AA . -8.66 -8.04 24.42
O1P PEE AA . -9.72 -7.28 22.16
O4P PEE AA . -7.44 -6.14 22.95
C4 PEE AA . -6.22 -5.93 23.76
C5 PEE AA . -5.90 -4.44 24.08
C3 PEE AA . -5.79 -12.20 22.39
O3 PEE AA . -4.42 -11.69 22.23
C30 PEE AA . -3.44 -12.68 22.01
O5 PEE AA . -2.99 -13.41 22.91
C31 PEE AA . -2.95 -12.77 20.53
C32 PEE AA . -3.71 -13.79 19.65
O1 UNL BA . -17.04 -36.17 -1.97
C1 GOL CA . -12.67 -46.05 -0.37
O1 GOL CA . -13.64 -45.03 0.02
C2 GOL CA . -11.62 -46.37 0.74
O2 GOL CA . -10.44 -47.05 0.17
C3 GOL CA . -12.23 -47.18 1.93
O3 GOL CA . -11.64 -46.86 3.24
O1 UNL DA . -10.47 -38.95 -26.69
O1 UNL EA . -5.56 -7.76 1.25
FE HEC FA . -21.18 -64.97 -0.51
CHA HEC FA . -21.83 -62.82 -3.07
CHB HEC FA . -21.92 -62.50 1.69
CHC HEC FA . -20.67 -67.10 2.08
CHD HEC FA . -20.00 -67.19 -2.72
NA HEC FA . -21.80 -63.12 -0.66
C1A HEC FA . -22.04 -62.37 -1.81
C2A HEC FA . -22.51 -61.03 -1.48
C3A HEC FA . -22.41 -60.89 -0.14
C4A HEC FA . -22.03 -62.21 0.37
CMA HEC FA . -22.83 -59.64 0.60
CAA HEC FA . -23.32 -60.05 -2.25
CBA HEC FA . -22.96 -59.61 -3.64
CGA HEC FA . -23.94 -58.55 -4.13
O1A HEC FA . -23.71 -57.99 -5.22
O2A HEC FA . -24.93 -58.27 -3.40
NB HEC FA . -21.31 -64.86 1.47
C1B HEC FA . -21.59 -63.74 2.21
C2B HEC FA . -21.50 -64.00 3.62
C3B HEC FA . -21.25 -65.30 3.77
C4B HEC FA . -21.09 -65.84 2.43
CMB HEC FA . -21.62 -62.98 4.73
CAB HEC FA . -21.01 -66.11 5.01
CBB HEC FA . -22.22 -65.98 5.88
NC HEC FA . -20.57 -66.79 -0.40
C1C HEC FA . -20.41 -67.54 0.77
C2C HEC FA . -19.73 -68.80 0.49
C3C HEC FA . -19.55 -68.82 -0.85
C4C HEC FA . -20.07 -67.57 -1.40
CMC HEC FA . -19.13 -69.75 1.51
CAC HEC FA . -18.81 -69.78 -1.78
CBC HEC FA . -19.40 -71.16 -1.73
ND HEC FA . -20.94 -65.00 -2.47
C1D HEC FA . -20.46 -66.03 -3.23
C2D HEC FA . -20.68 -65.75 -4.67
C3D HEC FA . -21.16 -64.48 -4.77
C4D HEC FA . -21.31 -64.03 -3.39
CMD HEC FA . -20.35 -66.61 -5.88
CAD HEC FA . -21.40 -63.69 -6.05
CBD HEC FA . -22.83 -63.65 -6.59
CGD HEC FA . -23.00 -62.73 -7.79
O1D HEC FA . -22.52 -61.58 -7.71
O2D HEC FA . -23.61 -63.17 -8.81
C1 CDL GA . -29.83 -11.68 15.16
O1 CDL GA . -30.74 -12.58 14.37
CA2 CDL GA . -28.83 -12.43 16.09
OA2 CDL GA . -28.10 -13.34 15.34
PA1 CDL GA . -26.56 -13.17 14.94
OA3 CDL GA . -25.69 -12.79 16.12
OA4 CDL GA . -26.36 -12.05 13.92
OA5 CDL GA . -26.14 -14.56 14.34
CA3 CDL GA . -26.78 -15.12 13.27
CA4 CDL GA . -26.38 -16.60 13.17
OA6 CDL GA . -25.84 -16.96 11.88
CA5 CDL GA . -24.46 -16.76 11.78
OA7 CDL GA . -23.72 -16.26 12.62
C11 CDL GA . -23.92 -17.26 10.43
C12 CDL GA . -23.32 -18.70 10.42
C13 CDL GA . -24.17 -19.72 9.60
C14 CDL GA . -23.66 -21.18 9.79
C15 CDL GA . -24.34 -22.19 8.82
C16 CDL GA . -23.34 -23.17 8.17
C17 CDL GA . -23.90 -23.80 6.87
C18 CDL GA . -24.07 -25.34 6.97
C19 CDL GA . -25.44 -25.84 6.40
C20 CDL GA . -25.72 -27.35 6.74
CA6 CDL GA . -27.67 -17.41 13.47
OA8 CDL GA . -28.02 -18.21 12.37
CA7 CDL GA . -29.33 -18.59 12.40
OA9 CDL GA . -30.28 -17.90 12.17
C31 CDL GA . -29.48 -20.07 12.75
CB2 CDL GA . -30.62 -10.67 16.04
OB2 CDL GA . -31.87 -11.18 16.35
PB2 CDL GA . -32.87 -10.52 17.39
OB3 CDL GA . -34.02 -9.86 16.68
OB4 CDL GA . -32.22 -9.43 18.23
OB5 CDL GA . -33.36 -11.73 18.29
CB3 CDL GA . -32.49 -12.54 18.95
CB4 CDL GA . -33.21 -13.85 19.31
OB6 CDL GA . -32.49 -14.62 20.27
CB5 CDL GA . -33.32 -15.25 21.16
OB7 CDL GA . -34.53 -15.17 21.19
C51 CDL GA . -32.54 -16.09 22.16
C52 CDL GA . -32.02 -17.44 21.61
C53 CDL GA . -31.27 -18.26 22.69
CB6 CDL GA . -33.34 -14.67 18.01
OB8 CDL GA . -32.12 -15.31 17.70
CB7 CDL GA . -32.32 -16.55 17.11
OB9 CDL GA . -33.16 -16.83 16.28
C71 CDL GA . -31.31 -17.61 17.60
C72 CDL GA . -29.90 -17.61 16.93
C73 CDL GA . -29.25 -19.02 16.88
C74 CDL GA . -28.05 -19.19 17.87
FE1 FES HA . 28.27 -43.81 12.53
FE2 FES HA . 28.13 -41.16 12.48
S1 FES HA . 29.94 -42.38 12.70
S2 FES HA . 26.53 -42.59 11.96
C27 PEE IA . -6.57 -26.70 15.18
C26 PEE IA . -7.36 -25.76 16.11
C25 PEE IA . -8.35 -26.53 17.02
C24 PEE IA . -9.55 -25.65 17.48
C23 PEE IA . -10.94 -26.21 17.08
C22 PEE IA . -12.11 -25.75 17.94
C21 PEE IA . -12.61 -24.50 18.06
C20 PEE IA . -13.34 -23.68 16.98
C19 PEE IA . -13.77 -22.29 17.44
C18 PEE IA . -13.01 -21.25 17.79
C17 PEE IA . -13.07 -20.46 19.09
C16 PEE IA . -11.86 -19.53 19.29
C15 PEE IA . -12.18 -18.16 19.96
C14 PEE IA . -12.58 -18.25 21.46
C13 PEE IA . -11.71 -17.39 22.41
C12 PEE IA . -12.20 -15.94 22.61
C11 PEE IA . -11.26 -15.13 23.56
C10 PEE IA . -11.05 -13.64 23.16
O4 PEE IA . -11.91 -12.97 22.57
O2 PEE IA . -9.78 -13.13 23.53
C2 PEE IA . -9.67 -12.16 24.67
C1 PEE IA . -10.82 -11.07 24.67
O3P PEE IA . -10.76 -10.12 25.79
P PEE IA . -11.88 -10.12 26.99
O2P PEE IA . -12.25 -11.63 27.37
O1P PEE IA . -13.22 -9.38 26.44
O4P PEE IA . -11.29 -9.32 28.33
C4 PEE IA . -9.98 -9.58 28.97
C5 PEE IA . -10.01 -9.74 30.50
N PEE IA . -9.15 -8.75 31.15
C3 PEE IA . -9.46 -12.89 26.03
O3 PEE IA . -8.82 -12.07 27.10
C30 PEE IA . -7.45 -11.70 26.89
O5 PEE IA . -7.05 -10.52 27.01
C31 PEE IA . -6.48 -12.88 26.52
C32 PEE IA . -6.25 -13.93 27.63
C33 PEE IA . -6.48 -15.37 27.12
C34 PEE IA . -5.53 -16.36 27.83
C35 PEE IA . -5.71 -17.80 27.33
C36 PEE IA . -4.45 -18.64 27.59
C37 PEE IA . -4.48 -19.97 26.82
C38 PEE IA . -3.65 -21.07 27.50
C39 PEE IA . -3.77 -22.49 26.87
C40 PEE IA . -3.52 -23.68 27.84
C41 PEE IA . -3.16 -25.00 27.12
C42 PEE IA . -4.30 -26.03 27.14
C43 PEE IA . -4.05 -27.24 28.05
C44 PEE IA . -4.99 -28.47 27.87
C45 PEE IA . -5.37 -29.17 29.19
C46 PEE IA . -4.24 -30.08 29.74
C1 PLC JA . -11.64 -36.01 21.05
C2 PLC JA . -12.74 -35.14 20.32
C3 PLC JA . -13.52 -34.27 21.36
C4 PLC JA . -11.36 -40.92 23.48
C5 PLC JA . -11.31 -42.37 22.87
C6 PLC JA . -8.88 -42.89 22.91
C7 PLC JA . -10.24 -43.28 24.94
C8 PLC JA . -10.53 -44.72 22.97
C' PLC JA . -12.25 -34.57 17.82
C1' PLC JA . -13.14 -33.59 17.02
C2' PLC JA . -12.52 -33.12 15.68
C3' PLC JA . -12.85 -31.66 15.35
C4' PLC JA . -12.35 -31.16 13.98
C5' PLC JA . -11.70 -29.75 13.97
C6' PLC JA . -11.74 -29.01 12.61
C7' PLC JA . -10.43 -29.03 11.79
CB PLC JA . -13.90 -31.90 20.82
C1B PLC JA . -14.12 -31.08 19.52
C2B PLC JA . -15.44 -30.27 19.50
C3B PLC JA . -15.39 -29.10 18.50
C4B PLC JA . -16.76 -28.39 18.36
C5B PLC JA . -16.65 -26.99 17.71
O' PLC JA . -11.66 -35.50 17.24
OB PLC JA . -13.35 -31.41 21.81
O2 PLC JA . -12.13 -34.25 19.23
O3 PLC JA . -14.39 -33.23 20.77
O1P PLC JA . -9.64 -38.56 21.86
O2P PLC JA . -11.14 -37.60 23.81
O3P PLC JA . -12.02 -37.42 21.33
O4P PLC JA . -11.87 -39.88 22.57
N PLC JA . -10.24 -43.30 23.42
P PLC JA . -11.17 -38.37 22.39
O1 UNL KA . 21.55 -47.13 25.23
O1 UNL LA . 20.82 -43.46 16.71
C1 CDL MA . -31.35 -12.64 6.86
O1 CDL MA . -31.53 -11.84 5.60
CA2 CDL MA . -32.69 -13.00 7.54
OA2 CDL MA . -33.73 -12.44 6.84
PA1 CDL MA . -35.08 -12.00 7.51
OA3 CDL MA . -36.07 -11.54 6.47
OA4 CDL MA . -34.91 -10.82 8.41
OA5 CDL MA . -35.60 -13.30 8.28
CA3 CDL MA . -36.68 -14.08 7.86
CA4 CDL MA . -36.62 -15.54 8.47
OA6 CDL MA . -37.76 -16.38 8.12
CA5 CDL MA . -37.73 -16.89 6.81
OA7 CDL MA . -37.46 -16.28 5.79
C11 CDL MA . -38.13 -18.38 6.73
C12 CDL MA . -39.01 -18.79 5.51
CA6 CDL MA . -36.60 -15.37 10.00
OA8 CDL MA . -35.46 -16.00 10.53
CA7 CDL MA . -34.84 -15.26 11.52
OA9 CDL MA . -34.55 -14.10 11.46
C31 CDL MA . -34.51 -16.08 12.76
CB2 CDL MA . -30.46 -11.87 7.88
OB2 CDL MA . -30.69 -12.30 9.15
PB2 CDL MA . -29.58 -12.89 10.07
OB3 CDL MA . -29.93 -12.72 11.53
OB4 CDL MA . -28.25 -12.17 9.90
OB5 CDL MA . -29.51 -14.40 9.63
CB3 CDL MA . -30.53 -15.30 9.86
CB4 CDL MA . -30.36 -16.59 8.98
OB6 CDL MA . -29.26 -16.61 8.04
CB5 CDL MA . -28.46 -17.71 8.29
OB7 CDL MA . -27.77 -17.87 9.27
C51 CDL MA . -28.52 -18.78 7.17
C52 CDL MA . -28.10 -20.25 7.59
C53 CDL MA . -28.59 -21.35 6.60
CB6 CDL MA . -31.69 -16.77 8.23
OB8 CDL MA . -32.48 -17.70 8.91
CB7 CDL MA . -32.84 -18.77 8.10
OB9 CDL MA . -33.65 -18.72 7.19
C71 CDL MA . -32.12 -20.07 8.45
C72 CDL MA . -32.39 -20.61 9.88
O3P PEE NA . 8.70 -2.70 -24.19
P PEE NA . 9.25 -1.22 -23.76
O2P PEE NA . 10.83 -1.10 -24.09
O1P PEE NA . 9.04 -1.01 -22.17
O4P PEE NA . 8.42 -0.04 -24.55
CHA HEM OA . 14.00 -34.58 -6.58
CHB HEM OA . 15.63 -30.29 -5.28
CHC HEM OA . 11.35 -28.40 -6.13
CHD HEM OA . 9.72 -32.73 -7.35
C1A HEM OA . 14.80 -33.57 -6.16
C2A HEM OA . 16.19 -33.77 -5.78
C3A HEM OA . 16.65 -32.60 -5.39
C4A HEM OA . 15.56 -31.65 -5.58
CMA HEM OA . 18.08 -32.30 -4.97
CAA HEM OA . 16.98 -35.04 -6.05
CBA HEM OA . 17.54 -34.89 -7.46
CGA HEM OA . 18.17 -36.16 -7.96
O1A HEM OA . 17.44 -37.07 -8.41
O2A HEM OA . 19.41 -36.25 -7.90
C1B HEM OA . 14.61 -29.37 -5.41
C2B HEM OA . 14.73 -27.98 -4.99
C3B HEM OA . 13.53 -27.43 -5.32
C4B HEM OA . 12.69 -28.51 -5.85
CMB HEM OA . 15.90 -27.28 -4.28
CAB HEM OA . 13.18 -26.11 -5.11
CBB HEM OA . 13.20 -25.52 -3.73
C1C HEM OA . 10.47 -29.44 -6.42
C2C HEM OA . 9.02 -29.33 -6.49
C3C HEM OA . 8.56 -30.54 -6.96
C4C HEM OA . 9.73 -31.42 -7.00
CMC HEM OA . 8.23 -28.07 -6.17
CAC HEM OA . 7.30 -30.89 -7.39
CBC HEM OA . 6.01 -30.46 -6.71
C1D HEM OA . 10.76 -33.60 -7.24
C2D HEM OA . 10.71 -35.01 -7.66
C3D HEM OA . 11.91 -35.53 -7.34
C4D HEM OA . 12.70 -34.43 -6.89
CMD HEM OA . 9.56 -35.77 -8.33
CAD HEM OA . 12.26 -37.03 -7.29
CBD HEM OA . 12.70 -37.68 -8.58
CGD HEM OA . 14.03 -37.15 -9.07
O1D HEM OA . 15.04 -37.31 -8.36
O2D HEM OA . 14.04 -36.57 -10.17
NA HEM OA . 14.42 -32.27 -6.05
NB HEM OA . 13.35 -29.70 -5.87
NC HEM OA . 10.89 -30.76 -6.59
ND HEM OA . 12.01 -33.26 -6.79
FE HEM OA . 12.67 -31.48 -6.29
CHA HEM PA . 18.24 -9.07 -1.83
CHB HEM PA . 16.21 -12.96 -3.65
CHC HEM PA . 17.91 -15.55 0.00
CHD HEM PA . 19.72 -11.60 1.94
C1A HEM PA . 17.58 -9.93 -2.65
C2A HEM PA . 17.06 -9.58 -3.95
C3A HEM PA . 16.34 -10.63 -4.37
C4A HEM PA . 16.58 -11.69 -3.43
CMA HEM PA . 15.53 -10.72 -5.64
CAA HEM PA . 17.28 -8.27 -4.69
CBA HEM PA . 18.44 -8.22 -5.69
CGA HEM PA . 19.79 -8.51 -5.06
O1A HEM PA . 20.32 -9.61 -5.28
O2A HEM PA . 20.29 -7.62 -4.34
C1B HEM PA . 16.50 -14.03 -2.84
C2B HEM PA . 16.04 -15.40 -3.10
C3B HEM PA . 16.47 -16.15 -2.01
C4B HEM PA . 17.25 -15.22 -1.15
CMB HEM PA . 15.27 -15.84 -4.35
CAB HEM PA . 16.25 -17.50 -1.69
CBB HEM PA . 15.13 -18.32 -2.27
C1C HEM PA . 18.64 -14.73 0.78
C2C HEM PA . 19.67 -15.17 1.71
C3C HEM PA . 20.22 -14.06 2.28
C4C HEM PA . 19.51 -12.94 1.64
CMC HEM PA . 20.04 -16.61 2.03
CAC HEM PA . 21.21 -14.00 3.26
CBC HEM PA . 21.21 -14.76 4.58
C1D HEM PA . 19.39 -10.53 1.15
C2D HEM PA . 19.79 -9.16 1.40
C3D HEM PA . 19.44 -8.40 0.34
C4D HEM PA . 18.78 -9.37 -0.59
CMD HEM PA . 20.60 -8.71 2.61
CAD HEM PA . 19.89 -6.94 0.16
CBD HEM PA . 20.64 -6.71 -1.15
CGD HEM PA . 21.35 -5.37 -1.20
O1D HEM PA . 22.46 -5.28 -0.64
O2D HEM PA . 20.81 -4.41 -1.78
NA HEM PA . 17.33 -11.26 -2.37
NB HEM PA . 17.22 -13.92 -1.65
NC HEM PA . 18.73 -13.37 0.59
ND HEM PA . 18.75 -10.66 -0.06
FE HEM PA . 17.99 -12.30 -0.83
O1 UNL QA . 7.06 -7.96 -4.04
C2 SMA RA . 24.75 -33.36 6.13
C3 SMA RA . 25.41 -33.92 7.21
C3M SMA RA . 25.79 -33.11 8.41
C4 SMA RA . 25.78 -35.38 7.21
C4A SMA RA . 25.39 -36.15 5.99
C5 SMA RA . 25.69 -37.56 5.82
C5M SMA RA . 26.77 -39.51 6.84
C6 SMA RA . 25.29 -38.26 4.63
C7 SMA RA . 24.59 -37.58 3.59
C7M SMA RA . 24.88 -38.01 1.18
C8 SMA RA . 24.28 -36.16 3.74
C8A SMA RA . 24.70 -35.49 4.93
C9 SMA RA . 24.31 -31.93 5.88
C10 SMA RA . 23.33 -31.27 6.85
C11 SMA RA . 22.73 -30.01 6.17
C12 SMA RA . 21.57 -29.36 6.98
C13 SMA RA . 20.29 -30.24 7.04
C14 SMA RA . 19.13 -29.53 7.85
C15 SMA RA . 18.10 -30.52 8.32
C16 SMA RA . 16.83 -30.63 7.86
C17 SMA RA . 16.00 -31.75 8.19
C18 SMA RA . 14.73 -31.89 7.75
C19 SMA RA . 13.81 -32.97 8.10
C20 SMA RA . 12.68 -33.11 7.39
C21 SMA RA . 11.63 -34.13 7.59
C22 SMA RA . 23.81 -28.97 5.91
C23 SMA RA . 22.10 -27.72 8.71
C24 SMA RA . 19.83 -30.59 5.63
C25 SMA RA . 18.27 -27.28 7.74
C26 SMA RA . 14.20 -33.88 9.22
O1 SMA RA . 24.38 -34.13 4.98
O4 SMA RA . 26.38 -35.89 8.17
O5 SMA RA . 26.39 -38.14 6.89
O7 SMA RA . 24.16 -38.21 2.41
O8 SMA RA . 23.60 -35.52 2.72
O12 SMA RA . 22.02 -29.11 8.35
O14 SMA RA . 18.56 -28.47 7.03
C1 UQ SA . 15.87 -7.33 -8.76
C2 UQ SA . 16.44 -6.07 -8.02
C3 UQ SA . 15.65 -5.39 -7.05
C4 UQ SA . 14.21 -5.89 -6.72
C5 UQ SA . 13.63 -7.13 -7.45
C6 UQ SA . 14.42 -7.83 -8.43
CM5 UQ SA . 12.17 -7.52 -7.06
CM3 UQ SA . 15.71 -2.91 -6.83
CM2 UQ SA . 17.88 -4.59 -9.32
C7 UQ SA . 13.94 -9.11 -9.27
C8 UQ SA . 13.02 -10.15 -8.63
C9 UQ SA . 12.20 -11.04 -9.24
C10 UQ SA . 12.16 -11.08 -10.77
C11 UQ SA . 11.30 -12.05 -8.52
C12 UQ SA . 9.95 -11.49 -7.96
O2 UQ SA . 17.77 -5.64 -8.33
O3 UQ SA . 16.16 -4.23 -6.35
O4 UQ SA . 13.52 -5.28 -5.87
O1 UQ SA . 16.58 -7.93 -9.60
C1 CDL TA . 32.78 -6.64 -9.10
O1 CDL TA . 32.80 -6.16 -7.68
CA2 CDL TA . 34.19 -6.66 -9.75
OA2 CDL TA . 35.14 -6.14 -8.87
PA1 CDL TA . 36.42 -5.36 -9.33
OA3 CDL TA . 37.31 -5.02 -8.16
OA4 CDL TA . 36.09 -4.02 -9.98
OA5 CDL TA . 37.14 -6.36 -10.35
CA3 CDL TA . 38.31 -7.03 -10.07
CA4 CDL TA . 38.48 -8.28 -10.99
OA6 CDL TA . 39.74 -8.99 -10.81
CA5 CDL TA . 39.79 -9.76 -9.65
OA7 CDL TA . 39.44 -9.43 -8.54
C11 CDL TA . 40.38 -11.16 -9.92
C12 CDL TA . 41.28 -11.74 -8.78
CA6 CDL TA . 38.43 -7.76 -12.43
OA8 CDL TA . 37.37 -8.38 -13.12
CA7 CDL TA . 36.76 -7.52 -14.00
OA9 CDL TA . 36.35 -6.42 -13.76
C31 CDL TA . 36.62 -8.10 -15.41
CB2 CDL TA . 31.82 -5.77 -9.96
OB2 CDL TA . 32.14 -5.86 -11.29
PB2 CDL TA . 31.15 -6.41 -12.39
OB3 CDL TA . 31.50 -5.90 -13.76
OB4 CDL TA . 29.73 -5.94 -12.17
OB5 CDL TA . 31.32 -7.98 -12.26
CB3 CDL TA . 32.48 -8.63 -12.58
CB4 CDL TA . 32.50 -10.10 -12.04
OB6 CDL TA . 31.39 -10.51 -11.23
CB5 CDL TA . 30.81 -11.63 -11.77
OB7 CDL TA . 30.22 -11.67 -12.83
C51 CDL TA . 30.97 -12.89 -10.89
C52 CDL TA . 30.82 -14.26 -11.64
C53 CDL TA . 31.42 -15.45 -10.84
CB6 CDL TA . 33.79 -10.25 -11.25
OB8 CDL TA . 34.76 -10.88 -12.06
CB7 CDL TA . 35.24 -12.05 -11.50
OB9 CDL TA . 35.98 -12.11 -10.55
C71 CDL TA . 34.74 -13.31 -12.21
C72 CDL TA . 35.13 -13.44 -13.71
C26 PEE UA . 27.06 -20.64 4.87
C25 PEE UA . 27.89 -19.37 5.22
C24 PEE UA . 28.40 -18.64 3.94
C23 PEE UA . 29.29 -17.37 4.19
C22 PEE UA . 29.64 -16.57 2.92
C21 PEE UA . 30.49 -16.93 1.93
C20 PEE UA . 30.17 -17.80 0.69
C19 PEE UA . 31.16 -17.65 -0.48
C18 PEE UA . 30.91 -17.24 -1.74
C17 PEE UA . 31.78 -16.34 -2.66
C16 PEE UA . 31.76 -14.84 -2.24
C15 PEE UA . 31.76 -13.79 -3.40
C14 PEE UA . 31.21 -12.41 -2.98
C13 PEE UA . 31.80 -11.20 -3.73
C12 PEE UA . 32.57 -10.18 -2.84
C11 PEE UA . 32.72 -8.77 -3.47
C10 PEE UA . 33.66 -8.69 -4.72
O4 PEE UA . 33.34 -9.18 -5.82
O2 PEE UA . 34.91 -8.02 -4.48
C2 PEE UA . 35.64 -7.49 -5.68
C1 PEE UA . 35.87 -5.97 -5.54
O3P PEE UA . 34.96 -5.31 -4.63
P PEE UA . 34.87 -3.69 -4.54
O2P PEE UA . 35.91 -3.19 -3.41
O1P PEE UA . 33.38 -3.27 -4.10
O4P PEE UA . 35.21 -3.00 -6.00
C4 PEE UA . 34.95 -1.58 -6.35
C5 PEE UA . 36.22 -0.79 -6.75
N PEE UA . 36.69 -1.15 -8.11
C3 PEE UA . 36.96 -8.28 -5.99
O3 PEE UA . 36.78 -9.75 -6.02
C30 PEE UA . 36.60 -10.32 -7.28
O5 PEE UA . 36.15 -9.72 -8.28
C31 PEE UA . 37.01 -11.82 -7.33
C32 PEE UA . 35.83 -12.84 -7.43
C33 PEE UA . 36.21 -14.25 -6.91
C34 PEE UA . 35.14 -15.31 -7.24
C35 PEE UA . 34.28 -15.72 -6.02
C36 PEE UA . 33.92 -17.22 -6.00
C37 PEE UA . 34.68 -17.98 -4.89
C38 PEE UA . 34.85 -19.49 -5.21
C39 PEE UA . 33.58 -20.36 -5.03
C40 PEE UA . 32.93 -20.30 -3.61
C41 PEE UA . 32.29 -21.64 -3.18
C42 PEE UA . 32.83 -22.17 -1.83
C43 PEE UA . 32.04 -23.35 -1.22
C44 PEE UA . 30.60 -23.05 -0.73
C45 PEE UA . 30.25 -23.70 0.61
C46 PEE UA . 29.57 -22.69 1.55
O1 UNL VA . 21.75 -33.72 -5.78
C1 GOL WA . 19.40 -42.55 -9.76
O1 GOL WA . 18.86 -42.85 -8.44
C2 GOL WA . 18.38 -42.71 -10.93
O2 GOL WA . 17.89 -44.12 -11.02
C3 GOL WA . 18.96 -42.21 -12.30
O3 GOL WA . 18.16 -42.57 -13.48
O1 UNL XA . 17.24 -42.99 16.10
FE HEC YA . 29.69 -60.19 -13.80
CHA HEC YA . 30.10 -58.57 -10.73
CHB HEC YA . 30.21 -57.17 -15.34
CHC HEC YA . 29.42 -61.64 -16.73
CHD HEC YA . 28.90 -62.98 -12.11
NA HEC YA . 30.09 -58.31 -13.18
C1A HEC YA . 30.22 -57.81 -11.87
C2A HEC YA . 30.57 -56.40 -11.88
C3A HEC YA . 30.48 -56.00 -13.14
C4A HEC YA . 30.24 -57.17 -13.97
CMA HEC YA . 30.77 -54.57 -13.59
CAA HEC YA . 31.23 -55.53 -10.86
CBA HEC YA . 30.80 -55.49 -9.42
CGA HEC YA . 31.59 -54.46 -8.65
O1A HEC YA . 31.31 -54.23 -7.46
O2A HEC YA . 32.51 -53.88 -9.25
NB HEC YA . 29.82 -59.56 -15.65
C1B HEC YA . 30.03 -58.28 -16.11
C2B HEC YA . 29.92 -58.22 -17.54
C3B HEC YA . 29.75 -59.46 -17.98
C4B HEC YA . 29.66 -60.29 -16.79
CMB HEC YA . 29.91 -57.00 -18.42
CAB HEC YA . 29.67 -60.04 -19.37
CBB HEC YA . 30.91 -59.61 -20.13
NC HEC YA . 29.35 -61.97 -14.31
C1C HEC YA . 29.27 -62.42 -15.59
C2C HEC YA . 28.76 -63.79 -15.62
C3C HEC YA . 28.63 -64.15 -14.32
C4C HEC YA . 28.99 -63.03 -13.50
CMC HEC YA . 28.29 -64.58 -16.87
CAC HEC YA . 27.99 -65.37 -13.65
CBC HEC YA . 28.78 -66.64 -13.92
ND HEC YA . 29.52 -60.64 -11.85
C1D HEC YA . 29.16 -61.88 -11.33
C2D HEC YA . 29.31 -61.88 -9.87
C3D HEC YA . 29.63 -60.62 -9.49
C4D HEC YA . 29.77 -59.88 -10.72
CMD HEC YA . 29.14 -63.06 -8.91
CAD HEC YA . 29.74 -60.15 -8.04
CBD HEC YA . 31.15 -60.03 -7.48
CGD HEC YA . 31.16 -59.41 -6.08
O1D HEC YA . 30.56 -58.33 -5.91
O2D HEC YA . 31.79 -60.00 -5.17
FE1 FES ZA . -22.38 -43.05 -22.49
FE2 FES ZA . -22.53 -40.49 -21.77
S1 FES ZA . -24.22 -41.83 -22.31
S2 FES ZA . -20.75 -41.78 -21.68
O1 UNL AB . -15.30 -41.56 -26.18
C27 PEE BB . 10.50 -21.71 -20.96
C26 PEE BB . 11.13 -20.47 -21.63
C25 PEE BB . 12.24 -20.87 -22.63
C24 PEE BB . 13.27 -19.73 -22.83
C23 PEE BB . 14.76 -20.13 -22.57
C22 PEE BB . 15.81 -19.27 -23.27
C21 PEE BB . 16.05 -17.95 -23.07
C20 PEE BB . 16.66 -17.30 -21.83
C19 PEE BB . 16.82 -15.79 -21.92
C18 PEE BB . 15.87 -14.86 -22.10
C17 PEE BB . 15.85 -13.76 -23.17
C16 PEE BB . 14.48 -13.01 -23.21
C15 PEE BB . 14.56 -11.50 -23.55
C14 PEE BB . 14.93 -11.18 -25.03
C13 PEE BB . 13.90 -10.29 -25.77
C12 PEE BB . 14.12 -8.78 -25.62
C11 PEE BB . 13.01 -7.96 -26.32
C10 PEE BB . 12.57 -6.65 -25.57
O4 PEE BB . 13.35 -6.03 -24.83
O2 PEE BB . 11.22 -6.25 -25.81
C2 PEE BB . 10.93 -5.09 -26.72
C1 PEE BB . 11.87 -3.85 -26.49
O3P PEE BB . 11.61 -2.71 -27.38
P PEE BB . 12.71 -2.24 -28.51
O2P PEE BB . 13.32 -3.53 -29.25
O1P PEE BB . 13.92 -1.44 -27.79
O4P PEE BB . 11.97 -1.27 -29.64
C4 PEE BB . 10.70 -1.59 -30.33
C5 PEE BB . 10.74 -1.41 -31.86
N PEE BB . 9.74 -0.43 -32.32
C3 PEE BB . 10.81 -5.53 -28.23
O3 PEE BB . 10.03 -4.60 -29.10
C30 PEE BB . 8.62 -4.52 -28.87
O5 PEE BB . 8.04 -3.41 -28.75
C31 PEE BB . 7.87 -5.89 -28.78
C32 PEE BB . 7.79 -6.68 -30.11
C33 PEE BB . 8.26 -8.14 -29.94
C34 PEE BB . 7.55 -9.09 -30.92
C35 PEE BB . 7.97 -10.57 -30.72
C36 PEE BB . 6.85 -11.54 -31.13
C37 PEE BB . 7.15 -12.99 -30.69
C38 PEE BB . 6.50 -14.04 -31.63
C39 PEE BB . 6.87 -15.51 -31.35
C40 PEE BB . 6.73 -16.45 -32.58
C41 PEE BB . 6.59 -17.94 -32.20
C42 PEE BB . 7.89 -18.73 -32.44
C43 PEE BB . 7.82 -19.72 -33.63
C44 PEE BB . 8.96 -20.77 -33.73
C45 PEE BB . 9.43 -21.06 -35.16
C46 PEE BB . 8.48 -22.00 -35.92
C1 PLC CB . 16.39 -28.53 -28.59
C2 PLC CB . 17.34 -27.66 -27.67
C3 PLC CB . 17.99 -26.50 -28.50
C4 PLC CB . 16.80 -32.77 -32.00
C5 PLC CB . 17.01 -34.30 -31.74
C6 PLC CB . 14.66 -35.14 -31.90
C7 PLC CB . 16.02 -34.90 -33.96
C8 PLC CB . 16.56 -36.65 -32.33
C' PLC CB . 16.82 -27.71 -25.14
C1' PLC CB . 17.58 -26.79 -24.14
C2' PLC CB . 16.96 -26.71 -22.73
C3' PLC CB . 17.04 -25.30 -22.13
C4' PLC CB . 16.60 -25.18 -20.65
C5' PLC CB . 15.73 -23.92 -20.33
C6' PLC CB . 15.69 -23.52 -18.83
C7' PLC CB . 14.38 -23.89 -18.08
CB PLC CB . 18.01 -24.28 -27.48
C1B PLC CB . 18.14 -23.73 -26.02
C2B PLC CB . 19.33 -22.76 -25.81
C3B PLC CB . 19.15 -21.87 -24.58
C4B PLC CB . 20.37 -20.96 -24.36
C5B PLC CB . 20.05 -19.77 -23.43
O' PLC CB . 16.40 -28.82 -24.79
OB PLC CB . 17.36 -23.69 -28.37
O2 PLC CB . 16.61 -27.13 -26.45
O3 PLC CB . 18.70 -25.49 -27.69
O1P PLC CB . 14.79 -31.10 -29.91
O2P PLC CB . 16.07 -29.57 -31.63
O3P PLC CB . 16.97 -29.77 -29.13
O4P PLC CB . 17.15 -31.91 -30.86
N PLC CB . 16.06 -35.23 -32.49
P PLC CB . 16.25 -30.59 -30.38
C1 CDL DB . 31.27 -3.89 -16.81
O1 CDL DB . 32.29 -4.85 -16.28
CA2 CDL DB . 30.32 -4.51 -17.87
OA2 CDL DB . 29.75 -5.66 -17.36
PA1 CDL DB . 28.24 -5.77 -16.89
OA3 CDL DB . 27.29 -5.20 -17.92
OA4 CDL DB . 27.98 -4.98 -15.62
OA5 CDL DB . 28.00 -7.30 -16.67
CA3 CDL DB . 28.74 -8.06 -15.79
CA4 CDL DB . 28.48 -9.57 -16.06
OA6 CDL DB . 28.04 -10.30 -14.90
CA5 CDL DB . 26.65 -10.29 -14.75
OA7 CDL DB . 25.83 -9.69 -15.42
C11 CDL DB . 26.21 -11.17 -13.57
C12 CDL DB . 25.79 -12.62 -13.94
C13 CDL DB . 26.77 -13.70 -13.39
C14 CDL DB . 26.42 -15.13 -13.90
C15 CDL DB . 27.26 -16.22 -13.19
C16 CDL DB . 26.41 -17.46 -12.80
C17 CDL DB . 27.11 -18.33 -11.72
C18 CDL DB . 27.42 -19.77 -12.23
C19 CDL DB . 28.83 -20.26 -11.80
C20 CDL DB . 29.24 -21.57 -12.53
CA6 CDL DB . 29.83 -10.12 -16.58
OA8 CDL DB . 30.33 -11.10 -15.69
CA7 CDL DB . 31.67 -11.31 -15.86
OA9 CDL DB . 32.56 -10.59 -15.50
C31 CDL DB . 31.98 -12.62 -16.58
CB2 CDL DB . 31.90 -2.62 -17.44
OB2 CDL DB . 33.18 -2.90 -17.87
PB2 CDL DB . 34.06 -1.90 -18.74
OB3 CDL DB . 35.19 -1.31 -17.92
OB4 CDL DB . 33.27 -0.71 -19.24
OB5 CDL DB . 34.61 -2.77 -19.93
CB3 CDL DB . 33.80 -3.49 -20.76
CB4 CDL DB . 34.64 -4.58 -21.47
OB6 CDL DB . 33.96 -5.14 -22.60
CB5 CDL DB . 34.82 -5.44 -23.64
OB7 CDL DB . 36.01 -5.23 -23.67
C51 CDL DB . 34.10 -6.11 -24.80
C52 CDL DB . 33.76 -7.60 -24.59
C53 CDL DB . 32.99 -8.19 -25.79
CB6 CDL DB . 34.93 -5.67 -20.44
OB8 CDL DB . 33.79 -6.49 -20.24
CB7 CDL DB . 34.11 -7.80 -19.96
OB9 CDL DB . 34.99 -8.20 -19.21
C71 CDL DB . 33.22 -8.81 -20.72
C72 CDL DB . 31.86 -9.15 -20.04
C73 CDL DB . 31.40 -10.61 -20.32
C74 CDL DB . 30.23 -10.69 -21.30
#